data_8FS8
#
_entry.id   8FS8
#
_cell.length_a   1.00
_cell.length_b   1.00
_cell.length_c   1.00
_cell.angle_alpha   90.00
_cell.angle_beta   90.00
_cell.angle_gamma   90.00
#
_symmetry.space_group_name_H-M   'P 1'
#
loop_
_entity.id
_entity.type
_entity.pdbx_description
1 polymer 'Checkpoint protein RAD24'
2 polymer 'Replication factor C subunit 4'
3 polymer 'Replication factor C subunit 3'
4 polymer 'Replication factor C subunit 2'
5 polymer 'Replication factor C subunit 5'
6 polymer 'DNA damage checkpoint control protein MEC3'
7 polymer 'DNA damage checkpoint control protein RAD17'
8 polymer 'DDC1 isoform 1'
9 polymer 'Template strand'
10 polymer 'Primer strand 1'
11 polymer 'Primer strand 2'
12 non-polymer 'PHOSPHOTHIOPHOSPHORIC ACID-ADENYLATE ESTER'
13 non-polymer 'MAGNESIUM ION'
14 non-polymer "ADENOSINE-5'-DIPHOSPHATE"
#
loop_
_entity_poly.entity_id
_entity_poly.type
_entity_poly.pdbx_seq_one_letter_code
_entity_poly.pdbx_strand_id
1 'polypeptide(L)'
;MDSTNLNKRPLLQYSLSSLGSQITKWSSSRPTSPVRKARSTENDFLSKQDTSSILPSINDDGGEQWYEKFKPNCLEQVAI
HKRKLKDVQEALDAMFLPNAKHRILLLSGPSGCSKSTVIKELSKILVPKYRQNSNGTSFRSTPNEHKVTEFRGDCIVNDL
PQMESFSEFLKGARYLVMSNLSLILIEDLPNVFHIDTRRRFQQLILQWLYSSEPLLPPLVICITECEIPENDNNYRKFGI
DYTFSAETIMNKEILMHPRLKRIKFNPINSTLLKKHLKFICVQNMKMLKEKNKWNKRQEVIDYIAQETGDIRSAITTLQF
WATSSGSLPISTRESTISYFHAIGKVIHGSHSTNNDNEMINNLFENSNNLLSKEDFKLGILENYNTFNKGEFSISDASSI
VDCLSECDNMNGLPESNEYGLREVRKTFRNISKQGHNHGTVYFPREWKVRKLQNSFKVQAEDWLNVSLYKYNAVHSFRNI
TLEFGYYAPLIRKCQSYKK
;
A
2 'polypeptide(L)'
;MSKTLSLQLPWVEKYRPQVLSDIVGNKETIDRLQQIAKDGNMPHMIISGMPGIGKTTSVHCLAHELLGRSYADGVLELNA
SDDRGIDVVRNQIKHFAQKKLHLPPGKHKIVILDEADSMTAGAQQALRRTMELYSNSTRFAFACNQSNKIIEPLQSRCAI
LRYSKLSDEDVLKRLLQIIKLEDVKYTNDGLEAIIFTAEGDMRQAINNLQSTVAGHGLVNADNVFKIVDSPHPLIVKKML
LASNLEDSIQILRTDLWKKGYSSIDIVTTSFRVTKNLAQVKESVRLEMIKEIGLTHMRILEGVGTYLQLASMLAKIHKLN
NKA
;
B
3 'polypeptide(L)'
;MSTSTEKRSKENLPWVEKYRPETLDEVYGQNEVITTVRKFVDEGKLPHLLFYGPPGTGKTSTIVALAREIYGKNYSNMVL
ELNASDDRGIDVVRNQIKDFASTRQIFSKGFKLIILDEADAMTNAAQNALRRVIERYTKNTRFCVLANYAHKLTPALLSR
CTRFRFQPLPQEAIERRIANVLVHEKLKLSPNAEKALIELSNGDMRRVLNVLQSCKATLDNPDEDEISDDVIYECCGAPR
PSDLKAVLKSILEDDWGTAHYTLNKVRSAKGLALIDLIEGIVKILEDYELQNEETRVHLLTKLADIEYSISKGGNDQIQG
SAVIGAIKASFENETV
;
C
4 'polypeptide(L)'
;MFEGFGPNKKRKISKLAAEQSLAQQPWVEKYRPKNLDEVTAQDHAVTVLKKTLKSANLPHMLFYGPPGTGKTSTILALTK
ELYGPDLMKSRILELNASDERGISIVREKVKNFARLTVSKPSKHDLENYPCPPYKIIILDEADSMTADAQSALRRTMETY
SGVTRFCLICNYVTRIIDPLASRCSKFRFKALDASNAIDRLRFISEQENVKCDDGVLERILDISAGDLRRGITLLQSASK
GAQYLGDGKNITSTQVEELAGVVPHDILIEIVEKVKSGDFDEIKKYVNTFMKSGWSAASVVNQLHEYYITNDNFDTNFKN
QISWLLFTTDSRLNNGTNEHIQLLNLLVKISQL
;
D
5 'polypeptide(L)'
;MSLWVDKYRPKSLNALSHNEELTNFLKSLSDQPRDLPHLLLYGPNGTGKKTRCMALLESIFGPGVYRLKIDVRQFVTASN
RKLELNVVSSPYHLEITPSDMGNNDRIVIQELLKEVAQMEQVDFQDSKDGLAHRYKCVIINEANSLTKDAQAALRRTMEK
YSKNIRLIMVCDSMSPIIAPIKSRCLLIRCPAPSDSEISTILSDVVTNERIQLETKDILKRIAQASNGNLRVSLLMLESM
ALNNELALKSSSPIIKPDWIIVIHKLTRKIVKERSVNSLIECRAVLYDLLAHCIPANIILKELTFSLLDVETLNTTNKSS
IIEYSSVFDERLSLGNKAIFHLEGFIAKVMCCLD
;
E
6 'polypeptide(L)'
;MKLKLIVNGCEAPDDYKLLRTTINTVASLRKTAILRFNSERLTIISTPKSSLNSSNNGTILRGDTGQLWCTIPHDVFRLY
TVISARELNTITMECNCDSLLSVFKRYDRVMNQGSSSNMTIKLQSMPEWNTNNGTLSGGTAGGVDTTSKPNPICALGITF
EEIVHTSGPNDAIVMNGGVDEHNGLPTTVGTGNLLASNKVIMHSFKVPVKLLFRAQDTRIQEPMINYIQLMMYKLPPISG
EFGSAFHGFIRRVERYSNVNHIHLMGVKKKEHGNEGDDVELKIIVNELDWHLEICWNGPLDSVIQRQEGLTDNPSQNQHI
DTDGRQEEGSLPIIEADKPMSSLYTNTRDREMEENIRYDEDLLRIEDSSIADTRGNIYTADTSGDTEFNDISVMVEKAEQ
ESSSTHEVIIRCKDWKVCSKLYAAFEEVVLAISHDESCVFHCSLDRGSLEDSEDVEKPRERGQIIYYIARSKGL
;
F
7 'polypeptide(L)'
;MRINSELANKFSASTVHLEHITTALSCLTPFGSKDDVLIFIDADGLSFVRENNHVIKIQLLLSRELFMSYSYRNETEDHM
KLCVKINHILDSVSVMNRNSDDIVECTLSYDGHGSPFVLIFEDSFISERVEYSTYLIKDFDTNGLELDRERISFEAIIKG
EALHSALKDLKEIGCKECYVYAKTEANDENVFALISKSQLGFSKIKLPSNRSILEKLQVFDGDSTTVIDGFAVIGFFDFT
SFDKIRKSTKIASKVLFRMDVHGVLSVNILSQTDDVIITDTTRPSNNRPGSIRQLQLPKDYPGIVIEVCMLEKESIDEAA
QTEIELLMETNELGNRNSFKKSTIRKRYGTDKGNETSNDNLLQLNGKKIKLPSEEENNKNRESEDEENHCKYPTKDIPIF
F
;
G
8 'polypeptide(L)'
;MSFKATITESGKQNIWFRAIYVLSTIQDDIKITVTTNELIAWSMNETDTTLCQVRFQKSFFEEYEFKPHEIVFGENGVQV
IEDTYGNSHKLYSFRVNGRHLTTISRKPDGDGIKSFTIAVNNTSTCPESLANRLIVVIEMDSLIVKEYCPQFQPIKYDPI
IINLKYKRRFLDVFGTAASDRNPQEPLDPKLLDVFTNTERELTSALFNEEVESDIRKRNQLTAADEINYICCNSTLLKNF
LDNCNVNVTDEVKLEINVHRLSITAFTKAVYGKNNDLLRNALSMSNTISTLDLEHYCLFTTIEDEKQDKRSHSKRREHMK
SIIFKLKDFKNFITIGPSWKTTQDGNDNISLWFCHPGDPILMQMQKPGVKLELVEVTDSNINDDILEGKFIKTAISGSKE
EAGLKDNKESCESPLKSKTALKRENLPHSVAGTRNSPLKVSYLTPDNGSTVAKTYRNNTARKLFVEEQSQSTNYEQDKRF
RQASSVHMNMNREQSFDIGTTHEVACPRNESNSLKRSIADICNETEDPTQQSTFAKRADTTVTWGKALPAADDEVSCSNI
DRKGMLKKEKLKHMQGLLNSQNDTSNHKKQDNKEMEDGLGLTQVEKPRGIFD
;
H
9 'polydeoxyribonucleotide'
;(DC)(DG)(DG)(DT)(DA)(DT)(DA)(DG)(DG)(DC)(DG)(DA)(DT)(DA)(DC)(DG)(DA)(DA)(DT)(DC)
(DT)(DT)(DT)(DT)(DT)(DT)(DT)(DT)(DT)(DT)(DC)(DC)(DG)(DT)(DA)(DT)(DA)(DG)(DC)(DC)
(DG)(DT)(DA)(DG)(DC)(DG)(DA)(DG)(DC)(DC)
;
I
10 'polydeoxyribonucleotide' (DG)(DG)(DC)(DT)(DC)(DG)(DC)(DT)(DA)(DC)(DG)(DG)(DC)(DT)(DA)(DT)(DA)(DC)(DG)(DG) J
11 'polydeoxyribonucleotide' (DG)(DA)(DT)(DT)(DC)(DG)(DT)(DA)(DT)(DC)(DG)(DC)(DC)(DT)(DA)(DT)(DA)(DC)(DC)(DG) K
#
# COMPACT_ATOMS: atom_id res chain seq x y z
N GLY A 63 23.14 -33.57 27.37
CA GLY A 63 21.86 -32.99 27.69
C GLY A 63 21.60 -31.68 26.97
N GLU A 64 22.38 -31.43 25.91
CA GLU A 64 22.26 -30.22 25.11
C GLU A 64 22.47 -30.57 23.64
N GLN A 65 22.23 -29.57 22.78
CA GLN A 65 22.39 -29.77 21.35
C GLN A 65 23.84 -30.06 21.00
N TRP A 66 24.03 -30.91 20.00
CA TRP A 66 25.39 -31.33 19.64
C TRP A 66 26.16 -30.29 18.84
N TYR A 67 25.48 -29.28 18.28
CA TYR A 67 26.23 -28.20 17.62
C TYR A 67 26.97 -27.34 18.64
N GLU A 68 26.53 -27.34 19.89
CA GLU A 68 27.29 -26.81 21.01
C GLU A 68 28.09 -27.96 21.63
N LYS A 69 28.80 -27.67 22.72
CA LYS A 69 29.65 -28.64 23.39
C LYS A 69 30.75 -29.15 22.47
N PHE A 70 30.36 -29.85 21.41
CA PHE A 70 31.30 -30.30 20.38
C PHE A 70 31.58 -29.18 19.39
N LYS A 71 32.00 -28.05 19.93
CA LYS A 71 32.28 -26.84 19.16
C LYS A 71 33.77 -26.73 18.87
N PRO A 72 34.14 -26.03 17.81
CA PRO A 72 35.57 -25.85 17.51
C PRO A 72 36.30 -25.16 18.64
N ASN A 73 37.52 -25.61 18.90
CA ASN A 73 38.37 -25.03 19.94
C ASN A 73 39.61 -24.35 19.39
N CYS A 74 40.05 -24.72 18.20
CA CYS A 74 41.21 -24.10 17.56
C CYS A 74 40.86 -23.81 16.10
N LEU A 75 41.83 -23.26 15.37
CA LEU A 75 41.60 -22.91 13.98
C LEU A 75 41.52 -24.16 13.10
N GLU A 76 42.24 -25.22 13.45
CA GLU A 76 42.23 -26.43 12.63
C GLU A 76 40.85 -27.09 12.65
N GLN A 77 40.19 -27.09 13.81
CA GLN A 77 38.87 -27.73 13.92
C GLN A 77 37.80 -27.01 13.10
N VAL A 78 38.04 -25.75 12.73
CA VAL A 78 37.05 -25.00 11.98
C VAL A 78 36.83 -25.66 10.61
N ALA A 79 35.57 -25.89 10.28
CA ALA A 79 35.20 -26.53 9.01
C ALA A 79 35.23 -25.47 7.91
N ILE A 80 36.42 -25.25 7.35
CA ILE A 80 36.59 -24.27 6.27
C ILE A 80 37.72 -24.76 5.38
N HIS A 81 37.62 -24.45 4.08
CA HIS A 81 38.63 -24.86 3.13
C HIS A 81 39.94 -24.12 3.37
N LYS A 82 41.04 -24.71 2.89
CA LYS A 82 42.35 -24.14 3.13
C LYS A 82 42.51 -22.78 2.47
N ARG A 83 42.06 -22.64 1.22
CA ARG A 83 42.19 -21.38 0.52
C ARG A 83 41.35 -20.29 1.17
N LYS A 84 40.12 -20.62 1.56
CA LYS A 84 39.27 -19.65 2.24
C LYS A 84 39.90 -19.19 3.54
N LEU A 85 40.42 -20.13 4.33
CA LEU A 85 41.07 -19.77 5.59
C LEU A 85 42.28 -18.88 5.34
N LYS A 86 43.09 -19.22 4.33
CA LYS A 86 44.31 -18.44 4.10
C LYS A 86 43.98 -17.04 3.63
N ASP A 87 42.96 -16.88 2.76
CA ASP A 87 42.64 -15.53 2.28
C ASP A 87 41.97 -14.70 3.38
N VAL A 88 41.13 -15.32 4.21
CA VAL A 88 40.52 -14.60 5.32
C VAL A 88 41.60 -14.15 6.30
N GLN A 89 42.56 -15.04 6.60
CA GLN A 89 43.63 -14.67 7.52
C GLN A 89 44.51 -13.56 6.94
N GLU A 90 44.79 -13.63 5.64
CA GLU A 90 45.57 -12.57 5.00
C GLU A 90 44.84 -11.23 5.08
N ALA A 91 43.54 -11.24 4.80
CA ALA A 91 42.77 -10.00 4.87
C ALA A 91 42.74 -9.44 6.29
N LEU A 92 42.54 -10.30 7.28
CA LEU A 92 42.53 -9.84 8.67
C LEU A 92 43.88 -9.28 9.07
N ASP A 93 44.97 -9.96 8.68
CA ASP A 93 46.30 -9.46 9.02
C ASP A 93 46.60 -8.14 8.33
N ALA A 94 46.08 -7.95 7.11
CA ALA A 94 46.26 -6.68 6.42
C ALA A 94 45.44 -5.57 7.08
N MET A 95 44.26 -5.92 7.61
CA MET A 95 43.39 -4.93 8.24
C MET A 95 43.80 -4.59 9.67
N PHE A 96 44.69 -5.36 10.29
CA PHE A 96 45.18 -5.07 11.62
C PHE A 96 46.48 -4.27 11.62
N LEU A 97 47.04 -3.97 10.45
CA LEU A 97 48.25 -3.18 10.37
C LEU A 97 47.95 -1.72 10.72
N PRO A 98 48.98 -0.95 11.12
CA PRO A 98 48.75 0.48 11.37
C PRO A 98 48.19 1.21 10.15
N ASN A 99 48.60 0.82 8.95
CA ASN A 99 47.99 1.34 7.73
C ASN A 99 46.60 0.75 7.57
N ALA A 100 45.70 1.53 6.97
CA ALA A 100 44.29 1.16 6.91
C ALA A 100 43.81 1.03 5.48
N LYS A 101 44.55 0.29 4.64
CA LYS A 101 44.14 0.07 3.26
C LYS A 101 42.70 -0.45 3.17
N HIS A 102 42.38 -1.47 3.97
CA HIS A 102 41.03 -1.98 4.07
C HIS A 102 40.51 -1.76 5.49
N ARG A 103 39.33 -1.16 5.59
CA ARG A 103 38.73 -0.85 6.88
C ARG A 103 37.68 -1.86 7.33
N ILE A 104 36.86 -2.37 6.41
CA ILE A 104 35.82 -3.32 6.73
C ILE A 104 35.97 -4.55 5.86
N LEU A 105 35.60 -5.71 6.40
CA LEU A 105 35.65 -6.99 5.69
C LEU A 105 34.25 -7.54 5.59
N LEU A 106 33.69 -7.52 4.38
CA LEU A 106 32.30 -7.91 4.15
C LEU A 106 32.24 -9.40 3.82
N LEU A 107 32.20 -10.21 4.87
CA LEU A 107 32.00 -11.65 4.69
C LEU A 107 30.56 -11.94 4.30
N SER A 108 30.39 -12.88 3.36
CA SER A 108 29.06 -13.25 2.89
C SER A 108 29.07 -14.71 2.49
N GLY A 109 27.88 -15.29 2.45
CA GLY A 109 27.72 -16.68 2.07
C GLY A 109 26.40 -17.26 2.57
N PRO A 110 26.15 -18.53 2.25
CA PRO A 110 24.90 -19.16 2.71
C PRO A 110 24.88 -19.39 4.22
N SER A 111 23.74 -19.84 4.74
CA SER A 111 23.59 -20.01 6.17
C SER A 111 24.42 -21.20 6.67
N GLY A 112 25.05 -21.03 7.82
CA GLY A 112 25.82 -22.09 8.43
C GLY A 112 26.99 -22.58 7.61
N CYS A 113 27.76 -21.66 7.03
CA CYS A 113 28.93 -21.97 6.23
C CYS A 113 30.21 -21.54 6.93
N SER A 114 30.25 -21.71 8.24
CA SER A 114 31.42 -21.34 9.05
C SER A 114 31.79 -19.86 8.88
N LYS A 115 30.76 -19.01 8.78
CA LYS A 115 30.97 -17.59 8.64
C LYS A 115 31.07 -16.85 9.96
N SER A 116 30.90 -17.56 11.08
CA SER A 116 30.97 -16.91 12.39
C SER A 116 31.98 -17.60 13.30
N THR A 117 32.09 -18.93 13.18
CA THR A 117 32.96 -19.70 14.06
C THR A 117 34.44 -19.51 13.74
N VAL A 118 34.78 -18.90 12.61
CA VAL A 118 36.18 -18.71 12.26
C VAL A 118 36.68 -17.35 12.74
N ILE A 119 35.80 -16.36 12.87
CA ILE A 119 36.22 -15.04 13.31
C ILE A 119 36.71 -15.09 14.75
N LYS A 120 35.98 -15.80 15.62
CA LYS A 120 36.40 -15.92 17.02
C LYS A 120 37.75 -16.64 17.13
N GLU A 121 37.93 -17.71 16.36
CA GLU A 121 39.19 -18.45 16.41
C GLU A 121 40.35 -17.61 15.91
N LEU A 122 40.11 -16.82 14.85
CA LEU A 122 41.15 -15.89 14.39
C LEU A 122 41.46 -14.85 15.46
N SER A 123 40.43 -14.29 16.09
CA SER A 123 40.66 -13.29 17.13
C SER A 123 41.35 -13.89 18.34
N LYS A 124 41.27 -15.21 18.50
CA LYS A 124 41.96 -15.87 19.62
C LYS A 124 43.48 -15.78 19.46
N ILE A 125 43.97 -15.65 18.23
CA ILE A 125 45.41 -15.70 18.00
C ILE A 125 45.87 -14.51 17.16
N LEU A 126 45.00 -13.53 16.97
CA LEU A 126 45.36 -12.33 16.23
C LEU A 126 45.24 -11.04 17.03
N VAL A 127 44.11 -10.83 17.70
CA VAL A 127 43.87 -9.60 18.46
C VAL A 127 44.87 -9.44 19.59
N PRO A 128 45.12 -10.45 20.43
CA PRO A 128 46.11 -10.26 21.51
C PRO A 128 47.51 -9.95 21.00
N LYS A 129 47.88 -10.47 19.83
CA LYS A 129 49.23 -10.24 19.32
C LYS A 129 49.46 -8.77 19.00
N TYR A 130 48.48 -8.11 18.36
CA TYR A 130 48.61 -6.73 17.94
C TYR A 130 48.02 -5.75 18.95
N ARG A 131 47.55 -6.23 20.09
CA ARG A 131 47.01 -5.33 21.11
C ARG A 131 48.15 -4.74 21.93
N GLN A 132 47.86 -3.65 22.64
CA GLN A 132 48.84 -2.93 23.43
C GLN A 132 48.74 -3.35 24.89
N ASN A 133 49.81 -3.11 25.63
CA ASN A 133 49.89 -3.43 27.05
C ASN A 133 50.23 -2.18 27.83
N SER A 134 49.57 -2.01 28.97
CA SER A 134 49.81 -0.84 29.82
C SER A 134 49.71 -1.22 31.30
N HIS A 146 41.06 -9.59 22.64
CA HIS A 146 41.20 -11.04 22.72
C HIS A 146 40.03 -11.75 22.03
N LYS A 147 38.89 -11.07 21.97
CA LYS A 147 37.69 -11.62 21.37
C LYS A 147 37.01 -10.54 20.54
N VAL A 148 35.74 -10.76 20.22
CA VAL A 148 35.01 -9.89 19.32
C VAL A 148 34.05 -9.01 20.13
N THR A 149 33.45 -8.03 19.45
CA THR A 149 32.55 -7.05 20.05
C THR A 149 31.21 -7.08 19.32
N GLU A 150 30.64 -8.28 19.23
CA GLU A 150 29.43 -8.51 18.44
C GLU A 150 28.32 -7.56 18.86
N PHE A 151 27.62 -7.03 17.85
CA PHE A 151 26.55 -6.06 18.06
C PHE A 151 25.27 -6.80 18.44
N ARG A 152 24.72 -6.46 19.61
CA ARG A 152 23.47 -7.07 20.06
C ARG A 152 22.30 -6.22 19.57
N GLY A 153 21.49 -6.79 18.69
CA GLY A 153 20.32 -6.11 18.16
C GLY A 153 19.09 -6.20 19.03
N ASP A 154 19.19 -6.84 20.19
CA ASP A 154 18.05 -6.99 21.10
C ASP A 154 18.08 -6.03 22.27
N CYS A 155 19.15 -5.26 22.44
CA CYS A 155 19.25 -4.33 23.55
C CYS A 155 18.39 -3.10 23.27
N ILE A 156 17.27 -2.98 23.98
CA ILE A 156 16.36 -1.84 23.83
C ILE A 156 16.73 -0.85 24.93
N VAL A 157 17.55 0.15 24.55
CA VAL A 157 17.95 1.18 25.49
C VAL A 157 16.79 2.13 25.73
N ASN A 158 16.66 2.60 26.97
CA ASN A 158 15.50 3.40 27.37
C ASN A 158 15.40 4.68 26.54
N ASP A 159 16.37 5.58 26.70
CA ASP A 159 16.35 6.86 25.97
C ASP A 159 17.20 6.74 24.71
N LEU A 160 16.77 5.83 23.84
CA LEU A 160 17.49 5.61 22.59
C LEU A 160 16.56 4.99 21.55
N PRO A 161 16.30 5.67 20.44
CA PRO A 161 15.52 5.05 19.36
C PRO A 161 16.27 3.87 18.75
N GLN A 162 15.51 2.93 18.20
CA GLN A 162 16.11 1.72 17.66
C GLN A 162 17.08 2.02 16.53
N MET A 163 16.81 3.05 15.73
CA MET A 163 17.76 3.46 14.70
C MET A 163 19.06 3.95 15.33
N GLU A 164 18.95 4.70 16.43
CA GLU A 164 20.13 5.23 17.10
C GLU A 164 20.91 4.18 17.86
N SER A 165 20.36 2.97 18.04
CA SER A 165 21.10 1.91 18.73
C SER A 165 22.37 1.55 17.97
N PHE A 166 22.24 1.26 16.68
CA PHE A 166 23.42 0.95 15.87
C PHE A 166 24.33 2.15 15.72
N SER A 167 23.77 3.35 15.66
CA SER A 167 24.60 4.56 15.60
C SER A 167 25.48 4.68 16.84
N GLU A 168 24.89 4.46 18.02
CA GLU A 168 25.68 4.46 19.24
C GLU A 168 26.70 3.33 19.28
N PHE A 169 26.31 2.15 18.79
CA PHE A 169 27.25 1.04 18.74
C PHE A 169 28.48 1.39 17.91
N LEU A 170 28.26 1.90 16.69
CA LEU A 170 29.39 2.26 15.84
C LEU A 170 30.15 3.47 16.34
N LYS A 171 29.50 4.40 17.04
CA LYS A 171 30.17 5.57 17.56
C LYS A 171 30.92 5.29 18.85
N GLY A 172 30.64 4.17 19.52
CA GLY A 172 31.39 3.81 20.70
C GLY A 172 32.38 2.69 20.46
N ALA A 173 32.24 1.99 19.33
CA ALA A 173 33.19 0.94 18.98
C ALA A 173 34.44 1.47 18.30
N ARG A 174 34.49 2.75 17.94
CA ARG A 174 35.64 3.35 17.28
C ARG A 174 36.73 3.77 18.26
N TYR A 175 36.52 3.61 19.56
CA TYR A 175 37.50 3.96 20.58
C TYR A 175 38.41 2.79 20.93
N LEU A 176 38.29 1.67 20.23
CA LEU A 176 39.07 0.47 20.51
C LEU A 176 40.22 0.40 19.50
N VAL A 177 41.31 1.10 19.81
CA VAL A 177 42.46 1.16 18.91
C VAL A 177 43.72 0.65 19.60
N MET A 178 44.13 1.32 20.67
CA MET A 178 45.33 0.95 21.42
C MET A 178 44.95 0.65 22.86
N SER A 179 45.47 -0.46 23.39
CA SER A 179 45.20 -1.00 24.73
C SER A 179 43.75 -1.44 24.89
N ASN A 180 42.91 -1.26 23.87
CA ASN A 180 41.52 -1.70 23.93
C ASN A 180 41.09 -2.38 22.64
N LEU A 181 42.03 -2.79 21.80
CA LEU A 181 41.72 -3.34 20.48
C LEU A 181 40.81 -4.55 20.58
N SER A 182 39.72 -4.52 19.81
CA SER A 182 38.77 -5.63 19.76
C SER A 182 38.06 -5.57 18.42
N LEU A 183 38.01 -6.70 17.73
CA LEU A 183 37.34 -6.76 16.44
C LEU A 183 35.85 -6.54 16.59
N ILE A 184 35.27 -5.81 15.66
CA ILE A 184 33.83 -5.52 15.65
C ILE A 184 33.19 -6.47 14.67
N LEU A 185 32.33 -7.35 15.18
CA LEU A 185 31.61 -8.32 14.36
C LEU A 185 30.14 -7.94 14.32
N ILE A 186 29.60 -7.79 13.11
CA ILE A 186 28.19 -7.43 12.92
C ILE A 186 27.57 -8.54 12.09
N GLU A 187 26.99 -9.54 12.76
CA GLU A 187 26.32 -10.63 12.08
C GLU A 187 24.81 -10.43 12.04
N ASP A 188 24.21 -10.07 13.18
CA ASP A 188 22.78 -9.80 13.26
C ASP A 188 22.57 -8.33 12.88
N LEU A 189 22.24 -8.09 11.61
CA LEU A 189 22.03 -6.72 11.14
C LEU A 189 20.77 -6.13 11.76
N PRO A 190 20.69 -4.80 11.84
CA PRO A 190 19.44 -4.18 12.31
C PRO A 190 18.31 -4.42 11.33
N ASN A 191 17.10 -3.96 11.67
CA ASN A 191 15.95 -4.28 10.83
C ASN A 191 16.04 -3.55 9.49
N VAL A 192 16.97 -4.00 8.64
CA VAL A 192 17.21 -3.35 7.36
C VAL A 192 16.01 -3.45 6.43
N PHE A 193 15.03 -4.29 6.75
CA PHE A 193 13.79 -4.33 5.98
C PHE A 193 13.01 -3.03 6.09
N HIS A 194 13.24 -2.24 7.15
CA HIS A 194 12.67 -0.91 7.29
C HIS A 194 13.59 0.07 6.58
N ILE A 195 13.04 0.85 5.67
CA ILE A 195 13.81 1.70 4.77
C ILE A 195 14.63 2.73 5.54
N ASP A 196 14.00 3.37 6.53
CA ASP A 196 14.65 4.47 7.24
C ASP A 196 15.92 4.01 7.96
N THR A 197 15.80 2.96 8.78
CA THR A 197 16.98 2.47 9.49
C THR A 197 17.96 1.80 8.54
N ARG A 198 17.48 1.25 7.43
CA ARG A 198 18.37 0.69 6.42
C ARG A 198 19.29 1.77 5.85
N ARG A 199 18.71 2.90 5.45
CA ARG A 199 19.53 3.97 4.89
C ARG A 199 20.36 4.64 5.98
N ARG A 200 19.86 4.66 7.22
CA ARG A 200 20.68 5.16 8.33
C ARG A 200 21.92 4.30 8.55
N PHE A 201 21.77 2.97 8.50
CA PHE A 201 22.88 2.02 8.57
C PHE A 201 23.83 2.17 7.39
N GLN A 202 23.30 2.36 6.18
CA GLN A 202 24.15 2.57 5.02
C GLN A 202 24.97 3.85 5.16
N GLN A 203 24.34 4.92 5.66
CA GLN A 203 25.07 6.16 5.90
C GLN A 203 26.12 5.96 6.99
N LEU A 204 25.77 5.23 8.06
CA LEU A 204 26.70 5.05 9.16
C LEU A 204 27.94 4.28 8.73
N ILE A 205 27.76 3.20 7.96
CA ILE A 205 28.91 2.44 7.47
C ILE A 205 29.66 3.24 6.40
N LEU A 206 28.93 4.07 5.64
CA LEU A 206 29.59 4.95 4.69
C LEU A 206 30.49 5.96 5.40
N GLN A 207 30.01 6.51 6.52
CA GLN A 207 30.84 7.42 7.30
C GLN A 207 32.08 6.71 7.83
N TRP A 208 31.95 5.42 8.16
CA TRP A 208 33.09 4.66 8.66
C TRP A 208 34.19 4.57 7.61
N LEU A 209 33.82 4.32 6.36
CA LEU A 209 34.82 4.22 5.28
C LEU A 209 35.46 5.57 5.00
N TYR A 210 34.66 6.63 4.98
CA TYR A 210 35.16 7.96 4.68
C TYR A 210 35.57 8.76 5.91
N SER A 211 35.57 8.15 7.09
CA SER A 211 35.93 8.84 8.32
C SER A 211 37.32 9.45 8.25
N SER A 212 37.45 10.69 8.73
CA SER A 212 38.76 11.33 8.82
C SER A 212 39.58 10.82 10.01
N GLU A 213 39.08 9.84 10.74
CA GLU A 213 39.81 9.29 11.87
C GLU A 213 41.10 8.63 11.39
N PRO A 214 42.27 9.01 11.92
CA PRO A 214 43.53 8.39 11.49
C PRO A 214 43.57 6.90 11.76
N LEU A 215 42.98 6.47 12.86
CA LEU A 215 42.98 5.06 13.27
C LEU A 215 41.55 4.62 13.55
N LEU A 216 41.16 3.49 12.98
CA LEU A 216 39.86 2.87 13.25
C LEU A 216 40.05 1.38 13.45
N PRO A 217 39.28 0.75 14.33
CA PRO A 217 39.42 -0.69 14.52
C PRO A 217 38.88 -1.44 13.33
N PRO A 218 39.36 -2.67 13.09
CA PRO A 218 38.81 -3.47 11.99
C PRO A 218 37.35 -3.84 12.24
N LEU A 219 36.59 -4.04 11.16
CA LEU A 219 35.16 -4.29 11.27
C LEU A 219 34.77 -5.35 10.26
N VAL A 220 33.91 -6.27 10.69
CA VAL A 220 33.46 -7.37 9.85
C VAL A 220 31.94 -7.43 9.89
N ILE A 221 31.34 -7.50 8.71
CA ILE A 221 29.89 -7.63 8.59
C ILE A 221 29.57 -8.95 7.89
N CYS A 222 29.17 -9.96 8.66
CA CYS A 222 28.79 -11.25 8.09
C CYS A 222 27.32 -11.25 7.69
N ILE A 223 27.04 -10.90 6.44
CA ILE A 223 25.66 -10.85 5.93
C ILE A 223 25.34 -12.26 5.43
N THR A 224 24.59 -12.99 6.25
CA THR A 224 24.14 -14.33 5.87
C THR A 224 23.06 -14.22 4.79
N GLU A 225 23.41 -14.62 3.56
CA GLU A 225 22.47 -14.55 2.46
C GLU A 225 21.40 -15.62 2.60
N CYS A 226 20.14 -15.20 2.45
CA CYS A 226 19.02 -16.11 2.52
C CYS A 226 17.88 -15.55 1.68
N GLU A 227 17.10 -16.44 1.08
CA GLU A 227 15.99 -16.05 0.20
C GLU A 227 14.80 -15.70 1.09
N ILE A 228 14.48 -14.41 1.13
CA ILE A 228 13.34 -13.92 1.91
C ILE A 228 12.06 -14.49 1.30
N PRO A 229 11.21 -15.15 2.08
CA PRO A 229 10.00 -15.77 1.50
C PRO A 229 8.96 -14.76 1.08
N GLU A 230 7.82 -15.25 0.61
CA GLU A 230 6.71 -14.39 0.20
C GLU A 230 6.19 -13.61 1.40
N ASN A 231 5.81 -12.35 1.18
CA ASN A 231 5.37 -11.48 2.27
C ASN A 231 4.16 -10.67 1.82
N ASP A 232 3.44 -10.14 2.80
CA ASP A 232 2.24 -9.36 2.56
C ASP A 232 2.52 -7.87 2.44
N ASN A 233 3.78 -7.46 2.46
CA ASN A 233 4.15 -6.06 2.27
C ASN A 233 3.65 -5.57 0.92
N ASN A 234 3.04 -4.38 0.91
CA ASN A 234 2.37 -3.89 -0.29
C ASN A 234 3.37 -3.71 -1.43
N TYR A 235 4.22 -2.70 -1.34
CA TYR A 235 5.33 -2.59 -2.30
C TYR A 235 6.67 -2.65 -1.58
N ARG A 236 6.89 -1.69 -0.68
CA ARG A 236 8.14 -1.53 0.07
C ARG A 236 9.37 -1.79 -0.82
N LYS A 237 9.36 -1.15 -1.99
CA LYS A 237 10.37 -1.35 -3.02
C LYS A 237 10.62 -2.84 -3.26
N PHE A 238 11.89 -3.22 -3.40
CA PHE A 238 12.26 -4.61 -3.56
C PHE A 238 13.72 -4.82 -3.17
N GLY A 239 14.30 -5.97 -3.51
CA GLY A 239 15.66 -6.27 -3.14
C GLY A 239 15.77 -6.94 -1.79
N ILE A 240 15.55 -6.16 -0.72
CA ILE A 240 15.54 -6.73 0.63
C ILE A 240 14.29 -7.53 0.90
N ASP A 241 13.24 -7.37 0.09
CA ASP A 241 12.04 -8.17 0.18
C ASP A 241 12.15 -9.47 -0.61
N TYR A 242 13.24 -9.67 -1.34
CA TYR A 242 13.45 -10.89 -2.10
C TYR A 242 14.62 -11.69 -1.54
N THR A 243 15.75 -11.02 -1.31
CA THR A 243 16.95 -11.67 -0.81
C THR A 243 17.53 -10.84 0.33
N PHE A 244 18.32 -11.51 1.17
CA PHE A 244 19.05 -10.87 2.27
C PHE A 244 20.54 -10.82 1.97
N SER A 245 20.88 -10.59 0.71
CA SER A 245 22.27 -10.55 0.29
C SER A 245 22.91 -9.22 0.67
N ALA A 246 24.23 -9.15 0.49
CA ALA A 246 24.96 -7.92 0.83
C ALA A 246 24.59 -6.77 -0.10
N GLU A 247 24.27 -7.07 -1.36
CA GLU A 247 23.92 -6.00 -2.29
C GLU A 247 22.60 -5.36 -1.93
N THR A 248 21.71 -6.10 -1.27
CA THR A 248 20.41 -5.57 -0.86
C THR A 248 20.48 -4.80 0.45
N ILE A 249 21.60 -4.84 1.16
CA ILE A 249 21.77 -4.10 2.40
C ILE A 249 22.77 -2.99 2.17
N MET A 250 23.99 -3.36 1.78
CA MET A 250 24.99 -2.38 1.40
C MET A 250 24.70 -1.85 0.00
N ASN A 251 25.02 -0.57 -0.22
CA ASN A 251 24.79 0.06 -1.50
C ASN A 251 26.05 -0.05 -2.37
N LYS A 252 25.90 0.36 -3.63
CA LYS A 252 26.98 0.20 -4.60
C LYS A 252 28.22 1.02 -4.20
N GLU A 253 28.02 2.16 -3.56
CA GLU A 253 29.16 2.97 -3.13
C GLU A 253 30.01 2.22 -2.11
N ILE A 254 29.37 1.51 -1.19
CA ILE A 254 30.12 0.72 -0.20
C ILE A 254 30.79 -0.46 -0.86
N LEU A 255 30.08 -1.16 -1.75
CA LEU A 255 30.63 -2.35 -2.38
C LEU A 255 31.84 -2.01 -3.26
N MET A 256 31.78 -0.90 -3.98
CA MET A 256 32.87 -0.50 -4.86
C MET A 256 33.90 0.37 -4.16
N HIS A 257 33.75 0.60 -2.86
CA HIS A 257 34.70 1.41 -2.13
C HIS A 257 36.07 0.72 -2.11
N PRO A 258 37.16 1.45 -2.34
CA PRO A 258 38.49 0.82 -2.36
C PRO A 258 38.91 0.18 -1.04
N ARG A 259 38.32 0.60 0.08
CA ARG A 259 38.70 0.08 1.38
C ARG A 259 37.81 -1.07 1.85
N LEU A 260 36.90 -1.54 1.01
CA LEU A 260 36.05 -2.68 1.32
C LEU A 260 36.58 -3.94 0.64
N LYS A 261 36.66 -5.03 1.39
CA LYS A 261 37.10 -6.31 0.86
C LYS A 261 36.00 -7.32 1.13
N ARG A 262 35.33 -7.77 0.07
CA ARG A 262 34.22 -8.72 0.18
C ARG A 262 34.75 -10.12 -0.09
N ILE A 263 34.95 -10.88 0.98
CA ILE A 263 35.36 -12.28 0.87
C ILE A 263 34.12 -13.14 1.03
N LYS A 264 33.63 -13.69 -0.08
CA LYS A 264 32.45 -14.53 -0.05
C LYS A 264 32.81 -15.94 0.41
N PHE A 265 31.83 -16.61 0.99
CA PHE A 265 31.99 -17.98 1.48
C PHE A 265 31.12 -18.94 0.68
N ASN A 266 31.56 -20.19 0.62
CA ASN A 266 30.90 -21.24 -0.12
C ASN A 266 30.38 -22.32 0.83
N PRO A 267 29.38 -23.09 0.41
CA PRO A 267 28.89 -24.19 1.26
C PRO A 267 30.00 -25.18 1.56
N ILE A 268 29.95 -25.74 2.78
CA ILE A 268 31.01 -26.64 3.23
C ILE A 268 31.06 -27.87 2.34
N ASN A 269 32.26 -28.24 1.92
CA ASN A 269 32.45 -29.39 1.05
C ASN A 269 32.14 -30.68 1.79
N SER A 270 31.89 -31.74 1.02
CA SER A 270 31.51 -33.03 1.59
C SER A 270 32.65 -33.63 2.43
N THR A 271 33.89 -33.41 2.01
CA THR A 271 35.03 -34.02 2.71
C THR A 271 35.13 -33.54 4.15
N LEU A 272 35.09 -32.21 4.34
CA LEU A 272 35.20 -31.66 5.69
C LEU A 272 33.98 -32.03 6.53
N LEU A 273 32.79 -32.06 5.92
CA LEU A 273 31.59 -32.47 6.64
C LEU A 273 31.72 -33.90 7.13
N LYS A 274 32.20 -34.79 6.26
CA LYS A 274 32.39 -36.18 6.66
C LYS A 274 33.44 -36.29 7.77
N LYS A 275 34.53 -35.54 7.64
CA LYS A 275 35.59 -35.57 8.65
C LYS A 275 35.04 -35.15 10.01
N HIS A 276 34.31 -34.04 10.05
CA HIS A 276 33.81 -33.52 11.32
C HIS A 276 32.71 -34.42 11.90
N LEU A 277 31.85 -34.97 11.05
CA LEU A 277 30.84 -35.90 11.53
C LEU A 277 31.49 -37.16 12.09
N LYS A 278 32.54 -37.65 11.45
CA LYS A 278 33.27 -38.81 11.97
C LYS A 278 33.95 -38.48 13.29
N PHE A 279 34.47 -37.26 13.42
CA PHE A 279 35.05 -36.82 14.68
C PHE A 279 34.00 -36.82 15.80
N ILE A 280 32.81 -36.30 15.49
CA ILE A 280 31.72 -36.30 16.47
C ILE A 280 31.36 -37.73 16.86
N CYS A 281 31.29 -38.62 15.86
CA CYS A 281 30.90 -40.00 16.12
C CYS A 281 31.94 -40.71 16.98
N VAL A 282 33.23 -40.50 16.70
CA VAL A 282 34.26 -41.18 17.48
C VAL A 282 34.34 -40.58 18.88
N GLN A 283 33.98 -39.30 19.04
CA GLN A 283 33.94 -38.74 20.37
C GLN A 283 32.77 -39.25 21.21
N ASN A 284 31.76 -39.88 20.59
CA ASN A 284 30.65 -40.47 21.33
C ASN A 284 30.18 -41.70 20.55
N MET A 285 30.68 -42.86 20.96
CA MET A 285 30.40 -44.13 20.28
C MET A 285 29.69 -45.15 21.15
N LYS A 286 29.71 -44.97 22.48
CA LYS A 286 29.06 -45.93 23.37
C LYS A 286 27.57 -46.04 23.09
N MET A 287 26.89 -44.89 23.01
CA MET A 287 25.47 -44.90 22.69
C MET A 287 25.22 -45.33 21.26
N LEU A 288 26.16 -45.04 20.35
CA LEU A 288 26.00 -45.44 18.96
C LEU A 288 25.99 -46.96 18.82
N LYS A 289 26.92 -47.64 19.50
CA LYS A 289 26.94 -49.10 19.45
C LYS A 289 25.82 -49.68 20.32
N GLU A 290 25.43 -48.98 21.38
CA GLU A 290 24.35 -49.45 22.23
C GLU A 290 23.03 -49.52 21.48
N LYS A 291 22.75 -48.52 20.63
CA LYS A 291 21.53 -48.47 19.84
C LYS A 291 21.71 -49.10 18.46
N ASN A 292 22.66 -50.03 18.32
CA ASN A 292 22.99 -50.69 17.06
C ASN A 292 23.02 -49.72 15.90
N LYS A 293 23.71 -48.60 16.10
CA LYS A 293 23.86 -47.57 15.08
C LYS A 293 25.31 -47.32 14.67
N TRP A 294 26.28 -47.78 15.45
CA TRP A 294 27.69 -47.59 15.10
C TRP A 294 28.07 -48.30 13.82
N ASN A 295 27.48 -49.46 13.54
CA ASN A 295 27.73 -50.18 12.29
C ASN A 295 27.02 -49.51 11.10
N LYS A 296 25.89 -48.86 11.36
CA LYS A 296 25.16 -48.12 10.34
C LYS A 296 25.57 -46.65 10.29
N ARG A 297 26.63 -46.28 11.03
CA ARG A 297 27.04 -44.89 11.10
C ARG A 297 27.52 -44.37 9.75
N GLN A 298 28.22 -45.20 8.98
CA GLN A 298 28.85 -44.74 7.75
C GLN A 298 27.83 -44.24 6.73
N GLU A 299 26.75 -45.01 6.53
CA GLU A 299 25.72 -44.61 5.57
C GLU A 299 25.04 -43.32 6.00
N VAL A 300 24.75 -43.20 7.31
CA VAL A 300 24.10 -41.99 7.82
C VAL A 300 24.99 -40.78 7.61
N ILE A 301 26.28 -40.92 7.93
CA ILE A 301 27.22 -39.82 7.75
C ILE A 301 27.31 -39.43 6.28
N ASP A 302 27.40 -40.42 5.39
CA ASP A 302 27.51 -40.11 3.96
C ASP A 302 26.26 -39.39 3.46
N TYR A 303 25.07 -39.88 3.85
CA TYR A 303 23.83 -39.26 3.41
C TYR A 303 23.69 -37.84 3.94
N ILE A 304 24.05 -37.63 5.22
CA ILE A 304 23.94 -36.31 5.81
C ILE A 304 24.91 -35.33 5.15
N ALA A 305 26.15 -35.77 4.91
CA ALA A 305 27.15 -34.92 4.30
C ALA A 305 26.90 -34.68 2.81
N GLN A 306 26.14 -35.55 2.15
CA GLN A 306 25.82 -35.38 0.74
C GLN A 306 24.51 -34.61 0.52
N GLU A 307 23.59 -34.62 1.49
CA GLU A 307 22.32 -33.93 1.34
C GLU A 307 22.39 -32.44 1.64
N THR A 308 23.20 -32.03 2.62
CA THR A 308 23.24 -30.63 3.01
C THR A 308 24.70 -30.20 3.14
N GLY A 309 24.93 -28.91 2.93
CA GLY A 309 26.25 -28.33 3.09
C GLY A 309 26.37 -27.47 4.33
N ASP A 310 25.40 -27.61 5.24
CA ASP A 310 25.35 -26.84 6.47
C ASP A 310 25.92 -27.69 7.60
N ILE A 311 26.99 -27.22 8.23
CA ILE A 311 27.65 -27.98 9.29
C ILE A 311 26.74 -28.10 10.50
N ARG A 312 26.15 -26.98 10.93
CA ARG A 312 25.30 -27.00 12.12
C ARG A 312 24.06 -27.85 11.90
N SER A 313 23.44 -27.72 10.73
CA SER A 313 22.27 -28.54 10.42
C SER A 313 22.64 -30.01 10.34
N ALA A 314 23.81 -30.32 9.76
CA ALA A 314 24.27 -31.70 9.69
C ALA A 314 24.46 -32.28 11.08
N ILE A 315 25.08 -31.51 11.98
CA ILE A 315 25.31 -31.98 13.34
C ILE A 315 23.98 -32.18 14.07
N THR A 316 23.04 -31.25 13.88
CA THR A 316 21.73 -31.38 14.52
C THR A 316 21.01 -32.62 14.02
N THR A 317 21.05 -32.88 12.71
CA THR A 317 20.39 -34.07 12.16
C THR A 317 21.06 -35.34 12.67
N LEU A 318 22.39 -35.35 12.76
CA LEU A 318 23.09 -36.51 13.28
C LEU A 318 22.71 -36.77 14.73
N GLN A 319 22.64 -35.70 15.53
CA GLN A 319 22.25 -35.85 16.93
C GLN A 319 20.82 -36.38 17.04
N PHE A 320 19.92 -35.86 16.22
CA PHE A 320 18.52 -36.28 16.26
C PHE A 320 18.40 -37.75 15.88
N TRP A 321 19.15 -38.19 14.87
CA TRP A 321 19.14 -39.59 14.48
C TRP A 321 19.73 -40.49 15.55
N ALA A 322 20.85 -40.07 16.16
CA ALA A 322 21.53 -40.89 17.14
C ALA A 322 20.71 -41.05 18.41
N THR A 323 20.16 -39.93 18.91
CA THR A 323 19.40 -39.99 20.16
C THR A 323 18.07 -40.71 19.97
N SER A 324 17.57 -40.78 18.75
CA SER A 324 16.30 -41.44 18.49
C SER A 324 16.44 -42.96 18.65
N SER A 325 15.29 -43.61 18.77
CA SER A 325 15.24 -45.08 18.90
C SER A 325 14.05 -45.56 18.07
N GLY A 326 14.32 -45.91 16.81
CA GLY A 326 13.28 -46.36 15.91
C GLY A 326 13.72 -46.39 14.47
N SER A 327 12.80 -46.09 13.55
CA SER A 327 13.07 -46.12 12.11
C SER A 327 12.55 -44.85 11.45
N LEU A 328 12.82 -43.70 12.09
CA LEU A 328 12.39 -42.43 11.53
C LEU A 328 13.30 -42.03 10.37
N PRO A 329 12.77 -41.72 9.19
CA PRO A 329 13.63 -41.32 8.08
C PRO A 329 14.43 -40.07 8.41
N ILE A 330 15.64 -40.00 7.86
CA ILE A 330 16.53 -38.87 8.10
C ILE A 330 16.16 -37.74 7.15
N SER A 331 15.94 -36.55 7.69
CA SER A 331 15.57 -35.37 6.91
C SER A 331 16.43 -34.20 7.34
N THR A 332 16.64 -33.28 6.40
CA THR A 332 17.47 -32.10 6.64
C THR A 332 16.87 -30.93 5.89
N ARG A 333 17.31 -29.72 6.25
CA ARG A 333 16.84 -28.52 5.59
C ARG A 333 17.19 -28.55 4.11
N GLU A 334 16.28 -28.05 3.28
CA GLU A 334 16.46 -28.04 1.83
C GLU A 334 17.06 -26.70 1.42
N SER A 335 18.16 -26.76 0.67
CA SER A 335 18.81 -25.54 0.20
C SER A 335 18.00 -24.90 -0.92
N THR A 336 18.05 -23.57 -0.96
CA THR A 336 17.35 -22.80 -2.00
C THR A 336 18.24 -22.73 -3.24
N ILE A 337 17.62 -22.98 -4.40
CA ILE A 337 18.37 -22.99 -5.64
C ILE A 337 18.73 -21.57 -6.06
N SER A 338 20.00 -21.35 -6.37
CA SER A 338 20.47 -20.03 -6.74
C SER A 338 19.97 -19.66 -8.13
N TYR A 339 20.15 -18.38 -8.48
CA TYR A 339 19.66 -17.87 -9.77
C TYR A 339 20.34 -18.57 -10.93
N PHE A 340 21.68 -18.58 -10.93
CA PHE A 340 22.41 -19.29 -11.99
C PHE A 340 22.16 -20.79 -11.92
N HIS A 341 22.07 -21.33 -10.71
CA HIS A 341 21.75 -22.74 -10.54
C HIS A 341 20.37 -23.07 -11.11
N ALA A 342 19.38 -22.21 -10.84
CA ALA A 342 18.04 -22.44 -11.36
C ALA A 342 18.02 -22.32 -12.88
N ILE A 343 18.77 -21.36 -13.43
CA ILE A 343 18.85 -21.23 -14.88
C ILE A 343 19.47 -22.48 -15.50
N GLY A 344 20.53 -22.99 -14.89
CA GLY A 344 21.13 -24.22 -15.39
C GLY A 344 20.20 -25.40 -15.32
N LYS A 345 19.44 -25.50 -14.22
CA LYS A 345 18.48 -26.60 -14.08
C LYS A 345 17.39 -26.50 -15.15
N VAL A 346 16.90 -25.29 -15.41
CA VAL A 346 15.88 -25.11 -16.44
C VAL A 346 16.43 -25.44 -17.82
N ILE A 347 17.65 -25.01 -18.12
CA ILE A 347 18.24 -25.20 -19.44
C ILE A 347 18.73 -26.64 -19.61
N HIS A 348 19.56 -27.10 -18.69
CA HIS A 348 20.22 -28.40 -18.81
C HIS A 348 19.44 -29.53 -18.15
N GLY A 349 18.98 -29.32 -16.92
CA GLY A 349 18.26 -30.33 -16.17
C GLY A 349 18.96 -30.65 -14.86
N SER A 350 18.42 -31.63 -14.16
CA SER A 350 18.96 -32.09 -12.89
C SER A 350 19.35 -33.56 -13.01
N HIS A 351 20.57 -33.87 -12.55
CA HIS A 351 21.02 -35.27 -12.59
C HIS A 351 20.30 -36.12 -11.57
N SER A 352 19.83 -35.52 -10.47
CA SER A 352 19.16 -36.27 -9.43
C SER A 352 17.82 -36.83 -9.92
N THR A 353 17.02 -35.99 -10.59
CA THR A 353 15.69 -36.37 -11.05
C THR A 353 15.62 -36.27 -12.56
N ASN A 354 15.18 -37.36 -13.20
CA ASN A 354 15.02 -37.41 -14.65
C ASN A 354 13.59 -37.07 -15.08
N ASN A 355 12.71 -36.74 -14.14
CA ASN A 355 11.32 -36.39 -14.45
C ASN A 355 11.22 -34.86 -14.46
N ASP A 356 10.85 -34.31 -15.62
CA ASP A 356 10.77 -32.87 -15.77
C ASP A 356 9.68 -32.28 -14.89
N ASN A 357 8.52 -32.94 -14.83
CA ASN A 357 7.39 -32.43 -14.06
C ASN A 357 7.74 -32.32 -12.58
N GLU A 358 8.34 -33.36 -12.02
CA GLU A 358 8.70 -33.35 -10.60
C GLU A 358 9.71 -32.26 -10.30
N MET A 359 10.73 -32.11 -11.17
CA MET A 359 11.74 -31.10 -10.96
C MET A 359 11.16 -29.70 -11.02
N ILE A 360 10.29 -29.44 -12.01
CA ILE A 360 9.70 -28.11 -12.14
C ILE A 360 8.80 -27.82 -10.95
N ASN A 361 8.00 -28.79 -10.53
CA ASN A 361 7.12 -28.58 -9.39
C ASN A 361 7.92 -28.30 -8.12
N ASN A 362 9.00 -29.06 -7.89
CA ASN A 362 9.83 -28.84 -6.71
C ASN A 362 10.50 -27.47 -6.77
N LEU A 363 10.97 -27.07 -7.96
CA LEU A 363 11.61 -25.77 -8.11
C LEU A 363 10.64 -24.64 -7.80
N PHE A 364 9.40 -24.76 -8.30
CA PHE A 364 8.41 -23.72 -8.04
C PHE A 364 7.95 -23.69 -6.59
N GLU A 365 7.81 -24.87 -5.97
CA GLU A 365 7.36 -24.92 -4.57
C GLU A 365 8.42 -24.40 -3.62
N ASN A 366 9.68 -24.83 -3.80
CA ASN A 366 10.74 -24.44 -2.88
C ASN A 366 11.16 -22.99 -3.08
N SER A 367 11.28 -22.55 -4.33
CA SER A 367 11.75 -21.20 -4.66
C SER A 367 10.81 -20.60 -5.71
N ASN A 368 9.76 -19.92 -5.24
CA ASN A 368 8.87 -19.18 -6.13
C ASN A 368 9.18 -17.70 -6.16
N ASN A 369 9.93 -17.19 -5.20
CA ASN A 369 10.33 -15.79 -5.19
C ASN A 369 11.41 -15.48 -6.21
N LEU A 370 12.08 -16.50 -6.75
CA LEU A 370 13.11 -16.32 -7.76
C LEU A 370 12.59 -16.54 -9.18
N LEU A 371 11.67 -17.49 -9.37
CA LEU A 371 11.11 -17.76 -10.69
C LEU A 371 10.02 -16.76 -11.07
N SER A 372 9.56 -15.92 -10.15
CA SER A 372 8.51 -14.95 -10.43
C SER A 372 9.06 -13.62 -10.95
N LYS A 373 10.30 -13.29 -10.62
CA LYS A 373 10.90 -12.05 -11.10
C LYS A 373 11.11 -12.12 -12.62
N GLU A 374 11.00 -10.96 -13.27
CA GLU A 374 11.22 -10.88 -14.70
C GLU A 374 12.67 -11.13 -15.08
N ASP A 375 13.59 -11.07 -14.11
CA ASP A 375 15.00 -11.33 -14.41
C ASP A 375 15.21 -12.78 -14.85
N PHE A 376 14.47 -13.71 -14.25
CA PHE A 376 14.66 -15.12 -14.59
C PHE A 376 14.25 -15.42 -16.03
N LYS A 377 13.17 -14.81 -16.50
CA LYS A 377 12.82 -14.94 -17.91
C LYS A 377 13.87 -14.31 -18.79
N LEU A 378 14.36 -13.13 -18.40
CA LEU A 378 15.48 -12.52 -19.11
C LEU A 378 16.73 -13.39 -18.99
N GLY A 379 16.90 -14.05 -17.85
CA GLY A 379 18.04 -14.96 -17.70
C GLY A 379 17.97 -16.11 -18.68
N ILE A 380 16.80 -16.72 -18.83
CA ILE A 380 16.64 -17.78 -19.82
C ILE A 380 16.87 -17.25 -21.23
N LEU A 381 16.32 -16.07 -21.54
CA LEU A 381 16.50 -15.48 -22.87
C LEU A 381 17.98 -15.22 -23.17
N GLU A 382 18.75 -14.79 -22.19
CA GLU A 382 20.16 -14.47 -22.38
C GLU A 382 21.08 -15.66 -22.21
N ASN A 383 20.59 -16.78 -21.68
CA ASN A 383 21.47 -17.91 -21.40
C ASN A 383 21.08 -19.21 -22.11
N TYR A 384 19.99 -19.26 -22.85
CA TYR A 384 19.64 -20.50 -23.54
C TYR A 384 20.60 -20.81 -24.69
N ASN A 385 21.47 -19.88 -25.06
CA ASN A 385 22.46 -20.08 -26.12
C ASN A 385 23.72 -20.76 -25.60
N THR A 386 23.66 -21.35 -24.42
CA THR A 386 24.79 -22.09 -23.86
C THR A 386 24.73 -23.57 -24.14
N PHE A 387 23.59 -24.10 -24.57
CA PHE A 387 23.43 -25.52 -24.86
C PHE A 387 24.23 -25.88 -26.11
N ASN A 388 25.19 -26.80 -25.96
CA ASN A 388 26.07 -27.22 -27.06
C ASN A 388 26.80 -26.04 -27.69
N LYS A 389 27.20 -25.07 -26.87
CA LYS A 389 27.88 -23.85 -27.28
C LYS A 389 27.07 -23.00 -28.24
N GLY A 390 25.78 -23.25 -28.40
CA GLY A 390 24.95 -22.54 -29.33
C GLY A 390 24.77 -23.19 -30.69
N GLU A 391 25.08 -24.48 -30.83
CA GLU A 391 25.00 -25.18 -32.10
C GLU A 391 23.69 -25.93 -32.27
N PHE A 392 22.72 -25.70 -31.39
CA PHE A 392 21.42 -26.35 -31.54
C PHE A 392 20.63 -25.73 -32.70
N SER A 393 19.56 -26.41 -33.08
CA SER A 393 18.77 -26.00 -34.24
C SER A 393 18.11 -24.65 -33.98
N ILE A 394 17.99 -23.86 -35.05
CA ILE A 394 17.37 -22.55 -34.95
C ILE A 394 15.90 -22.66 -34.61
N SER A 395 15.25 -23.77 -34.98
CA SER A 395 13.84 -23.95 -34.66
C SER A 395 13.62 -24.03 -33.15
N ASP A 396 14.51 -24.70 -32.44
CA ASP A 396 14.40 -24.78 -30.98
C ASP A 396 14.51 -23.39 -30.35
N ALA A 397 15.47 -22.59 -30.82
CA ALA A 397 15.62 -21.23 -30.31
C ALA A 397 14.38 -20.39 -30.61
N SER A 398 13.83 -20.54 -31.81
CA SER A 398 12.63 -19.81 -32.18
C SER A 398 11.45 -20.17 -31.28
N SER A 399 11.28 -21.47 -31.02
CA SER A 399 10.21 -21.91 -30.13
C SER A 399 10.41 -21.35 -28.72
N ILE A 400 11.64 -21.38 -28.23
CA ILE A 400 11.93 -20.89 -26.88
C ILE A 400 11.59 -19.41 -26.77
N VAL A 401 12.07 -18.61 -27.73
CA VAL A 401 11.84 -17.17 -27.65
C VAL A 401 10.37 -16.83 -27.86
N ASP A 402 9.69 -17.58 -28.74
CA ASP A 402 8.27 -17.35 -28.95
C ASP A 402 7.47 -17.62 -27.68
N CYS A 403 7.79 -18.71 -26.98
CA CYS A 403 7.09 -19.02 -25.74
C CYS A 403 7.44 -18.02 -24.64
N LEU A 404 8.68 -17.54 -24.62
CA LEU A 404 9.04 -16.49 -23.66
C LEU A 404 8.23 -15.22 -23.91
N SER A 405 8.06 -14.84 -25.17
CA SER A 405 7.25 -13.67 -25.49
C SER A 405 5.79 -13.91 -25.12
N GLU A 406 5.27 -15.12 -25.36
CA GLU A 406 3.90 -15.43 -24.97
C GLU A 406 3.73 -15.31 -23.46
N CYS A 407 4.70 -15.79 -22.68
CA CYS A 407 4.64 -15.66 -21.23
C CYS A 407 4.71 -14.21 -20.80
N ASP A 408 5.56 -13.41 -21.47
CA ASP A 408 5.59 -11.97 -21.21
C ASP A 408 4.24 -11.33 -21.50
N ASN A 409 3.48 -11.92 -22.43
CA ASN A 409 2.15 -11.42 -22.79
C ASN A 409 1.04 -11.99 -21.90
N MET A 410 1.39 -12.46 -20.70
CA MET A 410 0.38 -12.99 -19.78
C MET A 410 0.39 -12.24 -18.44
N ASN A 411 0.97 -11.04 -18.39
CA ASN A 411 0.96 -10.15 -17.23
C ASN A 411 1.32 -10.88 -15.94
N GLY A 412 2.34 -11.73 -16.00
CA GLY A 412 2.92 -12.30 -14.80
C GLY A 412 2.10 -13.35 -14.10
N LEU A 413 1.17 -14.03 -14.78
CA LEU A 413 0.43 -15.10 -14.14
C LEU A 413 1.36 -16.26 -13.80
N PRO A 414 1.11 -16.99 -12.71
CA PRO A 414 1.96 -18.16 -12.40
C PRO A 414 1.95 -19.21 -13.49
N GLU A 415 0.84 -19.33 -14.21
CA GLU A 415 0.78 -20.26 -15.35
C GLU A 415 1.80 -19.91 -16.41
N SER A 416 1.98 -18.62 -16.70
CA SER A 416 3.01 -18.20 -17.65
C SER A 416 4.40 -18.56 -17.15
N ASN A 417 4.65 -18.37 -15.85
CA ASN A 417 5.94 -18.74 -15.28
C ASN A 417 6.20 -20.24 -15.38
N GLU A 418 5.17 -21.06 -15.16
CA GLU A 418 5.30 -22.50 -15.32
C GLU A 418 5.58 -22.88 -16.77
N TYR A 419 4.81 -22.31 -17.70
CA TYR A 419 4.95 -22.65 -19.12
C TYR A 419 6.28 -22.23 -19.71
N GLY A 420 6.77 -21.02 -19.37
CA GLY A 420 8.01 -20.53 -19.90
C GLY A 420 9.24 -21.32 -19.51
N LEU A 421 9.14 -22.12 -18.46
CA LEU A 421 10.22 -23.03 -18.08
C LEU A 421 9.97 -24.46 -18.53
N ARG A 422 8.71 -24.92 -18.50
CA ARG A 422 8.41 -26.26 -18.98
C ARG A 422 8.72 -26.40 -20.46
N GLU A 423 8.36 -25.39 -21.26
CA GLU A 423 8.65 -25.46 -22.70
C GLU A 423 10.15 -25.48 -22.95
N VAL A 424 10.93 -24.66 -22.22
CA VAL A 424 12.37 -24.64 -22.42
C VAL A 424 12.98 -25.98 -22.04
N ARG A 425 12.56 -26.55 -20.90
CA ARG A 425 13.10 -27.82 -20.48
C ARG A 425 12.72 -28.94 -21.44
N LYS A 426 11.49 -28.95 -21.95
CA LYS A 426 11.08 -29.95 -22.93
C LYS A 426 11.85 -29.79 -24.24
N THR A 427 12.07 -28.56 -24.69
CA THR A 427 12.81 -28.34 -25.93
C THR A 427 14.26 -28.78 -25.79
N PHE A 428 14.89 -28.50 -24.65
CA PHE A 428 16.27 -28.88 -24.42
C PHE A 428 16.42 -30.33 -23.97
N ARG A 429 15.33 -31.10 -23.98
CA ARG A 429 15.37 -32.53 -23.68
C ARG A 429 15.35 -33.39 -24.92
N ASN A 430 14.53 -33.04 -25.91
CA ASN A 430 14.48 -33.78 -27.16
C ASN A 430 15.72 -33.58 -28.02
N ILE A 431 16.55 -32.59 -27.72
CA ILE A 431 17.78 -32.34 -28.46
C ILE A 431 19.03 -32.57 -27.62
N SER A 432 18.90 -33.18 -26.45
CA SER A 432 20.04 -33.45 -25.58
C SER A 432 20.97 -34.48 -26.23
N LYS A 433 22.18 -34.05 -26.59
CA LYS A 433 23.15 -34.91 -27.26
C LYS A 433 24.36 -35.09 -26.36
N GLN A 434 24.78 -36.34 -26.20
CA GLN A 434 25.93 -36.66 -25.36
C GLN A 434 27.21 -36.16 -26.00
N GLY A 435 28.17 -35.78 -25.15
CA GLY A 435 29.46 -35.31 -25.61
C GLY A 435 29.41 -33.98 -26.34
N HIS A 436 28.63 -33.04 -25.82
CA HIS A 436 28.53 -31.69 -26.37
C HIS A 436 28.89 -30.70 -25.26
N ASN A 437 29.99 -29.97 -25.46
CA ASN A 437 30.43 -28.99 -24.47
C ASN A 437 29.47 -27.81 -24.44
N HIS A 438 29.18 -27.33 -23.24
CA HIS A 438 28.33 -26.16 -23.04
C HIS A 438 29.18 -24.96 -22.67
N GLY A 439 28.67 -23.77 -22.97
CA GLY A 439 29.37 -22.54 -22.66
C GLY A 439 29.05 -22.04 -21.26
N THR A 440 29.38 -20.79 -21.03
CA THR A 440 29.08 -20.12 -19.76
C THR A 440 27.86 -19.23 -19.91
N VAL A 441 27.25 -18.90 -18.77
CA VAL A 441 26.07 -18.05 -18.74
C VAL A 441 26.49 -16.66 -18.24
N TYR A 442 25.56 -15.72 -18.33
CA TYR A 442 25.77 -14.36 -17.86
C TYR A 442 24.45 -13.78 -17.41
N PHE A 443 24.53 -12.78 -16.54
CA PHE A 443 23.32 -12.05 -16.15
C PHE A 443 22.80 -11.27 -17.36
N PRO A 444 21.48 -11.11 -17.48
CA PRO A 444 20.93 -10.38 -18.64
C PRO A 444 21.50 -8.97 -18.73
N ARG A 445 21.77 -8.53 -19.96
CA ARG A 445 22.32 -7.20 -20.21
C ARG A 445 21.17 -6.20 -20.37
N GLU A 446 20.51 -5.94 -19.24
CA GLU A 446 19.43 -4.97 -19.18
C GLU A 446 19.76 -3.75 -18.34
N TRP A 447 20.55 -3.91 -17.28
CA TRP A 447 20.96 -2.77 -16.48
C TRP A 447 21.86 -1.84 -17.28
N LYS A 448 22.78 -2.39 -18.07
CA LYS A 448 23.61 -1.57 -18.95
C LYS A 448 22.73 -0.80 -19.95
N VAL A 449 21.74 -1.48 -20.52
CA VAL A 449 20.86 -0.85 -21.49
C VAL A 449 20.06 0.28 -20.86
N ARG A 450 19.54 0.06 -19.65
CA ARG A 450 18.75 1.11 -19.00
C ARG A 450 19.62 2.28 -18.60
N LYS A 451 20.87 2.02 -18.17
CA LYS A 451 21.78 3.12 -17.86
C LYS A 451 22.11 3.93 -19.12
N LEU A 452 22.34 3.25 -20.24
CA LEU A 452 22.58 3.95 -21.49
C LEU A 452 21.35 4.75 -21.93
N GLN A 453 20.17 4.19 -21.72
CA GLN A 453 18.94 4.90 -22.04
C GLN A 453 18.78 6.14 -21.16
N ASN A 454 19.12 6.05 -19.88
CA ASN A 454 19.06 7.23 -19.01
C ASN A 454 20.07 8.28 -19.46
N SER A 455 21.27 7.85 -19.86
CA SER A 455 22.26 8.79 -20.39
C SER A 455 21.74 9.48 -21.64
N PHE A 456 21.10 8.72 -22.53
CA PHE A 456 20.52 9.33 -23.72
C PHE A 456 19.38 10.26 -23.38
N LYS A 457 18.61 9.93 -22.33
CA LYS A 457 17.57 10.83 -21.85
C LYS A 457 18.16 12.16 -21.40
N VAL A 458 19.26 12.10 -20.64
CA VAL A 458 19.92 13.31 -20.17
C VAL A 458 20.43 14.13 -21.36
N GLN A 459 21.03 13.45 -22.34
CA GLN A 459 21.55 14.13 -23.52
C GLN A 459 20.43 14.81 -24.29
N ALA A 460 19.30 14.12 -24.47
CA ALA A 460 18.17 14.70 -25.19
C ALA A 460 17.57 15.87 -24.42
N GLU A 461 17.49 15.76 -23.10
CA GLU A 461 16.97 16.86 -22.29
C GLU A 461 17.87 18.08 -22.42
N ASP A 462 19.19 17.88 -22.38
CA ASP A 462 20.11 19.00 -22.54
C ASP A 462 20.00 19.62 -23.92
N TRP A 463 19.88 18.79 -24.96
CA TRP A 463 19.76 19.30 -26.32
C TRP A 463 18.49 20.10 -26.49
N LEU A 464 17.37 19.61 -25.95
CA LEU A 464 16.12 20.34 -26.06
C LEU A 464 16.12 21.61 -25.21
N ASN A 465 16.85 21.61 -24.09
CA ASN A 465 16.96 22.79 -23.26
C ASN A 465 17.76 23.88 -23.97
N VAL A 466 18.90 23.51 -24.56
CA VAL A 466 19.70 24.49 -25.28
C VAL A 466 18.99 24.91 -26.57
N SER A 467 18.17 24.03 -27.12
CA SER A 467 17.43 24.36 -28.34
C SER A 467 16.39 25.45 -28.08
N LEU A 468 15.62 25.32 -27.00
CA LEU A 468 14.57 26.28 -26.71
C LEU A 468 15.16 27.61 -26.26
N TYR A 469 16.29 27.58 -25.55
CA TYR A 469 16.88 28.81 -25.06
C TYR A 469 17.38 29.70 -26.19
N LYS A 470 17.89 29.09 -27.26
CA LYS A 470 18.40 29.86 -28.39
C LYS A 470 17.27 30.34 -29.30
N TYR A 471 16.44 29.40 -29.76
CA TYR A 471 15.36 29.70 -30.68
C TYR A 471 14.06 29.05 -30.20
N ASN A 472 12.94 29.67 -30.58
CA ASN A 472 11.63 29.19 -30.15
C ASN A 472 11.12 28.08 -31.07
N ALA A 473 11.74 26.90 -30.98
CA ALA A 473 11.32 25.75 -31.77
C ALA A 473 11.26 24.51 -30.87
N VAL A 474 10.10 23.87 -30.85
CA VAL A 474 9.87 22.69 -30.02
C VAL A 474 10.04 21.45 -30.87
N HIS A 475 10.64 20.41 -30.28
CA HIS A 475 10.88 19.15 -30.97
C HIS A 475 10.52 18.00 -30.03
N SER A 476 9.70 17.07 -30.52
CA SER A 476 9.28 15.94 -29.71
C SER A 476 10.44 15.01 -29.41
N PHE A 477 10.39 14.37 -28.24
CA PHE A 477 11.47 13.47 -27.84
C PHE A 477 11.63 12.29 -28.80
N ARG A 478 10.55 11.82 -29.39
CA ARG A 478 10.64 10.75 -30.38
C ARG A 478 11.47 11.19 -31.57
N ASN A 479 11.22 12.39 -32.09
CA ASN A 479 11.99 12.91 -33.21
C ASN A 479 13.44 13.19 -32.79
N ILE A 480 13.64 13.59 -31.53
CA ILE A 480 14.99 13.80 -31.03
C ILE A 480 15.76 12.49 -31.05
N THR A 481 15.13 11.42 -30.59
CA THR A 481 15.77 10.10 -30.61
C THR A 481 16.05 9.64 -32.04
N LEU A 482 15.09 9.87 -32.94
CA LEU A 482 15.19 9.34 -34.30
C LEU A 482 15.96 10.25 -35.25
N GLU A 483 15.66 11.54 -35.29
CA GLU A 483 16.24 12.41 -36.31
C GLU A 483 17.17 13.46 -35.73
N PHE A 484 16.68 14.26 -34.79
CA PHE A 484 17.45 15.38 -34.26
C PHE A 484 18.75 14.95 -33.60
N GLY A 485 18.68 13.90 -32.77
CA GLY A 485 19.84 13.45 -32.02
C GLY A 485 21.06 13.11 -32.85
N TYR A 486 20.85 12.41 -33.97
CA TYR A 486 21.95 12.04 -34.85
C TYR A 486 22.49 13.25 -35.62
N TYR A 487 21.60 14.06 -36.17
CA TYR A 487 22.02 15.16 -37.04
C TYR A 487 22.52 16.36 -36.26
N ALA A 488 22.18 16.46 -34.97
CA ALA A 488 22.60 17.63 -34.19
C ALA A 488 24.11 17.78 -34.11
N PRO A 489 24.90 16.74 -33.81
CA PRO A 489 26.36 16.91 -33.90
C PRO A 489 26.84 17.25 -35.30
N LEU A 490 26.44 16.46 -36.30
CA LEU A 490 26.94 16.61 -37.66
C LEU A 490 26.50 17.93 -38.28
N ILE A 491 25.62 18.66 -37.60
CA ILE A 491 25.24 20.01 -38.03
C ILE A 491 25.99 21.04 -37.20
N ARG A 492 25.80 21.04 -35.89
CA ARG A 492 26.32 22.12 -35.05
C ARG A 492 27.84 22.05 -34.94
N LYS A 493 28.40 20.88 -34.64
CA LYS A 493 29.84 20.78 -34.40
C LYS A 493 30.61 20.83 -35.72
N CYS A 494 29.95 20.41 -36.81
CA CYS A 494 30.60 20.43 -38.15
C CYS A 494 30.64 21.87 -38.67
N GLN A 495 29.80 22.75 -38.10
CA GLN A 495 29.84 24.19 -38.49
C GLN A 495 30.64 24.98 -37.44
N SER A 496 30.85 24.39 -36.26
CA SER A 496 31.80 24.96 -35.28
C SER A 496 33.20 24.96 -35.89
N TYR A 497 33.56 23.90 -36.62
CA TYR A 497 34.87 23.85 -37.31
C TYR A 497 35.09 25.17 -38.06
N LYS A 498 34.09 25.59 -38.85
CA LYS A 498 34.21 26.83 -39.62
C LYS A 498 34.06 28.05 -38.73
N LYS A 499 33.09 28.02 -37.81
CA LYS A 499 32.81 29.13 -36.89
C LYS A 499 32.58 30.43 -37.66
N LEU B 5 -27.67 -20.70 24.64
CA LEU B 5 -28.13 -21.89 25.32
C LEU B 5 -27.47 -23.14 24.73
N SER B 6 -26.27 -22.98 24.19
CA SER B 6 -25.59 -24.11 23.56
C SER B 6 -24.68 -24.82 24.54
N LEU B 7 -23.65 -24.11 25.04
CA LEU B 7 -22.69 -24.61 26.01
C LEU B 7 -22.03 -25.92 25.59
N GLN B 8 -22.14 -26.31 24.31
CA GLN B 8 -21.65 -27.60 23.85
C GLN B 8 -20.44 -27.35 22.96
N LEU B 9 -19.30 -27.93 23.34
CA LEU B 9 -18.08 -27.79 22.55
C LEU B 9 -18.21 -28.58 21.25
N PRO B 10 -17.59 -28.13 20.17
CA PRO B 10 -17.62 -28.91 18.93
C PRO B 10 -16.84 -30.21 19.08
N TRP B 11 -17.22 -31.21 18.27
CA TRP B 11 -16.55 -32.51 18.32
C TRP B 11 -15.07 -32.37 18.00
N VAL B 12 -14.70 -31.36 17.22
CA VAL B 12 -13.29 -31.06 16.97
C VAL B 12 -12.60 -30.73 18.29
N GLU B 13 -13.24 -29.90 19.11
CA GLU B 13 -12.67 -29.53 20.39
C GLU B 13 -12.99 -30.54 21.47
N LYS B 14 -14.14 -31.21 21.37
CA LYS B 14 -14.57 -32.14 22.41
C LYS B 14 -13.58 -33.28 22.61
N TYR B 15 -13.29 -34.03 21.54
CA TYR B 15 -12.36 -35.15 21.65
C TYR B 15 -10.97 -34.75 21.15
N ARG B 16 -10.48 -33.60 21.57
CA ARG B 16 -9.14 -33.18 21.19
C ARG B 16 -8.10 -34.00 21.96
N PRO B 17 -7.10 -34.55 21.28
CA PRO B 17 -6.13 -35.39 21.97
C PRO B 17 -5.37 -34.63 23.05
N GLN B 18 -5.32 -35.21 24.25
CA GLN B 18 -4.56 -34.66 25.37
C GLN B 18 -3.30 -35.45 25.67
N VAL B 19 -3.07 -36.56 24.97
CA VAL B 19 -1.91 -37.41 25.17
C VAL B 19 -1.28 -37.67 23.80
N LEU B 20 0.00 -38.07 23.81
CA LEU B 20 0.71 -38.38 22.59
C LEU B 20 0.46 -39.82 22.14
N SER B 21 -0.57 -40.45 22.71
CA SER B 21 -0.90 -41.83 22.40
C SER B 21 -2.09 -42.00 21.47
N ASP B 22 -3.08 -41.12 21.55
CA ASP B 22 -4.27 -41.21 20.71
C ASP B 22 -4.16 -40.39 19.44
N ILE B 23 -3.01 -39.78 19.18
CA ILE B 23 -2.78 -39.01 17.96
C ILE B 23 -2.50 -40.01 16.84
N VAL B 24 -3.47 -40.17 15.94
CA VAL B 24 -3.33 -41.17 14.88
C VAL B 24 -2.54 -40.59 13.71
N GLY B 25 -1.88 -41.49 12.98
CA GLY B 25 -1.09 -41.11 11.83
C GLY B 25 0.34 -40.75 12.19
N ASN B 26 1.23 -40.94 11.23
CA ASN B 26 2.65 -40.66 11.38
C ASN B 26 3.22 -41.39 12.59
N LYS B 27 3.20 -42.73 12.49
CA LYS B 27 3.58 -43.57 13.63
C LYS B 27 5.01 -43.30 14.09
N GLU B 28 5.93 -43.19 13.13
CA GLU B 28 7.34 -42.97 13.48
C GLU B 28 7.54 -41.63 14.17
N THR B 29 6.91 -40.57 13.64
CA THR B 29 7.06 -39.25 14.24
C THR B 29 6.43 -39.20 15.62
N ILE B 30 5.27 -39.84 15.80
CA ILE B 30 4.62 -39.87 17.10
C ILE B 30 5.47 -40.66 18.09
N ASP B 31 6.09 -41.74 17.64
CA ASP B 31 7.00 -42.50 18.51
C ASP B 31 8.21 -41.67 18.90
N ARG B 32 8.74 -40.88 17.96
CA ARG B 32 9.85 -39.99 18.29
C ARG B 32 9.43 -38.94 19.31
N LEU B 33 8.22 -38.39 19.17
CA LEU B 33 7.72 -37.44 20.16
C LEU B 33 7.54 -38.09 21.52
N GLN B 34 7.07 -39.35 21.54
CA GLN B 34 6.97 -40.07 22.79
C GLN B 34 8.34 -40.29 23.43
N GLN B 35 9.35 -40.61 22.62
CA GLN B 35 10.70 -40.74 23.14
C GLN B 35 11.20 -39.41 23.70
N ILE B 36 10.90 -38.31 23.02
CA ILE B 36 11.27 -36.98 23.52
C ILE B 36 10.63 -36.72 24.87
N ALA B 37 9.34 -37.05 24.99
CA ALA B 37 8.63 -36.86 26.26
C ALA B 37 9.23 -37.73 27.36
N LYS B 38 9.60 -38.97 27.02
CA LYS B 38 10.19 -39.88 28.00
C LYS B 38 11.54 -39.36 28.49
N ASP B 39 12.39 -38.92 27.56
CA ASP B 39 13.73 -38.45 27.92
C ASP B 39 13.68 -37.00 28.39
N GLY B 40 13.23 -36.10 27.53
CA GLY B 40 13.12 -34.70 27.88
C GLY B 40 14.02 -33.79 27.08
N ASN B 41 15.04 -34.37 26.44
CA ASN B 41 15.98 -33.60 25.63
C ASN B 41 15.32 -33.23 24.31
N MET B 42 14.42 -32.26 24.37
CA MET B 42 13.70 -31.82 23.19
C MET B 42 14.57 -30.87 22.37
N PRO B 43 14.84 -31.17 21.10
CA PRO B 43 15.51 -30.21 20.23
C PRO B 43 14.53 -29.26 19.58
N HIS B 44 15.06 -28.20 18.98
CA HIS B 44 14.24 -27.27 18.22
C HIS B 44 13.60 -28.01 17.03
N MET B 45 12.30 -27.82 16.86
CA MET B 45 11.54 -28.55 15.85
C MET B 45 10.74 -27.58 15.00
N ILE B 46 10.62 -27.93 13.72
CA ILE B 46 9.78 -27.20 12.78
C ILE B 46 8.84 -28.21 12.12
N ILE B 47 7.62 -28.33 12.67
CA ILE B 47 6.68 -29.30 12.13
C ILE B 47 6.00 -28.72 10.90
N SER B 48 6.03 -29.47 9.80
CA SER B 48 5.47 -29.02 8.54
C SER B 48 4.55 -30.09 7.97
N GLY B 49 3.44 -29.67 7.40
CA GLY B 49 2.50 -30.59 6.79
C GLY B 49 1.26 -29.86 6.34
N MET B 50 0.35 -30.64 5.76
CA MET B 50 -0.94 -30.11 5.31
C MET B 50 -1.79 -29.74 6.53
N PRO B 51 -2.76 -28.84 6.38
CA PRO B 51 -3.58 -28.46 7.54
C PRO B 51 -4.40 -29.61 8.08
N GLY B 52 -4.63 -29.58 9.39
CA GLY B 52 -5.49 -30.54 10.05
C GLY B 52 -4.99 -31.98 10.09
N ILE B 53 -3.71 -32.17 10.44
CA ILE B 53 -3.17 -33.51 10.63
C ILE B 53 -2.51 -33.68 11.99
N GLY B 54 -2.82 -32.82 12.97
CA GLY B 54 -2.31 -32.97 14.30
C GLY B 54 -1.03 -32.21 14.61
N LYS B 55 -0.64 -31.25 13.77
CA LYS B 55 0.61 -30.53 14.01
C LYS B 55 0.55 -29.74 15.31
N THR B 56 -0.50 -28.94 15.50
CA THR B 56 -0.62 -28.14 16.71
C THR B 56 -0.89 -29.03 17.93
N THR B 57 -1.77 -30.02 17.76
CA THR B 57 -2.13 -30.89 18.88
C THR B 57 -0.93 -31.68 19.38
N SER B 58 -0.07 -32.14 18.46
CA SER B 58 1.12 -32.87 18.87
C SER B 58 2.05 -31.97 19.70
N VAL B 59 2.23 -30.72 19.27
CA VAL B 59 3.09 -29.80 20.01
C VAL B 59 2.51 -29.53 21.39
N HIS B 60 1.20 -29.31 21.48
CA HIS B 60 0.59 -29.05 22.78
C HIS B 60 0.68 -30.28 23.69
N CYS B 61 0.48 -31.48 23.14
CA CYS B 61 0.55 -32.69 23.94
C CYS B 61 1.98 -32.93 24.45
N LEU B 62 2.98 -32.73 23.58
CA LEU B 62 4.36 -32.91 24.04
C LEU B 62 4.74 -31.85 25.06
N ALA B 63 4.24 -30.62 24.91
CA ALA B 63 4.49 -29.60 25.93
C ALA B 63 3.85 -30.00 27.27
N HIS B 64 2.63 -30.52 27.23
CA HIS B 64 1.97 -30.96 28.45
C HIS B 64 2.73 -32.10 29.11
N GLU B 65 3.19 -33.07 28.32
CA GLU B 65 3.90 -34.21 28.89
C GLU B 65 5.36 -33.91 29.24
N LEU B 66 5.93 -32.79 28.79
CA LEU B 66 7.29 -32.43 29.19
C LEU B 66 7.27 -31.50 30.39
N LEU B 67 6.60 -30.35 30.26
CA LEU B 67 6.54 -29.41 31.37
C LEU B 67 5.73 -29.96 32.54
N GLY B 68 4.62 -30.65 32.25
CA GLY B 68 3.79 -31.21 33.29
C GLY B 68 3.09 -30.17 34.13
N ARG B 69 3.43 -30.12 35.42
CA ARG B 69 2.83 -29.13 36.30
C ARG B 69 3.28 -27.72 35.96
N SER B 70 4.47 -27.59 35.37
CA SER B 70 5.01 -26.28 35.01
C SER B 70 4.50 -25.77 33.67
N TYR B 71 3.44 -26.37 33.11
CA TYR B 71 2.91 -25.92 31.84
C TYR B 71 2.34 -24.50 31.90
N ALA B 72 1.94 -24.05 33.09
CA ALA B 72 1.32 -22.72 33.20
C ALA B 72 2.32 -21.62 32.86
N ASP B 73 3.56 -21.76 33.30
CA ASP B 73 4.58 -20.73 33.11
C ASP B 73 5.79 -21.26 32.33
N GLY B 74 5.63 -22.39 31.66
CA GLY B 74 6.75 -22.98 30.93
C GLY B 74 6.62 -22.92 29.43
N VAL B 75 5.41 -22.62 28.93
CA VAL B 75 5.14 -22.55 27.51
C VAL B 75 4.59 -21.16 27.18
N LEU B 76 5.02 -20.62 26.05
CA LEU B 76 4.56 -19.32 25.55
C LEU B 76 4.01 -19.56 24.14
N GLU B 77 2.69 -19.77 24.06
CA GLU B 77 2.04 -20.07 22.79
C GLU B 77 1.74 -18.76 22.07
N LEU B 78 2.57 -18.41 21.09
CA LEU B 78 2.34 -17.25 20.24
C LEU B 78 1.77 -17.71 18.90
N ASN B 79 0.99 -16.83 18.28
CA ASN B 79 0.25 -17.20 17.09
C ASN B 79 0.02 -15.97 16.22
N ALA B 80 -0.53 -16.21 15.03
CA ALA B 80 -0.82 -15.11 14.12
C ALA B 80 -1.87 -14.17 14.68
N SER B 81 -2.79 -14.70 15.50
CA SER B 81 -3.79 -13.86 16.13
C SER B 81 -3.15 -12.84 17.07
N ASP B 82 -2.17 -13.28 17.84
CA ASP B 82 -1.40 -12.37 18.67
C ASP B 82 -0.41 -11.59 17.82
N ASP B 83 0.00 -10.43 18.33
CA ASP B 83 0.96 -9.60 17.61
C ASP B 83 2.33 -10.27 17.61
N ARG B 84 2.87 -10.50 16.41
CA ARG B 84 4.19 -11.11 16.25
C ARG B 84 5.04 -10.21 15.35
N GLY B 85 5.73 -9.26 15.98
CA GLY B 85 6.64 -8.38 15.29
C GLY B 85 8.03 -8.40 15.91
N ILE B 86 8.91 -7.56 15.37
CA ILE B 86 10.26 -7.47 15.91
C ILE B 86 10.24 -7.00 17.36
N ASP B 87 9.33 -6.07 17.68
CA ASP B 87 9.22 -5.58 19.05
C ASP B 87 8.77 -6.67 20.00
N VAL B 88 7.79 -7.48 19.57
CA VAL B 88 7.27 -8.52 20.46
C VAL B 88 8.31 -9.61 20.65
N VAL B 89 9.03 -9.97 19.59
CA VAL B 89 10.13 -10.93 19.72
C VAL B 89 11.26 -10.40 20.59
N ARG B 90 11.53 -9.09 20.54
CA ARG B 90 12.60 -8.49 21.32
C ARG B 90 12.21 -8.26 22.77
N ASN B 91 10.92 -8.22 23.10
CA ASN B 91 10.55 -8.01 24.50
C ASN B 91 9.90 -9.24 25.14
N GLN B 92 8.77 -9.69 24.60
CA GLN B 92 8.03 -10.77 25.25
C GLN B 92 8.77 -12.10 25.13
N ILE B 93 9.21 -12.43 23.92
CA ILE B 93 9.94 -13.68 23.72
C ILE B 93 11.27 -13.64 24.45
N LYS B 94 11.95 -12.48 24.42
CA LYS B 94 13.23 -12.35 25.12
C LYS B 94 13.05 -12.56 26.62
N HIS B 95 12.02 -11.95 27.21
CA HIS B 95 11.81 -12.08 28.65
C HIS B 95 11.37 -13.48 29.02
N PHE B 96 10.54 -14.12 28.19
CA PHE B 96 10.13 -15.49 28.48
C PHE B 96 11.32 -16.44 28.40
N ALA B 97 12.16 -16.31 27.37
CA ALA B 97 13.34 -17.14 27.25
C ALA B 97 14.35 -16.84 28.35
N GLN B 98 14.52 -15.56 28.68
CA GLN B 98 15.47 -15.17 29.72
C GLN B 98 14.99 -15.53 31.11
N LYS B 99 13.71 -15.85 31.28
CA LYS B 99 13.18 -16.18 32.60
C LYS B 99 13.85 -17.44 33.14
N LYS B 100 14.25 -17.38 34.41
CA LYS B 100 14.90 -18.50 35.08
C LYS B 100 13.84 -19.30 35.83
N LEU B 101 13.27 -20.27 35.12
CA LEU B 101 12.23 -21.13 35.68
C LEU B 101 12.84 -22.49 36.02
N HIS B 102 12.72 -22.89 37.29
CA HIS B 102 13.20 -24.20 37.69
C HIS B 102 12.30 -25.30 37.11
N LEU B 103 12.93 -26.31 36.53
CA LEU B 103 12.23 -27.37 35.83
C LEU B 103 12.80 -28.72 36.26
N PRO B 104 12.04 -29.79 36.07
CA PRO B 104 12.57 -31.13 36.35
C PRO B 104 13.79 -31.41 35.49
N PRO B 105 14.60 -32.39 35.86
CA PRO B 105 15.84 -32.67 35.10
C PRO B 105 15.55 -32.95 33.64
N GLY B 106 16.38 -32.38 32.77
CA GLY B 106 16.22 -32.57 31.34
C GLY B 106 14.93 -31.98 30.78
N LYS B 107 14.49 -30.84 31.33
CA LYS B 107 13.29 -30.17 30.85
C LYS B 107 13.62 -28.74 30.47
N HIS B 108 13.05 -28.28 29.36
CA HIS B 108 13.29 -26.94 28.85
C HIS B 108 11.96 -26.28 28.50
N LYS B 109 11.92 -24.95 28.60
CA LYS B 109 10.73 -24.19 28.22
C LYS B 109 10.46 -24.35 26.72
N ILE B 110 9.19 -24.34 26.34
CA ILE B 110 8.79 -24.58 24.95
C ILE B 110 8.06 -23.33 24.47
N VAL B 111 8.70 -22.55 23.61
CA VAL B 111 8.07 -21.39 22.99
C VAL B 111 7.30 -21.88 21.77
N ILE B 112 5.99 -22.04 21.90
CA ILE B 112 5.18 -22.57 20.81
C ILE B 112 4.85 -21.45 19.83
N LEU B 113 5.70 -21.30 18.81
CA LEU B 113 5.48 -20.28 17.78
C LEU B 113 4.65 -20.87 16.63
N ASP B 114 3.39 -21.15 16.94
CA ASP B 114 2.47 -21.71 15.96
C ASP B 114 2.22 -20.69 14.85
N GLU B 115 1.94 -21.21 13.65
CA GLU B 115 1.76 -20.39 12.45
C GLU B 115 2.97 -19.49 12.21
N ALA B 116 4.16 -20.08 12.39
CA ALA B 116 5.40 -19.33 12.20
C ALA B 116 5.64 -18.93 10.75
N ASP B 117 4.90 -19.52 9.80
CA ASP B 117 5.06 -19.16 8.40
C ASP B 117 4.54 -17.75 8.10
N SER B 118 3.73 -17.18 9.00
CA SER B 118 3.16 -15.85 8.80
C SER B 118 3.93 -14.76 9.54
N MET B 119 5.09 -15.10 10.10
CA MET B 119 5.86 -14.13 10.86
C MET B 119 6.71 -13.27 9.91
N THR B 120 6.97 -12.04 10.34
CA THR B 120 7.71 -11.07 9.55
C THR B 120 9.19 -11.46 9.50
N ALA B 121 9.88 -11.00 8.46
CA ALA B 121 11.29 -11.34 8.29
C ALA B 121 12.14 -10.82 9.44
N GLY B 122 11.89 -9.58 9.87
CA GLY B 122 12.65 -9.03 10.99
C GLY B 122 12.42 -9.80 12.28
N ALA B 123 11.19 -10.28 12.49
CA ALA B 123 10.91 -11.10 13.66
C ALA B 123 11.72 -12.39 13.62
N GLN B 124 11.84 -13.00 12.45
CA GLN B 124 12.64 -14.22 12.34
C GLN B 124 14.13 -13.92 12.51
N GLN B 125 14.58 -12.76 12.04
CA GLN B 125 15.98 -12.38 12.27
C GLN B 125 16.27 -12.19 13.75
N ALA B 126 15.33 -11.59 14.49
CA ALA B 126 15.49 -11.47 15.94
C ALA B 126 15.36 -12.82 16.62
N LEU B 127 14.55 -13.72 16.05
CA LEU B 127 14.46 -15.08 16.58
C LEU B 127 15.80 -15.80 16.46
N ARG B 128 16.51 -15.56 15.35
CA ARG B 128 17.86 -16.11 15.21
C ARG B 128 18.73 -15.72 16.40
N ARG B 129 18.77 -14.42 16.72
CA ARG B 129 19.61 -13.94 17.80
C ARG B 129 19.17 -14.49 19.15
N THR B 130 17.86 -14.49 19.41
CA THR B 130 17.39 -14.94 20.72
C THR B 130 17.57 -16.44 20.90
N MET B 131 17.47 -17.21 19.81
CA MET B 131 17.70 -18.64 19.87
C MET B 131 19.18 -18.97 20.00
N GLU B 132 20.03 -18.12 19.45
CA GLU B 132 21.50 -18.35 19.55
C GLU B 132 21.94 -18.20 21.01
N LEU B 133 21.26 -17.36 21.80
CA LEU B 133 21.70 -17.09 23.20
C LEU B 133 20.87 -17.89 24.20
N TYR B 134 19.63 -18.22 23.83
CA TYR B 134 18.72 -18.94 24.78
C TYR B 134 18.24 -20.23 24.15
N SER B 135 19.03 -21.30 24.26
CA SER B 135 18.60 -22.63 23.73
C SER B 135 18.96 -23.70 24.77
N ASN B 136 19.63 -23.30 25.85
CA ASN B 136 19.97 -24.25 26.93
C ASN B 136 18.83 -24.27 27.94
N SER B 137 17.93 -23.27 27.86
CA SER B 137 16.81 -23.17 28.82
C SER B 137 15.48 -23.22 28.08
N THR B 138 15.46 -22.78 26.81
CA THR B 138 14.20 -22.76 26.03
C THR B 138 14.41 -23.48 24.69
N ARG B 139 13.38 -24.16 24.21
CA ARG B 139 13.43 -24.89 22.94
C ARG B 139 12.20 -24.49 22.12
N PHE B 140 12.42 -23.69 21.08
CA PHE B 140 11.34 -23.24 20.22
C PHE B 140 10.72 -24.41 19.46
N ALA B 141 9.39 -24.38 19.32
CA ALA B 141 8.63 -25.42 18.62
C ALA B 141 7.80 -24.74 17.54
N PHE B 142 8.37 -24.62 16.35
CA PHE B 142 7.66 -24.00 15.23
C PHE B 142 6.60 -24.94 14.68
N ALA B 143 5.58 -24.36 14.06
CA ALA B 143 4.49 -25.13 13.45
C ALA B 143 3.97 -24.34 12.26
N CYS B 144 4.26 -24.83 11.06
CA CYS B 144 3.89 -24.15 9.83
C CYS B 144 3.45 -25.16 8.78
N ASN B 145 2.69 -24.67 7.79
CA ASN B 145 2.27 -25.51 6.68
C ASN B 145 3.34 -25.63 5.61
N GLN B 146 4.36 -24.78 5.64
CA GLN B 146 5.45 -24.81 4.66
C GLN B 146 6.74 -24.42 5.36
N SER B 147 7.74 -25.30 5.30
CA SER B 147 9.01 -25.03 5.99
C SER B 147 9.80 -23.94 5.29
N ASN B 148 9.58 -23.75 3.98
CA ASN B 148 10.35 -22.76 3.24
C ASN B 148 10.07 -21.34 3.73
N LYS B 149 8.89 -21.12 4.33
CA LYS B 149 8.57 -19.79 4.84
C LYS B 149 9.51 -19.39 5.98
N ILE B 150 9.87 -20.33 6.85
CA ILE B 150 10.86 -20.05 7.88
C ILE B 150 12.23 -19.94 7.23
N ILE B 151 12.95 -18.87 7.55
CA ILE B 151 14.22 -18.61 6.87
C ILE B 151 15.22 -19.73 7.16
N GLU B 152 16.09 -19.99 6.18
CA GLU B 152 17.10 -21.03 6.33
C GLU B 152 18.01 -20.83 7.54
N PRO B 153 18.46 -19.60 7.90
CA PRO B 153 19.28 -19.46 9.11
C PRO B 153 18.59 -19.98 10.37
N LEU B 154 17.27 -19.84 10.44
CA LEU B 154 16.48 -20.43 11.51
C LEU B 154 16.40 -21.95 11.41
N GLN B 155 16.24 -22.49 10.20
CA GLN B 155 16.21 -23.94 10.02
C GLN B 155 17.56 -24.59 10.27
N SER B 156 18.64 -23.80 10.31
CA SER B 156 19.97 -24.36 10.49
C SER B 156 20.11 -25.07 11.84
N ARG B 157 19.59 -24.46 12.90
CA ARG B 157 19.72 -25.01 14.24
C ARG B 157 18.45 -25.69 14.73
N CYS B 158 17.47 -25.89 13.86
CA CYS B 158 16.19 -26.51 14.22
C CYS B 158 16.04 -27.82 13.48
N ALA B 159 15.77 -28.90 14.21
CA ALA B 159 15.47 -30.17 13.58
C ALA B 159 14.14 -30.09 12.84
N ILE B 160 14.04 -30.85 11.75
CA ILE B 160 12.86 -30.81 10.89
C ILE B 160 12.12 -32.13 11.03
N LEU B 161 10.84 -32.05 11.36
CA LEU B 161 9.94 -33.20 11.43
C LEU B 161 8.72 -32.93 10.55
N ARG B 162 8.83 -33.29 9.27
CA ARG B 162 7.73 -33.05 8.34
C ARG B 162 6.63 -34.08 8.53
N TYR B 163 5.40 -33.60 8.69
CA TYR B 163 4.24 -34.46 8.83
C TYR B 163 3.68 -34.84 7.47
N SER B 164 3.13 -36.05 7.40
CA SER B 164 2.54 -36.57 6.18
C SER B 164 1.03 -36.63 6.32
N LYS B 165 0.34 -36.78 5.20
CA LYS B 165 -1.11 -36.89 5.20
C LYS B 165 -1.56 -38.12 5.96
N LEU B 166 -2.58 -37.95 6.79
CA LEU B 166 -3.12 -39.07 7.56
C LEU B 166 -3.74 -40.11 6.62
N SER B 167 -3.42 -41.37 6.86
CA SER B 167 -3.93 -42.44 6.01
C SER B 167 -5.40 -42.70 6.31
N ASP B 168 -6.03 -43.49 5.45
CA ASP B 168 -7.43 -43.86 5.60
C ASP B 168 -7.68 -44.84 6.73
N GLU B 169 -6.62 -45.39 7.33
CA GLU B 169 -6.73 -46.33 8.43
C GLU B 169 -6.63 -45.66 9.80
N ASP B 170 -5.66 -44.75 9.97
CA ASP B 170 -5.56 -44.01 11.23
C ASP B 170 -6.78 -43.10 11.43
N VAL B 171 -7.22 -42.45 10.35
CA VAL B 171 -8.43 -41.63 10.41
C VAL B 171 -9.63 -42.49 10.80
N LEU B 172 -9.73 -43.68 10.19
CA LEU B 172 -10.82 -44.59 10.53
C LEU B 172 -10.75 -45.02 11.99
N LYS B 173 -9.55 -45.29 12.50
CA LYS B 173 -9.39 -45.67 13.90
C LYS B 173 -9.86 -44.56 14.83
N ARG B 174 -9.41 -43.34 14.59
CA ARG B 174 -9.82 -42.23 15.45
C ARG B 174 -11.31 -41.96 15.33
N LEU B 175 -11.87 -42.09 14.12
CA LEU B 175 -13.30 -41.90 13.93
C LEU B 175 -14.10 -42.96 14.68
N LEU B 176 -13.61 -44.21 14.67
CA LEU B 176 -14.28 -45.27 15.42
C LEU B 176 -14.20 -45.01 16.91
N GLN B 177 -13.06 -44.50 17.39
CA GLN B 177 -12.95 -44.14 18.80
C GLN B 177 -13.96 -43.07 19.16
N ILE B 178 -14.10 -42.04 18.32
CA ILE B 178 -15.08 -40.99 18.56
C ILE B 178 -16.50 -41.56 18.56
N ILE B 179 -16.79 -42.45 17.61
CA ILE B 179 -18.11 -43.06 17.52
C ILE B 179 -18.42 -43.85 18.79
N LYS B 180 -17.46 -44.64 19.26
CA LYS B 180 -17.67 -45.43 20.46
C LYS B 180 -17.86 -44.54 21.69
N LEU B 181 -17.07 -43.47 21.78
CA LEU B 181 -17.15 -42.58 22.93
C LEU B 181 -18.38 -41.68 22.86
N GLU B 182 -19.06 -41.65 21.70
CA GLU B 182 -20.24 -40.83 21.54
C GLU B 182 -21.51 -41.64 21.26
N ASP B 183 -21.38 -42.94 20.99
CA ASP B 183 -22.52 -43.82 20.71
C ASP B 183 -23.36 -43.27 19.56
N VAL B 184 -22.74 -43.26 18.38
CA VAL B 184 -23.38 -42.73 17.17
C VAL B 184 -23.57 -43.89 16.20
N LYS B 185 -24.81 -44.08 15.74
CA LYS B 185 -25.10 -45.08 14.73
C LYS B 185 -24.36 -44.76 13.44
N TYR B 186 -23.69 -45.76 12.87
CA TYR B 186 -22.83 -45.56 11.72
C TYR B 186 -23.13 -46.60 10.65
N THR B 187 -22.61 -46.36 9.45
CA THR B 187 -22.62 -47.31 8.36
C THR B 187 -21.22 -47.38 7.77
N ASN B 188 -20.81 -48.57 7.33
CA ASN B 188 -19.48 -48.74 6.77
C ASN B 188 -19.29 -47.84 5.55
N ASP B 189 -20.28 -47.81 4.66
CA ASP B 189 -20.22 -46.92 3.51
C ASP B 189 -20.21 -45.45 3.95
N GLY B 190 -20.90 -45.14 5.05
CA GLY B 190 -20.87 -43.78 5.57
C GLY B 190 -19.49 -43.37 6.02
N LEU B 191 -18.81 -44.24 6.77
CA LEU B 191 -17.45 -43.92 7.21
C LEU B 191 -16.50 -43.85 6.03
N GLU B 192 -16.69 -44.73 5.03
CA GLU B 192 -15.85 -44.65 3.83
C GLU B 192 -16.05 -43.32 3.10
N ALA B 193 -17.30 -42.86 3.01
CA ALA B 193 -17.57 -41.58 2.38
C ALA B 193 -16.98 -40.43 3.19
N ILE B 194 -17.04 -40.52 4.52
CA ILE B 194 -16.43 -39.50 5.37
C ILE B 194 -14.92 -39.42 5.13
N ILE B 195 -14.27 -40.59 5.08
CA ILE B 195 -12.84 -40.63 4.83
C ILE B 195 -12.52 -40.07 3.43
N PHE B 196 -13.35 -40.42 2.46
CA PHE B 196 -13.14 -39.95 1.09
C PHE B 196 -13.25 -38.42 1.00
N THR B 197 -14.25 -37.85 1.66
CA THR B 197 -14.42 -36.39 1.63
C THR B 197 -13.41 -35.69 2.52
N ALA B 198 -12.80 -36.42 3.46
CA ALA B 198 -11.82 -35.81 4.35
C ALA B 198 -10.56 -35.40 3.60
N GLU B 199 -10.15 -36.19 2.61
CA GLU B 199 -8.93 -35.95 1.85
C GLU B 199 -7.71 -35.90 2.77
N GLY B 200 -7.70 -36.79 3.76
CA GLY B 200 -6.61 -36.85 4.71
C GLY B 200 -6.66 -35.81 5.82
N ASP B 201 -7.75 -35.06 5.92
CA ASP B 201 -7.92 -34.04 6.95
C ASP B 201 -8.78 -34.63 8.06
N MET B 202 -8.17 -34.86 9.23
CA MET B 202 -8.90 -35.46 10.34
C MET B 202 -9.94 -34.51 10.90
N ARG B 203 -9.58 -33.23 11.03
CA ARG B 203 -10.52 -32.24 11.57
C ARG B 203 -11.73 -32.09 10.65
N GLN B 204 -11.49 -32.08 9.33
CA GLN B 204 -12.60 -32.02 8.39
C GLN B 204 -13.49 -33.26 8.49
N ALA B 205 -12.90 -34.44 8.68
CA ALA B 205 -13.69 -35.65 8.86
C ALA B 205 -14.54 -35.57 10.11
N ILE B 206 -13.97 -35.06 11.21
CA ILE B 206 -14.71 -34.93 12.45
C ILE B 206 -15.88 -33.96 12.26
N ASN B 207 -15.62 -32.83 11.61
CA ASN B 207 -16.68 -31.85 11.36
C ASN B 207 -17.78 -32.44 10.49
N ASN B 208 -17.40 -33.19 9.45
CA ASN B 208 -18.39 -33.82 8.58
C ASN B 208 -19.24 -34.83 9.34
N LEU B 209 -18.60 -35.65 10.18
CA LEU B 209 -19.34 -36.62 10.99
C LEU B 209 -20.29 -35.93 11.94
N GLN B 210 -19.83 -34.85 12.59
CA GLN B 210 -20.67 -34.11 13.51
C GLN B 210 -21.87 -33.51 12.80
N SER B 211 -21.65 -32.90 11.64
CA SER B 211 -22.74 -32.33 10.87
C SER B 211 -23.73 -33.41 10.44
N THR B 212 -23.21 -34.55 9.98
CA THR B 212 -24.09 -35.63 9.52
C THR B 212 -24.96 -36.15 10.67
N VAL B 213 -24.35 -36.39 11.83
CA VAL B 213 -25.12 -36.95 12.94
C VAL B 213 -26.11 -35.93 13.48
N ALA B 214 -25.72 -34.65 13.50
CA ALA B 214 -26.59 -33.61 14.06
C ALA B 214 -27.71 -33.21 13.10
N GLY B 215 -27.55 -33.45 11.81
CA GLY B 215 -28.58 -33.04 10.87
C GLY B 215 -29.42 -34.17 10.33
N HIS B 216 -28.90 -35.40 10.33
CA HIS B 216 -29.62 -36.52 9.72
C HIS B 216 -29.66 -37.75 10.62
N GLY B 217 -28.85 -37.83 11.67
CA GLY B 217 -28.86 -38.98 12.55
C GLY B 217 -27.95 -40.10 12.10
N LEU B 218 -28.51 -41.10 11.44
CA LEU B 218 -27.72 -42.22 10.94
C LEU B 218 -26.70 -41.76 9.92
N VAL B 219 -25.48 -42.23 10.07
CA VAL B 219 -24.37 -41.81 9.20
C VAL B 219 -24.12 -42.86 8.13
N ASN B 220 -24.74 -42.69 6.97
CA ASN B 220 -24.48 -43.53 5.81
C ASN B 220 -24.04 -42.66 4.63
N ALA B 221 -23.80 -43.32 3.49
CA ALA B 221 -23.32 -42.62 2.31
C ALA B 221 -24.32 -41.57 1.84
N ASP B 222 -25.61 -41.91 1.84
CA ASP B 222 -26.62 -40.96 1.39
C ASP B 222 -26.67 -39.72 2.27
N ASN B 223 -26.72 -39.92 3.59
CA ASN B 223 -26.79 -38.79 4.50
C ASN B 223 -25.49 -37.98 4.52
N VAL B 224 -24.35 -38.64 4.33
CA VAL B 224 -23.09 -37.90 4.26
C VAL B 224 -23.02 -37.05 2.99
N PHE B 225 -23.45 -37.61 1.86
CA PHE B 225 -23.36 -36.92 0.57
C PHE B 225 -24.49 -35.92 0.36
N LYS B 226 -25.55 -35.96 1.16
CA LYS B 226 -26.60 -34.96 1.06
C LYS B 226 -26.30 -33.71 1.86
N ILE B 227 -25.21 -33.69 2.64
CA ILE B 227 -24.80 -32.50 3.36
C ILE B 227 -23.39 -32.10 2.91
N VAL B 228 -22.51 -33.09 2.80
CA VAL B 228 -21.14 -32.86 2.33
C VAL B 228 -21.10 -33.08 0.83
N ASP B 229 -20.18 -32.42 0.14
CA ASP B 229 -20.06 -32.49 -1.30
C ASP B 229 -18.76 -33.16 -1.69
N SER B 230 -18.77 -33.85 -2.82
CA SER B 230 -17.56 -34.50 -3.31
C SER B 230 -16.50 -33.44 -3.63
N PRO B 231 -15.23 -33.73 -3.38
CA PRO B 231 -14.18 -32.73 -3.65
C PRO B 231 -14.14 -32.31 -5.10
N HIS B 232 -14.18 -31.00 -5.33
CA HIS B 232 -14.12 -30.45 -6.68
C HIS B 232 -12.76 -30.62 -7.35
N PRO B 233 -11.62 -30.76 -6.62
CA PRO B 233 -10.37 -31.11 -7.32
C PRO B 233 -10.45 -32.46 -8.03
N LEU B 234 -11.42 -33.29 -7.66
CA LEU B 234 -11.63 -34.57 -8.31
C LEU B 234 -12.55 -34.47 -9.52
N ILE B 235 -13.61 -33.67 -9.44
CA ILE B 235 -14.43 -33.43 -10.63
C ILE B 235 -13.62 -32.69 -11.69
N VAL B 236 -12.76 -31.76 -11.27
CA VAL B 236 -11.89 -31.05 -12.22
C VAL B 236 -10.95 -32.03 -12.90
N LYS B 237 -10.35 -32.94 -12.14
CA LYS B 237 -9.49 -33.95 -12.75
C LYS B 237 -10.28 -34.86 -13.68
N LYS B 238 -11.51 -35.19 -13.30
CA LYS B 238 -12.35 -36.01 -14.17
C LYS B 238 -12.65 -35.33 -15.49
N MET B 239 -12.94 -34.04 -15.47
CA MET B 239 -13.24 -33.31 -16.70
C MET B 239 -12.00 -33.00 -17.53
N LEU B 240 -10.84 -32.85 -16.88
CA LEU B 240 -9.62 -32.59 -17.64
C LEU B 240 -9.10 -33.85 -18.33
N LEU B 241 -9.33 -35.02 -17.73
CA LEU B 241 -8.84 -36.29 -18.25
C LEU B 241 -9.87 -36.99 -19.13
N ALA B 242 -11.02 -36.36 -19.38
CA ALA B 242 -12.03 -36.96 -20.24
C ALA B 242 -11.55 -36.98 -21.68
N SER B 243 -11.62 -38.15 -22.31
CA SER B 243 -11.17 -38.29 -23.69
C SER B 243 -12.09 -37.54 -24.65
N ASN B 244 -13.39 -37.61 -24.41
CA ASN B 244 -14.36 -36.98 -25.30
C ASN B 244 -14.73 -35.59 -24.80
N LEU B 245 -14.86 -34.66 -25.74
CA LEU B 245 -15.13 -33.26 -25.38
C LEU B 245 -16.52 -33.11 -24.76
N GLU B 246 -17.50 -33.85 -25.29
CA GLU B 246 -18.87 -33.76 -24.77
C GLU B 246 -18.94 -34.20 -23.32
N ASP B 247 -18.22 -35.25 -22.97
CA ASP B 247 -18.21 -35.73 -21.59
C ASP B 247 -17.68 -34.67 -20.65
N SER B 248 -16.56 -34.04 -21.01
CA SER B 248 -15.98 -33.00 -20.17
C SER B 248 -16.91 -31.79 -20.08
N ILE B 249 -17.55 -31.43 -21.19
CA ILE B 249 -18.48 -30.31 -21.20
C ILE B 249 -19.64 -30.57 -20.25
N GLN B 250 -20.19 -31.79 -20.28
CA GLN B 250 -21.27 -32.14 -19.36
C GLN B 250 -20.79 -32.15 -17.91
N ILE B 251 -19.60 -32.71 -17.65
CA ILE B 251 -19.05 -32.80 -16.30
C ILE B 251 -18.87 -31.40 -15.73
N LEU B 252 -18.46 -30.46 -16.58
CA LEU B 252 -18.37 -29.06 -16.18
C LEU B 252 -19.73 -28.44 -15.93
N ARG B 253 -20.59 -28.40 -16.94
CA ARG B 253 -21.88 -27.71 -16.86
C ARG B 253 -22.79 -28.26 -15.75
N THR B 254 -22.67 -29.53 -15.39
CA THR B 254 -23.60 -30.07 -14.40
C THR B 254 -23.00 -30.19 -13.01
N ASP B 255 -21.67 -30.26 -12.88
CA ASP B 255 -21.03 -30.53 -11.60
C ASP B 255 -20.18 -29.37 -11.09
N LEU B 256 -19.98 -28.31 -11.89
CA LEU B 256 -19.20 -27.18 -11.39
C LEU B 256 -19.92 -25.87 -11.66
N TRP B 257 -20.78 -25.83 -12.67
CA TRP B 257 -21.47 -24.58 -13.00
C TRP B 257 -22.82 -24.49 -12.31
N LYS B 258 -23.68 -25.49 -12.54
CA LYS B 258 -24.97 -25.52 -11.85
C LYS B 258 -24.81 -25.84 -10.38
N LYS B 259 -23.69 -26.49 -10.01
CA LYS B 259 -23.42 -26.75 -8.60
C LYS B 259 -23.10 -25.48 -7.83
N GLY B 260 -22.67 -24.43 -8.52
CA GLY B 260 -22.41 -23.15 -7.89
C GLY B 260 -20.96 -22.87 -7.57
N TYR B 261 -20.07 -23.13 -8.52
CA TYR B 261 -18.65 -22.83 -8.38
C TYR B 261 -18.28 -21.74 -9.39
N SER B 262 -17.54 -20.73 -8.91
CA SER B 262 -17.13 -19.64 -9.79
C SER B 262 -16.12 -20.12 -10.82
N SER B 263 -16.09 -19.45 -11.97
CA SER B 263 -15.20 -19.85 -13.06
C SER B 263 -13.74 -19.70 -12.65
N ILE B 264 -13.42 -18.67 -11.87
CA ILE B 264 -12.04 -18.46 -11.42
C ILE B 264 -11.56 -19.63 -10.57
N ASP B 265 -12.45 -20.15 -9.71
CA ASP B 265 -12.11 -21.32 -8.91
C ASP B 265 -11.86 -22.54 -9.80
N ILE B 266 -12.68 -22.70 -10.85
CA ILE B 266 -12.56 -23.83 -11.77
C ILE B 266 -11.22 -23.75 -12.49
N VAL B 267 -10.79 -22.54 -12.85
CA VAL B 267 -9.53 -22.34 -13.54
C VAL B 267 -8.34 -22.59 -12.61
N THR B 268 -8.41 -22.09 -11.38
CA THR B 268 -7.31 -22.31 -10.44
C THR B 268 -7.18 -23.79 -10.07
N THR B 269 -8.30 -24.47 -9.83
CA THR B 269 -8.25 -25.89 -9.53
C THR B 269 -7.74 -26.68 -10.72
N SER B 270 -8.12 -26.29 -11.93
CA SER B 270 -7.60 -26.95 -13.12
C SER B 270 -6.10 -26.77 -13.25
N PHE B 271 -5.60 -25.57 -12.98
CA PHE B 271 -4.15 -25.33 -13.02
C PHE B 271 -3.42 -26.16 -11.98
N ARG B 272 -3.97 -26.23 -10.77
CA ARG B 272 -3.32 -27.03 -9.72
C ARG B 272 -3.33 -28.51 -10.07
N VAL B 273 -4.44 -29.02 -10.60
CA VAL B 273 -4.52 -30.43 -10.99
C VAL B 273 -3.54 -30.72 -12.11
N THR B 274 -3.45 -29.82 -13.09
CA THR B 274 -2.49 -30.02 -14.18
C THR B 274 -1.06 -30.02 -13.66
N LYS B 275 -0.77 -29.15 -12.68
CA LYS B 275 0.55 -29.17 -12.05
C LYS B 275 0.82 -30.50 -11.36
N ASN B 276 -0.18 -31.04 -10.66
CA ASN B 276 -0.03 -32.29 -9.92
C ASN B 276 -0.68 -33.47 -10.65
N LEU B 277 -0.62 -33.49 -11.98
CA LEU B 277 -1.25 -34.53 -12.76
C LEU B 277 -0.27 -35.68 -12.99
N ALA B 278 -0.72 -36.72 -13.69
CA ALA B 278 0.12 -37.87 -14.00
C ALA B 278 -0.41 -38.54 -15.27
N GLN B 279 0.43 -39.39 -15.85
CA GLN B 279 0.15 -40.16 -17.06
C GLN B 279 -0.08 -39.27 -18.28
N VAL B 280 0.42 -38.03 -18.27
CA VAL B 280 0.27 -37.11 -19.38
C VAL B 280 1.65 -36.65 -19.82
N LYS B 281 1.83 -36.49 -21.13
CA LYS B 281 3.12 -36.08 -21.67
C LYS B 281 3.45 -34.66 -21.25
N GLU B 282 4.76 -34.36 -21.17
CA GLU B 282 5.19 -33.04 -20.76
C GLU B 282 4.73 -31.95 -21.73
N SER B 283 4.79 -32.21 -23.02
CA SER B 283 4.29 -31.25 -24.01
C SER B 283 2.81 -31.00 -23.83
N VAL B 284 2.04 -32.08 -23.63
CA VAL B 284 0.62 -31.95 -23.38
C VAL B 284 0.37 -31.15 -22.10
N ARG B 285 1.16 -31.43 -21.06
CA ARG B 285 0.98 -30.72 -19.79
C ARG B 285 1.24 -29.23 -19.95
N LEU B 286 2.32 -28.86 -20.66
CA LEU B 286 2.64 -27.45 -20.81
C LEU B 286 1.63 -26.75 -21.72
N GLU B 287 1.13 -27.44 -22.74
CA GLU B 287 0.09 -26.85 -23.57
C GLU B 287 -1.19 -26.62 -22.78
N MET B 288 -1.56 -27.58 -21.94
CA MET B 288 -2.73 -27.39 -21.08
C MET B 288 -2.53 -26.24 -20.10
N ILE B 289 -1.30 -26.12 -19.56
CA ILE B 289 -1.01 -25.00 -18.67
C ILE B 289 -1.14 -23.67 -19.40
N LYS B 290 -0.65 -23.61 -20.65
CA LYS B 290 -0.78 -22.39 -21.43
C LYS B 290 -2.25 -22.04 -21.69
N GLU B 291 -3.05 -23.04 -22.03
CA GLU B 291 -4.48 -22.79 -22.26
C GLU B 291 -5.16 -22.32 -20.98
N ILE B 292 -4.82 -22.93 -19.85
CA ILE B 292 -5.38 -22.52 -18.56
C ILE B 292 -4.96 -21.09 -18.25
N GLY B 293 -3.73 -20.72 -18.60
CA GLY B 293 -3.28 -19.36 -18.37
C GLY B 293 -4.04 -18.35 -19.22
N LEU B 294 -4.26 -18.67 -20.49
CA LEU B 294 -5.06 -17.79 -21.35
C LEU B 294 -6.46 -17.63 -20.80
N THR B 295 -7.08 -18.74 -20.40
CA THR B 295 -8.42 -18.67 -19.82
C THR B 295 -8.42 -17.88 -18.51
N HIS B 296 -7.38 -18.02 -17.69
CA HIS B 296 -7.28 -17.28 -16.45
C HIS B 296 -7.19 -15.78 -16.72
N MET B 297 -6.41 -15.40 -17.74
CA MET B 297 -6.35 -13.99 -18.14
C MET B 297 -7.73 -13.49 -18.56
N ARG B 298 -8.44 -14.28 -19.36
CA ARG B 298 -9.76 -13.87 -19.82
C ARG B 298 -10.73 -13.73 -18.65
N ILE B 299 -10.66 -14.63 -17.68
CA ILE B 299 -11.51 -14.54 -16.50
C ILE B 299 -11.19 -13.30 -15.69
N LEU B 300 -9.89 -13.02 -15.49
CA LEU B 300 -9.49 -11.87 -14.69
C LEU B 300 -9.90 -10.56 -15.34
N GLU B 301 -9.80 -10.48 -16.66
CA GLU B 301 -10.15 -9.23 -17.34
C GLU B 301 -11.63 -8.87 -17.15
N GLY B 302 -12.49 -9.86 -16.91
CA GLY B 302 -13.89 -9.58 -16.67
C GLY B 302 -14.83 -10.32 -17.59
N VAL B 303 -14.30 -11.30 -18.32
CA VAL B 303 -15.07 -12.01 -19.33
C VAL B 303 -15.49 -13.36 -18.76
N GLY B 304 -15.53 -13.46 -17.43
CA GLY B 304 -15.83 -14.72 -16.77
C GLY B 304 -17.18 -15.29 -17.13
N THR B 305 -17.19 -16.35 -17.93
CA THR B 305 -18.43 -16.95 -18.44
C THR B 305 -18.18 -18.43 -18.67
N TYR B 306 -19.28 -19.18 -18.80
CA TYR B 306 -19.18 -20.60 -19.12
C TYR B 306 -18.54 -20.81 -20.49
N LEU B 307 -18.71 -19.85 -21.39
CA LEU B 307 -18.17 -19.98 -22.74
C LEU B 307 -16.64 -20.07 -22.72
N GLN B 308 -16.00 -19.27 -21.86
CA GLN B 308 -14.55 -19.29 -21.77
C GLN B 308 -14.05 -20.64 -21.26
N LEU B 309 -14.73 -21.21 -20.25
CA LEU B 309 -14.36 -22.52 -19.75
C LEU B 309 -14.55 -23.60 -20.81
N ALA B 310 -15.66 -23.51 -21.56
CA ALA B 310 -15.89 -24.46 -22.65
C ALA B 310 -14.80 -24.35 -23.71
N SER B 311 -14.38 -23.13 -24.02
CA SER B 311 -13.30 -22.94 -24.98
C SER B 311 -12.00 -23.52 -24.46
N MET B 312 -11.73 -23.35 -23.16
CA MET B 312 -10.53 -23.94 -22.57
C MET B 312 -10.55 -25.46 -22.68
N LEU B 313 -11.71 -26.07 -22.37
CA LEU B 313 -11.83 -27.51 -22.50
C LEU B 313 -11.66 -27.96 -23.95
N ALA B 314 -12.21 -27.19 -24.89
CA ALA B 314 -12.06 -27.53 -26.30
C ALA B 314 -10.60 -27.46 -26.73
N LYS B 315 -9.87 -26.43 -26.27
CA LYS B 315 -8.46 -26.32 -26.59
C LYS B 315 -7.66 -27.49 -26.01
N ILE B 316 -7.98 -27.85 -24.76
CA ILE B 316 -7.27 -28.97 -24.13
C ILE B 316 -7.53 -30.26 -24.89
N HIS B 317 -8.78 -30.51 -25.27
CA HIS B 317 -9.09 -31.73 -26.01
C HIS B 317 -8.47 -31.72 -27.40
N LYS B 318 -8.38 -30.54 -28.02
CA LYS B 318 -7.74 -30.43 -29.33
C LYS B 318 -6.26 -30.75 -29.23
N LEU B 319 -5.59 -30.23 -28.20
CA LEU B 319 -4.16 -30.50 -28.05
C LEU B 319 -3.90 -31.93 -27.57
N ASN B 320 -4.89 -32.57 -26.95
CA ASN B 320 -4.76 -33.97 -26.56
C ASN B 320 -4.95 -34.91 -27.74
N ASN B 321 -6.01 -34.70 -28.52
CA ASN B 321 -6.36 -35.59 -29.62
C ASN B 321 -5.83 -35.13 -30.98
N LYS B 322 -5.05 -34.04 -31.02
CA LYS B 322 -4.47 -33.50 -32.24
C LYS B 322 -5.55 -32.93 -33.15
N ALA B 323 -5.31 -32.94 -34.46
CA ALA B 323 -6.27 -32.41 -35.41
C ALA B 323 -7.46 -33.35 -35.56
N SER C 9 -42.21 3.34 5.58
CA SER C 9 -41.12 3.81 4.74
C SER C 9 -40.51 2.67 3.92
N LYS C 10 -40.99 1.45 4.17
CA LYS C 10 -40.50 0.29 3.43
C LYS C 10 -40.93 0.31 1.98
N GLU C 11 -42.01 1.01 1.64
CA GLU C 11 -42.43 1.13 0.25
C GLU C 11 -41.42 1.94 -0.55
N ASN C 12 -40.74 2.89 0.08
CA ASN C 12 -39.72 3.71 -0.57
C ASN C 12 -38.36 3.00 -0.52
N LEU C 13 -38.36 1.76 -0.99
CA LEU C 13 -37.17 0.91 -1.02
C LEU C 13 -37.12 0.16 -2.33
N PRO C 14 -35.92 -0.18 -2.81
CA PRO C 14 -35.82 -1.07 -3.97
C PRO C 14 -36.38 -2.45 -3.62
N TRP C 15 -36.91 -3.13 -4.64
CA TRP C 15 -37.50 -4.45 -4.43
C TRP C 15 -36.48 -5.48 -4.00
N VAL C 16 -35.19 -5.23 -4.21
CA VAL C 16 -34.14 -6.14 -3.74
C VAL C 16 -33.79 -5.92 -2.28
N GLU C 17 -34.25 -4.83 -1.67
CA GLU C 17 -33.95 -4.53 -0.28
C GLU C 17 -35.16 -4.62 0.64
N LYS C 18 -36.37 -4.38 0.13
CA LYS C 18 -37.57 -4.52 0.94
C LYS C 18 -38.20 -5.90 0.85
N TYR C 19 -37.62 -6.80 0.05
CA TYR C 19 -38.05 -8.19 -0.01
C TYR C 19 -37.02 -9.11 0.62
N ARG C 20 -36.11 -8.54 1.40
CA ARG C 20 -35.10 -9.34 2.09
C ARG C 20 -35.76 -10.19 3.17
N PRO C 21 -35.57 -11.50 3.17
CA PRO C 21 -36.19 -12.34 4.21
C PRO C 21 -35.73 -11.95 5.60
N GLU C 22 -36.66 -12.00 6.55
CA GLU C 22 -36.36 -11.72 7.95
C GLU C 22 -36.31 -12.97 8.81
N THR C 23 -36.92 -14.07 8.35
CA THR C 23 -36.91 -15.34 9.05
C THR C 23 -36.41 -16.43 8.11
N LEU C 24 -35.94 -17.54 8.70
CA LEU C 24 -35.42 -18.65 7.92
C LEU C 24 -36.46 -19.30 7.02
N ASP C 25 -37.75 -19.14 7.34
CA ASP C 25 -38.82 -19.72 6.54
C ASP C 25 -39.08 -18.96 5.25
N GLU C 26 -38.54 -17.75 5.11
CA GLU C 26 -38.69 -16.97 3.89
C GLU C 26 -37.50 -17.09 2.96
N VAL C 27 -36.47 -17.86 3.33
CA VAL C 27 -35.33 -18.10 2.46
C VAL C 27 -35.58 -19.36 1.65
N TYR C 28 -36.15 -19.21 0.47
CA TYR C 28 -36.49 -20.34 -0.37
C TYR C 28 -35.24 -20.90 -1.06
N GLY C 29 -35.38 -22.11 -1.58
CA GLY C 29 -34.31 -22.74 -2.34
C GLY C 29 -33.35 -23.57 -1.52
N GLN C 30 -32.60 -22.91 -0.63
CA GLN C 30 -31.55 -23.58 0.14
C GLN C 30 -32.20 -24.33 1.30
N ASN C 31 -32.99 -25.35 0.94
CA ASN C 31 -33.72 -26.11 1.94
C ASN C 31 -32.79 -26.95 2.80
N GLU C 32 -31.79 -27.58 2.19
CA GLU C 32 -30.87 -28.43 2.95
C GLU C 32 -30.08 -27.63 3.97
N VAL C 33 -29.55 -26.47 3.57
CA VAL C 33 -28.79 -25.63 4.48
C VAL C 33 -29.68 -25.13 5.62
N ILE C 34 -30.90 -24.70 5.29
CA ILE C 34 -31.82 -24.20 6.31
C ILE C 34 -32.14 -25.31 7.31
N THR C 35 -32.44 -26.51 6.82
CA THR C 35 -32.74 -27.62 7.72
C THR C 35 -31.56 -27.97 8.60
N THR C 36 -30.35 -27.99 8.02
CA THR C 36 -29.17 -28.35 8.79
C THR C 36 -28.88 -27.31 9.88
N VAL C 37 -28.97 -26.03 9.54
CA VAL C 37 -28.70 -25.01 10.55
C VAL C 37 -29.81 -24.98 11.60
N ARG C 38 -31.06 -25.28 11.21
CA ARG C 38 -32.12 -25.39 12.20
C ARG C 38 -31.87 -26.53 13.16
N LYS C 39 -31.42 -27.68 12.65
CA LYS C 39 -31.06 -28.79 13.53
C LYS C 39 -29.92 -28.40 14.46
N PHE C 40 -28.91 -27.70 13.93
CA PHE C 40 -27.80 -27.25 14.75
C PHE C 40 -28.27 -26.35 15.89
N VAL C 41 -29.10 -25.35 15.58
CA VAL C 41 -29.50 -24.39 16.59
C VAL C 41 -30.48 -25.02 17.58
N ASP C 42 -31.34 -25.93 17.12
CA ASP C 42 -32.25 -26.61 18.03
C ASP C 42 -31.49 -27.52 18.99
N GLU C 43 -30.45 -28.18 18.49
CA GLU C 43 -29.58 -28.98 19.34
C GLU C 43 -28.53 -28.14 20.07
N GLY C 44 -28.66 -26.82 20.03
CA GLY C 44 -27.77 -25.93 20.74
C GLY C 44 -26.47 -25.65 20.02
N LYS C 45 -25.64 -26.68 19.87
CA LYS C 45 -24.31 -26.49 19.30
C LYS C 45 -24.38 -26.12 17.82
N LEU C 46 -23.67 -25.05 17.46
CA LEU C 46 -23.58 -24.59 16.08
C LEU C 46 -22.12 -24.57 15.65
N PRO C 47 -21.74 -25.38 14.66
CA PRO C 47 -20.35 -25.37 14.21
C PRO C 47 -20.03 -24.11 13.42
N HIS C 48 -18.73 -23.82 13.29
CA HIS C 48 -18.28 -22.70 12.48
C HIS C 48 -18.70 -22.89 11.03
N LEU C 49 -19.59 -22.04 10.55
CA LEU C 49 -20.17 -22.19 9.23
C LEU C 49 -19.36 -21.42 8.18
N LEU C 50 -19.52 -21.84 6.92
CA LEU C 50 -18.90 -21.15 5.79
C LEU C 50 -19.85 -21.29 4.62
N PHE C 51 -20.45 -20.17 4.21
CA PHE C 51 -21.44 -20.18 3.14
C PHE C 51 -20.76 -19.78 1.83
N TYR C 52 -20.91 -20.62 0.81
CA TYR C 52 -20.28 -20.41 -0.49
C TYR C 52 -21.31 -20.59 -1.59
N GLY C 53 -21.14 -19.84 -2.67
CA GLY C 53 -22.02 -19.95 -3.82
C GLY C 53 -22.01 -18.70 -4.68
N PRO C 54 -22.80 -18.72 -5.75
CA PRO C 54 -22.92 -17.55 -6.63
C PRO C 54 -23.57 -16.39 -5.90
N PRO C 55 -23.34 -15.15 -6.37
CA PRO C 55 -23.97 -13.99 -5.72
C PRO C 55 -25.48 -14.01 -5.86
N GLY C 56 -26.17 -13.45 -4.86
CA GLY C 56 -27.62 -13.39 -4.88
C GLY C 56 -28.32 -14.69 -4.57
N THR C 57 -27.62 -15.64 -3.93
CA THR C 57 -28.22 -16.91 -3.56
C THR C 57 -28.82 -16.92 -2.15
N GLY C 58 -28.59 -15.87 -1.37
CA GLY C 58 -29.16 -15.77 -0.05
C GLY C 58 -28.20 -16.14 1.05
N LYS C 59 -26.90 -15.91 0.82
CA LYS C 59 -25.87 -16.21 1.80
C LYS C 59 -25.88 -15.24 2.98
N THR C 60 -26.41 -14.04 2.81
CA THR C 60 -26.55 -13.09 3.90
C THR C 60 -27.93 -13.08 4.52
N SER C 61 -28.98 -13.20 3.70
CA SER C 61 -30.35 -13.26 4.22
C SER C 61 -30.59 -14.51 5.07
N THR C 62 -29.83 -15.57 4.86
CA THR C 62 -29.88 -16.76 5.70
C THR C 62 -29.18 -16.57 7.04
N ILE C 63 -27.96 -16.02 7.02
CA ILE C 63 -27.23 -15.86 8.27
C ILE C 63 -27.86 -14.80 9.15
N VAL C 64 -28.39 -13.72 8.56
CA VAL C 64 -29.02 -12.70 9.37
C VAL C 64 -30.32 -13.22 9.98
N ALA C 65 -31.08 -14.01 9.22
CA ALA C 65 -32.29 -14.62 9.76
C ALA C 65 -31.95 -15.61 10.88
N LEU C 66 -30.89 -16.38 10.69
CA LEU C 66 -30.46 -17.31 11.74
C LEU C 66 -30.05 -16.55 13.01
N ALA C 67 -29.31 -15.46 12.85
CA ALA C 67 -28.94 -14.64 14.00
C ALA C 67 -30.16 -14.05 14.69
N ARG C 68 -31.15 -13.59 13.92
CA ARG C 68 -32.37 -13.05 14.51
C ARG C 68 -33.14 -14.14 15.27
N GLU C 69 -33.21 -15.35 14.71
CA GLU C 69 -33.92 -16.44 15.38
C GLU C 69 -33.18 -16.98 16.59
N ILE C 70 -31.85 -16.86 16.64
CA ILE C 70 -31.10 -17.34 17.80
C ILE C 70 -31.15 -16.27 18.89
N TYR C 71 -30.68 -15.07 18.57
CA TYR C 71 -30.62 -13.96 19.52
C TYR C 71 -31.81 -13.02 19.36
N GLY C 72 -33.00 -13.47 19.76
CA GLY C 72 -34.17 -12.61 19.74
C GLY C 72 -34.00 -11.38 20.61
N LYS C 73 -34.23 -10.20 20.02
CA LYS C 73 -34.12 -8.91 20.70
C LYS C 73 -32.68 -8.61 21.08
N ASN C 74 -31.76 -9.52 20.77
CA ASN C 74 -30.34 -9.33 21.06
C ASN C 74 -29.47 -9.52 19.83
N TYR C 75 -29.98 -9.24 18.63
CA TYR C 75 -29.21 -9.36 17.40
C TYR C 75 -28.11 -8.32 17.32
N SER C 76 -28.23 -7.26 18.13
CA SER C 76 -27.30 -6.14 18.10
C SER C 76 -26.05 -6.37 18.93
N ASN C 77 -26.20 -6.78 20.19
CA ASN C 77 -25.06 -6.93 21.09
C ASN C 77 -24.41 -8.31 21.03
N MET C 78 -25.02 -9.25 20.32
CA MET C 78 -24.48 -10.60 20.24
C MET C 78 -23.84 -10.92 18.90
N VAL C 79 -24.12 -10.12 17.86
CA VAL C 79 -23.63 -10.38 16.51
C VAL C 79 -22.77 -9.21 16.07
N LEU C 80 -21.55 -9.53 15.62
CA LEU C 80 -20.65 -8.55 15.03
C LEU C 80 -20.51 -8.87 13.54
N GLU C 81 -20.84 -7.91 12.69
CA GLU C 81 -20.81 -8.09 11.24
C GLU C 81 -19.74 -7.21 10.64
N LEU C 82 -18.82 -7.83 9.88
CA LEU C 82 -17.79 -7.13 9.14
C LEU C 82 -17.82 -7.56 7.69
N ASN C 83 -17.69 -6.59 6.78
CA ASN C 83 -17.78 -6.85 5.36
C ASN C 83 -16.65 -6.12 4.63
N ALA C 84 -16.64 -6.24 3.30
CA ALA C 84 -15.58 -5.63 2.51
C ALA C 84 -15.71 -4.11 2.48
N SER C 85 -16.86 -3.57 2.86
CA SER C 85 -17.08 -2.13 2.88
C SER C 85 -16.27 -1.46 3.99
N ASP C 86 -15.79 -2.25 4.94
CA ASP C 86 -14.98 -1.76 6.03
C ASP C 86 -13.63 -2.47 6.03
N ASP C 87 -12.65 -1.83 6.67
CA ASP C 87 -11.30 -2.39 6.73
C ASP C 87 -11.31 -3.67 7.55
N ARG C 88 -10.64 -4.70 7.03
CA ARG C 88 -10.50 -5.99 7.70
C ARG C 88 -9.05 -6.45 7.67
N GLY C 89 -8.12 -5.54 7.97
CA GLY C 89 -6.71 -5.85 7.95
C GLY C 89 -6.25 -6.58 9.19
N ILE C 90 -4.92 -6.63 9.35
CA ILE C 90 -4.33 -7.31 10.49
C ILE C 90 -4.76 -6.64 11.79
N ASP C 91 -4.70 -5.30 11.83
CA ASP C 91 -5.07 -4.58 13.05
C ASP C 91 -6.53 -4.79 13.41
N VAL C 92 -7.42 -4.75 12.40
CA VAL C 92 -8.84 -4.91 12.66
C VAL C 92 -9.12 -6.30 13.22
N VAL C 93 -8.57 -7.33 12.58
CA VAL C 93 -8.79 -8.70 13.03
C VAL C 93 -8.23 -8.91 14.43
N ARG C 94 -7.04 -8.38 14.70
CA ARG C 94 -6.37 -8.60 15.97
C ARG C 94 -6.94 -7.75 17.09
N ASN C 95 -7.74 -6.73 16.78
CA ASN C 95 -8.29 -5.91 17.85
C ASN C 95 -9.80 -6.06 17.99
N GLN C 96 -10.56 -5.75 16.94
CA GLN C 96 -12.01 -5.70 17.08
C GLN C 96 -12.60 -7.09 17.26
N ILE C 97 -12.22 -8.02 16.39
CA ILE C 97 -12.73 -9.38 16.47
C ILE C 97 -12.31 -10.04 17.77
N LYS C 98 -11.05 -9.85 18.16
CA LYS C 98 -10.56 -10.44 19.40
C LYS C 98 -11.30 -9.89 20.61
N ASP C 99 -11.51 -8.57 20.67
CA ASP C 99 -12.22 -7.98 21.79
C ASP C 99 -13.68 -8.44 21.83
N PHE C 100 -14.32 -8.57 20.67
CA PHE C 100 -15.72 -9.00 20.66
C PHE C 100 -15.85 -10.46 21.04
N ALA C 101 -14.90 -11.30 20.62
CA ALA C 101 -15.02 -12.75 20.80
C ALA C 101 -14.26 -13.23 22.05
N SER C 102 -13.75 -12.27 22.81
CA SER C 102 -13.00 -12.62 24.00
C SER C 102 -13.72 -12.20 25.27
N THR C 103 -14.87 -11.53 25.13
CA THR C 103 -15.65 -11.06 26.26
C THR C 103 -16.80 -12.01 26.56
N ARG C 104 -17.27 -11.94 27.81
CA ARG C 104 -18.37 -12.79 28.23
C ARG C 104 -19.68 -12.33 27.61
N GLN C 105 -20.69 -13.20 27.69
CA GLN C 105 -21.99 -12.91 27.11
C GLN C 105 -22.69 -11.79 27.86
N ILE C 106 -23.56 -11.07 27.15
CA ILE C 106 -24.32 -9.98 27.77
C ILE C 106 -25.24 -10.52 28.86
N PHE C 107 -26.04 -11.54 28.51
CA PHE C 107 -27.04 -12.09 29.41
C PHE C 107 -26.94 -13.61 29.44
N SER C 108 -25.74 -14.13 29.16
CA SER C 108 -25.49 -15.57 29.06
C SER C 108 -26.45 -16.21 28.08
N LYS C 109 -26.69 -15.55 26.94
CA LYS C 109 -27.69 -16.03 26.00
C LYS C 109 -27.19 -17.22 25.19
N GLY C 110 -25.89 -17.37 25.06
CA GLY C 110 -25.33 -18.42 24.23
C GLY C 110 -23.91 -18.15 23.76
N PHE C 111 -23.70 -18.26 22.45
CA PHE C 111 -22.42 -17.94 21.83
C PHE C 111 -22.54 -16.65 21.03
N LYS C 112 -21.40 -16.05 20.75
CA LYS C 112 -21.34 -14.77 20.03
C LYS C 112 -21.08 -15.04 18.56
N LEU C 113 -22.09 -14.82 17.73
CA LEU C 113 -21.93 -15.02 16.30
C LEU C 113 -21.16 -13.85 15.67
N ILE C 114 -20.25 -14.20 14.75
CA ILE C 114 -19.50 -13.19 14.01
C ILE C 114 -19.67 -13.44 12.53
N ILE C 115 -20.42 -12.56 11.87
CA ILE C 115 -20.68 -12.70 10.43
C ILE C 115 -19.62 -11.92 9.66
N LEU C 116 -18.84 -12.62 8.85
CA LEU C 116 -17.82 -12.01 8.01
C LEU C 116 -18.26 -12.16 6.56
N ASP C 117 -19.08 -11.21 6.10
CA ASP C 117 -19.53 -11.22 4.72
C ASP C 117 -18.40 -10.80 3.79
N GLU C 118 -18.38 -11.41 2.61
CA GLU C 118 -17.40 -11.12 1.57
C GLU C 118 -15.97 -11.31 2.10
N ALA C 119 -15.78 -12.40 2.83
CA ALA C 119 -14.48 -12.72 3.40
C ALA C 119 -13.46 -13.16 2.35
N ASP C 120 -13.91 -13.42 1.11
CA ASP C 120 -12.97 -13.77 0.06
C ASP C 120 -12.02 -12.60 -0.25
N ALA C 121 -12.56 -11.38 -0.25
CA ALA C 121 -11.75 -10.18 -0.49
C ALA C 121 -11.04 -9.75 0.80
N MET C 122 -10.19 -10.65 1.30
CA MET C 122 -9.44 -10.42 2.52
C MET C 122 -8.00 -10.87 2.31
N THR C 123 -7.06 -10.14 2.90
CA THR C 123 -5.65 -10.49 2.77
C THR C 123 -5.37 -11.82 3.45
N ASN C 124 -4.40 -12.56 2.90
CA ASN C 124 -4.05 -13.86 3.44
C ASN C 124 -3.52 -13.76 4.86
N ALA C 125 -2.83 -12.66 5.19
CA ALA C 125 -2.35 -12.47 6.56
C ALA C 125 -3.52 -12.37 7.53
N ALA C 126 -4.57 -11.62 7.16
CA ALA C 126 -5.75 -11.54 7.99
C ALA C 126 -6.45 -12.89 8.10
N GLN C 127 -6.54 -13.62 6.99
CA GLN C 127 -7.17 -14.94 6.99
C GLN C 127 -6.40 -15.95 7.84
N ASN C 128 -5.08 -15.79 7.97
CA ASN C 128 -4.29 -16.64 8.85
C ASN C 128 -4.33 -16.19 10.31
N ALA C 129 -4.44 -14.89 10.57
CA ALA C 129 -4.61 -14.40 11.93
C ALA C 129 -5.99 -14.69 12.49
N LEU C 130 -6.99 -14.84 11.63
CA LEU C 130 -8.35 -15.16 12.06
C LEU C 130 -8.51 -16.60 12.50
N ARG C 131 -7.66 -17.51 12.02
CA ARG C 131 -7.83 -18.93 12.32
C ARG C 131 -7.64 -19.22 13.81
N ARG C 132 -6.63 -18.61 14.42
CA ARG C 132 -6.41 -18.84 15.85
C ARG C 132 -7.48 -18.16 16.70
N VAL C 133 -8.02 -17.05 16.22
CA VAL C 133 -9.17 -16.44 16.91
C VAL C 133 -10.36 -17.37 16.86
N ILE C 134 -10.59 -18.00 15.70
CA ILE C 134 -11.67 -18.96 15.54
C ILE C 134 -11.51 -20.17 16.45
N GLU C 135 -10.30 -20.75 16.52
CA GLU C 135 -10.09 -21.95 17.30
C GLU C 135 -9.95 -21.71 18.80
N ARG C 136 -9.40 -20.58 19.23
CA ARG C 136 -9.15 -20.32 20.64
C ARG C 136 -10.37 -19.75 21.35
N TYR C 137 -11.39 -19.31 20.63
CA TYR C 137 -12.59 -18.75 21.26
C TYR C 137 -13.83 -19.44 20.72
N THR C 138 -13.73 -20.73 20.40
CA THR C 138 -14.84 -21.48 19.85
C THR C 138 -15.86 -21.90 20.92
N LYS C 139 -15.52 -21.76 22.20
CA LYS C 139 -16.45 -22.15 23.25
C LYS C 139 -17.62 -21.18 23.36
N ASN C 140 -17.37 -19.88 23.15
CA ASN C 140 -18.41 -18.86 23.29
C ASN C 140 -18.57 -18.01 22.04
N THR C 141 -17.94 -18.41 20.94
CA THR C 141 -18.02 -17.63 19.71
C THR C 141 -17.92 -18.57 18.52
N ARG C 142 -18.86 -18.46 17.58
CA ARG C 142 -18.89 -19.26 16.37
C ARG C 142 -18.82 -18.32 15.18
N PHE C 143 -17.89 -18.59 14.26
CA PHE C 143 -17.65 -17.72 13.12
C PHE C 143 -18.41 -18.22 11.90
N CYS C 144 -18.94 -17.28 11.13
CA CYS C 144 -19.57 -17.56 9.85
C CYS C 144 -18.84 -16.80 8.75
N VAL C 145 -18.55 -17.50 7.66
CA VAL C 145 -17.77 -16.95 6.55
C VAL C 145 -18.65 -16.94 5.31
N LEU C 146 -18.82 -15.77 4.71
CA LEU C 146 -19.53 -15.64 3.45
C LEU C 146 -18.54 -15.26 2.35
N ALA C 147 -18.50 -16.06 1.29
CA ALA C 147 -17.56 -15.82 0.20
C ALA C 147 -18.13 -16.38 -1.09
N ASN C 148 -17.90 -15.65 -2.18
CA ASN C 148 -18.29 -16.10 -3.51
C ASN C 148 -17.19 -16.86 -4.24
N TYR C 149 -15.94 -16.65 -3.86
CA TYR C 149 -14.81 -17.31 -4.50
C TYR C 149 -14.02 -18.07 -3.44
N ALA C 150 -13.99 -19.39 -3.55
CA ALA C 150 -13.32 -20.22 -2.55
C ALA C 150 -11.81 -20.20 -2.65
N HIS C 151 -11.26 -19.92 -3.84
CA HIS C 151 -9.81 -19.92 -4.03
C HIS C 151 -9.14 -18.79 -3.26
N LYS C 152 -9.88 -17.76 -2.85
CA LYS C 152 -9.33 -16.64 -2.12
C LYS C 152 -9.10 -16.94 -0.64
N LEU C 153 -9.55 -18.08 -0.16
CA LEU C 153 -9.50 -18.42 1.25
C LEU C 153 -8.36 -19.40 1.51
N THR C 154 -7.70 -19.25 2.65
CA THR C 154 -6.64 -20.16 3.04
C THR C 154 -7.20 -21.57 3.23
N PRO C 155 -6.49 -22.60 2.74
CA PRO C 155 -6.99 -23.96 2.93
C PRO C 155 -7.17 -24.36 4.38
N ALA C 156 -6.33 -23.86 5.29
CA ALA C 156 -6.54 -24.12 6.71
C ALA C 156 -7.84 -23.49 7.20
N LEU C 157 -8.15 -22.27 6.76
CA LEU C 157 -9.40 -21.63 7.12
C LEU C 157 -10.60 -22.43 6.64
N LEU C 158 -10.51 -22.97 5.42
CA LEU C 158 -11.54 -23.88 4.93
C LEU C 158 -11.61 -25.15 5.78
N SER C 159 -10.47 -25.64 6.25
CA SER C 159 -10.46 -26.84 7.08
C SER C 159 -11.20 -26.61 8.39
N ARG C 160 -10.94 -25.47 9.05
CA ARG C 160 -11.59 -25.16 10.31
C ARG C 160 -12.88 -24.35 10.09
N CYS C 161 -13.68 -24.83 9.14
CA CYS C 161 -14.97 -24.21 8.84
C CYS C 161 -15.88 -25.18 8.11
N THR C 162 -17.02 -25.51 8.72
CA THR C 162 -18.00 -26.35 8.05
C THR C 162 -18.54 -25.64 6.82
N ARG C 163 -18.50 -26.32 5.68
CA ARG C 163 -18.79 -25.70 4.38
C ARG C 163 -20.21 -26.00 3.97
N PHE C 164 -20.99 -24.94 3.76
CA PHE C 164 -22.33 -25.03 3.19
C PHE C 164 -22.32 -24.32 1.85
N ARG C 165 -22.75 -25.02 0.81
CA ARG C 165 -22.71 -24.50 -0.55
C ARG C 165 -24.11 -24.01 -0.93
N PHE C 166 -24.22 -22.71 -1.18
CA PHE C 166 -25.48 -22.11 -1.63
C PHE C 166 -25.56 -22.22 -3.14
N GLN C 167 -26.21 -23.27 -3.63
CA GLN C 167 -26.34 -23.49 -5.06
C GLN C 167 -27.28 -22.44 -5.66
N PRO C 168 -27.21 -22.23 -6.97
CA PRO C 168 -28.13 -21.28 -7.62
C PRO C 168 -29.58 -21.65 -7.36
N LEU C 169 -30.43 -20.63 -7.20
CA LEU C 169 -31.80 -20.85 -6.81
C LEU C 169 -32.53 -21.69 -7.85
N PRO C 170 -33.19 -22.78 -7.45
CA PRO C 170 -33.97 -23.57 -8.41
C PRO C 170 -35.17 -22.78 -8.92
N GLN C 171 -35.80 -23.32 -9.96
CA GLN C 171 -36.93 -22.63 -10.58
C GLN C 171 -38.11 -22.53 -9.61
N GLU C 172 -38.34 -23.56 -8.80
CA GLU C 172 -39.51 -23.57 -7.92
C GLU C 172 -39.42 -22.45 -6.88
N ALA C 173 -38.23 -22.26 -6.29
CA ALA C 173 -38.08 -21.22 -5.27
C ALA C 173 -38.27 -19.83 -5.86
N ILE C 174 -37.70 -19.59 -7.04
CA ILE C 174 -37.86 -18.29 -7.68
C ILE C 174 -39.32 -18.05 -8.06
N GLU C 175 -40.00 -19.12 -8.50
CA GLU C 175 -41.43 -18.99 -8.81
C GLU C 175 -42.24 -18.64 -7.57
N ARG C 176 -41.93 -19.29 -6.44
CA ARG C 176 -42.64 -18.98 -5.19
C ARG C 176 -42.38 -17.53 -4.76
N ARG C 177 -41.12 -17.08 -4.87
CA ARG C 177 -40.82 -15.71 -4.49
C ARG C 177 -41.49 -14.70 -5.43
N ILE C 178 -41.55 -15.01 -6.73
CA ILE C 178 -42.25 -14.17 -7.68
C ILE C 178 -43.73 -14.10 -7.33
N ALA C 179 -44.32 -15.24 -6.95
CA ALA C 179 -45.73 -15.24 -6.56
C ALA C 179 -45.94 -14.36 -5.33
N ASN C 180 -45.05 -14.45 -4.35
CA ASN C 180 -45.19 -13.61 -3.16
C ASN C 180 -45.06 -12.13 -3.52
N VAL C 181 -44.11 -11.79 -4.40
CA VAL C 181 -43.95 -10.40 -4.82
C VAL C 181 -45.19 -9.91 -5.55
N LEU C 182 -45.75 -10.76 -6.42
CA LEU C 182 -46.97 -10.40 -7.14
C LEU C 182 -48.13 -10.16 -6.18
N VAL C 183 -48.27 -11.02 -5.18
CA VAL C 183 -49.34 -10.84 -4.21
C VAL C 183 -49.14 -9.55 -3.42
N HIS C 184 -47.91 -9.28 -3.01
CA HIS C 184 -47.62 -8.08 -2.22
C HIS C 184 -47.79 -6.79 -3.03
N GLU C 185 -47.49 -6.81 -4.33
CA GLU C 185 -47.57 -5.63 -5.17
C GLU C 185 -48.86 -5.54 -5.98
N LYS C 186 -49.74 -6.55 -5.88
CA LYS C 186 -50.98 -6.61 -6.66
C LYS C 186 -50.67 -6.50 -8.15
N LEU C 187 -49.90 -7.47 -8.63
CA LEU C 187 -49.43 -7.49 -10.01
C LEU C 187 -49.91 -8.76 -10.70
N LYS C 188 -49.82 -8.75 -12.03
CA LYS C 188 -50.19 -9.88 -12.87
C LYS C 188 -49.03 -10.20 -13.80
N LEU C 189 -48.65 -11.47 -13.85
CA LEU C 189 -47.51 -11.91 -14.65
C LEU C 189 -47.92 -13.11 -15.50
N SER C 190 -47.61 -13.07 -16.78
CA SER C 190 -47.89 -14.19 -17.65
C SER C 190 -46.92 -15.34 -17.36
N PRO C 191 -47.36 -16.60 -17.52
CA PRO C 191 -46.43 -17.72 -17.31
C PRO C 191 -45.21 -17.68 -18.22
N ASN C 192 -45.39 -17.26 -19.47
CA ASN C 192 -44.24 -17.09 -20.37
C ASN C 192 -43.30 -16.02 -19.85
N ALA C 193 -43.85 -14.92 -19.36
CA ALA C 193 -43.01 -13.89 -18.75
C ALA C 193 -42.29 -14.41 -17.52
N GLU C 194 -42.97 -15.26 -16.73
CA GLU C 194 -42.32 -15.86 -15.57
C GLU C 194 -41.16 -16.76 -15.98
N LYS C 195 -41.34 -17.55 -17.04
CA LYS C 195 -40.26 -18.38 -17.54
C LYS C 195 -39.10 -17.54 -18.07
N ALA C 196 -39.42 -16.43 -18.73
CA ALA C 196 -38.38 -15.52 -19.20
C ALA C 196 -37.62 -14.93 -18.02
N LEU C 197 -38.32 -14.59 -16.93
CA LEU C 197 -37.66 -14.15 -15.71
C LEU C 197 -36.76 -15.23 -15.15
N ILE C 198 -37.22 -16.48 -15.17
CA ILE C 198 -36.41 -17.60 -14.68
C ILE C 198 -35.11 -17.70 -15.48
N GLU C 199 -35.22 -17.64 -16.80
CA GLU C 199 -34.03 -17.81 -17.64
C GLU C 199 -33.12 -16.61 -17.56
N LEU C 200 -33.67 -15.41 -17.36
CA LEU C 200 -32.85 -14.21 -17.24
C LEU C 200 -32.10 -14.18 -15.91
N SER C 201 -32.75 -14.63 -14.84
CA SER C 201 -32.13 -14.57 -13.52
C SER C 201 -30.94 -15.53 -13.41
N ASN C 202 -31.01 -16.67 -14.09
CA ASN C 202 -30.01 -17.74 -14.02
C ASN C 202 -29.53 -17.97 -12.58
N GLY C 203 -30.50 -18.11 -11.69
CA GLY C 203 -30.21 -18.33 -10.28
C GLY C 203 -29.79 -17.07 -9.54
N ASP C 204 -30.64 -16.05 -9.55
CA ASP C 204 -30.34 -14.80 -8.87
C ASP C 204 -31.64 -14.10 -8.54
N MET C 205 -31.95 -13.96 -7.25
CA MET C 205 -33.19 -13.31 -6.85
C MET C 205 -33.18 -11.82 -7.15
N ARG C 206 -32.03 -11.17 -6.97
CA ARG C 206 -31.96 -9.72 -7.17
C ARG C 206 -32.26 -9.34 -8.61
N ARG C 207 -31.79 -10.14 -9.57
CA ARG C 207 -32.11 -9.88 -10.97
C ARG C 207 -33.60 -9.95 -11.22
N VAL C 208 -34.26 -10.98 -10.67
CA VAL C 208 -35.71 -11.12 -10.85
C VAL C 208 -36.44 -9.93 -10.24
N LEU C 209 -36.02 -9.52 -9.04
CA LEU C 209 -36.70 -8.41 -8.36
C LEU C 209 -36.52 -7.11 -9.14
N ASN C 210 -35.30 -6.85 -9.63
CA ASN C 210 -35.05 -5.64 -10.41
C ASN C 210 -35.85 -5.64 -11.70
N VAL C 211 -35.89 -6.78 -12.39
CA VAL C 211 -36.63 -6.84 -13.65
C VAL C 211 -38.12 -6.68 -13.40
N LEU C 212 -38.64 -7.24 -12.31
CA LEU C 212 -40.05 -7.06 -11.98
C LEU C 212 -40.36 -5.61 -11.65
N GLN C 213 -39.47 -4.94 -10.90
CA GLN C 213 -39.67 -3.53 -10.61
C GLN C 213 -39.68 -2.69 -11.89
N SER C 214 -38.74 -2.97 -12.78
CA SER C 214 -38.69 -2.26 -14.06
C SER C 214 -39.91 -2.54 -14.92
N CYS C 215 -40.43 -3.77 -14.89
CA CYS C 215 -41.64 -4.10 -15.65
C CYS C 215 -42.85 -3.35 -15.08
N LYS C 216 -42.97 -3.30 -13.75
CA LYS C 216 -44.07 -2.56 -13.15
C LYS C 216 -43.98 -1.08 -13.50
N ALA C 217 -42.76 -0.54 -13.50
CA ALA C 217 -42.58 0.85 -13.93
C ALA C 217 -42.97 1.03 -15.39
N THR C 218 -42.61 0.08 -16.24
CA THR C 218 -42.82 0.20 -17.68
C THR C 218 -44.30 0.18 -18.05
N LEU C 219 -45.14 -0.36 -17.17
CA LEU C 219 -46.57 -0.46 -17.42
C LEU C 219 -47.24 0.89 -17.20
N ASP C 220 -48.14 1.25 -18.13
CA ASP C 220 -48.88 2.50 -17.99
C ASP C 220 -49.75 2.47 -16.74
N ASN C 221 -50.45 1.37 -16.51
CA ASN C 221 -51.26 1.18 -15.31
C ASN C 221 -50.76 -0.04 -14.55
N PRO C 222 -50.01 0.13 -13.47
CA PRO C 222 -49.43 -1.03 -12.77
C PRO C 222 -50.46 -1.89 -12.05
N ASP C 223 -51.73 -1.51 -12.13
CA ASP C 223 -52.79 -2.22 -11.42
C ASP C 223 -53.63 -3.10 -12.36
N GLU C 224 -54.17 -2.53 -13.43
CA GLU C 224 -55.07 -3.26 -14.31
C GLU C 224 -54.37 -3.92 -15.49
N ASP C 225 -53.05 -3.77 -15.60
CA ASP C 225 -52.31 -4.31 -16.73
C ASP C 225 -51.40 -5.45 -16.26
N GLU C 226 -51.23 -6.44 -17.13
CA GLU C 226 -50.45 -7.63 -16.83
C GLU C 226 -49.07 -7.52 -17.47
N ILE C 227 -48.04 -7.91 -16.72
CA ILE C 227 -46.67 -7.91 -17.21
C ILE C 227 -46.51 -9.07 -18.19
N SER C 228 -46.37 -8.76 -19.47
CA SER C 228 -46.23 -9.79 -20.49
C SER C 228 -44.76 -10.07 -20.77
N ASP C 229 -44.51 -11.08 -21.61
CA ASP C 229 -43.14 -11.42 -21.99
C ASP C 229 -42.49 -10.29 -22.78
N ASP C 230 -43.26 -9.64 -23.66
CA ASP C 230 -42.72 -8.53 -24.43
C ASP C 230 -42.25 -7.39 -23.52
N VAL C 231 -42.99 -7.11 -22.45
CA VAL C 231 -42.56 -6.10 -21.49
C VAL C 231 -41.28 -6.55 -20.80
N ILE C 232 -41.21 -7.83 -20.42
CA ILE C 232 -40.04 -8.34 -19.71
C ILE C 232 -38.80 -8.26 -20.58
N TYR C 233 -38.98 -8.37 -21.90
CA TYR C 233 -37.85 -8.28 -22.82
C TYR C 233 -37.50 -6.83 -23.15
N GLU C 234 -38.50 -5.96 -23.24
CA GLU C 234 -38.26 -4.56 -23.59
C GLU C 234 -37.62 -3.80 -22.44
N CYS C 235 -38.02 -4.11 -21.20
CA CYS C 235 -37.49 -3.39 -20.04
C CYS C 235 -36.01 -3.64 -19.82
N CYS C 236 -35.48 -4.78 -20.27
CA CYS C 236 -34.08 -5.12 -20.08
C CYS C 236 -33.29 -5.08 -21.38
N GLY C 237 -33.95 -4.90 -22.52
CA GLY C 237 -33.27 -4.92 -23.79
C GLY C 237 -32.64 -6.27 -24.09
N ALA C 238 -33.38 -7.35 -23.78
CA ALA C 238 -32.88 -8.70 -23.97
C ALA C 238 -33.47 -9.30 -25.24
N PRO C 239 -32.74 -10.16 -25.93
CA PRO C 239 -33.27 -10.76 -27.16
C PRO C 239 -34.34 -11.80 -26.89
N ARG C 240 -35.45 -11.73 -27.63
CA ARG C 240 -36.47 -12.77 -27.53
C ARG C 240 -35.95 -14.07 -28.14
N PRO C 241 -36.46 -15.22 -27.71
CA PRO C 241 -36.02 -16.48 -28.32
C PRO C 241 -36.27 -16.56 -29.82
N SER C 242 -37.35 -15.93 -30.30
CA SER C 242 -37.69 -16.00 -31.72
C SER C 242 -36.60 -15.36 -32.58
N ASP C 243 -36.12 -14.17 -32.18
CA ASP C 243 -35.10 -13.49 -32.96
C ASP C 243 -33.77 -14.24 -32.92
N LEU C 244 -33.44 -14.82 -31.76
CA LEU C 244 -32.23 -15.62 -31.66
C LEU C 244 -32.29 -16.84 -32.58
N LYS C 245 -33.44 -17.53 -32.60
CA LYS C 245 -33.60 -18.68 -33.49
C LYS C 245 -33.53 -18.25 -34.95
N ALA C 246 -34.13 -17.10 -35.27
CA ALA C 246 -34.06 -16.60 -36.65
C ALA C 246 -32.63 -16.28 -37.06
N VAL C 247 -31.87 -15.65 -36.16
CA VAL C 247 -30.47 -15.33 -36.45
C VAL C 247 -29.67 -16.61 -36.66
N LEU C 248 -29.88 -17.60 -35.79
CA LEU C 248 -29.16 -18.86 -35.93
C LEU C 248 -29.51 -19.55 -37.25
N LYS C 249 -30.80 -19.56 -37.61
CA LYS C 249 -31.21 -20.17 -38.88
C LYS C 249 -30.59 -19.44 -40.07
N SER C 250 -30.59 -18.11 -40.03
CA SER C 250 -30.03 -17.34 -41.14
C SER C 250 -28.52 -17.58 -41.27
N ILE C 251 -27.81 -17.67 -40.14
CA ILE C 251 -26.39 -17.92 -40.19
C ILE C 251 -26.08 -19.34 -40.66
N LEU C 252 -26.85 -20.33 -40.22
CA LEU C 252 -26.58 -21.72 -40.56
C LEU C 252 -27.01 -22.11 -41.97
N GLU C 253 -28.07 -21.50 -42.50
CA GLU C 253 -28.65 -21.95 -43.76
C GLU C 253 -28.45 -20.95 -44.89
N ASP C 254 -28.87 -19.70 -44.72
CA ASP C 254 -28.85 -18.75 -45.82
C ASP C 254 -27.42 -18.30 -46.11
N ASP C 255 -27.24 -17.64 -47.25
CA ASP C 255 -25.93 -17.20 -47.69
C ASP C 255 -25.42 -16.06 -46.81
N TRP C 256 -24.22 -15.58 -47.12
CA TRP C 256 -23.55 -14.58 -46.30
C TRP C 256 -24.25 -13.22 -46.33
N GLY C 257 -24.88 -12.84 -47.44
CA GLY C 257 -25.51 -11.55 -47.52
C GLY C 257 -26.81 -11.48 -46.74
N THR C 258 -27.68 -12.48 -46.95
CA THR C 258 -28.95 -12.51 -46.23
C THR C 258 -28.76 -12.73 -44.75
N ALA C 259 -27.76 -13.53 -44.35
CA ALA C 259 -27.47 -13.69 -42.93
C ALA C 259 -27.04 -12.39 -42.29
N HIS C 260 -26.17 -11.63 -42.97
CA HIS C 260 -25.75 -10.34 -42.46
C HIS C 260 -26.93 -9.37 -42.39
N TYR C 261 -27.79 -9.38 -43.40
CA TYR C 261 -28.97 -8.51 -43.40
C TYR C 261 -29.90 -8.85 -42.24
N THR C 262 -30.11 -10.15 -42.00
CA THR C 262 -30.97 -10.57 -40.89
C THR C 262 -30.36 -10.19 -39.55
N LEU C 263 -29.04 -10.35 -39.41
CA LEU C 263 -28.37 -9.96 -38.18
C LEU C 263 -28.53 -8.46 -37.93
N ASN C 264 -28.33 -7.64 -38.96
CA ASN C 264 -28.48 -6.20 -38.82
C ASN C 264 -29.92 -5.83 -38.47
N LYS C 265 -30.89 -6.47 -39.13
CA LYS C 265 -32.30 -6.19 -38.83
C LYS C 265 -32.63 -6.53 -37.39
N VAL C 266 -32.17 -7.70 -36.92
CA VAL C 266 -32.46 -8.12 -35.55
C VAL C 266 -31.82 -7.18 -34.54
N ARG C 267 -30.58 -6.77 -34.79
CA ARG C 267 -29.88 -5.90 -33.85
C ARG C 267 -30.28 -4.42 -33.99
N SER C 268 -31.04 -4.06 -35.02
CA SER C 268 -31.45 -2.68 -35.21
C SER C 268 -32.91 -2.43 -34.83
N ALA C 269 -33.83 -3.31 -35.24
CA ALA C 269 -35.25 -3.10 -34.96
C ALA C 269 -35.55 -3.11 -33.46
N LYS C 270 -34.75 -3.82 -32.66
CA LYS C 270 -34.95 -3.88 -31.23
C LYS C 270 -33.78 -3.33 -30.42
N GLY C 271 -32.67 -2.96 -31.06
CA GLY C 271 -31.53 -2.46 -30.33
C GLY C 271 -30.76 -3.51 -29.57
N LEU C 272 -30.94 -4.78 -29.90
CA LEU C 272 -30.29 -5.85 -29.16
C LEU C 272 -28.78 -5.79 -29.32
N ALA C 273 -28.07 -6.00 -28.22
CA ALA C 273 -26.61 -6.02 -28.24
C ALA C 273 -26.11 -7.32 -28.86
N LEU C 274 -24.89 -7.26 -29.39
CA LEU C 274 -24.29 -8.41 -30.06
C LEU C 274 -23.86 -9.49 -29.08
N ILE C 275 -23.38 -9.11 -27.90
CA ILE C 275 -22.94 -10.09 -26.92
C ILE C 275 -24.11 -10.92 -26.41
N ASP C 276 -25.27 -10.29 -26.24
CA ASP C 276 -26.46 -11.02 -25.83
C ASP C 276 -26.86 -12.05 -26.89
N LEU C 277 -26.79 -11.66 -28.17
CA LEU C 277 -27.07 -12.60 -29.25
C LEU C 277 -26.06 -13.73 -29.27
N ILE C 278 -24.79 -13.42 -29.01
CA ILE C 278 -23.76 -14.47 -28.96
C ILE C 278 -24.07 -15.47 -27.86
N GLU C 279 -24.43 -14.97 -26.67
CA GLU C 279 -24.77 -15.87 -25.57
C GLU C 279 -26.00 -16.71 -25.89
N GLY C 280 -27.01 -16.10 -26.53
CA GLY C 280 -28.19 -16.85 -26.91
C GLY C 280 -27.87 -17.95 -27.91
N ILE C 281 -27.03 -17.64 -28.90
CA ILE C 281 -26.64 -18.63 -29.90
C ILE C 281 -25.85 -19.75 -29.24
N VAL C 282 -24.98 -19.40 -28.29
CA VAL C 282 -24.22 -20.43 -27.57
C VAL C 282 -25.18 -21.35 -26.82
N LYS C 283 -26.17 -20.77 -26.15
CA LYS C 283 -27.13 -21.58 -25.40
C LYS C 283 -27.94 -22.48 -26.33
N ILE C 284 -28.37 -21.96 -27.47
CA ILE C 284 -29.21 -22.72 -28.40
C ILE C 284 -28.38 -23.81 -29.08
N LEU C 285 -27.07 -23.59 -29.18
CA LEU C 285 -26.17 -24.56 -29.80
C LEU C 285 -25.67 -25.64 -28.87
N GLU C 286 -25.93 -25.53 -27.55
CA GLU C 286 -25.49 -26.59 -26.63
C GLU C 286 -26.26 -27.88 -26.86
N ASP C 287 -27.58 -27.79 -27.04
CA ASP C 287 -28.41 -28.97 -27.30
C ASP C 287 -28.51 -29.22 -28.80
N TYR C 288 -27.34 -29.40 -29.42
CA TYR C 288 -27.23 -29.70 -30.84
C TYR C 288 -26.50 -31.02 -31.01
N GLU C 289 -26.77 -31.70 -32.13
CA GLU C 289 -26.12 -33.00 -32.37
C GLU C 289 -24.63 -32.85 -32.60
N LEU C 290 -24.23 -32.18 -33.68
CA LEU C 290 -22.82 -31.87 -33.95
C LEU C 290 -21.93 -33.10 -33.79
N GLN C 291 -22.13 -34.10 -34.64
CA GLN C 291 -21.43 -35.38 -34.48
C GLN C 291 -19.91 -35.20 -34.49
N ASN C 292 -19.41 -34.38 -35.41
CA ASN C 292 -17.96 -34.15 -35.47
C ASN C 292 -17.50 -33.37 -34.25
N GLU C 293 -16.40 -33.82 -33.66
CA GLU C 293 -15.85 -33.20 -32.46
C GLU C 293 -15.13 -31.89 -32.74
N GLU C 294 -14.69 -31.67 -33.98
CA GLU C 294 -13.99 -30.43 -34.33
C GLU C 294 -14.93 -29.24 -34.42
N THR C 295 -16.20 -29.48 -34.77
CA THR C 295 -17.17 -28.40 -34.84
C THR C 295 -17.35 -27.74 -33.47
N ARG C 296 -17.44 -28.55 -32.41
CA ARG C 296 -17.58 -28.01 -31.06
C ARG C 296 -16.37 -27.14 -30.71
N VAL C 297 -15.17 -27.63 -31.01
CA VAL C 297 -13.96 -26.89 -30.68
C VAL C 297 -13.92 -25.56 -31.43
N HIS C 298 -14.21 -25.59 -32.73
CA HIS C 298 -14.19 -24.36 -33.52
C HIS C 298 -15.23 -23.37 -33.01
N LEU C 299 -16.46 -23.83 -32.77
CA LEU C 299 -17.50 -22.95 -32.26
C LEU C 299 -17.08 -22.31 -30.95
N LEU C 300 -16.66 -23.13 -29.97
CA LEU C 300 -16.34 -22.60 -28.66
C LEU C 300 -15.18 -21.63 -28.73
N THR C 301 -14.10 -22.00 -29.42
CA THR C 301 -12.92 -21.13 -29.46
C THR C 301 -13.21 -19.82 -30.16
N LYS C 302 -13.84 -19.88 -31.34
CA LYS C 302 -14.08 -18.65 -32.09
C LYS C 302 -15.08 -17.75 -31.38
N LEU C 303 -16.15 -18.33 -30.82
CA LEU C 303 -17.12 -17.51 -30.10
C LEU C 303 -16.52 -16.90 -28.83
N ALA C 304 -15.67 -17.64 -28.13
CA ALA C 304 -14.99 -17.07 -26.97
C ALA C 304 -14.06 -15.93 -27.37
N ASP C 305 -13.33 -16.09 -28.48
CA ASP C 305 -12.46 -15.02 -28.94
C ASP C 305 -13.27 -13.78 -29.30
N ILE C 306 -14.41 -13.96 -29.98
CA ILE C 306 -15.24 -12.83 -30.37
C ILE C 306 -15.83 -12.15 -29.14
N GLU C 307 -16.27 -12.94 -28.14
CA GLU C 307 -16.78 -12.36 -26.91
C GLU C 307 -15.70 -11.57 -26.18
N TYR C 308 -14.47 -12.10 -26.14
CA TYR C 308 -13.37 -11.38 -25.53
C TYR C 308 -13.08 -10.07 -26.26
N SER C 309 -13.13 -10.09 -27.60
CA SER C 309 -12.92 -8.87 -28.36
C SER C 309 -14.02 -7.85 -28.08
N ILE C 310 -15.27 -8.31 -27.99
CA ILE C 310 -16.39 -7.43 -27.69
C ILE C 310 -16.23 -6.82 -26.30
N SER C 311 -15.73 -7.60 -25.35
CA SER C 311 -15.51 -7.08 -24.00
C SER C 311 -14.50 -5.95 -23.98
N LYS C 312 -13.65 -5.84 -25.01
CA LYS C 312 -12.67 -4.76 -25.10
C LYS C 312 -13.10 -3.66 -26.06
N GLY C 313 -14.25 -3.78 -26.71
CA GLY C 313 -14.72 -2.78 -27.64
C GLY C 313 -14.19 -3.00 -29.04
N GLY C 314 -14.82 -2.33 -30.00
CA GLY C 314 -14.42 -2.43 -31.38
C GLY C 314 -15.57 -2.11 -32.31
N ASN C 315 -15.46 -2.60 -33.54
CA ASN C 315 -16.47 -2.37 -34.57
C ASN C 315 -17.49 -3.51 -34.48
N ASP C 316 -18.74 -3.15 -34.20
CA ASP C 316 -19.81 -4.14 -34.03
C ASP C 316 -20.10 -4.87 -35.33
N GLN C 317 -20.06 -4.16 -36.46
CA GLN C 317 -20.31 -4.81 -37.75
C GLN C 317 -19.26 -5.89 -38.03
N ILE C 318 -17.99 -5.57 -37.79
CA ILE C 318 -16.92 -6.54 -38.02
C ILE C 318 -17.08 -7.73 -37.08
N GLN C 319 -17.44 -7.48 -35.82
CA GLN C 319 -17.62 -8.56 -34.86
C GLN C 319 -18.80 -9.45 -35.25
N GLY C 320 -19.88 -8.87 -35.73
CA GLY C 320 -21.00 -9.68 -36.19
C GLY C 320 -20.66 -10.51 -37.41
N SER C 321 -19.93 -9.92 -38.36
CA SER C 321 -19.46 -10.69 -39.51
C SER C 321 -18.53 -11.82 -39.06
N ALA C 322 -17.70 -11.56 -38.06
CA ALA C 322 -16.84 -12.59 -37.51
C ALA C 322 -17.65 -13.72 -36.90
N VAL C 323 -18.74 -13.38 -36.20
CA VAL C 323 -19.62 -14.39 -35.62
C VAL C 323 -20.21 -15.26 -36.72
N ILE C 324 -20.74 -14.62 -37.76
CA ILE C 324 -21.36 -15.36 -38.86
C ILE C 324 -20.36 -16.28 -39.53
N GLY C 325 -19.18 -15.74 -39.84
CA GLY C 325 -18.16 -16.55 -40.51
C GLY C 325 -17.65 -17.68 -39.64
N ALA C 326 -17.49 -17.42 -38.34
CA ALA C 326 -17.04 -18.46 -37.42
C ALA C 326 -18.04 -19.59 -37.33
N ILE C 327 -19.33 -19.26 -37.22
CA ILE C 327 -20.35 -20.29 -37.12
C ILE C 327 -20.41 -21.09 -38.41
N LYS C 328 -20.34 -20.41 -39.56
CA LYS C 328 -20.37 -21.12 -40.84
C LYS C 328 -19.16 -22.04 -40.99
N ALA C 329 -17.97 -21.55 -40.63
CA ALA C 329 -16.76 -22.35 -40.75
C ALA C 329 -16.80 -23.55 -39.83
N SER C 330 -17.31 -23.35 -38.62
CA SER C 330 -17.38 -24.45 -37.62
C SER C 330 -18.35 -25.52 -38.13
N PHE C 331 -19.43 -25.11 -38.79
CA PHE C 331 -20.45 -26.08 -39.27
C PHE C 331 -20.09 -26.62 -40.64
N GLU C 332 -18.89 -26.31 -41.15
CA GLU C 332 -18.46 -26.92 -42.43
C GLU C 332 -17.75 -28.24 -42.09
N ASN C 333 -17.32 -28.39 -40.83
CA ASN C 333 -16.69 -29.65 -40.38
C ASN C 333 -17.78 -30.70 -40.19
N GLU C 334 -19.06 -30.29 -40.27
CA GLU C 334 -20.20 -31.23 -40.11
C GLU C 334 -20.22 -32.22 -41.26
N THR C 335 -20.22 -31.71 -42.50
CA THR C 335 -20.27 -32.61 -43.70
C THR C 335 -18.88 -33.19 -43.96
N GLN D 24 -19.13 30.96 -28.18
CA GLN D 24 -20.30 30.61 -27.39
C GLN D 24 -20.10 29.23 -26.76
N GLN D 25 -20.86 28.24 -27.22
CA GLN D 25 -20.78 26.88 -26.72
C GLN D 25 -20.76 25.90 -27.88
N PRO D 26 -20.10 24.76 -27.74
CA PRO D 26 -20.19 23.72 -28.76
C PRO D 26 -21.61 23.19 -28.87
N TRP D 27 -21.96 22.72 -30.08
CA TRP D 27 -23.31 22.24 -30.32
C TRP D 27 -23.64 21.02 -29.46
N VAL D 28 -22.62 20.25 -29.08
CA VAL D 28 -22.86 19.08 -28.24
C VAL D 28 -23.33 19.51 -26.85
N GLU D 29 -22.65 20.49 -26.25
CA GLU D 29 -23.06 21.00 -24.95
C GLU D 29 -24.25 21.94 -25.03
N LYS D 30 -24.45 22.60 -26.16
CA LYS D 30 -25.60 23.51 -26.31
C LYS D 30 -26.92 22.77 -26.34
N TYR D 31 -26.94 21.57 -26.93
CA TYR D 31 -28.17 20.78 -27.08
C TYR D 31 -28.15 19.53 -26.20
N ARG D 32 -27.42 19.59 -25.10
CA ARG D 32 -27.46 18.49 -24.14
C ARG D 32 -28.84 18.41 -23.52
N PRO D 33 -29.45 17.22 -23.46
CA PRO D 33 -30.81 17.12 -22.91
C PRO D 33 -30.85 17.55 -21.45
N LYS D 34 -31.68 18.56 -21.17
CA LYS D 34 -31.85 19.05 -19.81
C LYS D 34 -32.87 18.25 -19.02
N ASN D 35 -33.96 17.83 -19.66
CA ASN D 35 -34.99 17.04 -19.03
C ASN D 35 -35.06 15.66 -19.68
N LEU D 36 -35.69 14.73 -18.98
CA LEU D 36 -35.79 13.35 -19.46
C LEU D 36 -36.61 13.22 -20.74
N ASP D 37 -37.43 14.22 -21.07
CA ASP D 37 -38.25 14.18 -22.27
C ASP D 37 -37.47 14.49 -23.53
N GLU D 38 -36.23 14.96 -23.42
CA GLU D 38 -35.40 15.28 -24.58
C GLU D 38 -34.47 14.14 -24.97
N VAL D 39 -34.20 13.21 -24.06
CA VAL D 39 -33.39 12.03 -24.39
C VAL D 39 -34.18 11.14 -25.33
N THR D 40 -33.61 10.86 -26.51
CA THR D 40 -34.32 10.14 -27.55
C THR D 40 -33.79 8.72 -27.71
N ALA D 41 -34.70 7.80 -28.02
CA ALA D 41 -34.42 6.42 -28.42
C ALA D 41 -33.96 5.57 -27.24
N GLN D 42 -33.74 6.18 -26.09
CA GLN D 42 -33.53 5.41 -24.86
C GLN D 42 -34.84 5.30 -24.12
N ASP D 43 -35.87 4.76 -24.78
CA ASP D 43 -37.23 4.83 -24.27
C ASP D 43 -37.39 4.03 -22.97
N HIS D 44 -36.81 2.83 -22.92
CA HIS D 44 -37.02 1.95 -21.78
C HIS D 44 -36.51 2.56 -20.48
N ALA D 45 -35.21 2.88 -20.44
CA ALA D 45 -34.63 3.42 -19.22
C ALA D 45 -35.24 4.76 -18.84
N VAL D 46 -35.46 5.63 -19.82
CA VAL D 46 -35.99 6.95 -19.53
C VAL D 46 -37.43 6.86 -19.02
N THR D 47 -38.21 5.91 -19.55
CA THR D 47 -39.58 5.78 -19.07
C THR D 47 -39.61 5.13 -17.69
N VAL D 48 -38.66 4.23 -17.40
CA VAL D 48 -38.56 3.68 -16.05
C VAL D 48 -38.23 4.79 -15.06
N LEU D 49 -37.28 5.66 -15.42
CA LEU D 49 -36.92 6.77 -14.54
C LEU D 49 -38.07 7.75 -14.37
N LYS D 50 -38.80 8.05 -15.44
CA LYS D 50 -39.94 8.95 -15.34
C LYS D 50 -41.04 8.37 -14.47
N LYS D 51 -41.29 7.06 -14.58
CA LYS D 51 -42.33 6.45 -13.77
C LYS D 51 -41.91 6.35 -12.30
N THR D 52 -40.62 6.08 -12.04
CA THR D 52 -40.15 6.08 -10.67
C THR D 52 -39.98 7.48 -10.11
N LEU D 53 -40.04 8.51 -10.96
CA LEU D 53 -40.07 9.88 -10.44
C LEU D 53 -41.33 10.14 -9.63
N LYS D 54 -42.47 9.64 -10.11
CA LYS D 54 -43.73 9.80 -9.37
C LYS D 54 -43.66 9.08 -8.03
N SER D 55 -43.10 7.88 -8.00
CA SER D 55 -42.95 7.08 -6.80
C SER D 55 -41.61 7.41 -6.14
N ALA D 56 -41.21 6.63 -5.14
CA ALA D 56 -39.92 6.84 -4.49
C ALA D 56 -39.13 5.55 -4.35
N ASN D 57 -39.34 4.57 -5.21
CA ASN D 57 -38.69 3.28 -5.14
C ASN D 57 -37.59 3.10 -6.19
N LEU D 58 -36.86 4.15 -6.52
CA LEU D 58 -35.80 4.04 -7.51
C LEU D 58 -34.72 3.09 -7.01
N PRO D 59 -34.39 2.03 -7.76
CA PRO D 59 -33.33 1.11 -7.32
C PRO D 59 -31.95 1.54 -7.77
N HIS D 60 -30.93 0.80 -7.35
CA HIS D 60 -29.58 1.08 -7.81
C HIS D 60 -29.47 0.77 -9.30
N MET D 61 -28.84 1.68 -10.04
CA MET D 61 -28.82 1.63 -11.49
C MET D 61 -27.40 1.39 -12.00
N LEU D 62 -27.31 0.62 -13.09
CA LEU D 62 -26.06 0.34 -13.79
C LEU D 62 -26.26 0.70 -15.25
N PHE D 63 -26.00 1.96 -15.59
CA PHE D 63 -26.13 2.43 -16.96
C PHE D 63 -24.92 1.98 -17.78
N TYR D 64 -25.17 1.37 -18.93
CA TYR D 64 -24.09 0.93 -19.81
C TYR D 64 -24.56 0.97 -21.25
N GLY D 65 -23.58 1.07 -22.16
CA GLY D 65 -23.85 1.12 -23.58
C GLY D 65 -22.67 1.68 -24.36
N PRO D 66 -22.85 1.88 -25.66
CA PRO D 66 -21.80 2.46 -26.48
C PRO D 66 -21.49 3.89 -26.06
N PRO D 67 -20.28 4.38 -26.31
CA PRO D 67 -19.96 5.76 -25.96
C PRO D 67 -20.84 6.75 -26.69
N GLY D 68 -21.16 7.85 -25.99
CA GLY D 68 -21.99 8.89 -26.56
C GLY D 68 -23.41 8.47 -26.87
N THR D 69 -24.03 7.69 -25.97
CA THR D 69 -25.40 7.25 -26.15
C THR D 69 -26.39 7.94 -25.23
N GLY D 70 -25.92 8.78 -24.31
CA GLY D 70 -26.83 9.56 -23.49
C GLY D 70 -27.04 9.02 -22.09
N LYS D 71 -25.95 8.61 -21.43
CA LYS D 71 -26.02 8.13 -20.05
C LYS D 71 -25.85 9.28 -19.06
N THR D 72 -24.78 10.06 -19.21
CA THR D 72 -24.56 11.21 -18.33
C THR D 72 -25.68 12.23 -18.47
N SER D 73 -26.13 12.49 -19.70
CA SER D 73 -27.23 13.42 -19.92
C SER D 73 -28.50 12.92 -19.23
N THR D 74 -28.79 11.63 -19.36
CA THR D 74 -29.99 11.07 -18.75
C THR D 74 -29.93 11.17 -17.23
N ILE D 75 -28.79 10.82 -16.64
CA ILE D 75 -28.69 10.83 -15.18
C ILE D 75 -28.75 12.27 -14.65
N LEU D 76 -28.13 13.21 -15.37
CA LEU D 76 -28.22 14.60 -14.96
C LEU D 76 -29.65 15.13 -15.06
N ALA D 77 -30.36 14.76 -16.12
CA ALA D 77 -31.75 15.17 -16.28
C ALA D 77 -32.61 14.62 -15.14
N LEU D 78 -32.43 13.33 -14.82
CA LEU D 78 -33.17 12.74 -13.72
C LEU D 78 -32.83 13.41 -12.39
N THR D 79 -31.55 13.72 -12.18
CA THR D 79 -31.11 14.38 -10.96
C THR D 79 -31.76 15.76 -10.81
N LYS D 80 -31.80 16.52 -11.90
CA LYS D 80 -32.36 17.87 -11.81
C LYS D 80 -33.88 17.82 -11.72
N GLU D 81 -34.51 16.78 -12.28
CA GLU D 81 -35.96 16.67 -12.19
C GLU D 81 -36.40 16.23 -10.79
N LEU D 82 -35.66 15.34 -10.15
CA LEU D 82 -36.06 14.81 -8.85
C LEU D 82 -35.89 15.81 -7.72
N TYR D 83 -34.81 16.60 -7.72
CA TYR D 83 -34.48 17.44 -6.59
C TYR D 83 -34.54 18.94 -6.88
N GLY D 84 -34.14 19.37 -8.06
CA GLY D 84 -34.07 20.79 -8.38
C GLY D 84 -32.68 21.35 -8.16
N PRO D 85 -32.39 22.48 -8.81
CA PRO D 85 -31.02 23.03 -8.80
C PRO D 85 -30.46 23.30 -7.41
N ASP D 86 -31.30 23.78 -6.49
CA ASP D 86 -30.82 24.08 -5.14
C ASP D 86 -30.58 22.81 -4.35
N LEU D 87 -31.45 21.82 -4.50
CA LEU D 87 -31.31 20.58 -3.73
C LEU D 87 -30.28 19.65 -4.38
N MET D 88 -29.92 19.91 -5.63
CA MET D 88 -28.98 19.07 -6.35
C MET D 88 -27.62 19.02 -5.65
N LYS D 89 -27.11 20.18 -5.25
CA LYS D 89 -25.79 20.23 -4.63
C LYS D 89 -25.78 19.49 -3.30
N SER D 90 -26.86 19.60 -2.52
CA SER D 90 -26.90 19.00 -1.21
C SER D 90 -27.34 17.53 -1.22
N ARG D 91 -27.85 17.03 -2.34
CA ARG D 91 -28.39 15.66 -2.36
C ARG D 91 -27.76 14.81 -3.46
N ILE D 92 -26.75 15.31 -4.15
CA ILE D 92 -26.12 14.54 -5.22
C ILE D 92 -24.60 14.61 -5.12
N LEU D 93 -23.96 13.46 -5.21
CA LEU D 93 -22.50 13.36 -5.28
C LEU D 93 -22.11 12.69 -6.59
N GLU D 94 -21.16 13.29 -7.29
CA GLU D 94 -20.70 12.80 -8.60
C GLU D 94 -19.21 12.52 -8.53
N LEU D 95 -18.82 11.29 -8.89
CA LEU D 95 -17.42 10.90 -8.95
C LEU D 95 -17.19 10.21 -10.30
N ASN D 96 -16.10 10.57 -10.97
CA ASN D 96 -15.76 10.02 -12.27
C ASN D 96 -14.27 9.73 -12.34
N ALA D 97 -13.81 9.38 -13.54
CA ALA D 97 -12.40 9.03 -13.71
C ALA D 97 -11.48 10.22 -13.50
N SER D 98 -12.01 11.44 -13.63
CA SER D 98 -11.21 12.64 -13.40
C SER D 98 -10.75 12.74 -11.96
N ASP D 99 -11.49 12.19 -11.02
CA ASP D 99 -11.13 12.18 -9.61
C ASP D 99 -10.71 10.77 -9.19
N GLU D 100 -10.12 10.69 -8.00
CA GLU D 100 -9.64 9.41 -7.48
C GLU D 100 -10.83 8.58 -7.01
N ARG D 101 -10.85 7.31 -7.40
CA ARG D 101 -11.91 6.37 -7.02
C ARG D 101 -11.31 5.05 -6.55
N GLY D 102 -10.31 5.12 -5.69
CA GLY D 102 -9.67 3.93 -5.18
C GLY D 102 -10.48 3.28 -4.07
N ILE D 103 -9.86 2.28 -3.44
CA ILE D 103 -10.51 1.58 -2.34
C ILE D 103 -10.71 2.51 -1.16
N SER D 104 -9.72 3.36 -0.87
CA SER D 104 -9.87 4.31 0.23
C SER D 104 -10.98 5.31 -0.05
N ILE D 105 -11.07 5.79 -1.29
CA ILE D 105 -12.11 6.76 -1.64
C ILE D 105 -13.49 6.15 -1.47
N VAL D 106 -13.67 4.93 -1.99
CA VAL D 106 -14.95 4.25 -1.85
C VAL D 106 -15.27 3.99 -0.38
N ARG D 107 -14.27 3.62 0.40
CA ARG D 107 -14.49 3.28 1.80
C ARG D 107 -14.84 4.51 2.64
N GLU D 108 -14.25 5.67 2.33
CA GLU D 108 -14.43 6.84 3.18
C GLU D 108 -15.49 7.75 2.59
N LYS D 109 -15.29 8.31 1.39
CA LYS D 109 -16.15 9.37 0.91
C LYS D 109 -17.55 8.87 0.59
N VAL D 110 -17.64 7.78 -0.17
CA VAL D 110 -18.94 7.24 -0.57
C VAL D 110 -19.72 6.78 0.66
N LYS D 111 -19.04 6.07 1.57
CA LYS D 111 -19.73 5.56 2.75
C LYS D 111 -20.22 6.70 3.64
N ASN D 112 -19.37 7.71 3.87
CA ASN D 112 -19.77 8.84 4.70
C ASN D 112 -20.93 9.61 4.06
N PHE D 113 -20.88 9.81 2.75
CA PHE D 113 -21.96 10.51 2.07
C PHE D 113 -23.26 9.73 2.18
N ALA D 114 -23.20 8.41 1.99
CA ALA D 114 -24.41 7.58 2.08
C ALA D 114 -24.96 7.57 3.50
N ARG D 115 -24.08 7.55 4.50
CA ARG D 115 -24.54 7.50 5.89
C ARG D 115 -25.26 8.79 6.28
N LEU D 116 -24.87 9.91 5.68
CA LEU D 116 -25.46 11.21 5.99
C LEU D 116 -26.96 11.20 5.76
N THR D 117 -27.70 11.77 6.71
CA THR D 117 -29.15 11.88 6.56
C THR D 117 -29.49 12.84 5.42
N VAL D 118 -30.53 12.50 4.66
CA VAL D 118 -30.93 13.34 3.54
C VAL D 118 -31.36 14.70 4.06
N SER D 119 -30.90 15.76 3.40
CA SER D 119 -31.21 17.11 3.83
C SER D 119 -32.70 17.39 3.67
N LYS D 120 -33.22 18.20 4.61
CA LYS D 120 -34.64 18.53 4.59
C LYS D 120 -34.92 19.53 3.46
N PRO D 121 -35.79 19.19 2.52
CA PRO D 121 -36.11 20.14 1.44
C PRO D 121 -36.87 21.35 1.97
N SER D 122 -36.69 22.47 1.28
CA SER D 122 -37.43 23.68 1.62
C SER D 122 -38.87 23.58 1.11
N LYS D 123 -39.69 24.55 1.51
CA LYS D 123 -41.09 24.55 1.10
C LYS D 123 -41.22 24.67 -0.41
N HIS D 124 -40.41 25.54 -1.02
CA HIS D 124 -40.44 25.69 -2.48
C HIS D 124 -40.05 24.39 -3.17
N ASP D 125 -39.02 23.71 -2.64
CA ASP D 125 -38.59 22.44 -3.23
C ASP D 125 -39.70 21.39 -3.15
N LEU D 126 -40.37 21.30 -2.00
CA LEU D 126 -41.46 20.35 -1.87
C LEU D 126 -42.63 20.72 -2.76
N GLU D 127 -42.85 22.02 -2.99
CA GLU D 127 -43.96 22.46 -3.82
C GLU D 127 -43.73 22.15 -5.30
N ASN D 128 -42.52 22.44 -5.80
CA ASN D 128 -42.27 22.42 -7.24
C ASN D 128 -41.36 21.26 -7.65
N TYR D 129 -41.01 20.39 -6.69
CA TYR D 129 -40.18 19.24 -7.03
C TYR D 129 -40.65 18.04 -6.23
N PRO D 130 -40.55 16.82 -6.77
CA PRO D 130 -40.96 15.64 -6.00
C PRO D 130 -40.19 15.46 -4.69
N CYS D 131 -38.90 15.78 -4.68
CA CYS D 131 -38.02 15.66 -3.51
C CYS D 131 -38.11 14.26 -2.89
N PRO D 132 -37.56 13.25 -3.55
CA PRO D 132 -37.61 11.89 -3.01
C PRO D 132 -36.78 11.79 -1.73
N PRO D 133 -37.15 10.88 -0.82
CA PRO D 133 -36.42 10.76 0.44
C PRO D 133 -35.03 10.16 0.32
N TYR D 134 -34.59 9.78 -0.87
CA TYR D 134 -33.26 9.22 -1.08
C TYR D 134 -32.38 10.20 -1.84
N LYS D 135 -31.09 9.87 -1.87
CA LYS D 135 -30.09 10.65 -2.60
C LYS D 135 -29.32 9.73 -3.54
N ILE D 136 -28.77 10.33 -4.59
CA ILE D 136 -28.13 9.59 -5.68
C ILE D 136 -26.64 9.84 -5.64
N ILE D 137 -25.87 8.76 -5.66
CA ILE D 137 -24.42 8.81 -5.81
C ILE D 137 -24.10 8.37 -7.24
N ILE D 138 -23.57 9.30 -8.03
CA ILE D 138 -23.32 9.05 -9.45
C ILE D 138 -21.85 8.70 -9.62
N LEU D 139 -21.57 7.44 -9.97
CA LEU D 139 -20.21 6.99 -10.25
C LEU D 139 -20.10 6.75 -11.75
N ASP D 140 -19.80 7.81 -12.48
CA ASP D 140 -19.66 7.73 -13.93
C ASP D 140 -18.31 7.11 -14.29
N GLU D 141 -18.28 6.46 -15.46
CA GLU D 141 -17.08 5.80 -15.96
C GLU D 141 -16.55 4.78 -14.95
N ALA D 142 -17.47 3.99 -14.39
CA ALA D 142 -17.14 3.02 -13.36
C ALA D 142 -16.34 1.83 -13.90
N ASP D 143 -16.28 1.65 -15.22
CA ASP D 143 -15.51 0.56 -15.79
C ASP D 143 -14.01 0.69 -15.57
N SER D 144 -13.53 1.89 -15.24
CA SER D 144 -12.12 2.13 -14.95
C SER D 144 -11.78 1.89 -13.49
N MET D 145 -12.76 1.54 -12.66
CA MET D 145 -12.52 1.29 -11.25
C MET D 145 -12.03 -0.13 -11.04
N THR D 146 -11.00 -0.27 -10.21
CA THR D 146 -10.41 -1.57 -9.95
C THR D 146 -11.39 -2.47 -9.19
N ALA D 147 -11.25 -3.77 -9.40
CA ALA D 147 -12.11 -4.75 -8.73
C ALA D 147 -11.94 -4.71 -7.21
N ASP D 148 -10.78 -4.29 -6.71
CA ASP D 148 -10.59 -4.14 -5.27
C ASP D 148 -11.47 -3.05 -4.69
N ALA D 149 -11.62 -1.91 -5.39
CA ALA D 149 -12.50 -0.85 -4.94
C ALA D 149 -13.96 -1.10 -5.24
N GLN D 150 -14.27 -2.01 -6.15
CA GLN D 150 -15.65 -2.38 -6.46
C GLN D 150 -16.23 -3.38 -5.46
N SER D 151 -15.39 -4.05 -4.68
CA SER D 151 -15.86 -4.96 -3.65
C SER D 151 -16.35 -4.25 -2.40
N ALA D 152 -15.85 -3.03 -2.14
CA ALA D 152 -16.30 -2.26 -0.99
C ALA D 152 -17.66 -1.59 -1.20
N LEU D 153 -18.13 -1.49 -2.44
CA LEU D 153 -19.43 -0.90 -2.73
C LEU D 153 -20.58 -1.87 -2.50
N ARG D 154 -20.29 -3.17 -2.36
CA ARG D 154 -21.35 -4.17 -2.31
C ARG D 154 -22.31 -3.93 -1.14
N ARG D 155 -21.79 -3.98 0.09
CA ARG D 155 -22.63 -3.73 1.24
C ARG D 155 -22.97 -2.25 1.38
N THR D 156 -22.11 -1.37 0.85
CA THR D 156 -22.37 0.07 0.93
C THR D 156 -23.65 0.45 0.20
N MET D 157 -23.89 -0.15 -0.97
CA MET D 157 -25.11 0.11 -1.72
C MET D 157 -26.26 -0.77 -1.29
N GLU D 158 -26.10 -1.53 -0.21
CA GLU D 158 -27.15 -2.43 0.25
C GLU D 158 -27.71 -2.04 1.60
N THR D 159 -26.85 -1.76 2.59
CA THR D 159 -27.35 -1.36 3.90
C THR D 159 -27.87 0.07 3.87
N TYR D 160 -27.22 0.95 3.09
CA TYR D 160 -27.67 2.32 2.92
C TYR D 160 -28.50 2.43 1.64
N SER D 161 -29.55 1.63 1.59
CA SER D 161 -30.41 1.58 0.41
C SER D 161 -31.66 2.44 0.54
N GLY D 162 -32.20 2.60 1.75
CA GLY D 162 -33.37 3.42 1.98
C GLY D 162 -33.11 4.89 2.18
N VAL D 163 -31.85 5.32 2.12
CA VAL D 163 -31.50 6.72 2.34
C VAL D 163 -30.57 7.17 1.21
N THR D 164 -30.03 6.22 0.46
CA THR D 164 -29.09 6.52 -0.60
C THR D 164 -29.32 5.60 -1.79
N ARG D 165 -29.10 6.13 -2.98
CA ARG D 165 -29.18 5.37 -4.23
C ARG D 165 -27.87 5.49 -4.97
N PHE D 166 -27.55 4.47 -5.77
CA PHE D 166 -26.30 4.39 -6.49
C PHE D 166 -26.58 4.29 -7.99
N CYS D 167 -25.85 5.06 -8.78
CA CYS D 167 -25.93 5.03 -10.24
C CYS D 167 -24.52 4.82 -10.79
N LEU D 168 -24.27 3.61 -11.30
CA LEU D 168 -22.98 3.26 -11.88
C LEU D 168 -23.09 3.37 -13.39
N ILE D 169 -22.20 4.16 -14.00
CA ILE D 169 -22.18 4.39 -15.43
C ILE D 169 -20.86 3.86 -15.98
N CYS D 170 -20.94 3.07 -17.05
CA CYS D 170 -19.76 2.48 -17.63
C CYS D 170 -20.04 2.14 -19.10
N ASN D 171 -18.97 1.88 -19.84
CA ASN D 171 -19.11 1.46 -21.23
C ASN D 171 -18.99 -0.04 -21.42
N TYR D 172 -18.28 -0.73 -20.52
CA TYR D 172 -18.10 -2.18 -20.60
C TYR D 172 -18.58 -2.79 -19.30
N VAL D 173 -19.65 -3.58 -19.36
CA VAL D 173 -20.17 -4.24 -18.17
C VAL D 173 -19.20 -5.30 -17.67
N THR D 174 -18.36 -5.82 -18.56
CA THR D 174 -17.40 -6.86 -18.17
C THR D 174 -16.43 -6.37 -17.11
N ARG D 175 -16.11 -5.07 -17.09
CA ARG D 175 -15.25 -4.50 -16.08
C ARG D 175 -15.94 -4.38 -14.72
N ILE D 176 -17.26 -4.48 -14.68
CA ILE D 176 -18.01 -4.43 -13.42
C ILE D 176 -18.08 -5.84 -12.87
N ILE D 177 -17.75 -6.00 -11.57
CA ILE D 177 -17.77 -7.32 -10.97
C ILE D 177 -19.20 -7.86 -10.92
N ASP D 178 -19.31 -9.18 -10.81
CA ASP D 178 -20.62 -9.82 -10.80
C ASP D 178 -21.50 -9.36 -9.64
N PRO D 179 -21.01 -9.26 -8.38
CA PRO D 179 -21.89 -8.78 -7.30
C PRO D 179 -22.49 -7.40 -7.56
N LEU D 180 -21.67 -6.45 -8.03
CA LEU D 180 -22.19 -5.11 -8.31
C LEU D 180 -23.20 -5.13 -9.44
N ALA D 181 -22.93 -5.94 -10.48
CA ALA D 181 -23.88 -6.07 -11.57
C ALA D 181 -25.21 -6.68 -11.12
N SER D 182 -25.17 -7.60 -10.15
CA SER D 182 -26.40 -8.19 -9.64
C SER D 182 -27.16 -7.22 -8.74
N ARG D 183 -26.44 -6.45 -7.92
CA ARG D 183 -27.10 -5.52 -7.02
C ARG D 183 -27.77 -4.38 -7.78
N CYS D 184 -27.10 -3.86 -8.80
CA CYS D 184 -27.61 -2.72 -9.55
C CYS D 184 -28.50 -3.18 -10.70
N SER D 185 -29.54 -2.40 -10.98
CA SER D 185 -30.40 -2.68 -12.10
C SER D 185 -29.67 -2.45 -13.42
N LYS D 186 -29.97 -3.30 -14.40
CA LYS D 186 -29.26 -3.33 -15.68
C LYS D 186 -30.09 -2.53 -16.69
N PHE D 187 -29.69 -1.27 -16.89
CA PHE D 187 -30.28 -0.40 -17.90
C PHE D 187 -29.27 -0.25 -19.03
N ARG D 188 -29.62 -0.73 -20.22
CA ARG D 188 -28.75 -0.63 -21.38
C ARG D 188 -29.23 0.47 -22.31
N PHE D 189 -28.31 1.32 -22.72
CA PHE D 189 -28.61 2.43 -23.64
C PHE D 189 -28.31 1.97 -25.06
N LYS D 190 -29.32 2.02 -25.92
CA LYS D 190 -29.18 1.55 -27.28
C LYS D 190 -28.25 2.46 -28.08
N ALA D 191 -27.62 1.88 -29.10
CA ALA D 191 -26.77 2.63 -30.01
C ALA D 191 -27.62 3.53 -30.89
N LEU D 192 -27.19 4.79 -31.01
CA LEU D 192 -27.96 5.80 -31.74
C LEU D 192 -27.63 5.70 -33.22
N ASP D 193 -28.41 4.93 -33.95
CA ASP D 193 -28.20 4.74 -35.39
C ASP D 193 -28.98 5.78 -36.18
N ALA D 194 -29.02 5.62 -37.51
CA ALA D 194 -29.69 6.56 -38.38
C ALA D 194 -31.21 6.51 -38.26
N SER D 195 -31.73 5.51 -37.53
CA SER D 195 -33.17 5.41 -37.27
C SER D 195 -33.51 5.73 -35.81
N ASN D 196 -32.53 6.19 -35.03
CA ASN D 196 -32.77 6.46 -33.61
C ASN D 196 -32.61 7.93 -33.27
N ALA D 197 -31.47 8.51 -33.63
CA ALA D 197 -31.14 9.89 -33.31
C ALA D 197 -31.34 10.82 -34.50
N ILE D 198 -31.98 10.34 -35.57
CA ILE D 198 -32.18 11.17 -36.75
C ILE D 198 -33.08 12.35 -36.43
N ASP D 199 -34.13 12.12 -35.62
CA ASP D 199 -35.02 13.21 -35.24
C ASP D 199 -34.28 14.28 -34.46
N ARG D 200 -33.44 13.86 -33.51
CA ARG D 200 -32.67 14.82 -32.72
C ARG D 200 -31.68 15.59 -33.60
N LEU D 201 -31.03 14.89 -34.53
CA LEU D 201 -30.07 15.56 -35.41
C LEU D 201 -30.78 16.57 -36.32
N ARG D 202 -31.96 16.21 -36.85
CA ARG D 202 -32.72 17.15 -37.65
C ARG D 202 -33.18 18.35 -36.83
N PHE D 203 -33.60 18.11 -35.58
CA PHE D 203 -33.98 19.22 -34.71
C PHE D 203 -32.80 20.16 -34.47
N ILE D 204 -31.61 19.60 -34.22
CA ILE D 204 -30.44 20.44 -34.02
C ILE D 204 -30.09 21.22 -35.28
N SER D 205 -30.18 20.58 -36.44
CA SER D 205 -29.88 21.27 -37.69
C SER D 205 -30.86 22.41 -37.94
N GLU D 206 -32.15 22.17 -37.69
CA GLU D 206 -33.15 23.21 -37.89
C GLU D 206 -32.94 24.37 -36.91
N GLN D 207 -32.60 24.06 -35.66
CA GLN D 207 -32.37 25.11 -34.67
C GLN D 207 -31.11 25.91 -34.98
N GLU D 208 -30.11 25.26 -35.57
CA GLU D 208 -28.85 25.91 -35.91
C GLU D 208 -28.84 26.48 -37.32
N ASN D 209 -29.96 26.39 -38.05
CA ASN D 209 -30.06 26.92 -39.40
C ASN D 209 -29.01 26.30 -40.32
N VAL D 210 -29.06 24.98 -40.50
CA VAL D 210 -28.09 24.24 -41.29
C VAL D 210 -28.78 23.76 -42.56
N LYS D 211 -28.18 24.05 -43.71
CA LYS D 211 -28.72 23.62 -44.99
C LYS D 211 -28.02 22.33 -45.42
N CYS D 212 -28.80 21.26 -45.61
CA CYS D 212 -28.27 19.96 -46.00
C CYS D 212 -29.08 19.40 -47.16
N ASP D 213 -28.41 18.60 -47.99
CA ASP D 213 -29.08 17.94 -49.09
C ASP D 213 -29.90 16.74 -48.60
N ASP D 214 -30.63 16.13 -49.50
CA ASP D 214 -31.37 14.91 -49.17
C ASP D 214 -30.40 13.74 -49.01
N GLY D 215 -30.60 12.96 -47.96
CA GLY D 215 -29.71 11.85 -47.68
C GLY D 215 -28.63 12.21 -46.68
N VAL D 216 -28.45 13.51 -46.45
CA VAL D 216 -27.47 13.99 -45.49
C VAL D 216 -28.01 13.78 -44.08
N LEU D 217 -27.10 13.75 -43.10
CA LEU D 217 -27.30 13.39 -41.70
C LEU D 217 -27.50 11.89 -41.55
N GLU D 218 -27.80 11.21 -42.65
CA GLU D 218 -27.84 9.75 -42.62
C GLU D 218 -26.43 9.17 -42.71
N ARG D 219 -25.63 9.71 -43.63
CA ARG D 219 -24.21 9.37 -43.65
C ARG D 219 -23.54 9.83 -42.36
N ILE D 220 -24.01 10.92 -41.78
CA ILE D 220 -23.45 11.41 -40.52
C ILE D 220 -23.72 10.43 -39.39
N LEU D 221 -24.95 9.93 -39.30
CA LEU D 221 -25.26 8.92 -38.28
C LEU D 221 -24.53 7.61 -38.55
N ASP D 222 -24.37 7.24 -39.82
CA ASP D 222 -23.71 5.97 -40.15
C ASP D 222 -22.23 6.02 -39.82
N ILE D 223 -21.54 7.11 -40.19
CA ILE D 223 -20.13 7.24 -39.85
C ILE D 223 -19.95 7.31 -38.34
N SER D 224 -20.79 8.08 -37.67
CA SER D 224 -20.82 8.11 -36.20
C SER D 224 -21.70 6.97 -35.67
N ALA D 225 -21.25 5.75 -35.95
CA ALA D 225 -22.03 4.57 -35.59
C ALA D 225 -22.06 4.40 -34.08
N GLY D 226 -23.27 4.21 -33.54
CA GLY D 226 -23.46 4.05 -32.11
C GLY D 226 -23.02 5.25 -31.29
N ASP D 227 -23.24 6.45 -31.84
CA ASP D 227 -22.83 7.67 -31.16
C ASP D 227 -23.54 8.85 -31.81
N LEU D 228 -23.92 9.83 -30.99
CA LEU D 228 -24.53 11.05 -31.47
C LEU D 228 -23.63 12.27 -31.30
N ARG D 229 -22.74 12.27 -30.31
CA ARG D 229 -21.83 13.40 -30.11
C ARG D 229 -20.92 13.59 -31.32
N ARG D 230 -20.39 12.49 -31.87
CA ARG D 230 -19.59 12.59 -33.08
C ARG D 230 -20.41 13.11 -34.25
N GLY D 231 -21.66 12.68 -34.36
CA GLY D 231 -22.52 13.20 -35.41
C GLY D 231 -22.78 14.69 -35.28
N ILE D 232 -23.03 15.15 -34.06
CA ILE D 232 -23.24 16.57 -33.82
C ILE D 232 -21.98 17.36 -34.14
N THR D 233 -20.81 16.84 -33.76
CA THR D 233 -19.56 17.51 -34.07
C THR D 233 -19.33 17.59 -35.58
N LEU D 234 -19.62 16.50 -36.30
CA LEU D 234 -19.49 16.51 -37.75
C LEU D 234 -20.44 17.54 -38.38
N LEU D 235 -21.68 17.59 -37.89
CA LEU D 235 -22.64 18.55 -38.42
C LEU D 235 -22.17 19.99 -38.17
N GLN D 236 -21.65 20.25 -36.97
CA GLN D 236 -21.17 21.59 -36.64
C GLN D 236 -19.98 21.97 -37.53
N SER D 237 -19.04 21.04 -37.73
CA SER D 237 -17.88 21.33 -38.56
C SER D 237 -18.29 21.57 -40.01
N ALA D 238 -19.22 20.77 -40.53
CA ALA D 238 -19.71 20.98 -41.88
C ALA D 238 -20.41 22.33 -42.02
N SER D 239 -21.20 22.69 -41.01
CA SER D 239 -21.89 23.99 -41.04
C SER D 239 -20.87 25.14 -41.04
N LYS D 240 -19.84 25.03 -40.20
CA LYS D 240 -18.82 26.08 -40.16
C LYS D 240 -18.08 26.17 -41.48
N GLY D 241 -17.75 25.03 -42.10
CA GLY D 241 -17.11 25.06 -43.40
C GLY D 241 -17.99 25.71 -44.46
N ALA D 242 -19.28 25.36 -44.46
CA ALA D 242 -20.20 25.97 -45.42
C ALA D 242 -20.33 27.47 -45.21
N GLN D 243 -20.38 27.90 -43.94
CA GLN D 243 -20.46 29.34 -43.65
C GLN D 243 -19.21 30.06 -44.11
N TYR D 244 -18.03 29.46 -43.89
CA TYR D 244 -16.79 30.09 -44.33
C TYR D 244 -16.71 30.14 -45.85
N LEU D 245 -17.23 29.13 -46.54
CA LEU D 245 -17.19 29.14 -48.00
C LEU D 245 -17.97 30.32 -48.56
N GLY D 246 -19.13 30.62 -47.97
CA GLY D 246 -19.94 31.74 -48.41
C GLY D 246 -20.80 31.47 -49.64
N ASP D 247 -20.76 30.26 -50.18
CA ASP D 247 -21.58 29.95 -51.35
C ASP D 247 -23.05 29.96 -51.02
N GLY D 248 -23.41 29.57 -49.80
CA GLY D 248 -24.80 29.46 -49.41
C GLY D 248 -25.48 28.18 -49.84
N LYS D 249 -24.74 27.26 -50.45
CA LYS D 249 -25.29 26.00 -50.92
C LYS D 249 -25.37 24.99 -49.78
N ASN D 250 -26.16 23.94 -49.98
CA ASN D 250 -26.34 22.92 -48.97
C ASN D 250 -25.09 22.05 -48.86
N ILE D 251 -24.96 21.42 -47.70
CA ILE D 251 -23.81 20.55 -47.43
C ILE D 251 -24.00 19.22 -48.12
N THR D 252 -23.00 18.78 -48.87
CA THR D 252 -23.05 17.55 -49.63
C THR D 252 -22.49 16.38 -48.80
N SER D 253 -22.84 15.17 -49.25
CA SER D 253 -22.43 13.97 -48.52
C SER D 253 -20.92 13.79 -48.55
N THR D 254 -20.29 14.05 -49.70
CA THR D 254 -18.85 13.85 -49.80
C THR D 254 -18.10 14.79 -48.86
N GLN D 255 -18.66 15.97 -48.59
CA GLN D 255 -18.02 16.89 -47.66
C GLN D 255 -17.94 16.30 -46.26
N VAL D 256 -19.05 15.76 -45.76
CA VAL D 256 -19.05 15.20 -44.41
C VAL D 256 -18.29 13.87 -44.38
N GLU D 257 -18.22 13.19 -45.52
CA GLU D 257 -17.43 11.97 -45.60
C GLU D 257 -15.94 12.26 -45.48
N GLU D 258 -15.45 13.24 -46.25
CA GLU D 258 -14.03 13.61 -46.18
C GLU D 258 -13.71 14.24 -44.83
N LEU D 259 -14.63 15.05 -44.30
CA LEU D 259 -14.39 15.73 -43.03
C LEU D 259 -14.24 14.73 -41.89
N ALA D 260 -15.06 13.68 -41.89
CA ALA D 260 -14.96 12.66 -40.86
C ALA D 260 -13.62 11.92 -40.93
N GLY D 261 -13.19 11.60 -42.14
CA GLY D 261 -11.94 10.87 -42.32
C GLY D 261 -12.13 9.60 -43.13
N VAL D 262 -13.26 9.49 -43.82
CA VAL D 262 -13.55 8.30 -44.60
C VAL D 262 -12.70 8.29 -45.86
N VAL D 263 -12.08 7.15 -46.14
CA VAL D 263 -11.24 7.01 -47.33
C VAL D 263 -12.11 7.12 -48.58
N PRO D 264 -11.72 7.90 -49.58
CA PRO D 264 -12.53 7.99 -50.80
C PRO D 264 -12.62 6.66 -51.52
N HIS D 265 -13.74 6.47 -52.23
CA HIS D 265 -14.01 5.18 -52.86
C HIS D 265 -12.98 4.82 -53.93
N ASP D 266 -12.42 5.82 -54.61
CA ASP D 266 -11.40 5.53 -55.62
C ASP D 266 -10.15 4.92 -55.00
N ILE D 267 -9.72 5.46 -53.86
CA ILE D 267 -8.57 4.90 -53.15
C ILE D 267 -8.87 3.48 -52.71
N LEU D 268 -10.08 3.23 -52.22
CA LEU D 268 -10.45 1.90 -51.78
C LEU D 268 -10.45 0.91 -52.94
N ILE D 269 -10.99 1.31 -54.10
CA ILE D 269 -11.03 0.39 -55.23
C ILE D 269 -9.63 0.16 -55.79
N GLU D 270 -8.76 1.17 -55.70
CA GLU D 270 -7.36 0.96 -56.08
C GLU D 270 -6.69 -0.03 -55.13
N ILE D 271 -6.99 0.07 -53.83
CA ILE D 271 -6.46 -0.90 -52.86
C ILE D 271 -6.94 -2.30 -53.22
N VAL D 272 -8.23 -2.42 -53.55
CA VAL D 272 -8.78 -3.73 -53.90
C VAL D 272 -8.12 -4.28 -55.15
N GLU D 273 -7.91 -3.44 -56.16
CA GLU D 273 -7.26 -3.89 -57.39
C GLU D 273 -5.81 -4.32 -57.13
N LYS D 274 -5.10 -3.58 -56.27
CA LYS D 274 -3.75 -4.00 -55.90
C LYS D 274 -3.77 -5.32 -55.15
N VAL D 275 -4.81 -5.54 -54.34
CA VAL D 275 -4.94 -6.82 -53.64
C VAL D 275 -5.17 -7.95 -54.62
N LYS D 276 -6.00 -7.73 -55.64
CA LYS D 276 -6.31 -8.76 -56.62
C LYS D 276 -5.05 -9.24 -57.34
N SER D 277 -4.20 -8.30 -57.75
CA SER D 277 -2.90 -8.65 -58.31
C SER D 277 -1.94 -9.01 -57.19
N GLY D 278 -1.80 -10.31 -56.91
CA GLY D 278 -1.04 -10.75 -55.76
C GLY D 278 0.46 -10.60 -55.90
N ASP D 279 0.91 -9.37 -56.15
CA ASP D 279 2.33 -9.05 -56.20
C ASP D 279 2.69 -8.33 -54.90
N PHE D 280 3.60 -8.93 -54.13
CA PHE D 280 3.97 -8.40 -52.83
C PHE D 280 4.58 -7.01 -52.96
N ASP D 281 5.45 -6.81 -53.94
CA ASP D 281 6.13 -5.52 -54.09
C ASP D 281 5.13 -4.40 -54.41
N GLU D 282 4.21 -4.66 -55.34
CA GLU D 282 3.23 -3.65 -55.70
C GLU D 282 2.32 -3.31 -54.52
N ILE D 283 1.88 -4.34 -53.79
CA ILE D 283 1.04 -4.11 -52.62
C ILE D 283 1.79 -3.30 -51.57
N LYS D 284 3.05 -3.64 -51.32
CA LYS D 284 3.84 -2.90 -50.33
C LYS D 284 4.03 -1.45 -50.74
N LYS D 285 4.33 -1.22 -52.02
CA LYS D 285 4.50 0.17 -52.49
C LYS D 285 3.22 0.97 -52.35
N TYR D 286 2.08 0.37 -52.73
CA TYR D 286 0.82 1.12 -52.64
C TYR D 286 0.40 1.32 -51.19
N VAL D 287 0.73 0.38 -50.31
CA VAL D 287 0.44 0.57 -48.89
C VAL D 287 1.32 1.68 -48.32
N ASN D 288 2.57 1.76 -48.76
CA ASN D 288 3.43 2.86 -48.35
C ASN D 288 2.87 4.20 -48.82
N THR D 289 2.38 4.25 -50.06
CA THR D 289 1.75 5.47 -50.56
C THR D 289 0.50 5.82 -49.77
N PHE D 290 -0.31 4.82 -49.44
CA PHE D 290 -1.52 5.05 -48.65
C PHE D 290 -1.20 5.58 -47.27
N MET D 291 -0.19 5.02 -46.61
CA MET D 291 0.23 5.54 -45.31
C MET D 291 0.82 6.94 -45.44
N LYS D 292 1.45 7.23 -46.58
CA LYS D 292 1.88 8.60 -46.85
C LYS D 292 0.69 9.54 -46.93
N SER D 293 -0.42 9.08 -47.52
CA SER D 293 -1.62 9.90 -47.60
C SER D 293 -2.15 10.28 -46.23
N GLY D 294 -1.91 9.44 -45.22
CA GLY D 294 -2.25 9.79 -43.85
C GLY D 294 -3.58 9.29 -43.36
N TRP D 295 -4.25 8.39 -44.08
CA TRP D 295 -5.54 7.90 -43.63
C TRP D 295 -5.37 6.94 -42.45
N SER D 296 -6.49 6.61 -41.82
CA SER D 296 -6.52 5.77 -40.63
C SER D 296 -6.77 4.32 -41.01
N ALA D 297 -6.16 3.40 -40.27
CA ALA D 297 -6.32 1.98 -40.56
C ALA D 297 -7.72 1.49 -40.23
N ALA D 298 -8.32 2.02 -39.15
CA ALA D 298 -9.65 1.57 -38.76
C ALA D 298 -10.70 1.87 -39.83
N SER D 299 -10.65 3.09 -40.39
CA SER D 299 -11.63 3.47 -41.40
C SER D 299 -11.49 2.63 -42.67
N VAL D 300 -10.25 2.42 -43.13
CA VAL D 300 -10.05 1.65 -44.34
C VAL D 300 -10.41 0.18 -44.11
N VAL D 301 -10.15 -0.34 -42.92
CA VAL D 301 -10.55 -1.72 -42.61
C VAL D 301 -12.07 -1.84 -42.61
N ASN D 302 -12.76 -0.86 -42.01
CA ASN D 302 -14.22 -0.89 -41.99
C ASN D 302 -14.78 -0.82 -43.41
N GLN D 303 -14.21 0.05 -44.24
CA GLN D 303 -14.68 0.18 -45.62
C GLN D 303 -14.40 -1.07 -46.44
N LEU D 304 -13.24 -1.70 -46.20
CA LEU D 304 -12.95 -2.97 -46.85
C LEU D 304 -13.93 -4.05 -46.42
N HIS D 305 -14.29 -4.07 -45.14
CA HIS D 305 -15.31 -5.02 -44.67
C HIS D 305 -16.63 -4.78 -45.40
N GLU D 306 -17.05 -3.52 -45.48
CA GLU D 306 -18.31 -3.20 -46.15
C GLU D 306 -18.28 -3.59 -47.62
N TYR D 307 -17.14 -3.40 -48.28
CA TYR D 307 -17.04 -3.76 -49.69
C TYR D 307 -17.04 -5.27 -49.89
N TYR D 308 -16.22 -5.99 -49.11
CA TYR D 308 -16.03 -7.41 -49.34
C TYR D 308 -17.24 -8.22 -48.92
N ILE D 309 -17.82 -7.92 -47.75
CA ILE D 309 -18.96 -8.69 -47.26
C ILE D 309 -20.17 -8.54 -48.17
N THR D 310 -20.46 -7.32 -48.63
CA THR D 310 -21.62 -7.05 -49.47
C THR D 310 -21.49 -7.60 -50.89
N ASN D 311 -20.27 -7.62 -51.44
CA ASN D 311 -20.07 -8.05 -52.82
C ASN D 311 -20.48 -9.50 -53.02
N ASP D 312 -21.40 -9.73 -53.97
CA ASP D 312 -21.92 -11.07 -54.20
C ASP D 312 -20.98 -11.95 -55.01
N ASN D 313 -19.99 -11.35 -55.67
CA ASN D 313 -19.10 -12.11 -56.54
C ASN D 313 -18.33 -13.16 -55.76
N PHE D 314 -17.93 -12.84 -54.53
CA PHE D 314 -17.16 -13.76 -53.71
C PHE D 314 -18.03 -14.90 -53.20
N ASP D 315 -17.39 -16.02 -52.88
CA ASP D 315 -18.06 -17.21 -52.41
C ASP D 315 -18.08 -17.23 -50.88
N THR D 316 -18.62 -18.32 -50.31
CA THR D 316 -18.83 -18.39 -48.87
C THR D 316 -17.51 -18.56 -48.12
N ASN D 317 -16.63 -19.45 -48.60
CA ASN D 317 -15.38 -19.71 -47.91
C ASN D 317 -14.50 -18.48 -47.85
N PHE D 318 -14.39 -17.77 -48.98
CA PHE D 318 -13.61 -16.54 -49.01
C PHE D 318 -14.17 -15.51 -48.04
N LYS D 319 -15.50 -15.39 -47.99
CA LYS D 319 -16.12 -14.43 -47.08
C LYS D 319 -15.85 -14.79 -45.63
N ASN D 320 -15.93 -16.08 -45.29
CA ASN D 320 -15.63 -16.50 -43.93
C ASN D 320 -14.19 -16.16 -43.56
N GLN D 321 -13.25 -16.52 -44.44
CA GLN D 321 -11.84 -16.26 -44.15
C GLN D 321 -11.55 -14.77 -44.05
N ILE D 322 -12.13 -13.96 -44.93
CA ILE D 322 -11.87 -12.52 -44.89
C ILE D 322 -12.52 -11.90 -43.68
N SER D 323 -13.68 -12.41 -43.26
CA SER D 323 -14.32 -11.91 -42.04
C SER D 323 -13.44 -12.18 -40.82
N TRP D 324 -12.89 -13.40 -40.73
CA TRP D 324 -12.02 -13.71 -39.61
C TRP D 324 -10.74 -12.88 -39.66
N LEU D 325 -10.19 -12.68 -40.86
CA LEU D 325 -8.97 -11.87 -40.99
C LEU D 325 -9.23 -10.43 -40.58
N LEU D 326 -10.35 -9.86 -41.00
CA LEU D 326 -10.69 -8.50 -40.61
C LEU D 326 -10.93 -8.40 -39.11
N PHE D 327 -11.56 -9.41 -38.52
CA PHE D 327 -11.75 -9.43 -37.07
C PHE D 327 -10.41 -9.43 -36.35
N THR D 328 -9.48 -10.27 -36.80
CA THR D 328 -8.17 -10.33 -36.17
C THR D 328 -7.42 -9.02 -36.35
N THR D 329 -7.51 -8.42 -37.53
CA THR D 329 -6.83 -7.14 -37.80
C THR D 329 -7.38 -6.05 -36.91
N ASP D 330 -8.70 -5.97 -36.77
CA ASP D 330 -9.30 -4.96 -35.89
C ASP D 330 -8.93 -5.20 -34.43
N SER D 331 -8.88 -6.47 -34.02
CA SER D 331 -8.47 -6.79 -32.66
C SER D 331 -7.03 -6.33 -32.40
N ARG D 332 -6.14 -6.57 -33.36
CA ARG D 332 -4.76 -6.12 -33.22
C ARG D 332 -4.68 -4.59 -33.20
N LEU D 333 -5.44 -3.92 -34.06
CA LEU D 333 -5.40 -2.47 -34.13
C LEU D 333 -5.91 -1.84 -32.84
N ASN D 334 -6.94 -2.42 -32.24
CA ASN D 334 -7.48 -1.88 -30.99
C ASN D 334 -6.47 -1.96 -29.86
N ASN D 335 -5.51 -2.88 -29.96
CA ASN D 335 -4.48 -3.00 -28.93
C ASN D 335 -3.46 -1.87 -28.98
N GLY D 336 -3.47 -1.05 -30.03
CA GLY D 336 -2.52 0.04 -30.15
C GLY D 336 -1.24 -0.36 -30.85
N THR D 337 -1.37 -0.93 -32.05
CA THR D 337 -0.24 -1.38 -32.84
C THR D 337 -0.02 -0.46 -34.03
N ASN D 338 1.08 -0.70 -34.73
CA ASN D 338 1.41 0.09 -35.92
C ASN D 338 0.43 -0.19 -37.04
N GLU D 339 -0.17 0.86 -37.58
CA GLU D 339 -1.20 0.71 -38.60
C GLU D 339 -0.62 0.15 -39.90
N HIS D 340 0.60 0.58 -40.24
CA HIS D 340 1.21 0.20 -41.52
C HIS D 340 1.39 -1.31 -41.61
N ILE D 341 1.98 -1.91 -40.58
CA ILE D 341 2.25 -3.35 -40.59
C ILE D 341 0.96 -4.14 -40.65
N GLN D 342 -0.02 -3.75 -39.82
CA GLN D 342 -1.29 -4.48 -39.78
C GLN D 342 -2.01 -4.39 -41.12
N LEU D 343 -2.04 -3.20 -41.71
CA LEU D 343 -2.70 -3.04 -43.00
C LEU D 343 -2.00 -3.84 -44.09
N LEU D 344 -0.66 -3.83 -44.10
CA LEU D 344 0.06 -4.59 -45.10
C LEU D 344 -0.18 -6.09 -44.94
N ASN D 345 -0.15 -6.58 -43.69
CA ASN D 345 -0.40 -8.00 -43.45
C ASN D 345 -1.81 -8.38 -43.86
N LEU D 346 -2.79 -7.52 -43.55
CA LEU D 346 -4.17 -7.81 -43.93
C LEU D 346 -4.32 -7.86 -45.45
N LEU D 347 -3.72 -6.91 -46.16
CA LEU D 347 -3.85 -6.91 -47.62
C LEU D 347 -3.13 -8.10 -48.25
N VAL D 348 -1.98 -8.49 -47.68
CA VAL D 348 -1.29 -9.68 -48.17
C VAL D 348 -2.14 -10.92 -47.95
N LYS D 349 -2.77 -11.02 -46.78
CA LYS D 349 -3.62 -12.17 -46.48
C LYS D 349 -4.81 -12.22 -47.44
N ILE D 350 -5.42 -11.07 -47.72
CA ILE D 350 -6.55 -11.05 -48.65
C ILE D 350 -6.10 -11.42 -50.05
N SER D 351 -4.91 -10.97 -50.46
CA SER D 351 -4.38 -11.34 -51.77
C SER D 351 -4.11 -12.84 -51.85
N GLN D 352 -3.56 -13.42 -50.79
CA GLN D 352 -3.25 -14.84 -50.74
C GLN D 352 -4.44 -15.62 -50.14
N LEU D 353 -5.59 -15.46 -50.79
CA LEU D 353 -6.82 -16.10 -50.32
C LEU D 353 -7.57 -16.74 -51.49
N SER E 2 18.22 28.84 -35.62
CA SER E 2 19.55 28.46 -36.10
C SER E 2 19.44 27.33 -37.13
N LEU E 3 18.78 26.24 -36.74
CA LEU E 3 18.60 25.12 -37.64
C LEU E 3 17.69 25.52 -38.81
N TRP E 4 17.93 24.90 -39.97
CA TRP E 4 17.17 25.26 -41.16
C TRP E 4 15.70 24.91 -41.02
N VAL E 5 15.39 23.84 -40.27
CA VAL E 5 14.00 23.49 -40.02
C VAL E 5 13.31 24.61 -39.24
N ASP E 6 14.01 25.16 -38.25
CA ASP E 6 13.47 26.28 -37.49
C ASP E 6 13.59 27.59 -38.28
N LYS E 7 14.64 27.70 -39.11
CA LYS E 7 14.83 28.92 -39.89
C LYS E 7 13.70 29.16 -40.87
N TYR E 8 13.24 28.11 -41.54
CA TYR E 8 12.21 28.22 -42.58
C TYR E 8 10.87 27.68 -42.11
N ARG E 9 10.62 27.71 -40.81
CA ARG E 9 9.33 27.31 -40.28
C ARG E 9 8.31 28.40 -40.53
N PRO E 10 7.18 28.11 -41.19
CA PRO E 10 6.16 29.13 -41.38
C PRO E 10 5.56 29.57 -40.06
N LYS E 11 5.15 30.84 -40.00
CA LYS E 11 4.61 31.41 -38.76
C LYS E 11 3.18 31.91 -38.95
N SER E 12 2.50 31.49 -40.00
CA SER E 12 1.12 31.92 -40.22
C SER E 12 0.42 30.91 -41.12
N LEU E 13 -0.91 31.00 -41.14
CA LEU E 13 -1.71 30.14 -42.00
C LEU E 13 -1.42 30.37 -43.47
N ASN E 14 -1.27 31.63 -43.90
CA ASN E 14 -0.96 31.94 -45.29
C ASN E 14 0.46 31.50 -45.66
N ALA E 15 1.39 31.54 -44.70
CA ALA E 15 2.75 31.09 -44.96
C ALA E 15 2.79 29.60 -45.31
N LEU E 16 1.84 28.83 -44.79
CA LEU E 16 1.77 27.41 -45.14
C LEU E 16 1.37 27.25 -46.59
N SER E 17 2.22 26.58 -47.36
CA SER E 17 1.98 26.41 -48.79
C SER E 17 2.28 24.97 -49.22
N HIS E 18 1.85 24.00 -48.41
CA HIS E 18 2.10 22.61 -48.74
C HIS E 18 0.90 21.69 -48.55
N ASN E 19 -0.22 22.17 -48.04
CA ASN E 19 -1.45 21.38 -47.91
C ASN E 19 -2.62 21.98 -48.66
N GLU E 20 -2.71 23.31 -48.71
CA GLU E 20 -3.74 24.04 -49.46
C GLU E 20 -5.13 23.79 -48.90
N GLU E 21 -5.67 22.59 -49.14
CA GLU E 21 -7.01 22.26 -48.65
C GLU E 21 -7.06 22.29 -47.12
N LEU E 22 -6.04 21.73 -46.47
CA LEU E 22 -5.98 21.77 -45.01
C LEU E 22 -5.83 23.20 -44.52
N THR E 23 -5.09 24.03 -45.24
CA THR E 23 -4.97 25.44 -44.87
C THR E 23 -6.31 26.15 -44.97
N ASN E 24 -7.08 25.85 -46.02
CA ASN E 24 -8.42 26.44 -46.16
C ASN E 24 -9.34 25.97 -45.04
N PHE E 25 -9.25 24.70 -44.66
CA PHE E 25 -10.06 24.21 -43.55
C PHE E 25 -9.65 24.88 -42.24
N LEU E 26 -8.36 25.12 -42.05
CA LEU E 26 -7.91 25.84 -40.86
C LEU E 26 -8.41 27.28 -40.87
N LYS E 27 -8.45 27.91 -42.04
CA LYS E 27 -9.05 29.25 -42.14
C LYS E 27 -10.52 29.21 -41.76
N SER E 28 -11.23 28.18 -42.22
CA SER E 28 -12.65 28.04 -41.87
C SER E 28 -12.83 27.87 -40.37
N LEU E 29 -11.97 27.06 -39.74
CA LEU E 29 -12.03 26.88 -38.30
C LEU E 29 -11.69 28.16 -37.54
N SER E 30 -10.74 28.95 -38.05
CA SER E 30 -10.31 30.17 -37.39
C SER E 30 -11.26 31.34 -37.65
N ASP E 31 -12.17 31.20 -38.61
CA ASP E 31 -13.13 32.27 -38.89
C ASP E 31 -14.01 32.54 -37.68
N GLN E 32 -14.34 31.52 -36.91
CA GLN E 32 -15.17 31.65 -35.70
C GLN E 32 -14.41 31.03 -34.54
N PRO E 33 -13.48 31.78 -33.93
CA PRO E 33 -12.68 31.22 -32.83
C PRO E 33 -13.48 30.82 -31.60
N ARG E 34 -14.68 31.36 -31.42
CA ARG E 34 -15.48 31.06 -30.24
C ARG E 34 -15.86 29.59 -30.16
N ASP E 35 -16.56 29.09 -31.18
CA ASP E 35 -17.02 27.69 -31.20
C ASP E 35 -15.94 26.79 -31.79
N LEU E 36 -14.85 26.65 -31.05
CA LEU E 36 -13.75 25.79 -31.47
C LEU E 36 -13.87 24.42 -30.82
N PRO E 37 -14.12 23.37 -31.59
CA PRO E 37 -14.17 22.02 -31.01
C PRO E 37 -12.76 21.52 -30.71
N HIS E 38 -12.71 20.48 -29.87
CA HIS E 38 -11.44 19.81 -29.61
C HIS E 38 -10.93 19.18 -30.89
N LEU E 39 -9.65 19.43 -31.19
CA LEU E 39 -9.06 19.06 -32.48
C LEU E 39 -8.06 17.94 -32.28
N LEU E 40 -8.12 16.94 -33.15
CA LEU E 40 -7.19 15.81 -33.15
C LEU E 40 -6.58 15.68 -34.54
N LEU E 41 -5.30 16.02 -34.67
CA LEU E 41 -4.59 15.92 -35.93
C LEU E 41 -3.90 14.57 -36.02
N TYR E 42 -4.25 13.79 -37.04
CA TYR E 42 -3.63 12.50 -37.28
C TYR E 42 -3.02 12.50 -38.68
N GLY E 43 -1.75 12.10 -38.77
CA GLY E 43 -1.05 12.05 -40.02
C GLY E 43 0.38 11.56 -39.87
N PRO E 44 1.06 11.35 -40.99
CA PRO E 44 2.45 10.88 -40.92
C PRO E 44 3.36 11.91 -40.25
N ASN E 45 4.39 11.40 -39.58
CA ASN E 45 5.36 12.26 -38.94
C ASN E 45 6.13 13.07 -39.97
N GLY E 46 6.42 14.32 -39.63
CA GLY E 46 7.12 15.24 -40.50
C GLY E 46 6.21 16.05 -41.41
N THR E 47 4.91 15.81 -41.35
CA THR E 47 3.95 16.55 -42.17
C THR E 47 3.98 18.04 -41.87
N GLY E 48 4.02 18.39 -40.58
CA GLY E 48 3.94 19.77 -40.17
C GLY E 48 2.69 20.05 -39.35
N LYS E 49 2.21 19.03 -38.65
CA LYS E 49 1.01 19.16 -37.84
C LYS E 49 1.23 20.13 -36.68
N LYS E 50 2.39 20.09 -36.05
CA LYS E 50 2.70 21.04 -34.98
C LYS E 50 2.76 22.47 -35.50
N THR E 51 3.38 22.64 -36.67
CA THR E 51 3.42 23.97 -37.30
C THR E 51 2.03 24.44 -37.65
N ARG E 52 1.17 23.53 -38.13
CA ARG E 52 -0.21 23.89 -38.43
C ARG E 52 -0.97 24.29 -37.17
N CYS E 53 -0.75 23.58 -36.06
CA CYS E 53 -1.38 23.97 -34.80
C CYS E 53 -0.91 25.35 -34.35
N MET E 54 0.39 25.61 -34.48
CA MET E 54 0.92 26.92 -34.11
C MET E 54 0.32 28.02 -34.98
N ALA E 55 0.21 27.78 -36.29
CA ALA E 55 -0.36 28.77 -37.19
C ALA E 55 -1.83 29.03 -36.88
N LEU E 56 -2.58 27.96 -36.59
CA LEU E 56 -3.98 28.11 -36.23
C LEU E 56 -4.13 28.90 -34.93
N LEU E 57 -3.28 28.63 -33.94
CA LEU E 57 -3.34 29.38 -32.69
C LEU E 57 -3.01 30.85 -32.92
N GLU E 58 -2.03 31.13 -33.80
CA GLU E 58 -1.74 32.51 -34.13
C GLU E 58 -2.93 33.18 -34.82
N SER E 59 -3.61 32.44 -35.69
CA SER E 59 -4.80 32.99 -36.34
C SER E 59 -5.88 33.33 -35.32
N ILE E 60 -6.08 32.45 -34.34
CA ILE E 60 -7.08 32.71 -33.31
C ILE E 60 -6.62 33.81 -32.35
N PHE E 61 -5.38 33.71 -31.87
CA PHE E 61 -4.90 34.53 -30.77
C PHE E 61 -3.96 35.66 -31.23
N GLY E 62 -3.96 35.96 -32.52
CA GLY E 62 -3.12 37.02 -33.05
C GLY E 62 -1.65 36.66 -32.99
N PRO E 63 -0.78 37.67 -33.13
CA PRO E 63 0.66 37.41 -33.06
C PRO E 63 1.13 37.03 -31.67
N GLY E 64 2.38 36.55 -31.57
CA GLY E 64 2.94 36.18 -30.29
C GLY E 64 2.64 34.78 -29.83
N VAL E 65 1.97 33.96 -30.65
CA VAL E 65 1.71 32.58 -30.29
C VAL E 65 3.01 31.77 -30.29
N TYR E 66 3.92 32.07 -31.23
CA TYR E 66 5.17 31.33 -31.34
C TYR E 66 6.16 31.70 -30.24
N ARG E 67 5.69 32.44 -29.24
CA ARG E 67 6.53 32.81 -28.10
C ARG E 67 6.88 31.56 -27.29
N LEU E 68 7.97 31.63 -26.53
CA LEU E 68 8.45 30.46 -25.80
C LEU E 68 8.73 30.80 -24.34
N LYS E 69 7.72 30.61 -23.48
CA LYS E 69 7.86 30.88 -22.05
C LYS E 69 8.07 29.57 -21.31
N ILE E 70 9.31 29.07 -21.38
CA ILE E 70 9.65 27.82 -20.74
C ILE E 70 9.69 28.01 -19.22
N ASP E 71 9.09 27.05 -18.51
CA ASP E 71 9.10 27.04 -17.05
C ASP E 71 9.11 25.60 -16.58
N VAL E 72 9.31 25.43 -15.27
CA VAL E 72 9.42 24.11 -14.65
C VAL E 72 8.32 23.97 -13.60
N ARG E 73 7.57 22.88 -13.67
CA ARG E 73 6.53 22.56 -12.72
C ARG E 73 6.95 21.35 -11.87
N GLN E 74 6.06 20.93 -10.98
CA GLN E 74 6.36 19.80 -10.11
C GLN E 74 5.05 19.10 -9.76
N PHE E 75 5.09 17.76 -9.76
CA PHE E 75 3.93 16.95 -9.42
C PHE E 75 4.37 15.82 -8.51
N VAL E 76 3.42 15.32 -7.72
CA VAL E 76 3.69 14.23 -6.79
C VAL E 76 2.80 13.04 -7.13
N LYS E 82 8.45 12.59 -6.95
CA LYS E 82 8.50 13.99 -7.36
C LYS E 82 8.63 14.11 -8.88
N LEU E 83 7.49 14.20 -9.55
CA LEU E 83 7.44 14.29 -11.02
C LEU E 83 7.52 15.77 -11.40
N GLU E 84 8.76 16.23 -11.63
CA GLU E 84 9.01 17.62 -11.98
C GLU E 84 9.14 17.78 -13.50
N LEU E 85 8.00 17.65 -14.18
CA LEU E 85 7.99 17.75 -15.64
C LEU E 85 8.09 19.20 -16.07
N ASN E 86 8.94 19.45 -17.07
CA ASN E 86 9.06 20.78 -17.64
C ASN E 86 7.85 21.10 -18.51
N VAL E 87 7.48 22.38 -18.53
CA VAL E 87 6.31 22.85 -19.26
C VAL E 87 6.74 24.01 -20.16
N VAL E 88 6.26 23.96 -21.40
CA VAL E 88 6.51 25.02 -22.38
C VAL E 88 5.26 25.88 -22.49
N SER E 89 5.29 27.05 -21.86
CA SER E 89 4.14 27.93 -21.87
C SER E 89 4.24 28.96 -22.99
N SER E 90 3.08 29.48 -23.40
CA SER E 90 3.00 30.50 -24.43
C SER E 90 1.67 31.22 -24.27
N PRO E 91 1.53 32.43 -24.81
CA PRO E 91 0.23 33.13 -24.72
C PRO E 91 -0.91 32.31 -25.32
N TYR E 92 -1.84 31.89 -24.47
CA TYR E 92 -2.97 31.05 -24.88
C TYR E 92 -2.48 29.79 -25.58
N HIS E 93 -1.40 29.22 -25.07
CA HIS E 93 -0.80 28.01 -25.64
C HIS E 93 0.10 27.31 -24.64
N LEU E 94 -0.21 26.06 -24.32
CA LEU E 94 0.58 25.26 -23.38
C LEU E 94 0.94 23.94 -24.03
N GLU E 95 2.15 23.46 -23.75
CA GLU E 95 2.67 22.23 -24.33
C GLU E 95 2.71 21.13 -23.27
N ILE E 96 2.16 19.96 -23.62
CA ILE E 96 2.23 18.78 -22.78
C ILE E 96 2.77 17.65 -23.62
N THR E 97 3.87 17.03 -23.20
CA THR E 97 4.40 15.86 -23.95
C THR E 97 4.26 14.58 -23.10
N PRO E 98 3.43 13.61 -23.51
CA PRO E 98 3.27 12.34 -22.77
C PRO E 98 4.59 11.55 -22.70
N SER E 99 5.55 11.86 -23.56
CA SER E 99 6.86 11.16 -23.55
C SER E 99 7.57 11.39 -22.21
N ASP E 100 7.51 12.60 -21.67
CA ASP E 100 8.30 12.88 -20.43
C ASP E 100 7.68 12.14 -19.23
N MET E 101 6.40 11.78 -19.28
CA MET E 101 5.82 10.97 -18.19
C MET E 101 5.08 9.75 -18.76
N GLY E 102 5.73 8.59 -18.75
CA GLY E 102 5.07 7.35 -19.25
C GLY E 102 4.35 6.62 -18.13
N ASN E 103 3.12 6.16 -18.38
CA ASN E 103 2.30 5.42 -17.38
C ASN E 103 1.79 6.39 -16.31
N ASN E 104 2.68 7.15 -15.67
CA ASN E 104 2.28 8.06 -14.62
C ASN E 104 1.75 9.38 -15.16
N ASP E 105 1.33 9.41 -16.42
CA ASP E 105 0.93 10.68 -17.05
C ASP E 105 -0.41 11.18 -16.51
N ARG E 106 -1.23 10.29 -15.97
CA ARG E 106 -2.60 10.65 -15.58
C ARG E 106 -2.59 11.78 -14.55
N ILE E 107 -1.79 11.64 -13.49
CA ILE E 107 -1.80 12.64 -12.42
C ILE E 107 -1.32 13.99 -12.95
N VAL E 108 -0.24 13.99 -13.74
CA VAL E 108 0.34 15.25 -14.17
C VAL E 108 -0.57 15.96 -15.17
N ILE E 109 -1.20 15.20 -16.07
CA ILE E 109 -2.12 15.83 -17.01
C ILE E 109 -3.36 16.34 -16.29
N GLN E 110 -3.84 15.61 -15.28
CA GLN E 110 -4.96 16.09 -14.49
C GLN E 110 -4.62 17.41 -13.81
N GLU E 111 -3.46 17.48 -13.16
CA GLU E 111 -3.06 18.70 -12.47
C GLU E 111 -2.89 19.86 -13.44
N LEU E 112 -2.24 19.60 -14.58
CA LEU E 112 -2.04 20.66 -15.57
C LEU E 112 -3.37 21.16 -16.12
N LEU E 113 -4.28 20.24 -16.42
CA LEU E 113 -5.59 20.62 -16.96
C LEU E 113 -6.37 21.45 -15.94
N LYS E 114 -6.36 21.02 -14.68
CA LYS E 114 -7.12 21.75 -13.66
C LYS E 114 -6.48 23.11 -13.36
N GLU E 115 -5.15 23.22 -13.52
CA GLU E 115 -4.49 24.51 -13.33
C GLU E 115 -4.80 25.45 -14.49
N VAL E 116 -4.81 24.92 -15.72
CA VAL E 116 -5.12 25.74 -16.88
C VAL E 116 -6.58 26.20 -16.82
N ALA E 117 -7.48 25.33 -16.37
CA ALA E 117 -8.88 25.72 -16.24
C ALA E 117 -9.05 26.91 -15.30
N GLN E 118 -8.34 26.88 -14.17
CA GLN E 118 -8.33 27.99 -13.22
C GLN E 118 -9.72 28.36 -12.74
N TYR E 135 -11.10 30.72 -24.32
CA TYR E 135 -10.90 29.46 -25.01
C TYR E 135 -9.42 29.10 -25.02
N LYS E 136 -8.83 29.01 -23.84
CA LYS E 136 -7.42 28.66 -23.69
C LYS E 136 -7.14 27.30 -24.32
N CYS E 137 -6.07 27.23 -25.09
CA CYS E 137 -5.71 26.03 -25.84
C CYS E 137 -4.47 25.39 -25.23
N VAL E 138 -4.55 24.09 -24.96
CA VAL E 138 -3.43 23.30 -24.49
C VAL E 138 -3.14 22.23 -25.53
N ILE E 139 -1.92 22.20 -26.03
CA ILE E 139 -1.52 21.28 -27.09
C ILE E 139 -0.79 20.11 -26.45
N ILE E 140 -1.31 18.90 -26.69
CA ILE E 140 -0.69 17.67 -26.21
C ILE E 140 -0.25 16.88 -27.44
N ASN E 141 1.03 16.99 -27.78
CA ASN E 141 1.55 16.28 -28.94
C ASN E 141 1.66 14.79 -28.64
N GLU E 142 1.88 14.00 -29.69
CA GLU E 142 2.03 12.54 -29.63
C GLU E 142 1.06 11.91 -28.63
N ALA E 143 -0.24 12.12 -28.86
CA ALA E 143 -1.25 11.62 -27.93
C ALA E 143 -1.28 10.09 -27.87
N ASN E 144 -0.65 9.42 -28.83
CA ASN E 144 -0.59 7.96 -28.81
C ASN E 144 0.16 7.45 -27.58
N SER E 145 1.17 8.20 -27.13
CA SER E 145 1.94 7.80 -25.96
C SER E 145 1.14 7.88 -24.67
N LEU E 146 -0.01 8.54 -24.67
CA LEU E 146 -0.85 8.62 -23.48
C LEU E 146 -1.33 7.22 -23.10
N THR E 147 -1.23 6.90 -21.81
CA THR E 147 -1.69 5.61 -21.32
C THR E 147 -3.22 5.59 -21.23
N LYS E 148 -3.76 4.39 -21.04
CA LYS E 148 -5.21 4.20 -20.97
C LYS E 148 -5.83 4.87 -19.74
N ASP E 149 -5.04 5.20 -18.73
CA ASP E 149 -5.55 5.86 -17.53
C ASP E 149 -5.63 7.38 -17.74
N ALA E 150 -4.58 7.95 -18.33
CA ALA E 150 -4.60 9.39 -18.64
C ALA E 150 -5.72 9.71 -19.63
N GLN E 151 -5.92 8.86 -20.63
CA GLN E 151 -7.04 9.05 -21.55
C GLN E 151 -8.37 8.88 -20.82
N ALA E 152 -8.43 7.97 -19.85
CA ALA E 152 -9.65 7.79 -19.06
C ALA E 152 -9.98 9.06 -18.27
N ALA E 153 -8.96 9.71 -17.72
CA ALA E 153 -9.19 10.99 -17.05
C ALA E 153 -9.58 12.08 -18.05
N LEU E 154 -8.94 12.08 -19.23
CA LEU E 154 -9.15 13.15 -20.18
C LEU E 154 -10.53 13.09 -20.81
N ARG E 155 -11.09 11.87 -20.96
CA ARG E 155 -12.41 11.74 -21.56
C ARG E 155 -13.47 12.47 -20.75
N ARG E 156 -13.23 12.67 -19.45
CA ARG E 156 -14.12 13.46 -18.62
C ARG E 156 -13.63 14.88 -18.42
N THR E 157 -12.31 15.09 -18.40
CA THR E 157 -11.76 16.43 -18.25
C THR E 157 -12.18 17.32 -19.42
N MET E 158 -12.09 16.80 -20.65
CA MET E 158 -12.48 17.57 -21.81
C MET E 158 -13.98 17.87 -21.81
N GLU E 159 -14.79 16.86 -21.47
CA GLU E 159 -16.25 17.03 -21.53
C GLU E 159 -16.74 17.99 -20.46
N LYS E 160 -16.17 17.92 -19.25
CA LYS E 160 -16.67 18.70 -18.14
C LYS E 160 -16.35 20.18 -18.30
N TYR E 161 -15.06 20.52 -18.36
CA TYR E 161 -14.64 21.91 -18.46
C TYR E 161 -14.48 22.36 -19.91
N SER E 162 -15.50 22.14 -20.73
CA SER E 162 -15.45 22.59 -22.12
C SER E 162 -16.06 23.97 -22.29
N LYS E 163 -15.64 24.91 -21.43
CA LYS E 163 -16.08 26.29 -21.55
C LYS E 163 -14.89 27.23 -21.33
N ASN E 164 -13.80 26.71 -20.80
CA ASN E 164 -12.63 27.51 -20.45
C ASN E 164 -11.33 26.92 -20.99
N ILE E 165 -11.40 25.78 -21.67
CA ILE E 165 -10.20 25.17 -22.25
C ILE E 165 -10.58 24.34 -23.46
N ARG E 166 -9.72 24.36 -24.48
CA ARG E 166 -9.93 23.61 -25.72
C ARG E 166 -8.63 22.87 -26.03
N LEU E 167 -8.64 21.55 -25.85
CA LEU E 167 -7.45 20.76 -26.11
C LEU E 167 -7.28 20.47 -27.59
N ILE E 168 -6.06 20.60 -28.09
CA ILE E 168 -5.70 20.25 -29.45
C ILE E 168 -4.56 19.24 -29.37
N MET E 169 -4.79 18.03 -29.88
CA MET E 169 -3.84 16.94 -29.76
C MET E 169 -3.42 16.48 -31.15
N VAL E 170 -2.12 16.30 -31.34
CA VAL E 170 -1.55 15.82 -32.60
C VAL E 170 -0.89 14.46 -32.35
N CYS E 171 -1.26 13.48 -33.16
CA CYS E 171 -0.75 12.12 -33.03
C CYS E 171 -0.49 11.56 -34.42
N ASP E 172 0.48 10.63 -34.51
CA ASP E 172 0.79 10.01 -35.79
C ASP E 172 -0.36 9.13 -36.27
N SER E 173 -0.89 8.29 -35.39
CA SER E 173 -2.00 7.40 -35.70
C SER E 173 -2.91 7.29 -34.50
N MET E 174 -4.21 7.50 -34.72
CA MET E 174 -5.20 7.54 -33.65
C MET E 174 -5.68 6.15 -33.24
N SER E 175 -4.97 5.09 -33.63
CA SER E 175 -5.34 3.73 -33.28
C SER E 175 -5.30 3.48 -31.76
N PRO E 176 -4.23 3.87 -31.03
CA PRO E 176 -4.21 3.59 -29.59
C PRO E 176 -4.99 4.61 -28.78
N ILE E 177 -5.77 5.45 -29.45
CA ILE E 177 -6.61 6.45 -28.79
C ILE E 177 -7.97 5.83 -28.52
N ILE E 178 -8.46 5.96 -27.28
CA ILE E 178 -9.73 5.33 -26.93
C ILE E 178 -10.87 5.96 -27.72
N ALA E 179 -11.94 5.18 -27.88
CA ALA E 179 -13.10 5.65 -28.64
C ALA E 179 -13.76 6.90 -28.05
N PRO E 180 -13.99 7.02 -26.74
CA PRO E 180 -14.62 8.25 -26.23
C PRO E 180 -13.85 9.52 -26.56
N ILE E 181 -12.52 9.49 -26.49
CA ILE E 181 -11.74 10.69 -26.77
C ILE E 181 -11.88 11.08 -28.24
N LYS E 182 -11.78 10.10 -29.15
CA LYS E 182 -12.00 10.39 -30.56
C LYS E 182 -13.42 10.84 -30.84
N SER E 183 -14.39 10.42 -30.02
CA SER E 183 -15.76 10.87 -30.19
C SER E 183 -15.94 12.33 -29.76
N ARG E 184 -15.30 12.71 -28.64
CA ARG E 184 -15.43 14.08 -28.15
C ARG E 184 -14.62 15.08 -28.96
N CYS E 185 -13.61 14.63 -29.68
CA CYS E 185 -12.73 15.51 -30.45
C CYS E 185 -13.11 15.48 -31.93
N LEU E 186 -12.51 16.40 -32.67
CA LEU E 186 -12.74 16.50 -34.11
C LEU E 186 -11.54 15.91 -34.85
N LEU E 187 -11.83 15.05 -35.83
CA LEU E 187 -10.80 14.35 -36.58
C LEU E 187 -10.42 15.17 -37.81
N ILE E 188 -9.17 15.60 -37.86
CA ILE E 188 -8.63 16.36 -38.99
C ILE E 188 -7.41 15.63 -39.50
N ARG E 189 -7.39 15.32 -40.79
CA ARG E 189 -6.28 14.59 -41.38
C ARG E 189 -5.27 15.53 -42.00
N CYS E 190 -3.99 15.24 -41.79
CA CYS E 190 -2.88 16.03 -42.32
C CYS E 190 -2.03 15.14 -43.23
N PRO E 191 -2.28 15.14 -44.53
CA PRO E 191 -1.49 14.30 -45.43
C PRO E 191 -0.03 14.74 -45.50
N ALA E 192 0.84 13.75 -45.72
CA ALA E 192 2.27 14.03 -45.81
C ALA E 192 2.58 14.83 -47.07
N PRO E 193 3.62 15.65 -47.04
CA PRO E 193 3.97 16.45 -48.23
C PRO E 193 4.27 15.57 -49.44
N SER E 194 3.84 16.04 -50.61
CA SER E 194 4.14 15.36 -51.86
C SER E 194 5.54 15.71 -52.34
N ASP E 195 6.05 14.88 -53.26
CA ASP E 195 7.44 15.03 -53.71
C ASP E 195 7.68 16.36 -54.41
N SER E 196 6.75 16.77 -55.27
CA SER E 196 6.93 18.01 -56.02
C SER E 196 6.96 19.22 -55.09
N GLU E 197 6.01 19.30 -54.16
CA GLU E 197 5.95 20.45 -53.26
C GLU E 197 7.10 20.46 -52.25
N ILE E 198 7.51 19.29 -51.75
CA ILE E 198 8.65 19.27 -50.85
C ILE E 198 9.94 19.63 -51.59
N SER E 199 10.04 19.24 -52.86
CA SER E 199 11.17 19.67 -53.68
C SER E 199 11.13 21.18 -53.89
N THR E 200 9.95 21.75 -54.06
CA THR E 200 9.82 23.20 -54.16
C THR E 200 10.26 23.88 -52.87
N ILE E 201 9.91 23.29 -51.72
CA ILE E 201 10.34 23.84 -50.43
C ILE E 201 11.86 23.78 -50.32
N LEU E 202 12.46 22.66 -50.74
CA LEU E 202 13.92 22.57 -50.75
C LEU E 202 14.55 23.60 -51.66
N SER E 203 13.92 23.85 -52.82
CA SER E 203 14.41 24.88 -53.73
C SER E 203 14.34 26.26 -53.08
N ASP E 204 13.25 26.54 -52.37
CA ASP E 204 13.14 27.81 -51.64
C ASP E 204 14.22 27.92 -50.57
N VAL E 205 14.52 26.81 -49.88
CA VAL E 205 15.56 26.82 -48.86
C VAL E 205 16.92 27.13 -49.48
N VAL E 206 17.26 26.45 -50.58
CA VAL E 206 18.54 26.68 -51.24
C VAL E 206 18.59 28.00 -51.97
N THR E 207 17.44 28.64 -52.20
CA THR E 207 17.42 29.99 -52.74
C THR E 207 17.67 31.02 -51.65
N ASN E 208 17.02 30.85 -50.50
CA ASN E 208 17.27 31.74 -49.37
C ASN E 208 18.70 31.65 -48.86
N GLU E 209 19.25 30.43 -48.75
CA GLU E 209 20.66 30.23 -48.41
C GLU E 209 21.30 29.44 -49.55
N ARG E 210 22.01 30.16 -50.43
CA ARG E 210 22.51 29.58 -51.66
C ARG E 210 23.49 28.45 -51.42
N ILE E 211 23.27 27.32 -52.08
CA ILE E 211 24.16 26.17 -52.02
C ILE E 211 24.76 25.84 -53.38
N GLN E 212 24.31 26.52 -54.43
CA GLN E 212 24.81 26.32 -55.80
C GLN E 212 24.65 24.85 -56.22
N LEU E 213 23.40 24.40 -56.21
CA LEU E 213 23.11 23.02 -56.60
C LEU E 213 23.41 22.80 -58.08
N GLU E 214 24.05 21.67 -58.38
CA GLU E 214 24.37 21.35 -59.76
C GLU E 214 23.11 21.13 -60.59
N THR E 215 22.13 20.41 -60.05
CA THR E 215 20.87 20.16 -60.74
C THR E 215 19.78 20.02 -59.69
N LYS E 216 18.54 20.29 -60.11
CA LYS E 216 17.40 20.14 -59.22
C LYS E 216 17.01 18.69 -58.99
N ASP E 217 17.61 17.75 -59.73
CA ASP E 217 17.29 16.34 -59.56
C ASP E 217 17.73 15.84 -58.19
N ILE E 218 18.78 16.41 -57.62
CA ILE E 218 19.25 15.98 -56.31
C ILE E 218 18.21 16.28 -55.24
N LEU E 219 17.50 17.41 -55.38
CA LEU E 219 16.41 17.71 -54.46
C LEU E 219 15.29 16.68 -54.57
N LYS E 220 14.96 16.25 -55.78
CA LYS E 220 13.95 15.22 -55.95
C LYS E 220 14.41 13.90 -55.34
N ARG E 221 15.69 13.55 -55.50
CA ARG E 221 16.20 12.33 -54.88
C ARG E 221 16.18 12.42 -53.37
N ILE E 222 16.49 13.60 -52.81
CA ILE E 222 16.38 13.80 -51.37
C ILE E 222 14.94 13.63 -50.91
N ALA E 223 14.00 14.16 -51.69
CA ALA E 223 12.58 13.99 -51.37
C ALA E 223 12.19 12.52 -51.38
N GLN E 224 12.66 11.78 -52.38
CA GLN E 224 12.41 10.34 -52.46
C GLN E 224 13.03 9.60 -51.28
N ALA E 225 14.18 10.05 -50.79
CA ALA E 225 14.84 9.44 -49.65
C ALA E 225 14.28 9.90 -48.32
N SER E 226 13.37 10.88 -48.33
CA SER E 226 12.74 11.36 -47.10
C SER E 226 11.42 10.67 -46.80
N ASN E 227 10.81 10.02 -47.79
CA ASN E 227 9.55 9.30 -47.64
C ASN E 227 8.46 10.20 -47.07
N GLY E 228 8.37 11.41 -47.62
CA GLY E 228 7.36 12.37 -47.22
C GLY E 228 7.64 13.12 -45.95
N ASN E 229 8.81 12.93 -45.33
CA ASN E 229 9.16 13.63 -44.11
C ASN E 229 9.92 14.90 -44.48
N LEU E 230 9.22 16.04 -44.40
CA LEU E 230 9.83 17.31 -44.72
C LEU E 230 10.97 17.65 -43.76
N ARG E 231 10.80 17.32 -42.49
CA ARG E 231 11.85 17.54 -41.51
C ARG E 231 13.11 16.75 -41.87
N VAL E 232 12.94 15.48 -42.23
CA VAL E 232 14.07 14.65 -42.63
C VAL E 232 14.74 15.23 -43.86
N SER E 233 13.95 15.68 -44.84
CA SER E 233 14.50 16.24 -46.07
C SER E 233 15.33 17.49 -45.77
N LEU E 234 14.79 18.38 -44.94
CA LEU E 234 15.53 19.60 -44.61
C LEU E 234 16.81 19.28 -43.86
N LEU E 235 16.74 18.38 -42.87
CA LEU E 235 17.93 18.04 -42.11
C LEU E 235 19.00 17.38 -42.98
N MET E 236 18.61 16.45 -43.85
CA MET E 236 19.60 15.80 -44.70
C MET E 236 20.15 16.77 -45.75
N LEU E 237 19.33 17.69 -46.24
CA LEU E 237 19.83 18.71 -47.15
C LEU E 237 20.88 19.59 -46.47
N GLU E 238 20.61 20.02 -45.24
CA GLU E 238 21.58 20.82 -44.51
C GLU E 238 22.85 20.03 -44.25
N SER E 239 22.72 18.74 -43.88
CA SER E 239 23.89 17.92 -43.61
C SER E 239 24.74 17.75 -44.88
N MET E 240 24.09 17.49 -46.02
CA MET E 240 24.83 17.34 -47.26
C MET E 240 25.50 18.64 -47.67
N ALA E 241 24.82 19.76 -47.49
CA ALA E 241 25.40 21.06 -47.81
C ALA E 241 26.63 21.32 -46.94
N LEU E 242 26.54 21.01 -45.65
CA LEU E 242 27.69 21.19 -44.77
C LEU E 242 28.84 20.25 -45.14
N ASN E 243 28.52 19.01 -45.50
CA ASN E 243 29.56 18.06 -45.88
C ASN E 243 30.27 18.49 -47.16
N ASN E 244 29.52 19.00 -48.14
CA ASN E 244 30.09 19.43 -49.40
C ASN E 244 30.55 20.89 -49.37
N GLU E 245 30.77 21.45 -48.19
CA GLU E 245 31.27 22.81 -48.01
C GLU E 245 30.33 23.83 -48.66
N LEU E 246 29.09 23.84 -48.18
CA LEU E 246 28.04 24.76 -48.67
C LEU E 246 27.79 24.60 -50.17
N ALA E 247 28.03 23.40 -50.70
CA ALA E 247 27.79 23.10 -52.09
C ALA E 247 26.96 21.83 -52.21
N LEU E 248 26.59 21.49 -53.44
CA LEU E 248 25.82 20.28 -53.73
C LEU E 248 26.38 19.60 -54.95
N LYS E 249 26.24 18.27 -54.99
CA LYS E 249 26.78 17.44 -56.06
C LYS E 249 25.73 16.45 -56.50
N SER E 250 25.75 16.12 -57.80
CA SER E 250 24.84 15.11 -58.32
C SER E 250 25.07 13.76 -57.67
N SER E 251 26.34 13.38 -57.47
CA SER E 251 26.71 12.14 -56.82
C SER E 251 26.98 12.31 -55.33
N SER E 252 26.44 13.35 -54.71
CA SER E 252 26.64 13.56 -53.29
C SER E 252 26.00 12.42 -52.50
N PRO E 253 26.68 11.87 -51.50
CA PRO E 253 26.11 10.75 -50.75
C PRO E 253 24.91 11.17 -49.94
N ILE E 254 23.97 10.23 -49.77
CA ILE E 254 22.78 10.48 -48.96
C ILE E 254 23.12 10.17 -47.51
N ILE E 255 23.01 11.18 -46.64
CA ILE E 255 23.37 11.02 -45.23
C ILE E 255 22.10 10.56 -44.52
N LYS E 256 21.91 9.25 -44.52
CA LYS E 256 20.80 8.66 -43.77
C LYS E 256 21.18 8.56 -42.29
N PRO E 257 20.18 8.49 -41.41
CA PRO E 257 20.47 8.34 -39.98
C PRO E 257 21.22 7.06 -39.68
N ASP E 258 22.02 7.10 -38.63
CA ASP E 258 22.90 5.98 -38.29
C ASP E 258 22.11 4.73 -37.96
N TRP E 259 20.99 4.88 -37.24
CA TRP E 259 20.22 3.71 -36.81
C TRP E 259 19.61 2.99 -38.00
N ILE E 260 19.25 3.73 -39.05
CA ILE E 260 18.75 3.09 -40.27
C ILE E 260 19.85 2.25 -40.91
N ILE E 261 21.08 2.76 -40.92
CA ILE E 261 22.21 2.00 -41.46
C ILE E 261 22.44 0.74 -40.62
N VAL E 262 22.33 0.87 -39.29
CA VAL E 262 22.50 -0.29 -38.42
C VAL E 262 21.42 -1.33 -38.69
N ILE E 263 20.18 -0.88 -38.90
CA ILE E 263 19.08 -1.79 -39.22
C ILE E 263 19.32 -2.48 -40.55
N HIS E 264 19.85 -1.76 -41.55
CA HIS E 264 20.16 -2.38 -42.83
C HIS E 264 21.26 -3.42 -42.68
N LYS E 265 22.28 -3.12 -41.88
CA LYS E 265 23.34 -4.10 -41.61
C LYS E 265 22.78 -5.33 -40.91
N LEU E 266 21.84 -5.11 -39.97
CA LEU E 266 21.20 -6.24 -39.29
C LEU E 266 20.39 -7.08 -40.26
N THR E 267 19.70 -6.42 -41.20
CA THR E 267 18.96 -7.14 -42.22
C THR E 267 19.89 -7.99 -43.08
N ARG E 268 21.04 -7.44 -43.47
CA ARG E 268 22.02 -8.21 -44.23
C ARG E 268 22.52 -9.41 -43.42
N LYS E 269 22.79 -9.20 -42.13
CA LYS E 269 23.24 -10.30 -41.28
C LYS E 269 22.17 -11.39 -41.18
N ILE E 270 20.91 -10.99 -41.04
CA ILE E 270 19.82 -11.96 -40.94
C ILE E 270 19.70 -12.75 -42.24
N VAL E 271 19.75 -12.07 -43.38
CA VAL E 271 19.60 -12.75 -44.67
C VAL E 271 20.86 -13.48 -45.10
N LYS E 272 21.97 -13.33 -44.37
CA LYS E 272 23.20 -14.04 -44.69
C LYS E 272 23.54 -15.15 -43.70
N GLU E 273 23.59 -14.85 -42.40
CA GLU E 273 23.95 -15.82 -41.37
C GLU E 273 22.68 -16.30 -40.68
N ARG E 274 22.26 -17.52 -41.02
CA ARG E 274 21.10 -18.15 -40.38
C ARG E 274 21.58 -19.19 -39.36
N SER E 275 21.96 -18.70 -38.19
CA SER E 275 22.45 -19.54 -37.11
C SER E 275 22.03 -18.96 -35.77
N VAL E 276 22.40 -19.64 -34.69
CA VAL E 276 22.08 -19.16 -33.35
C VAL E 276 23.08 -18.10 -32.90
N ASN E 277 24.35 -18.26 -33.26
CA ASN E 277 25.33 -17.22 -32.98
C ASN E 277 24.98 -15.93 -33.71
N SER E 278 24.50 -16.05 -34.95
CA SER E 278 23.97 -14.88 -35.64
C SER E 278 22.78 -14.29 -34.92
N LEU E 279 21.95 -15.13 -34.30
CA LEU E 279 20.84 -14.62 -33.49
C LEU E 279 21.36 -13.85 -32.29
N ILE E 280 22.44 -14.31 -31.67
CA ILE E 280 23.04 -13.58 -30.55
C ILE E 280 23.58 -12.23 -31.03
N GLU E 281 24.22 -12.21 -32.19
CA GLU E 281 24.71 -10.95 -32.75
C GLU E 281 23.55 -9.99 -33.03
N CYS E 282 22.45 -10.52 -33.58
CA CYS E 282 21.27 -9.70 -33.82
C CYS E 282 20.69 -9.17 -32.52
N ARG E 283 20.71 -9.99 -31.47
CA ARG E 283 20.23 -9.55 -30.16
C ARG E 283 21.10 -8.42 -29.62
N ALA E 284 22.42 -8.52 -29.81
CA ALA E 284 23.32 -7.46 -29.38
C ALA E 284 23.04 -6.16 -30.15
N VAL E 285 22.81 -6.28 -31.46
CA VAL E 285 22.48 -5.11 -32.26
C VAL E 285 21.18 -4.48 -31.79
N LEU E 286 20.17 -5.31 -31.50
CA LEU E 286 18.90 -4.80 -30.99
C LEU E 286 19.08 -4.12 -29.64
N TYR E 287 19.94 -4.68 -28.77
CA TYR E 287 20.21 -4.04 -27.49
C TYR E 287 20.88 -2.68 -27.68
N ASP E 288 21.80 -2.58 -28.64
CA ASP E 288 22.40 -1.28 -28.92
C ASP E 288 21.35 -0.29 -29.42
N LEU E 289 20.46 -0.75 -30.30
CA LEU E 289 19.41 0.13 -30.81
C LEU E 289 18.49 0.60 -29.68
N LEU E 290 18.13 -0.30 -28.77
CA LEU E 290 17.29 0.08 -27.63
C LEU E 290 18.02 1.05 -26.72
N ALA E 291 19.33 0.84 -26.51
CA ALA E 291 20.13 1.78 -25.74
C ALA E 291 20.19 3.15 -26.42
N HIS E 292 20.01 3.19 -27.74
CA HIS E 292 19.92 4.45 -28.45
C HIS E 292 18.55 5.10 -28.27
N CYS E 293 17.72 4.52 -27.39
CA CYS E 293 16.38 5.03 -27.10
C CYS E 293 15.50 5.08 -28.34
N ILE E 294 15.68 4.11 -29.22
CA ILE E 294 14.85 3.97 -30.42
C ILE E 294 13.61 3.17 -30.05
N PRO E 295 12.40 3.64 -30.38
CA PRO E 295 11.19 2.88 -30.03
C PRO E 295 11.17 1.48 -30.60
N ALA E 296 10.73 0.51 -29.80
CA ALA E 296 10.78 -0.89 -30.22
C ALA E 296 9.86 -1.16 -31.40
N ASN E 297 8.67 -0.55 -31.40
CA ASN E 297 7.72 -0.78 -32.48
C ASN E 297 8.28 -0.30 -33.82
N ILE E 298 8.90 0.87 -33.84
CA ILE E 298 9.47 1.37 -35.09
C ILE E 298 10.69 0.55 -35.48
N ILE E 299 11.43 0.01 -34.50
CA ILE E 299 12.54 -0.88 -34.81
C ILE E 299 12.04 -2.13 -35.53
N LEU E 300 10.97 -2.72 -35.01
CA LEU E 300 10.38 -3.90 -35.64
C LEU E 300 9.86 -3.56 -37.03
N LYS E 301 9.21 -2.40 -37.17
CA LYS E 301 8.68 -1.98 -38.46
C LYS E 301 9.80 -1.82 -39.49
N GLU E 302 10.88 -1.13 -39.12
CA GLU E 302 11.97 -0.90 -40.05
C GLU E 302 12.69 -2.21 -40.39
N LEU E 303 12.86 -3.09 -39.40
CA LEU E 303 13.45 -4.39 -39.68
C LEU E 303 12.60 -5.17 -40.66
N THR E 304 11.29 -5.17 -40.47
CA THR E 304 10.39 -5.89 -41.37
C THR E 304 10.47 -5.32 -42.78
N PHE E 305 10.38 -4.00 -42.91
CA PHE E 305 10.35 -3.40 -44.25
C PHE E 305 11.69 -3.51 -44.95
N SER E 306 12.80 -3.50 -44.19
CA SER E 306 14.11 -3.74 -44.79
C SER E 306 14.24 -5.18 -45.24
N LEU E 307 13.66 -6.11 -44.47
CA LEU E 307 13.66 -7.52 -44.89
C LEU E 307 12.81 -7.73 -46.14
N LEU E 308 11.73 -6.97 -46.30
CA LEU E 308 10.88 -7.11 -47.48
C LEU E 308 11.54 -6.50 -48.71
N ASP E 309 12.50 -5.60 -48.52
CA ASP E 309 13.17 -4.97 -49.67
C ASP E 309 14.24 -5.85 -50.27
N VAL E 310 14.59 -6.97 -49.63
CA VAL E 310 15.61 -7.86 -50.16
C VAL E 310 15.02 -8.66 -51.33
N GLU E 311 15.69 -8.58 -52.48
CA GLU E 311 15.14 -9.22 -53.67
C GLU E 311 15.36 -10.72 -53.67
N THR E 312 16.30 -11.22 -52.87
CA THR E 312 16.57 -12.65 -52.82
C THR E 312 15.38 -13.42 -52.28
N LEU E 313 14.69 -12.86 -51.28
CA LEU E 313 13.58 -13.55 -50.65
C LEU E 313 12.39 -13.62 -51.61
N ASN E 314 11.68 -14.74 -51.57
CA ASN E 314 10.53 -14.95 -52.45
C ASN E 314 9.25 -14.40 -51.79
N THR E 315 8.14 -14.51 -52.51
CA THR E 315 6.88 -13.95 -52.04
C THR E 315 6.39 -14.64 -50.77
N THR E 316 6.53 -15.97 -50.70
CA THR E 316 6.08 -16.70 -49.52
C THR E 316 6.88 -16.29 -48.29
N ASN E 317 8.19 -16.11 -48.46
CA ASN E 317 9.03 -15.67 -47.35
C ASN E 317 8.61 -14.30 -46.87
N LYS E 318 8.31 -13.38 -47.80
CA LYS E 318 7.89 -12.03 -47.41
C LYS E 318 6.54 -12.05 -46.71
N SER E 319 5.62 -12.91 -47.17
CA SER E 319 4.33 -13.03 -46.50
C SER E 319 4.50 -13.56 -45.08
N SER E 320 5.37 -14.56 -44.91
CA SER E 320 5.66 -15.04 -43.56
C SER E 320 6.29 -13.94 -42.71
N ILE E 321 7.17 -13.13 -43.31
CA ILE E 321 7.81 -12.04 -42.59
C ILE E 321 6.77 -11.05 -42.09
N ILE E 322 5.85 -10.65 -42.96
CA ILE E 322 4.85 -9.64 -42.56
C ILE E 322 3.89 -10.23 -41.54
N GLU E 323 3.55 -11.51 -41.66
CA GLU E 323 2.68 -12.14 -40.66
C GLU E 323 3.34 -12.18 -39.30
N TYR E 324 4.61 -12.59 -39.26
CA TYR E 324 5.35 -12.60 -38.00
C TYR E 324 5.49 -11.20 -37.44
N SER E 325 5.71 -10.21 -38.32
CA SER E 325 5.81 -8.82 -37.88
C SER E 325 4.52 -8.36 -37.21
N SER E 326 3.38 -8.67 -37.83
CA SER E 326 2.10 -8.29 -37.24
C SER E 326 1.89 -8.95 -35.88
N VAL E 327 2.14 -10.27 -35.82
CA VAL E 327 1.92 -11.00 -34.57
C VAL E 327 2.83 -10.45 -33.47
N PHE E 328 4.10 -10.21 -33.79
CA PHE E 328 5.03 -9.76 -32.77
C PHE E 328 4.86 -8.29 -32.40
N ASP E 329 4.37 -7.44 -33.30
CA ASP E 329 4.08 -6.08 -32.88
C ASP E 329 2.85 -6.04 -31.99
N GLU E 330 1.84 -6.89 -32.27
CA GLU E 330 0.73 -7.02 -31.33
C GLU E 330 1.22 -7.52 -29.98
N ARG E 331 2.12 -8.50 -29.99
CA ARG E 331 2.66 -9.04 -28.74
C ARG E 331 3.44 -7.98 -27.97
N LEU E 332 4.23 -7.16 -28.68
CA LEU E 332 4.98 -6.07 -28.05
C LEU E 332 4.03 -5.03 -27.47
N SER E 333 2.96 -4.71 -28.19
CA SER E 333 1.98 -3.76 -27.68
C SER E 333 1.34 -4.28 -26.41
N LEU E 334 1.02 -5.56 -26.37
CA LEU E 334 0.47 -6.19 -25.16
C LEU E 334 1.56 -6.82 -24.32
N GLY E 335 2.64 -6.09 -24.06
CA GLY E 335 3.73 -6.65 -23.27
C GLY E 335 4.62 -5.57 -22.70
N ASN E 336 5.39 -5.96 -21.68
CA ASN E 336 6.25 -5.03 -20.98
C ASN E 336 7.65 -5.00 -21.58
N LYS E 337 8.31 -6.16 -21.62
CA LYS E 337 9.68 -6.24 -22.11
C LYS E 337 9.71 -6.37 -23.63
N ALA E 338 10.50 -5.50 -24.27
CA ALA E 338 10.51 -5.40 -25.73
C ALA E 338 11.50 -6.35 -26.39
N ILE E 339 12.56 -6.75 -25.68
CA ILE E 339 13.61 -7.58 -26.26
C ILE E 339 13.06 -8.93 -26.68
N PHE E 340 12.15 -9.49 -25.88
CA PHE E 340 11.59 -10.81 -26.16
C PHE E 340 10.91 -10.84 -27.52
N HIS E 341 10.06 -9.86 -27.79
CA HIS E 341 9.29 -9.86 -29.04
C HIS E 341 10.19 -9.67 -30.25
N LEU E 342 11.15 -8.76 -30.16
CA LEU E 342 12.07 -8.53 -31.27
C LEU E 342 12.91 -9.77 -31.56
N GLU E 343 13.44 -10.40 -30.51
CA GLU E 343 14.23 -11.62 -30.70
C GLU E 343 13.37 -12.74 -31.25
N GLY E 344 12.11 -12.83 -30.80
CA GLY E 344 11.23 -13.85 -31.34
C GLY E 344 10.94 -13.65 -32.81
N PHE E 345 10.69 -12.40 -33.20
CA PHE E 345 10.46 -12.11 -34.62
C PHE E 345 11.70 -12.44 -35.45
N ILE E 346 12.88 -12.10 -34.94
CA ILE E 346 14.12 -12.39 -35.66
C ILE E 346 14.30 -13.90 -35.81
N ALA E 347 14.04 -14.65 -34.74
CA ALA E 347 14.18 -16.10 -34.79
C ALA E 347 13.18 -16.71 -35.79
N LYS E 348 11.94 -16.22 -35.78
CA LYS E 348 10.92 -16.74 -36.68
C LYS E 348 11.28 -16.46 -38.14
N VAL E 349 11.72 -15.24 -38.44
CA VAL E 349 12.09 -14.94 -39.82
C VAL E 349 13.33 -15.73 -40.22
N MET E 350 14.28 -15.91 -39.30
CA MET E 350 15.48 -16.69 -39.61
C MET E 350 15.12 -18.14 -39.91
N CYS E 351 14.19 -18.72 -39.15
CA CYS E 351 13.72 -20.06 -39.45
C CYS E 351 12.98 -20.11 -40.79
N CYS E 352 12.22 -19.07 -41.11
CA CYS E 352 11.53 -19.02 -42.39
C CYS E 352 12.50 -18.99 -43.56
N LEU E 353 13.62 -18.26 -43.40
CA LEU E 353 14.57 -18.10 -44.49
C LEU E 353 15.15 -19.43 -44.92
N ASP E 354 15.60 -20.23 -43.96
CA ASP E 354 16.24 -21.51 -44.28
C ASP E 354 15.25 -22.67 -44.16
N MET F 1 35.59 38.21 2.45
CA MET F 1 34.26 38.38 3.01
C MET F 1 34.33 38.51 4.54
N LYS F 2 34.61 39.73 5.00
CA LYS F 2 34.72 40.01 6.43
C LYS F 2 33.35 40.33 7.03
N LEU F 3 32.48 39.32 7.03
CA LEU F 3 31.15 39.47 7.61
C LEU F 3 31.23 39.33 9.12
N LYS F 4 31.05 40.44 9.84
CA LYS F 4 31.16 40.47 11.30
C LYS F 4 30.02 41.35 11.83
N LEU F 5 28.93 40.70 12.26
CA LEU F 5 27.80 41.42 12.79
C LEU F 5 27.73 41.27 14.31
N ILE F 6 27.18 42.28 14.97
CA ILE F 6 27.07 42.29 16.43
C ILE F 6 25.64 42.63 16.84
N VAL F 7 25.01 41.73 17.60
CA VAL F 7 23.66 41.97 18.08
C VAL F 7 23.66 42.14 19.59
N ASN F 8 22.87 43.09 20.08
CA ASN F 8 22.70 43.31 21.51
C ASN F 8 21.22 43.47 21.81
N GLY F 9 20.84 43.09 23.03
CA GLY F 9 19.45 43.12 23.43
C GLY F 9 19.08 44.23 24.38
N CYS F 10 19.94 44.53 25.35
CA CYS F 10 19.62 45.53 26.36
C CYS F 10 19.54 46.92 25.75
N GLU F 11 20.48 47.27 24.86
CA GLU F 11 20.50 48.62 24.32
C GLU F 11 19.30 48.90 23.42
N ALA F 12 18.70 47.85 22.84
CA ALA F 12 17.53 48.01 21.98
C ALA F 12 16.70 46.74 22.08
N PRO F 13 15.57 46.78 22.78
CA PRO F 13 14.72 45.59 22.91
C PRO F 13 13.76 45.35 21.76
N ASP F 14 13.80 46.18 20.70
CA ASP F 14 12.88 46.06 19.57
C ASP F 14 13.54 45.41 18.36
N ASP F 15 14.72 45.87 17.97
CA ASP F 15 15.40 45.27 16.83
C ASP F 15 15.78 43.82 17.09
N TYR F 16 16.27 43.53 18.31
CA TYR F 16 16.58 42.15 18.65
C TYR F 16 15.33 41.29 18.71
N LYS F 17 14.22 41.86 19.18
CA LYS F 17 12.96 41.12 19.18
C LYS F 17 12.52 40.80 17.75
N LEU F 18 12.69 41.77 16.84
CA LEU F 18 12.39 41.53 15.43
C LEU F 18 13.27 40.42 14.86
N LEU F 19 14.56 40.45 15.18
CA LEU F 19 15.48 39.42 14.69
C LEU F 19 15.09 38.05 15.23
N ARG F 20 14.75 37.99 16.51
CA ARG F 20 14.32 36.72 17.11
C ARG F 20 13.04 36.20 16.46
N THR F 21 12.09 37.10 16.19
CA THR F 21 10.85 36.70 15.54
C THR F 21 11.11 36.16 14.14
N THR F 22 11.98 36.83 13.39
CA THR F 22 12.32 36.37 12.05
C THR F 22 12.99 35.00 12.10
N ILE F 23 13.92 34.81 13.04
CA ILE F 23 14.63 33.53 13.15
C ILE F 23 13.64 32.42 13.50
N ASN F 24 12.76 32.68 14.47
CA ASN F 24 11.76 31.68 14.85
C ASN F 24 10.85 31.35 13.68
N THR F 25 10.43 32.36 12.93
CA THR F 25 9.53 32.13 11.80
C THR F 25 10.21 31.30 10.72
N VAL F 26 11.45 31.64 10.35
CA VAL F 26 12.13 30.90 9.30
C VAL F 26 12.44 29.48 9.76
N ALA F 27 12.74 29.29 11.05
CA ALA F 27 12.94 27.95 11.56
C ALA F 27 11.66 27.13 11.52
N SER F 28 10.53 27.76 11.85
CA SER F 28 9.25 27.04 11.84
C SER F 28 8.83 26.67 10.42
N LEU F 29 9.06 27.57 9.46
CA LEU F 29 8.62 27.34 8.10
C LEU F 29 9.29 26.11 7.48
N ARG F 30 10.60 26.19 7.28
CA ARG F 30 11.37 25.12 6.66
C ARG F 30 12.82 25.25 7.11
N LYS F 31 13.65 24.33 6.61
CA LYS F 31 15.08 24.36 6.90
C LYS F 31 15.85 25.12 5.83
N THR F 32 17.12 25.40 6.12
CA THR F 32 18.04 26.03 5.18
C THR F 32 17.52 27.38 4.71
N ALA F 33 17.37 28.33 5.63
CA ALA F 33 16.92 29.68 5.30
C ALA F 33 18.10 30.45 4.72
N ILE F 34 17.83 31.22 3.65
CA ILE F 34 18.88 31.96 2.99
C ILE F 34 19.10 33.29 3.69
N LEU F 35 20.36 33.71 3.80
CA LEU F 35 20.74 34.96 4.45
C LEU F 35 21.50 35.81 3.44
N ARG F 36 20.80 36.78 2.85
CA ARG F 36 21.40 37.69 1.86
C ARG F 36 21.93 38.93 2.57
N PHE F 37 23.21 38.87 2.95
CA PHE F 37 23.86 39.98 3.62
C PHE F 37 24.36 41.03 2.64
N ASN F 38 23.70 42.19 2.61
CA ASN F 38 24.13 43.32 1.82
C ASN F 38 24.83 44.33 2.73
N SER F 39 25.25 45.45 2.15
CA SER F 39 25.87 46.51 2.94
C SER F 39 24.85 47.46 3.55
N GLU F 40 23.77 47.74 2.84
CA GLU F 40 22.75 48.65 3.35
C GLU F 40 21.89 48.00 4.44
N ARG F 41 21.53 46.74 4.26
CA ARG F 41 20.61 46.08 5.19
C ARG F 41 20.83 44.57 5.10
N LEU F 42 19.93 43.81 5.72
CA LEU F 42 19.99 42.36 5.71
C LEU F 42 18.61 41.81 5.39
N THR F 43 18.57 40.73 4.61
CA THR F 43 17.33 40.07 4.22
C THR F 43 17.43 38.60 4.58
N ILE F 44 16.57 38.14 5.48
CA ILE F 44 16.50 36.73 5.85
C ILE F 44 15.51 36.04 4.92
N ILE F 45 16.02 35.41 3.87
CA ILE F 45 15.18 34.80 2.83
C ILE F 45 14.68 33.45 3.31
N SER F 46 13.44 33.11 2.92
CA SER F 46 12.89 31.79 3.18
C SER F 46 12.06 31.39 1.96
N THR F 47 12.69 30.67 1.02
CA THR F 47 12.06 30.32 -0.23
C THR F 47 12.21 28.81 -0.45
N PRO F 48 11.12 28.09 -0.74
CA PRO F 48 11.17 26.65 -1.00
C PRO F 48 11.90 26.31 -2.31
N ASP F 64 3.12 26.76 -4.58
CA ASP F 64 2.20 26.38 -3.52
C ASP F 64 2.73 26.80 -2.16
N THR F 65 3.95 26.37 -1.86
CA THR F 65 4.57 26.72 -0.58
C THR F 65 4.87 28.21 -0.53
N GLY F 66 4.60 28.82 0.63
CA GLY F 66 4.79 30.24 0.81
C GLY F 66 6.26 30.63 0.91
N GLN F 67 6.50 31.92 0.76
CA GLN F 67 7.84 32.49 0.83
C GLN F 67 7.85 33.64 1.83
N LEU F 68 8.93 33.75 2.60
CA LEU F 68 9.09 34.78 3.61
C LEU F 68 10.25 35.69 3.25
N TRP F 69 10.02 37.00 3.32
CA TRP F 69 11.04 37.99 3.04
C TRP F 69 10.96 39.10 4.09
N CYS F 70 12.13 39.48 4.61
CA CYS F 70 12.21 40.51 5.64
C CYS F 70 13.32 41.50 5.28
N THR F 71 13.19 42.72 5.83
CA THR F 71 14.16 43.79 5.60
C THR F 71 14.69 44.24 6.96
N ILE F 72 15.87 43.76 7.32
CA ILE F 72 16.50 44.12 8.59
C ILE F 72 17.49 45.26 8.34
N PRO F 73 17.23 46.45 8.87
CA PRO F 73 18.15 47.58 8.64
C PRO F 73 19.49 47.34 9.32
N HIS F 74 20.54 47.96 8.78
CA HIS F 74 21.87 47.84 9.35
C HIS F 74 21.96 48.48 10.73
N ASP F 75 21.04 49.38 11.07
CA ASP F 75 21.05 49.99 12.40
C ASP F 75 20.70 48.97 13.48
N VAL F 76 20.12 47.84 13.10
CA VAL F 76 19.83 46.78 14.06
C VAL F 76 21.12 46.26 14.69
N PHE F 77 22.16 46.07 13.89
CA PHE F 77 23.44 45.56 14.38
C PHE F 77 24.38 46.74 14.62
N ARG F 78 25.04 46.74 15.77
CA ARG F 78 25.88 47.86 16.15
C ARG F 78 27.11 47.98 15.25
N LEU F 79 27.64 46.88 14.75
CA LEU F 79 28.84 46.88 13.92
C LEU F 79 28.60 46.04 12.67
N TYR F 80 27.46 46.27 12.02
CA TYR F 80 27.09 45.51 10.82
C TYR F 80 28.04 45.88 9.69
N THR F 81 28.97 44.98 9.38
CA THR F 81 29.93 45.18 8.30
C THR F 81 29.87 43.99 7.35
N VAL F 82 29.55 44.27 6.08
CA VAL F 82 29.53 43.25 5.05
C VAL F 82 30.37 43.74 3.87
N ILE F 83 31.57 43.18 3.70
CA ILE F 83 32.49 43.60 2.66
C ILE F 83 32.73 42.41 1.74
N SER F 84 32.38 42.56 0.46
CA SER F 84 32.61 41.54 -0.55
C SER F 84 32.81 42.19 -1.91
N ALA F 85 33.44 41.46 -2.84
CA ALA F 85 33.71 42.01 -4.16
C ALA F 85 32.48 41.99 -5.05
N ARG F 86 31.41 41.33 -4.62
CA ARG F 86 30.21 41.24 -5.44
C ARG F 86 29.48 42.59 -5.45
N GLU F 87 28.39 42.62 -6.21
CA GLU F 87 27.62 43.85 -6.39
C GLU F 87 27.09 44.35 -5.04
N LEU F 88 27.26 45.65 -4.81
CA LEU F 88 26.86 46.35 -3.58
C LEU F 88 27.16 45.56 -2.31
N ASN F 89 28.29 44.83 -2.32
CA ASN F 89 28.72 44.03 -1.18
C ASN F 89 27.62 43.08 -0.70
N THR F 90 27.18 42.22 -1.62
CA THR F 90 26.10 41.28 -1.35
C THR F 90 26.69 39.92 -1.04
N ILE F 91 26.40 39.41 0.16
CA ILE F 91 26.81 38.07 0.56
C ILE F 91 25.57 37.24 0.82
N THR F 92 25.46 36.10 0.13
CA THR F 92 24.38 35.16 0.33
C THR F 92 24.93 33.87 0.90
N MET F 93 24.28 33.36 1.94
CA MET F 93 24.79 32.18 2.64
C MET F 93 23.62 31.43 3.27
N GLU F 94 23.28 30.27 2.70
CA GLU F 94 22.28 29.42 3.31
C GLU F 94 22.83 28.80 4.59
N CYS F 95 22.04 28.85 5.66
CA CYS F 95 22.47 28.39 6.97
C CYS F 95 21.40 27.48 7.58
N ASN F 96 21.84 26.65 8.52
CA ASN F 96 20.95 25.76 9.25
C ASN F 96 20.20 26.62 10.26
N CYS F 97 18.93 26.90 9.96
CA CYS F 97 18.12 27.73 10.83
C CYS F 97 17.89 27.08 12.19
N ASP F 98 17.92 25.75 12.25
CA ASP F 98 17.74 25.05 13.51
C ASP F 98 18.86 25.38 14.49
N SER F 99 20.11 25.36 14.01
CA SER F 99 21.23 25.75 14.86
C SER F 99 21.18 27.23 15.19
N LEU F 100 20.78 28.06 14.23
CA LEU F 100 20.58 29.48 14.51
C LEU F 100 19.47 29.69 15.53
N LEU F 101 18.39 28.92 15.42
CA LEU F 101 17.33 28.99 16.42
C LEU F 101 17.86 28.61 17.80
N SER F 102 18.68 27.56 17.86
CA SER F 102 19.24 27.12 19.14
C SER F 102 20.14 28.18 19.75
N VAL F 103 21.01 28.78 18.93
CA VAL F 103 21.94 29.77 19.48
C VAL F 103 21.20 31.04 19.90
N PHE F 104 20.15 31.43 19.15
CA PHE F 104 19.36 32.58 19.56
C PHE F 104 18.57 32.28 20.83
N LYS F 105 18.09 31.04 20.98
CA LYS F 105 17.46 30.65 22.24
C LYS F 105 18.45 30.75 23.39
N ARG F 106 19.68 30.28 23.19
CA ARG F 106 20.70 30.38 24.22
C ARG F 106 20.97 31.84 24.57
N TYR F 107 21.05 32.70 23.57
CA TYR F 107 21.35 34.11 23.82
C TYR F 107 20.22 34.78 24.59
N ASP F 108 18.96 34.50 24.23
CA ASP F 108 17.87 35.14 24.95
C ASP F 108 17.73 34.56 26.36
N ARG F 109 18.13 33.30 26.55
CA ARG F 109 18.24 32.78 27.92
C ARG F 109 19.32 33.53 28.70
N VAL F 110 20.42 33.88 28.02
CA VAL F 110 21.46 34.68 28.66
C VAL F 110 20.91 36.05 29.06
N MET F 111 20.15 36.67 28.16
CA MET F 111 19.60 37.99 28.45
C MET F 111 18.62 37.96 29.62
N ASN F 112 17.80 36.89 29.68
CA ASN F 112 16.85 36.78 30.79
C ASN F 112 17.56 36.62 32.13
N GLN F 113 18.65 35.85 32.15
CA GLN F 113 19.43 35.66 33.37
C GLN F 113 20.07 36.97 33.83
N SER F 116 25.12 41.41 29.88
CA SER F 116 25.18 42.66 29.13
C SER F 116 26.18 42.55 27.98
N SER F 117 26.50 41.33 27.59
CA SER F 117 27.44 41.07 26.51
C SER F 117 26.70 40.91 25.18
N ASN F 118 27.13 41.66 24.18
CA ASN F 118 26.49 41.63 22.87
C ASN F 118 26.81 40.32 22.15
N MET F 119 25.89 39.91 21.28
CA MET F 119 26.01 38.67 20.52
C MET F 119 26.86 38.89 19.27
N THR F 120 28.18 38.97 19.49
CA THR F 120 29.10 39.17 18.38
C THR F 120 29.18 37.94 17.50
N ILE F 121 29.05 38.15 16.19
CA ILE F 121 29.08 37.09 15.19
C ILE F 121 30.09 37.48 14.12
N LYS F 122 30.75 36.47 13.57
CA LYS F 122 31.76 36.67 12.52
C LYS F 122 31.66 35.49 11.56
N LEU F 123 32.42 35.57 10.48
CA LEU F 123 32.43 34.56 9.42
C LEU F 123 33.82 33.91 9.38
N GLN F 124 33.98 32.85 10.15
CA GLN F 124 35.27 32.18 10.25
C GLN F 124 35.38 31.07 9.21
N SER F 125 36.60 30.87 8.72
CA SER F 125 36.87 29.82 7.74
C SER F 125 38.27 29.24 7.94
N CYS F 154 31.84 27.33 4.88
CA CYS F 154 32.34 28.31 5.83
C CYS F 154 31.72 28.09 7.20
N ALA F 155 32.02 28.98 8.15
CA ALA F 155 31.53 28.84 9.52
C ALA F 155 31.17 30.21 10.08
N LEU F 156 30.08 30.27 10.84
CA LEU F 156 29.69 31.48 11.55
C LEU F 156 30.26 31.44 12.97
N GLY F 157 31.17 32.34 13.27
CA GLY F 157 31.77 32.39 14.60
C GLY F 157 30.89 33.07 15.63
N ILE F 158 29.72 32.49 15.88
CA ILE F 158 28.79 33.06 16.84
C ILE F 158 29.32 32.84 18.24
N THR F 159 29.38 33.91 19.04
CA THR F 159 29.85 33.81 20.41
C THR F 159 29.24 34.93 21.23
N PHE F 160 28.97 34.65 22.51
CA PHE F 160 28.43 35.64 23.43
C PHE F 160 28.74 35.19 24.86
N GLU F 161 29.01 36.16 25.72
CA GLU F 161 29.37 35.87 27.11
C GLU F 161 28.16 36.00 28.02
N GLU F 162 28.17 35.20 29.09
CA GLU F 162 27.11 35.19 30.09
C GLU F 162 27.73 35.27 31.47
N ILE F 163 27.02 35.92 32.39
CA ILE F 163 27.46 36.06 33.77
C ILE F 163 26.41 35.42 34.68
N VAL F 164 26.84 34.48 35.51
CA VAL F 164 25.93 33.84 36.46
C VAL F 164 25.94 34.60 37.78
N LYS F 199 32.48 35.69 36.36
CA LYS F 199 32.01 34.51 35.65
C LYS F 199 31.94 34.74 34.15
N VAL F 200 33.08 34.58 33.48
CA VAL F 200 33.14 34.77 32.03
C VAL F 200 32.82 33.45 31.35
N ILE F 201 31.55 33.25 31.00
CA ILE F 201 31.08 32.04 30.34
C ILE F 201 30.91 32.39 28.87
N MET F 202 31.96 32.14 28.08
CA MET F 202 31.92 32.43 26.65
C MET F 202 31.35 31.23 25.91
N HIS F 203 30.15 31.38 25.36
CA HIS F 203 29.46 30.29 24.68
C HIS F 203 29.73 30.41 23.18
N SER F 204 30.77 29.72 22.73
CA SER F 204 31.08 29.66 21.31
C SER F 204 30.10 28.74 20.59
N PHE F 205 29.58 29.22 19.47
CA PHE F 205 28.53 28.50 18.74
C PHE F 205 28.81 28.45 17.25
N LYS F 206 30.02 28.01 16.86
CA LYS F 206 30.35 27.86 15.46
C LYS F 206 29.32 27.00 14.74
N VAL F 207 28.81 27.52 13.62
CA VAL F 207 27.78 26.85 12.83
C VAL F 207 28.28 26.75 11.40
N PRO F 208 28.34 25.56 10.81
CA PRO F 208 28.72 25.44 9.40
C PRO F 208 27.72 26.14 8.49
N VAL F 209 28.23 26.93 7.55
CA VAL F 209 27.41 27.69 6.62
C VAL F 209 28.02 27.57 5.23
N LYS F 210 27.16 27.43 4.22
CA LYS F 210 27.62 27.44 2.83
C LYS F 210 27.62 28.86 2.28
N LEU F 211 28.25 29.03 1.13
CA LEU F 211 28.31 30.32 0.44
C LEU F 211 27.79 30.13 -0.98
N LEU F 212 26.75 30.88 -1.33
CA LEU F 212 26.17 30.81 -2.66
C LEU F 212 26.86 31.78 -3.61
N PHE F 213 26.65 31.56 -4.90
CA PHE F 213 27.23 32.38 -5.94
C PHE F 213 26.23 33.44 -6.40
N ARG F 214 26.72 34.36 -7.24
CA ARG F 214 25.87 35.44 -7.73
C ARG F 214 24.72 34.91 -8.58
N ALA F 215 24.99 33.89 -9.40
CA ALA F 215 23.97 33.36 -10.29
C ALA F 215 22.79 32.81 -9.51
N GLN F 216 23.05 32.04 -8.44
CA GLN F 216 21.99 31.56 -7.60
C GLN F 216 21.35 32.69 -6.80
N ASP F 217 22.16 33.66 -6.37
CA ASP F 217 21.63 34.82 -5.66
C ASP F 217 20.69 35.63 -6.56
N THR F 218 21.08 35.80 -7.83
CA THR F 218 20.18 36.47 -8.78
C THR F 218 18.97 35.60 -9.09
N ARG F 219 19.12 34.27 -9.02
CA ARG F 219 17.99 33.38 -9.19
C ARG F 219 16.97 33.50 -8.06
N ILE F 220 17.41 33.72 -6.82
CA ILE F 220 16.53 33.92 -5.69
C ILE F 220 16.15 35.39 -5.64
N GLN F 221 14.88 35.69 -5.91
CA GLN F 221 14.40 37.06 -5.90
C GLN F 221 13.04 37.12 -5.22
N GLU F 222 12.74 38.28 -4.65
CA GLU F 222 11.48 38.47 -3.97
C GLU F 222 10.33 38.51 -4.98
N PRO F 223 9.24 37.78 -4.73
CA PRO F 223 8.11 37.79 -5.67
C PRO F 223 7.48 39.17 -5.77
N MET F 224 6.93 39.46 -6.94
CA MET F 224 6.27 40.72 -7.23
C MET F 224 4.75 40.51 -7.23
N ILE F 225 4.04 41.35 -6.51
CA ILE F 225 2.59 41.27 -6.39
C ILE F 225 2.00 42.46 -7.14
N ASN F 226 1.19 42.17 -8.16
CA ASN F 226 0.53 43.23 -8.91
C ASN F 226 -0.67 43.75 -8.15
N TYR F 227 -0.73 45.07 -7.96
CA TYR F 227 -1.81 45.67 -7.20
C TYR F 227 -2.98 46.06 -8.09
N ILE F 228 -3.46 45.11 -8.90
CA ILE F 228 -4.63 45.39 -9.75
C ILE F 228 -5.87 45.58 -8.90
N GLN F 229 -6.10 44.66 -7.96
CA GLN F 229 -7.19 44.82 -7.01
C GLN F 229 -6.81 44.41 -5.60
N LEU F 230 -5.52 44.25 -5.30
CA LEU F 230 -5.06 43.84 -3.97
C LEU F 230 -5.55 44.80 -2.90
N MET F 231 -6.40 44.31 -2.00
CA MET F 231 -6.97 45.13 -0.93
C MET F 231 -6.21 44.87 0.35
N MET F 232 -5.54 45.91 0.86
CA MET F 232 -4.75 45.82 2.08
C MET F 232 -5.60 46.11 3.31
N TYR F 233 -6.23 45.06 3.83
CA TYR F 233 -7.05 45.17 5.04
C TYR F 233 -6.17 45.47 6.24
N LYS F 234 -6.32 46.67 6.82
CA LYS F 234 -5.51 47.07 7.95
C LYS F 234 -5.96 46.31 9.20
N LEU F 235 -5.08 45.45 9.71
CA LEU F 235 -5.38 44.65 10.88
C LEU F 235 -5.28 45.52 12.14
N PRO F 236 -6.12 45.27 13.14
CA PRO F 236 -6.09 46.06 14.37
C PRO F 236 -4.76 45.92 15.09
N PRO F 237 -4.27 46.98 15.71
CA PRO F 237 -3.01 46.90 16.45
C PRO F 237 -3.15 46.02 17.68
N ILE F 238 -2.04 45.40 18.07
CA ILE F 238 -2.02 44.54 19.24
C ILE F 238 -2.32 45.34 20.51
N SER F 239 -1.69 46.52 20.63
CA SER F 239 -1.87 47.33 21.82
C SER F 239 -3.29 47.85 21.96
N GLY F 240 -4.05 47.89 20.86
CA GLY F 240 -5.42 48.33 20.89
C GLY F 240 -6.35 47.39 21.64
N GLU F 241 -7.51 47.89 22.05
CA GLU F 241 -8.47 47.05 22.75
C GLU F 241 -8.99 45.94 21.86
N PHE F 242 -9.20 46.23 20.57
CA PHE F 242 -9.66 45.23 19.63
C PHE F 242 -8.58 44.22 19.26
N GLY F 243 -7.34 44.46 19.69
CA GLY F 243 -6.23 43.59 19.27
C GLY F 243 -6.38 42.17 19.78
N SER F 244 -6.71 42.02 21.07
CA SER F 244 -6.88 40.68 21.63
C SER F 244 -8.05 39.96 21.00
N ALA F 245 -9.16 40.68 20.78
CA ALA F 245 -10.32 40.07 20.13
C ALA F 245 -9.98 39.63 18.72
N PHE F 246 -9.22 40.44 17.98
CA PHE F 246 -8.85 40.06 16.62
C PHE F 246 -7.88 38.88 16.61
N HIS F 247 -6.98 38.83 17.60
CA HIS F 247 -6.08 37.69 17.71
C HIS F 247 -6.87 36.41 17.97
N GLY F 248 -7.84 36.48 18.87
CA GLY F 248 -8.72 35.34 19.10
C GLY F 248 -9.49 34.96 17.86
N PHE F 249 -9.98 35.95 17.10
CA PHE F 249 -10.68 35.68 15.86
C PHE F 249 -9.79 34.96 14.85
N ILE F 250 -8.52 35.37 14.77
CA ILE F 250 -7.58 34.71 13.87
C ILE F 250 -7.33 33.27 14.34
N ARG F 251 -7.19 33.06 15.64
CA ARG F 251 -6.89 31.73 16.17
C ARG F 251 -8.12 30.85 16.33
N ARG F 252 -9.31 31.36 16.01
CA ARG F 252 -10.53 30.56 16.12
C ARG F 252 -10.43 29.27 15.31
N VAL F 253 -9.92 29.36 14.08
CA VAL F 253 -9.88 28.18 13.22
C VAL F 253 -8.73 27.26 13.58
N GLU F 254 -7.73 27.76 14.33
CA GLU F 254 -6.55 26.98 14.66
C GLU F 254 -6.87 25.80 15.58
N ARG F 255 -7.78 26.00 16.53
CA ARG F 255 -8.07 24.95 17.51
C ARG F 255 -8.69 23.71 16.87
N TYR F 256 -9.27 23.86 15.68
CA TYR F 256 -9.83 22.71 14.98
C TYR F 256 -8.71 21.79 14.49
N SER F 257 -9.07 20.55 14.20
CA SER F 257 -8.09 19.53 13.82
C SER F 257 -8.22 19.15 12.35
N ASN F 258 -9.45 19.12 11.84
CA ASN F 258 -9.71 18.73 10.46
C ASN F 258 -9.70 19.92 9.50
N VAL F 259 -8.98 20.99 9.83
CA VAL F 259 -8.88 22.17 8.98
C VAL F 259 -7.57 22.10 8.22
N ASN F 260 -7.66 22.03 6.89
CA ASN F 260 -6.49 22.04 6.02
C ASN F 260 -6.44 23.23 5.10
N HIS F 261 -7.57 23.64 4.52
CA HIS F 261 -7.65 24.80 3.66
C HIS F 261 -8.68 25.77 4.20
N ILE F 262 -8.34 27.05 4.20
CA ILE F 262 -9.17 28.11 4.75
C ILE F 262 -9.54 29.06 3.61
N HIS F 263 -10.84 29.29 3.43
CA HIS F 263 -11.33 30.16 2.36
C HIS F 263 -11.58 31.57 2.91
N LEU F 264 -10.49 32.35 2.94
CA LEU F 264 -10.59 33.72 3.40
C LEU F 264 -11.38 34.56 2.41
N MET F 265 -12.25 35.43 2.93
CA MET F 265 -13.03 36.34 2.09
C MET F 265 -12.98 37.73 2.69
N GLY F 266 -12.87 38.74 1.84
CA GLY F 266 -12.88 40.13 2.27
C GLY F 266 -13.80 40.95 1.40
N VAL F 267 -14.66 41.74 2.04
CA VAL F 267 -15.64 42.57 1.36
C VAL F 267 -15.47 44.01 1.83
N LYS F 268 -15.99 44.95 1.04
CA LYS F 268 -15.90 46.38 1.36
C LYS F 268 -16.40 46.69 2.77
N VAL F 279 -14.86 47.40 6.04
CA VAL F 279 -14.44 46.07 5.61
C VAL F 279 -14.53 45.08 6.76
N GLU F 280 -14.77 43.81 6.43
CA GLU F 280 -14.83 42.75 7.42
C GLU F 280 -14.17 41.50 6.86
N LEU F 281 -13.74 40.63 7.77
CA LEU F 281 -13.06 39.38 7.41
C LEU F 281 -13.96 38.21 7.80
N LYS F 282 -14.17 37.30 6.86
CA LYS F 282 -15.01 36.12 7.07
C LYS F 282 -14.15 34.87 6.87
N ILE F 283 -13.70 34.29 7.97
CA ILE F 283 -12.94 33.04 7.92
C ILE F 283 -13.93 31.90 7.72
N ILE F 284 -14.07 31.43 6.48
CA ILE F 284 -15.04 30.41 6.12
C ILE F 284 -14.27 29.16 5.66
N VAL F 285 -14.58 28.02 6.27
CA VAL F 285 -13.95 26.75 5.94
C VAL F 285 -15.07 25.79 5.55
N ASN F 286 -15.03 25.28 4.32
CA ASN F 286 -16.07 24.40 3.80
C ASN F 286 -15.52 22.99 3.62
N GLU F 287 -16.20 22.01 4.20
CA GLU F 287 -15.87 20.60 4.06
C GLU F 287 -17.12 19.84 3.59
N LEU F 288 -17.02 18.51 3.59
CA LEU F 288 -18.15 17.68 3.17
C LEU F 288 -19.34 17.87 4.10
N ASP F 289 -19.10 17.89 5.40
CA ASP F 289 -20.19 18.11 6.37
C ASP F 289 -19.89 19.21 7.37
N TRP F 290 -18.62 19.45 7.67
CA TRP F 290 -18.24 20.46 8.66
C TRP F 290 -18.19 21.85 8.06
N HIS F 291 -19.24 22.64 8.28
CA HIS F 291 -19.29 24.02 7.81
C HIS F 291 -18.71 24.96 8.86
N LEU F 292 -18.29 26.14 8.40
CA LEU F 292 -17.67 27.12 9.30
C LEU F 292 -17.82 28.50 8.71
N GLU F 293 -18.27 29.45 9.53
CA GLU F 293 -18.51 30.82 9.09
C GLU F 293 -17.97 31.82 10.12
N ILE F 294 -16.72 31.61 10.53
CA ILE F 294 -16.09 32.54 11.47
C ILE F 294 -16.02 33.92 10.83
N CYS F 295 -16.52 34.93 11.53
CA CYS F 295 -16.58 36.29 11.02
C CYS F 295 -16.11 37.27 12.09
N TRP F 296 -15.62 38.42 11.64
CA TRP F 296 -15.16 39.49 12.51
C TRP F 296 -16.10 40.68 12.38
N ASN F 297 -16.65 41.13 13.52
CA ASN F 297 -17.60 42.23 13.54
C ASN F 297 -17.00 43.56 14.00
N GLY F 298 -15.81 43.54 14.58
CA GLY F 298 -15.17 44.76 15.01
C GLY F 298 -14.80 45.64 13.82
N PRO F 299 -14.70 46.95 14.05
CA PRO F 299 -14.34 47.87 12.97
C PRO F 299 -12.97 47.54 12.37
N LEU F 300 -12.87 47.65 11.06
CA LEU F 300 -11.65 47.35 10.32
C LEU F 300 -11.37 48.47 9.33
N ASP F 301 -10.09 48.66 9.01
CA ASP F 301 -9.66 49.70 8.10
C ASP F 301 -9.00 49.08 6.88
N SER F 302 -8.99 49.84 5.78
CA SER F 302 -8.37 49.39 4.54
C SER F 302 -7.99 50.57 3.66
N SER F 404 -17.15 45.63 -4.21
CA SER F 404 -16.24 44.56 -4.63
C SER F 404 -16.01 43.55 -3.51
N THR F 405 -15.42 42.41 -3.87
CA THR F 405 -15.13 41.38 -2.89
C THR F 405 -13.85 40.67 -3.29
N HIS F 406 -13.20 40.05 -2.29
CA HIS F 406 -11.96 39.31 -2.51
C HIS F 406 -12.09 37.96 -1.84
N GLU F 407 -11.68 36.91 -2.56
CA GLU F 407 -11.75 35.54 -2.05
C GLU F 407 -10.45 34.81 -2.36
N VAL F 408 -10.00 33.99 -1.42
CA VAL F 408 -8.80 33.19 -1.61
C VAL F 408 -8.88 31.99 -0.68
N ILE F 409 -8.30 30.88 -1.11
CA ILE F 409 -8.22 29.66 -0.32
C ILE F 409 -6.75 29.39 0.00
N ILE F 410 -6.41 29.39 1.28
CA ILE F 410 -5.03 29.19 1.71
C ILE F 410 -4.98 28.02 2.69
N ARG F 411 -3.80 27.41 2.78
CA ARG F 411 -3.58 26.29 3.67
C ARG F 411 -3.46 26.76 5.11
N CYS F 412 -4.01 25.96 6.03
CA CYS F 412 -3.99 26.32 7.45
C CYS F 412 -2.58 26.30 8.04
N LYS F 413 -1.64 25.61 7.39
CA LYS F 413 -0.28 25.56 7.91
C LYS F 413 0.36 26.94 7.93
N ASP F 414 0.17 27.72 6.86
CA ASP F 414 0.67 29.09 6.83
C ASP F 414 -0.15 30.04 7.68
N TRP F 415 -1.41 29.71 7.95
CA TRP F 415 -2.25 30.61 8.75
C TRP F 415 -1.78 30.68 10.19
N LYS F 416 -1.28 29.55 10.73
CA LYS F 416 -0.70 29.59 12.08
C LYS F 416 0.55 30.47 12.10
N VAL F 417 1.36 30.40 11.04
CA VAL F 417 2.53 31.28 10.95
C VAL F 417 2.12 32.74 10.91
N CYS F 418 1.07 33.05 10.14
CA CYS F 418 0.58 34.42 10.06
C CYS F 418 0.05 34.88 11.41
N SER F 419 -0.66 34.01 12.13
CA SER F 419 -1.15 34.36 13.46
C SER F 419 0.00 34.62 14.42
N LYS F 420 1.04 33.79 14.37
CA LYS F 420 2.21 34.02 15.21
C LYS F 420 2.89 35.34 14.88
N LEU F 421 3.00 35.66 13.59
CA LEU F 421 3.57 36.94 13.19
C LEU F 421 2.73 38.12 13.69
N TYR F 422 1.40 37.98 13.62
CA TYR F 422 0.51 39.06 14.03
C TYR F 422 0.67 39.39 15.51
N ALA F 423 1.07 38.40 16.32
CA ALA F 423 1.23 38.62 17.75
C ALA F 423 2.35 39.60 18.07
N ALA F 424 3.48 39.52 17.36
CA ALA F 424 4.66 40.31 17.71
C ALA F 424 4.55 41.74 17.19
N PHE F 425 4.43 41.90 15.88
CA PHE F 425 4.47 43.22 15.26
C PHE F 425 3.18 43.99 15.53
N GLU F 426 3.34 45.24 15.99
CA GLU F 426 2.18 46.09 16.24
C GLU F 426 1.48 46.46 14.93
N GLU F 427 2.24 46.89 13.93
CA GLU F 427 1.67 47.22 12.64
C GLU F 427 1.54 45.96 11.78
N VAL F 428 0.31 45.69 11.33
CA VAL F 428 0.03 44.46 10.59
C VAL F 428 -0.94 44.75 9.45
N VAL F 429 -0.57 44.34 8.24
CA VAL F 429 -1.39 44.52 7.05
C VAL F 429 -1.60 43.15 6.40
N LEU F 430 -2.87 42.79 6.19
CA LEU F 430 -3.23 41.56 5.51
C LEU F 430 -3.88 41.92 4.18
N ALA F 431 -3.34 41.36 3.10
CA ALA F 431 -3.81 41.66 1.75
C ALA F 431 -4.23 40.36 1.07
N ILE F 432 -5.33 40.43 0.31
CA ILE F 432 -5.92 39.27 -0.33
C ILE F 432 -6.00 39.52 -1.83
N SER F 433 -5.44 38.60 -2.62
CA SER F 433 -5.58 38.63 -4.06
C SER F 433 -6.70 37.69 -4.48
N HIS F 434 -7.60 38.16 -5.33
CA HIS F 434 -8.75 37.37 -5.73
C HIS F 434 -8.31 36.16 -6.55
N ASP F 435 -8.34 34.98 -5.93
CA ASP F 435 -7.98 33.71 -6.56
C ASP F 435 -6.55 33.70 -7.09
N GLU F 436 -5.68 34.58 -6.58
CA GLU F 436 -4.31 34.66 -7.05
C GLU F 436 -3.31 34.32 -5.94
N SER F 437 -3.39 34.99 -4.80
CA SER F 437 -2.43 34.78 -3.71
C SER F 437 -2.95 35.49 -2.47
N CYS F 438 -2.13 35.48 -1.42
CA CYS F 438 -2.42 36.18 -0.18
C CYS F 438 -1.13 36.78 0.35
N VAL F 439 -1.21 38.02 0.85
CA VAL F 439 -0.05 38.75 1.34
C VAL F 439 -0.31 39.16 2.78
N PHE F 440 0.59 38.76 3.68
CA PHE F 440 0.52 39.13 5.09
C PHE F 440 1.70 40.06 5.36
N HIS F 441 1.47 41.36 5.17
CA HIS F 441 2.54 42.36 5.23
C HIS F 441 2.65 42.89 6.66
N CYS F 442 3.77 42.57 7.31
CA CYS F 442 4.08 43.14 8.62
C CYS F 442 5.16 44.20 8.48
N SER F 443 5.10 45.19 9.36
CA SER F 443 6.05 46.30 9.31
C SER F 443 6.37 46.76 10.73
N LEU F 444 7.63 47.08 10.97
CA LEU F 444 8.10 47.60 12.25
C LEU F 444 8.79 48.94 11.99
N ASP F 445 8.09 50.04 12.25
CA ASP F 445 8.62 51.37 11.97
C ASP F 445 9.54 51.77 13.12
N ARG F 446 10.85 51.65 12.88
CA ARG F 446 11.82 52.04 13.91
C ARG F 446 11.87 53.55 14.09
N GLY F 447 11.70 54.30 13.01
CA GLY F 447 11.77 55.75 13.06
C GLY F 447 10.71 56.40 13.93
N PRO F 458 13.97 59.28 9.26
CA PRO F 458 15.00 59.20 10.31
C PRO F 458 15.79 57.89 10.25
N ARG F 459 15.20 56.82 10.78
CA ARG F 459 15.82 55.50 10.80
C ARG F 459 15.01 54.56 9.91
N GLU F 460 15.71 53.69 9.18
CA GLU F 460 15.06 52.78 8.25
C GLU F 460 14.07 51.87 8.95
N ARG F 461 12.88 51.77 8.38
CA ARG F 461 11.84 50.90 8.89
C ARG F 461 12.06 49.46 8.43
N GLY F 462 11.80 48.50 9.32
CA GLY F 462 11.90 47.10 8.99
C GLY F 462 10.54 46.48 8.74
N GLN F 463 10.46 45.66 7.68
CA GLN F 463 9.22 45.00 7.31
C GLN F 463 9.51 43.53 7.02
N ILE F 464 8.47 42.71 7.17
CA ILE F 464 8.54 41.29 6.86
C ILE F 464 7.26 40.90 6.15
N ILE F 465 7.40 40.23 5.00
CA ILE F 465 6.27 39.88 4.15
C ILE F 465 6.28 38.38 3.93
N TYR F 466 5.10 37.77 4.06
CA TYR F 466 4.92 36.34 3.81
C TYR F 466 3.86 36.18 2.72
N TYR F 467 4.27 35.69 1.56
CA TYR F 467 3.37 35.52 0.42
C TYR F 467 2.78 34.11 0.46
N ILE F 468 1.46 34.01 0.46
CA ILE F 468 0.82 32.65 0.56
C ILE F 468 0.18 32.31 -0.79
N ALA F 469 0.54 31.15 -1.36
CA ALA F 469 -0.01 30.73 -2.65
C ALA F 469 -1.25 29.87 -2.43
N ARG F 470 -2.38 30.27 -3.02
CA ARG F 470 -3.63 29.49 -2.87
C ARG F 470 -3.33 28.00 -3.10
N SER F 471 -3.46 27.19 -2.05
CA SER F 471 -3.26 25.72 -2.18
C SER F 471 -4.25 25.20 -3.22
N LYS F 472 -5.49 25.69 -3.19
CA LYS F 472 -6.48 25.30 -4.23
C LYS F 472 -7.21 26.56 -4.68
N GLY F 473 -7.83 26.52 -5.86
CA GLY F 473 -8.56 27.67 -6.36
C GLY F 473 -9.97 27.74 -5.83
N LEU F 474 -10.64 28.85 -6.15
CA LEU F 474 -12.00 29.10 -5.71
C LEU F 474 -12.98 28.10 -6.33
N ASN G 9 -36.79 26.60 15.44
CA ASN G 9 -36.10 25.33 15.63
C ASN G 9 -36.78 24.48 16.70
N LYS G 10 -36.78 23.16 16.50
CA LYS G 10 -37.35 22.26 17.49
C LYS G 10 -36.57 22.31 18.81
N PHE G 11 -35.25 22.37 18.72
CA PHE G 11 -34.39 22.42 19.89
C PHE G 11 -33.50 23.64 19.84
N SER G 12 -33.33 24.29 20.98
CA SER G 12 -32.46 25.46 21.09
C SER G 12 -32.09 25.65 22.55
N ALA G 13 -30.79 25.56 22.84
CA ALA G 13 -30.29 25.72 24.21
C ALA G 13 -29.08 26.65 24.17
N SER G 14 -29.07 27.62 25.07
CA SER G 14 -27.98 28.60 25.17
C SER G 14 -27.27 28.42 26.50
N THR G 15 -25.93 28.45 26.47
CA THR G 15 -25.11 28.34 27.66
C THR G 15 -24.03 29.41 27.63
N VAL G 16 -23.59 29.83 28.82
CA VAL G 16 -22.59 30.88 28.96
C VAL G 16 -21.26 30.27 29.36
N HIS G 17 -21.30 29.18 30.12
CA HIS G 17 -20.10 28.49 30.57
C HIS G 17 -19.79 27.36 29.60
N LEU G 18 -18.63 27.45 28.94
CA LEU G 18 -18.24 26.46 27.94
C LEU G 18 -17.16 25.49 28.43
N GLU G 19 -16.42 25.85 29.48
CA GLU G 19 -15.38 24.95 29.98
C GLU G 19 -15.99 23.69 30.57
N HIS G 20 -17.13 23.82 31.23
CA HIS G 20 -17.78 22.67 31.85
C HIS G 20 -18.22 21.65 30.80
N ILE G 21 -18.94 22.11 29.78
CA ILE G 21 -19.39 21.21 28.72
C ILE G 21 -18.20 20.71 27.92
N THR G 22 -17.15 21.54 27.78
CA THR G 22 -15.95 21.11 27.08
C THR G 22 -15.30 19.93 27.79
N THR G 23 -15.15 20.02 29.11
CA THR G 23 -14.60 18.90 29.88
C THR G 23 -15.52 17.69 29.82
N ALA G 24 -16.83 17.91 29.89
CA ALA G 24 -17.78 16.80 29.84
C ALA G 24 -17.65 16.04 28.52
N LEU G 25 -17.53 16.77 27.41
CA LEU G 25 -17.37 16.11 26.11
C LEU G 25 -15.97 15.51 25.94
N SER G 26 -14.95 16.16 26.50
CA SER G 26 -13.60 15.61 26.46
C SER G 26 -13.47 14.35 27.29
N CYS G 27 -14.40 14.11 28.22
CA CYS G 27 -14.42 12.83 28.92
C CYS G 27 -14.63 11.65 27.99
N LEU G 28 -15.14 11.88 26.78
CA LEU G 28 -15.32 10.82 25.78
C LEU G 28 -14.13 10.68 24.86
N THR G 29 -13.10 11.51 25.00
CA THR G 29 -11.90 11.45 24.18
C THR G 29 -11.18 10.11 24.23
N PRO G 30 -11.02 9.46 25.41
CA PRO G 30 -10.33 8.16 25.43
C PRO G 30 -11.02 7.09 24.61
N PHE G 31 -12.29 7.26 24.27
CA PHE G 31 -12.99 6.36 23.36
C PHE G 31 -12.58 6.70 21.93
N GLY G 32 -13.31 6.19 20.94
CA GLY G 32 -13.00 6.47 19.54
C GLY G 32 -12.74 7.93 19.27
N SER G 33 -11.49 8.24 18.90
CA SER G 33 -11.08 9.64 18.78
C SER G 33 -11.82 10.36 17.67
N LYS G 34 -11.97 9.72 16.51
CA LYS G 34 -12.67 10.31 15.36
C LYS G 34 -13.70 9.29 14.87
N ASP G 35 -14.87 9.30 15.49
CA ASP G 35 -15.97 8.43 15.10
C ASP G 35 -17.28 9.15 15.40
N ASP G 36 -18.39 8.41 15.28
CA ASP G 36 -19.71 8.99 15.46
C ASP G 36 -20.19 8.85 16.90
N VAL G 37 -21.02 9.80 17.34
CA VAL G 37 -21.64 9.76 18.65
C VAL G 37 -23.15 9.96 18.47
N LEU G 38 -23.92 9.47 19.43
CA LEU G 38 -25.37 9.62 19.43
C LEU G 38 -25.77 10.60 20.52
N ILE G 39 -26.66 11.54 20.16
CA ILE G 39 -27.10 12.59 21.06
C ILE G 39 -28.61 12.47 21.23
N PHE G 40 -29.06 11.98 22.38
CA PHE G 40 -30.48 11.99 22.71
C PHE G 40 -30.84 13.34 23.32
N ILE G 41 -31.96 13.90 22.86
CA ILE G 41 -32.44 15.20 23.32
C ILE G 41 -33.85 15.01 23.86
N ASP G 42 -34.05 15.33 25.13
CA ASP G 42 -35.37 15.27 25.76
C ASP G 42 -35.56 16.50 26.63
N ALA G 43 -36.69 16.53 27.35
CA ALA G 43 -37.00 17.67 28.21
C ALA G 43 -35.97 17.82 29.33
N ASP G 44 -35.45 16.70 29.84
CA ASP G 44 -34.46 16.77 30.91
C ASP G 44 -33.18 17.44 30.43
N GLY G 45 -32.76 17.15 29.21
CA GLY G 45 -31.54 17.73 28.67
C GLY G 45 -31.10 17.01 27.41
N LEU G 46 -29.80 17.00 27.19
CA LEU G 46 -29.20 16.27 26.08
C LEU G 46 -28.14 15.32 26.62
N SER G 47 -27.98 14.19 25.96
CA SER G 47 -27.05 13.15 26.39
C SER G 47 -26.10 12.79 25.26
N PHE G 48 -25.00 12.13 25.63
CA PHE G 48 -23.98 11.68 24.68
C PHE G 48 -23.66 10.22 25.00
N VAL G 49 -23.99 9.32 24.08
CA VAL G 49 -23.79 7.89 24.25
C VAL G 49 -22.77 7.42 23.22
N ARG G 50 -21.71 6.76 23.69
CA ARG G 50 -20.66 6.25 22.82
C ARG G 50 -20.38 4.80 23.18
N GLU G 51 -20.34 3.94 22.16
CA GLU G 51 -20.09 2.52 22.35
C GLU G 51 -18.98 2.06 21.42
N ASN G 52 -18.02 1.33 21.97
CA ASN G 52 -16.87 0.82 21.21
C ASN G 52 -16.88 -0.69 21.23
N ASN G 53 -16.92 -1.30 20.04
CA ASN G 53 -16.80 -2.75 19.86
C ASN G 53 -17.87 -3.54 20.61
N HIS G 54 -18.98 -2.88 20.98
CA HIS G 54 -20.09 -3.51 21.67
C HIS G 54 -19.66 -4.17 22.98
N VAL G 55 -18.61 -3.66 23.60
CA VAL G 55 -18.10 -4.23 24.85
C VAL G 55 -18.14 -3.18 25.95
N ILE G 56 -18.10 -1.90 25.58
CA ILE G 56 -18.11 -0.81 26.54
C ILE G 56 -19.02 0.30 26.02
N LYS G 57 -19.81 0.87 26.91
CA LYS G 57 -20.71 1.98 26.59
C LYS G 57 -20.53 3.08 27.63
N ILE G 58 -20.50 4.32 27.18
CA ILE G 58 -20.40 5.47 28.07
C ILE G 58 -21.56 6.42 27.77
N GLN G 59 -22.20 6.92 28.83
CA GLN G 59 -23.32 7.83 28.71
C GLN G 59 -23.04 9.07 29.55
N LEU G 60 -23.15 10.24 28.92
CA LEU G 60 -22.95 11.52 29.58
C LEU G 60 -24.23 12.32 29.51
N LEU G 61 -24.65 12.88 30.64
CA LEU G 61 -25.90 13.63 30.73
C LEU G 61 -25.61 15.09 31.09
N LEU G 62 -26.26 16.00 30.36
CA LEU G 62 -26.22 17.43 30.65
C LEU G 62 -27.65 17.88 30.92
N SER G 63 -27.91 18.29 32.16
CA SER G 63 -29.26 18.61 32.58
C SER G 63 -29.71 19.96 32.00
N ARG G 64 -31.02 20.20 32.07
CA ARG G 64 -31.58 21.45 31.59
C ARG G 64 -31.05 22.64 32.39
N GLU G 65 -30.91 22.47 33.70
CA GLU G 65 -30.48 23.57 34.55
C GLU G 65 -29.08 24.07 34.21
N LEU G 66 -28.28 23.25 33.52
CA LEU G 66 -26.96 23.70 33.08
C LEU G 66 -27.09 24.85 32.09
N PHE G 67 -28.04 24.75 31.16
CA PHE G 67 -28.27 25.79 30.17
C PHE G 67 -29.10 26.93 30.77
N MET G 68 -29.39 27.94 29.95
CA MET G 68 -30.20 29.06 30.39
C MET G 68 -31.34 29.40 29.45
N SER G 69 -31.39 28.83 28.25
CA SER G 69 -32.46 29.12 27.29
C SER G 69 -32.95 27.84 26.63
N TYR G 70 -33.09 26.78 27.42
CA TYR G 70 -33.59 25.52 26.91
C TYR G 70 -35.07 25.66 26.55
N SER G 71 -35.42 25.28 25.31
CA SER G 71 -36.79 25.41 24.81
C SER G 71 -37.43 24.05 24.54
N TYR G 72 -36.80 23.24 23.68
CA TYR G 72 -37.35 21.94 23.25
C TYR G 72 -38.78 22.10 22.73
N ARG G 73 -38.88 22.83 21.63
CA ARG G 73 -40.16 23.11 20.99
C ARG G 73 -40.72 21.93 20.21
N ASN G 74 -39.98 20.83 20.10
CA ASN G 74 -40.50 19.64 19.43
C ASN G 74 -41.66 19.06 20.22
N GLU G 75 -42.65 18.53 19.50
CA GLU G 75 -43.85 18.00 20.13
C GLU G 75 -44.20 16.60 19.63
N THR G 76 -43.76 16.27 18.42
CA THR G 76 -44.12 14.98 17.82
C THR G 76 -43.36 13.80 18.40
N GLU G 77 -42.23 14.03 19.07
CA GLU G 77 -41.42 12.97 19.62
C GLU G 77 -41.04 13.31 21.07
N ASP G 78 -41.13 12.31 21.94
CA ASP G 78 -40.72 12.52 23.33
C ASP G 78 -39.23 12.80 23.44
N HIS G 79 -38.42 12.06 22.67
CA HIS G 79 -36.98 12.28 22.63
C HIS G 79 -36.52 12.38 21.18
N MET G 80 -35.53 13.23 20.95
CA MET G 80 -35.00 13.48 19.61
C MET G 80 -33.55 13.04 19.58
N LYS G 81 -33.22 12.16 18.64
CA LYS G 81 -31.88 11.57 18.53
C LYS G 81 -31.21 12.02 17.24
N LEU G 82 -29.91 12.24 17.31
CA LEU G 82 -29.12 12.63 16.15
C LEU G 82 -27.72 12.05 16.29
N CYS G 83 -27.12 11.67 15.16
CA CYS G 83 -25.80 11.07 15.14
C CYS G 83 -24.84 12.01 14.43
N VAL G 84 -23.78 12.43 15.14
CA VAL G 84 -22.75 13.31 14.61
C VAL G 84 -21.39 12.79 15.05
N LYS G 85 -20.34 13.45 14.56
CA LYS G 85 -18.97 13.09 14.91
C LYS G 85 -18.66 13.64 16.31
N ILE G 86 -17.41 13.45 16.75
CA ILE G 86 -16.97 13.85 18.08
C ILE G 86 -15.86 14.88 18.02
N ASN G 87 -14.90 14.72 17.10
CA ASN G 87 -13.75 15.61 17.05
C ASN G 87 -14.18 17.04 16.74
N HIS G 88 -15.05 17.21 15.74
CA HIS G 88 -15.49 18.56 15.37
C HIS G 88 -16.25 19.24 16.49
N ILE G 89 -17.14 18.49 17.15
CA ILE G 89 -17.92 19.05 18.24
C ILE G 89 -17.01 19.43 19.41
N LEU G 90 -16.04 18.57 19.72
CA LEU G 90 -15.11 18.88 20.81
C LEU G 90 -14.27 20.12 20.48
N ASP G 91 -13.83 20.25 19.24
CA ASP G 91 -13.07 21.43 18.84
C ASP G 91 -13.92 22.68 18.92
N SER G 92 -15.20 22.59 18.52
CA SER G 92 -16.09 23.74 18.59
C SER G 92 -16.33 24.17 20.04
N VAL G 93 -16.59 23.19 20.92
CA VAL G 93 -16.81 23.52 22.32
C VAL G 93 -15.53 23.85 23.06
N SER G 94 -14.37 23.66 22.42
CA SER G 94 -13.08 24.07 22.97
C SER G 94 -12.72 25.51 22.60
N VAL G 95 -13.71 26.34 22.30
CA VAL G 95 -13.49 27.72 21.91
C VAL G 95 -12.81 28.54 22.99
N MET G 96 -12.85 28.09 24.24
CA MET G 96 -12.27 28.79 25.40
C MET G 96 -12.97 30.16 25.50
N ASN G 97 -12.27 31.22 25.91
CA ASN G 97 -12.89 32.54 26.01
C ASN G 97 -11.84 33.63 26.21
N ARG G 98 -12.23 34.88 26.02
CA ARG G 98 -11.31 36.00 26.19
C ARG G 98 -11.66 36.80 27.45
N ASP G 102 -15.18 38.54 27.96
CA ASP G 102 -16.47 38.46 27.27
C ASP G 102 -16.90 37.02 27.08
N ILE G 103 -18.08 36.69 27.63
CA ILE G 103 -18.58 35.31 27.56
C ILE G 103 -19.08 35.01 26.17
N VAL G 104 -18.70 33.84 25.65
CA VAL G 104 -19.18 33.37 24.35
C VAL G 104 -20.42 32.53 24.55
N GLU G 105 -21.59 33.10 24.28
CA GLU G 105 -22.85 32.40 24.48
C GLU G 105 -23.15 31.45 23.34
N CYS G 106 -23.04 30.14 23.61
CA CYS G 106 -23.35 29.14 22.59
C CYS G 106 -24.85 29.11 22.32
N THR G 107 -25.20 28.66 21.11
CA THR G 107 -26.58 28.66 20.64
C THR G 107 -26.92 27.32 19.99
N LEU G 108 -26.62 26.23 20.71
CA LEU G 108 -26.92 24.88 20.25
C LEU G 108 -28.34 24.78 19.71
N SER G 109 -28.47 24.26 18.49
CA SER G 109 -29.76 24.19 17.83
C SER G 109 -29.81 22.96 16.93
N TYR G 110 -31.03 22.50 16.68
CA TYR G 110 -31.27 21.36 15.79
C TYR G 110 -32.69 21.46 15.27
N ASP G 111 -32.84 21.70 13.98
CA ASP G 111 -34.16 21.95 13.38
C ASP G 111 -34.75 20.66 12.81
N GLY G 112 -34.87 19.66 13.67
CA GLY G 112 -35.54 18.42 13.30
C GLY G 112 -34.76 17.59 12.30
N HIS G 113 -35.50 16.67 11.67
CA HIS G 113 -34.91 15.73 10.72
C HIS G 113 -34.33 16.47 9.52
N GLY G 114 -33.19 15.99 9.05
CA GLY G 114 -32.54 16.59 7.90
C GLY G 114 -32.05 18.00 8.10
N SER G 115 -31.61 18.34 9.31
CA SER G 115 -31.09 19.66 9.61
C SER G 115 -29.77 19.55 10.34
N PRO G 116 -28.82 20.45 10.06
CA PRO G 116 -27.53 20.39 10.74
C PRO G 116 -27.66 20.74 12.22
N PHE G 117 -26.77 20.16 13.02
CA PHE G 117 -26.68 20.48 14.44
C PHE G 117 -25.82 21.73 14.58
N VAL G 118 -26.48 22.89 14.54
CA VAL G 118 -25.77 24.15 14.45
C VAL G 118 -25.26 24.58 15.81
N LEU G 119 -24.01 25.06 15.85
CA LEU G 119 -23.39 25.62 17.06
C LEU G 119 -23.01 27.06 16.73
N ILE G 120 -23.86 28.01 17.11
CA ILE G 120 -23.61 29.42 16.88
C ILE G 120 -22.89 29.99 18.09
N PHE G 121 -21.69 30.53 17.87
CA PHE G 121 -20.90 31.17 18.92
C PHE G 121 -20.87 32.67 18.67
N GLU G 122 -21.33 33.43 19.65
CA GLU G 122 -21.35 34.89 19.58
C GLU G 122 -20.48 35.46 20.69
N ASP G 123 -19.51 36.29 20.31
CA ASP G 123 -18.60 36.93 21.25
C ASP G 123 -18.51 38.42 20.94
N SER G 124 -19.65 39.03 20.62
CA SER G 124 -19.75 40.45 20.28
C SER G 124 -18.91 40.76 19.03
N PHE G 125 -17.59 40.64 19.15
CA PHE G 125 -16.73 40.88 17.99
C PHE G 125 -16.76 39.70 17.03
N ILE G 126 -17.04 38.50 17.52
CA ILE G 126 -17.00 37.28 16.72
C ILE G 126 -18.39 36.68 16.67
N SER G 127 -18.80 36.24 15.48
CA SER G 127 -20.11 35.65 15.24
C SER G 127 -19.97 34.29 14.58
N GLU G 128 -19.06 33.46 15.10
CA GLU G 128 -18.79 32.17 14.50
C GLU G 128 -20.01 31.26 14.55
N ARG G 129 -20.30 30.61 13.43
CA ARG G 129 -21.41 29.67 13.30
C ARG G 129 -20.87 28.38 12.69
N VAL G 130 -21.14 27.25 13.36
CA VAL G 130 -20.65 25.95 12.94
C VAL G 130 -21.84 25.01 12.77
N GLU G 131 -21.85 24.28 11.65
CA GLU G 131 -22.92 23.35 11.35
C GLU G 131 -22.35 21.97 11.05
N TYR G 132 -23.04 20.94 11.51
CA TYR G 132 -22.62 19.56 11.31
C TYR G 132 -23.76 18.75 10.72
N SER G 133 -23.51 18.06 9.62
CA SER G 133 -24.49 17.17 9.05
C SER G 133 -24.68 15.94 9.94
N THR G 134 -25.90 15.42 9.95
CA THR G 134 -26.27 14.31 10.81
C THR G 134 -26.21 12.99 10.05
N TYR G 135 -25.58 11.99 10.65
CA TYR G 135 -25.54 10.65 10.11
C TYR G 135 -26.79 9.88 10.55
N LEU G 136 -27.13 8.84 9.78
CA LEU G 136 -28.44 8.21 9.90
C LEU G 136 -28.72 7.66 11.30
N ILE G 137 -28.01 6.60 11.69
CA ILE G 137 -28.16 5.97 13.00
C ILE G 137 -27.01 5.01 13.24
N LYS G 138 -26.71 4.73 14.51
CA LYS G 138 -25.86 3.58 14.83
C LYS G 138 -26.53 2.29 14.39
N ASP G 139 -27.86 2.30 14.26
CA ASP G 139 -28.67 1.23 13.68
C ASP G 139 -28.58 -0.08 14.47
N PHE G 140 -28.46 0.00 15.79
CA PHE G 140 -28.54 -1.18 16.64
C PHE G 140 -29.05 -0.77 18.01
N ASP G 141 -29.50 -1.76 18.78
CA ASP G 141 -30.05 -1.54 20.11
C ASP G 141 -28.92 -1.10 21.03
N THR G 142 -28.89 0.19 21.33
CA THR G 142 -27.85 0.76 22.19
C THR G 142 -27.94 0.22 23.61
N ASN G 143 -29.16 0.04 24.12
CA ASN G 143 -29.37 -0.42 25.51
C ASN G 143 -29.10 -1.91 25.57
N GLY G 144 -27.82 -2.28 25.45
CA GLY G 144 -27.43 -3.67 25.53
C GLY G 144 -26.42 -3.94 26.63
N LEU G 145 -25.69 -2.90 27.03
CA LEU G 145 -24.67 -3.03 28.07
C LEU G 145 -25.21 -2.71 29.47
N GLU G 146 -26.49 -2.39 29.59
CA GLU G 146 -27.05 -2.06 30.90
C GLU G 146 -26.98 -3.27 31.83
N LEU G 147 -26.53 -3.04 33.06
CA LEU G 147 -26.43 -4.12 34.03
C LEU G 147 -27.82 -4.49 34.55
N ASP G 148 -27.95 -5.72 35.01
CA ASP G 148 -29.20 -6.20 35.59
C ASP G 148 -29.22 -5.89 37.08
N ARG G 149 -30.21 -5.12 37.52
CA ARG G 149 -30.30 -4.71 38.91
C ARG G 149 -31.05 -5.74 39.77
N GLU G 150 -30.65 -7.00 39.62
CA GLU G 150 -31.11 -8.07 40.51
C GLU G 150 -30.02 -9.01 40.96
N ARG G 151 -28.91 -9.13 40.23
CA ARG G 151 -27.84 -10.07 40.55
C ARG G 151 -26.51 -9.36 40.75
N ILE G 152 -26.53 -8.16 41.34
CA ILE G 152 -25.30 -7.40 41.56
C ILE G 152 -24.41 -8.16 42.53
N SER G 153 -23.20 -8.50 42.07
CA SER G 153 -22.28 -9.25 42.91
C SER G 153 -21.72 -8.39 44.03
N PHE G 154 -21.30 -7.17 43.71
CA PHE G 154 -20.76 -6.27 44.72
C PHE G 154 -21.03 -4.83 44.31
N GLU G 155 -21.02 -3.94 45.29
CA GLU G 155 -21.27 -2.52 45.09
C GLU G 155 -20.30 -1.72 45.94
N ALA G 156 -19.38 -1.02 45.31
CA ALA G 156 -18.33 -0.28 46.00
C ALA G 156 -18.31 1.17 45.53
N ILE G 157 -17.95 2.08 46.42
CA ILE G 157 -17.81 3.50 46.12
C ILE G 157 -16.39 3.92 46.46
N ILE G 158 -15.69 4.50 45.49
CA ILE G 158 -14.32 4.95 45.66
C ILE G 158 -14.23 6.39 45.17
N LYS G 159 -13.41 7.19 45.87
CA LYS G 159 -13.22 8.57 45.47
C LYS G 159 -12.52 8.65 44.12
N GLY G 160 -12.79 9.74 43.40
CA GLY G 160 -12.30 9.86 42.03
C GLY G 160 -10.80 9.91 41.93
N GLU G 161 -10.14 10.63 42.84
CA GLU G 161 -8.69 10.83 42.75
C GLU G 161 -7.95 9.51 42.89
N ALA G 162 -8.36 8.66 43.84
CA ALA G 162 -7.67 7.40 44.06
C ALA G 162 -7.78 6.49 42.84
N LEU G 163 -9.00 6.36 42.29
CA LEU G 163 -9.18 5.51 41.12
C LEU G 163 -8.44 6.07 39.91
N HIS G 164 -8.44 7.39 39.74
CA HIS G 164 -7.70 7.99 38.64
C HIS G 164 -6.20 7.72 38.77
N SER G 165 -5.66 7.85 39.98
CA SER G 165 -4.25 7.57 40.18
C SER G 165 -3.93 6.11 39.92
N ALA G 166 -4.81 5.20 40.36
CA ALA G 166 -4.60 3.77 40.12
C ALA G 166 -4.62 3.46 38.62
N LEU G 167 -5.57 4.04 37.90
CA LEU G 167 -5.65 3.80 36.46
C LEU G 167 -4.45 4.39 35.73
N LYS G 168 -3.99 5.57 36.14
CA LYS G 168 -2.79 6.15 35.54
C LYS G 168 -1.58 5.28 35.80
N ASP G 169 -1.46 4.75 37.03
CA ASP G 169 -0.35 3.86 37.34
C ASP G 169 -0.40 2.58 36.50
N LEU G 170 -1.60 2.02 36.31
CA LEU G 170 -1.73 0.84 35.46
C LEU G 170 -1.35 1.16 34.02
N LYS G 171 -1.78 2.32 33.51
CA LYS G 171 -1.43 2.70 32.16
C LYS G 171 0.08 2.89 32.00
N GLU G 172 0.73 3.42 33.02
CA GLU G 172 2.17 3.65 32.95
C GLU G 172 2.95 2.33 32.86
N ILE G 173 2.49 1.28 33.54
CA ILE G 173 3.23 0.03 33.60
C ILE G 173 2.71 -0.94 32.53
N GLY G 174 1.97 -0.42 31.56
CA GLY G 174 1.43 -1.24 30.50
C GLY G 174 0.07 -1.80 30.81
N CYS G 175 0.00 -2.80 31.70
CA CYS G 175 -1.26 -3.42 32.13
C CYS G 175 -2.05 -3.94 30.92
N LYS G 176 -1.48 -4.99 30.31
CA LYS G 176 -2.13 -5.61 29.15
C LYS G 176 -3.53 -6.08 29.50
N GLU G 177 -3.68 -6.74 30.64
CA GLU G 177 -4.98 -7.19 31.14
C GLU G 177 -5.12 -6.81 32.61
N CYS G 178 -6.37 -6.68 33.06
CA CYS G 178 -6.66 -6.23 34.40
C CYS G 178 -7.68 -7.16 35.07
N TYR G 179 -7.59 -7.25 36.40
CA TYR G 179 -8.52 -8.01 37.21
C TYR G 179 -9.13 -7.09 38.26
N VAL G 180 -10.32 -7.45 38.72
CA VAL G 180 -11.02 -6.72 39.78
C VAL G 180 -11.28 -7.68 40.93
N TYR G 181 -10.77 -7.34 42.11
CA TYR G 181 -10.91 -8.16 43.30
C TYR G 181 -11.72 -7.40 44.33
N ALA G 182 -12.79 -8.02 44.82
CA ALA G 182 -13.65 -7.43 45.84
C ALA G 182 -14.02 -8.49 46.86
N LYS G 183 -13.81 -8.19 48.14
CA LYS G 183 -14.14 -9.11 49.21
C LYS G 183 -14.38 -8.32 50.48
N THR G 184 -15.37 -8.76 51.26
CA THR G 184 -15.70 -8.15 52.54
C THR G 184 -15.65 -9.20 53.63
N GLU G 185 -15.20 -8.79 54.82
CA GLU G 185 -15.08 -9.67 55.96
C GLU G 185 -15.96 -9.17 57.10
N ALA G 186 -16.39 -10.09 57.96
CA ALA G 186 -17.22 -9.75 59.09
C ALA G 186 -16.47 -8.98 60.18
N ASN G 187 -15.14 -8.91 60.10
CA ASN G 187 -14.33 -8.19 61.06
C ASN G 187 -14.12 -6.73 60.68
N ASP G 188 -15.03 -6.15 59.89
CA ASP G 188 -14.93 -4.78 59.41
C ASP G 188 -13.62 -4.54 58.67
N GLU G 189 -13.22 -5.50 57.86
CA GLU G 189 -12.01 -5.40 57.03
C GLU G 189 -12.42 -5.71 55.59
N ASN G 190 -12.56 -4.66 54.79
CA ASN G 190 -12.97 -4.79 53.40
C ASN G 190 -11.78 -4.57 52.48
N VAL G 191 -11.64 -5.45 51.48
CA VAL G 191 -10.51 -5.42 50.56
C VAL G 191 -11.05 -5.25 49.15
N PHE G 192 -10.56 -4.22 48.44
CA PHE G 192 -10.90 -4.00 47.04
C PHE G 192 -9.63 -3.55 46.33
N ALA G 193 -9.23 -4.29 45.30
CA ALA G 193 -7.99 -4.00 44.60
C ALA G 193 -8.09 -4.52 43.16
N LEU G 194 -7.18 -4.04 42.33
CA LEU G 194 -7.10 -4.40 40.92
C LEU G 194 -5.78 -5.08 40.64
N ILE G 195 -5.83 -6.22 39.96
CA ILE G 195 -4.64 -6.94 39.53
C ILE G 195 -4.35 -6.59 38.09
N SER G 196 -3.06 -6.49 37.75
CA SER G 196 -2.64 -6.12 36.40
C SER G 196 -1.71 -7.19 35.85
N LYS G 197 -2.05 -7.73 34.69
CA LYS G 197 -1.19 -8.68 33.97
C LYS G 197 -0.43 -7.89 32.91
N SER G 198 0.76 -7.43 33.26
CA SER G 198 1.57 -6.59 32.40
C SER G 198 2.90 -7.28 32.09
N GLN G 199 3.81 -6.55 31.46
CA GLN G 199 5.13 -7.08 31.16
C GLN G 199 5.92 -7.41 32.43
N LEU G 200 5.52 -6.85 33.56
CA LEU G 200 6.19 -7.11 34.84
C LEU G 200 5.57 -8.28 35.60
N GLY G 201 4.53 -8.90 35.07
CA GLY G 201 3.87 -10.00 35.75
C GLY G 201 2.50 -9.65 36.27
N PHE G 202 2.18 -10.13 37.48
CA PHE G 202 0.90 -9.84 38.12
C PHE G 202 1.13 -8.83 39.23
N SER G 203 0.68 -7.60 39.00
CA SER G 203 0.84 -6.52 39.96
C SER G 203 -0.53 -6.07 40.45
N LYS G 204 -0.64 -5.86 41.76
CA LYS G 204 -1.90 -5.45 42.38
C LYS G 204 -1.76 -4.08 43.02
N ILE G 205 -2.88 -3.36 43.09
CA ILE G 205 -2.95 -2.02 43.67
C ILE G 205 -4.05 -2.05 44.72
N LYS G 206 -3.67 -2.14 45.99
CA LYS G 206 -4.62 -2.29 47.09
C LYS G 206 -5.16 -0.91 47.48
N LEU G 207 -6.47 -0.73 47.30
CA LEU G 207 -7.10 0.51 47.75
C LEU G 207 -7.30 0.48 49.26
N PRO G 208 -7.22 1.64 49.92
CA PRO G 208 -7.34 1.66 51.38
C PRO G 208 -8.74 1.29 51.84
N SER G 209 -8.80 0.74 53.06
CA SER G 209 -10.07 0.41 53.69
C SER G 209 -10.69 1.60 54.42
N ASN G 210 -10.01 2.73 54.47
CA ASN G 210 -10.56 3.91 55.14
C ASN G 210 -11.76 4.45 54.38
N ARG G 211 -12.75 4.96 55.13
CA ARG G 211 -13.99 5.43 54.54
C ARG G 211 -13.80 6.64 53.64
N SER G 212 -12.72 7.41 53.83
CA SER G 212 -12.46 8.55 52.95
C SER G 212 -12.18 8.09 51.52
N ILE G 213 -11.46 6.99 51.36
CA ILE G 213 -11.15 6.46 50.04
C ILE G 213 -12.28 5.54 49.59
N LEU G 214 -12.54 4.50 50.39
CA LEU G 214 -13.58 3.53 50.08
C LEU G 214 -14.74 3.77 51.04
N GLU G 215 -15.74 4.52 50.59
CA GLU G 215 -16.88 4.86 51.44
C GLU G 215 -17.71 3.63 51.80
N LYS G 216 -17.95 2.74 50.86
CA LYS G 216 -18.82 1.60 51.10
C LYS G 216 -18.39 0.44 50.22
N LEU G 217 -18.46 -0.78 50.77
CA LEU G 217 -18.19 -1.99 50.00
C LEU G 217 -19.09 -3.10 50.53
N GLN G 218 -19.97 -3.61 49.66
CA GLN G 218 -20.90 -4.67 50.04
C GLN G 218 -20.86 -5.75 48.98
N VAL G 219 -20.37 -6.93 49.34
CA VAL G 219 -20.29 -8.07 48.42
C VAL G 219 -21.55 -8.91 48.62
N PHE G 220 -22.40 -8.95 47.60
CA PHE G 220 -23.63 -9.72 47.66
C PHE G 220 -23.41 -11.15 47.19
N ASP G 221 -24.49 -11.91 47.10
CA ASP G 221 -24.45 -13.31 46.66
C ASP G 221 -25.35 -13.50 45.43
N GLY G 222 -25.26 -12.58 44.48
CA GLY G 222 -26.08 -12.66 43.30
C GLY G 222 -27.54 -12.36 43.52
N ASP G 223 -27.88 -11.60 44.56
CA ASP G 223 -29.26 -11.24 44.85
C ASP G 223 -29.45 -9.78 45.19
N SER G 224 -28.38 -9.00 45.35
CA SER G 224 -28.39 -7.57 45.65
C SER G 224 -29.00 -7.24 47.00
N THR G 225 -29.37 -8.23 47.81
CA THR G 225 -29.97 -8.00 49.12
C THR G 225 -29.12 -8.56 50.25
N THR G 226 -28.67 -9.81 50.14
CA THR G 226 -27.91 -10.45 51.20
C THR G 226 -26.44 -10.13 51.05
N VAL G 227 -25.81 -9.66 52.13
CA VAL G 227 -24.38 -9.36 52.14
C VAL G 227 -23.66 -10.56 52.74
N ILE G 228 -22.71 -11.10 51.99
CA ILE G 228 -21.95 -12.27 52.43
C ILE G 228 -20.51 -11.85 52.71
N ASP G 229 -19.82 -12.66 53.51
CA ASP G 229 -18.44 -12.40 53.89
C ASP G 229 -17.58 -13.62 53.57
N GLY G 230 -16.36 -13.37 53.09
CA GLY G 230 -15.43 -14.42 52.75
C GLY G 230 -15.46 -14.82 51.29
N PHE G 231 -16.44 -14.36 50.52
CA PHE G 231 -16.52 -14.68 49.10
C PHE G 231 -15.94 -13.53 48.28
N ALA G 232 -15.04 -13.86 47.35
CA ALA G 232 -14.37 -12.89 46.52
C ALA G 232 -14.94 -12.94 45.11
N VAL G 233 -15.27 -11.76 44.57
CA VAL G 233 -15.81 -11.63 43.22
C VAL G 233 -14.65 -11.21 42.32
N ILE G 234 -14.34 -12.05 41.33
CA ILE G 234 -13.24 -11.80 40.41
C ILE G 234 -13.80 -11.27 39.10
N GLY G 235 -13.33 -10.09 38.69
CA GLY G 235 -13.71 -9.53 37.40
C GLY G 235 -12.52 -9.32 36.50
N PHE G 236 -12.46 -10.08 35.42
CA PHE G 236 -11.33 -10.06 34.49
C PHE G 236 -11.71 -9.18 33.30
N PHE G 237 -11.25 -7.94 33.30
CA PHE G 237 -11.58 -6.97 32.27
C PHE G 237 -10.35 -6.60 31.47
N ASP G 238 -10.50 -6.51 30.15
CA ASP G 238 -9.42 -6.06 29.30
C ASP G 238 -9.14 -4.58 29.56
N PHE G 239 -7.86 -4.24 29.74
CA PHE G 239 -7.52 -2.88 30.13
C PHE G 239 -7.70 -1.89 28.99
N THR G 240 -7.68 -2.36 27.74
CA THR G 240 -7.93 -1.47 26.62
C THR G 240 -9.32 -0.85 26.68
N SER G 241 -10.25 -1.48 27.41
CA SER G 241 -11.54 -0.89 27.70
C SER G 241 -11.63 -0.32 29.10
N PHE G 242 -10.78 -0.78 30.03
CA PHE G 242 -10.80 -0.27 31.39
C PHE G 242 -10.17 1.11 31.51
N ASP G 243 -9.26 1.47 30.60
CA ASP G 243 -8.66 2.79 30.60
C ASP G 243 -9.50 3.82 29.88
N LYS G 244 -10.65 3.43 29.33
CA LYS G 244 -11.54 4.36 28.65
C LYS G 244 -12.20 5.35 29.60
N ILE G 245 -12.11 5.13 30.92
CA ILE G 245 -12.71 6.04 31.89
C ILE G 245 -11.63 6.53 32.85
N ARG G 246 -10.38 6.50 32.40
CA ARG G 246 -9.27 6.96 33.23
C ARG G 246 -9.36 8.46 33.49
N LYS G 247 -9.54 9.26 32.43
CA LYS G 247 -9.66 10.70 32.60
C LYS G 247 -11.04 11.11 33.08
N SER G 248 -12.05 10.26 32.92
CA SER G 248 -13.38 10.58 33.42
C SER G 248 -13.40 10.70 34.93
N THR G 249 -12.67 9.82 35.62
CA THR G 249 -12.57 9.88 37.08
C THR G 249 -11.65 10.98 37.56
N LYS G 250 -10.84 11.56 36.66
CA LYS G 250 -9.96 12.66 37.07
C LYS G 250 -10.76 13.89 37.48
N ILE G 251 -11.85 14.17 36.77
CA ILE G 251 -12.72 15.30 37.08
C ILE G 251 -13.88 14.90 37.99
N ALA G 252 -13.81 13.72 38.60
CA ALA G 252 -14.89 13.21 39.43
C ALA G 252 -14.57 13.36 40.90
N SER G 253 -15.62 13.42 41.71
CA SER G 253 -15.50 13.46 43.16
C SER G 253 -15.73 12.09 43.80
N LYS G 254 -16.82 11.42 43.43
CA LYS G 254 -17.13 10.08 43.92
C LYS G 254 -17.41 9.17 42.75
N VAL G 255 -16.85 7.95 42.80
CA VAL G 255 -17.01 6.95 41.77
C VAL G 255 -17.64 5.71 42.38
N LEU G 256 -18.70 5.20 41.76
CA LEU G 256 -19.44 4.07 42.26
C LEU G 256 -19.25 2.87 41.33
N PHE G 257 -18.94 1.72 41.92
CA PHE G 257 -18.69 0.50 41.16
C PHE G 257 -19.82 -0.50 41.38
N ARG G 258 -20.28 -1.12 40.31
CA ARG G 258 -21.31 -2.16 40.37
C ARG G 258 -20.99 -3.22 39.33
N MET G 259 -20.86 -4.47 39.79
CA MET G 259 -20.66 -5.61 38.91
C MET G 259 -21.61 -6.73 39.32
N ASP G 260 -22.25 -7.35 38.33
CA ASP G 260 -23.20 -8.43 38.56
C ASP G 260 -22.58 -9.76 38.13
N VAL G 261 -23.33 -10.84 38.34
CA VAL G 261 -22.86 -12.18 37.99
C VAL G 261 -22.84 -12.40 36.48
N HIS G 262 -23.42 -11.50 35.70
CA HIS G 262 -23.43 -11.62 34.24
C HIS G 262 -22.14 -11.12 33.60
N GLY G 263 -21.14 -10.76 34.39
CA GLY G 263 -19.89 -10.25 33.86
C GLY G 263 -20.04 -8.91 33.17
N VAL G 264 -20.82 -8.01 33.78
CA VAL G 264 -21.02 -6.67 33.27
C VAL G 264 -20.67 -5.68 34.39
N LEU G 265 -19.68 -4.83 34.16
CA LEU G 265 -19.31 -3.82 35.12
C LEU G 265 -20.06 -2.52 34.86
N SER G 266 -20.48 -1.87 35.94
CA SER G 266 -21.21 -0.60 35.84
C SER G 266 -20.53 0.40 36.75
N VAL G 267 -19.99 1.47 36.17
CA VAL G 267 -19.31 2.53 36.90
C VAL G 267 -20.09 3.82 36.71
N ASN G 268 -20.57 4.39 37.81
CA ASN G 268 -21.27 5.66 37.79
C ASN G 268 -20.32 6.76 38.27
N ILE G 269 -20.17 7.80 37.46
CA ILE G 269 -19.22 8.88 37.70
C ILE G 269 -20.01 10.17 37.88
N LEU G 270 -19.82 10.83 39.03
CA LEU G 270 -20.52 12.06 39.34
C LEU G 270 -19.53 13.07 39.90
N SER G 271 -19.64 14.31 39.46
CA SER G 271 -18.77 15.38 39.93
C SER G 271 -19.57 16.41 40.73
N TYR G 301 -27.79 23.03 38.66
CA TYR G 301 -27.78 21.72 38.02
C TYR G 301 -27.07 20.69 38.90
N PRO G 302 -27.58 19.45 38.92
CA PRO G 302 -27.03 18.39 39.78
C PRO G 302 -25.73 17.77 39.24
N GLY G 303 -24.81 18.63 38.80
CA GLY G 303 -23.54 18.16 38.28
C GLY G 303 -23.69 17.40 36.97
N ILE G 304 -22.66 16.62 36.68
CA ILE G 304 -22.63 15.75 35.50
C ILE G 304 -22.54 14.30 35.97
N VAL G 305 -23.40 13.46 35.38
CA VAL G 305 -23.42 12.03 35.69
C VAL G 305 -22.92 11.27 34.48
N ILE G 306 -21.88 10.48 34.67
CA ILE G 306 -21.30 9.65 33.63
C ILE G 306 -21.55 8.20 34.00
N GLU G 307 -22.40 7.53 33.24
CA GLU G 307 -22.79 6.14 33.50
C GLU G 307 -22.18 5.28 32.41
N VAL G 308 -21.16 4.50 32.77
CA VAL G 308 -20.44 3.66 31.82
C VAL G 308 -20.69 2.20 32.18
N CYS G 309 -20.60 1.34 31.17
CA CYS G 309 -20.79 -0.10 31.33
C CYS G 309 -19.70 -0.83 30.56
N MET G 310 -19.19 -1.93 31.14
CA MET G 310 -18.11 -2.69 30.55
C MET G 310 -18.43 -4.18 30.59
N LEU G 311 -18.00 -4.90 29.55
CA LEU G 311 -18.09 -6.35 29.54
C LEU G 311 -16.83 -6.96 30.17
N GLU G 312 -16.96 -8.21 30.60
CA GLU G 312 -15.89 -8.93 31.26
C GLU G 312 -15.31 -9.96 30.32
N LYS G 313 -13.98 -10.07 30.32
CA LYS G 313 -13.30 -11.05 29.47
C LYS G 313 -13.66 -12.47 29.93
N GLU G 314 -13.60 -13.40 28.98
CA GLU G 314 -14.11 -14.74 29.25
C GLU G 314 -13.26 -15.52 30.25
N SER G 315 -12.03 -15.09 30.50
CA SER G 315 -11.12 -15.74 31.46
C SER G 315 -10.91 -17.22 31.09
N ILE G 316 -10.23 -17.41 29.97
CA ILE G 316 -10.02 -18.75 29.42
C ILE G 316 -9.29 -19.63 30.41
N ASP G 317 -8.21 -19.12 30.99
CA ASP G 317 -7.38 -19.93 31.88
C ASP G 317 -8.08 -20.14 33.21
N GLU G 318 -8.19 -21.41 33.61
CA GLU G 318 -8.76 -21.73 34.91
C GLU G 318 -7.78 -21.46 36.04
N ALA G 319 -6.49 -21.68 35.80
CA ALA G 319 -5.47 -21.42 36.82
C ALA G 319 -5.26 -19.94 37.05
N ALA G 320 -5.67 -19.08 36.11
CA ALA G 320 -5.52 -17.64 36.27
C ALA G 320 -6.30 -17.16 37.49
N GLN G 321 -7.57 -17.56 37.59
CA GLN G 321 -8.36 -17.21 38.77
C GLN G 321 -7.77 -17.82 40.03
N THR G 322 -7.30 -19.07 39.94
CA THR G 322 -6.71 -19.73 41.10
C THR G 322 -5.44 -19.01 41.55
N GLU G 323 -4.59 -18.62 40.60
CA GLU G 323 -3.35 -17.94 40.98
C GLU G 323 -3.62 -16.54 41.50
N ILE G 324 -4.65 -15.87 40.97
CA ILE G 324 -5.04 -14.57 41.52
C ILE G 324 -5.51 -14.72 42.96
N GLU G 325 -6.32 -15.74 43.23
CA GLU G 325 -6.80 -15.98 44.59
C GLU G 325 -5.63 -16.29 45.52
N LEU G 326 -4.67 -17.10 45.05
CA LEU G 326 -3.50 -17.43 45.87
C LEU G 326 -2.67 -16.18 46.15
N LEU G 327 -2.50 -15.32 45.15
CA LEU G 327 -1.76 -14.08 45.34
C LEU G 327 -2.45 -13.17 46.34
N MET G 328 -3.78 -13.14 46.31
CA MET G 328 -4.54 -12.24 47.17
C MET G 328 -4.51 -12.67 48.63
N GLU G 329 -3.99 -13.87 48.91
CA GLU G 329 -3.93 -14.36 50.28
C GLU G 329 -2.85 -13.68 51.11
N THR G 330 -1.88 -13.04 50.45
CA THR G 330 -0.81 -12.35 51.16
C THR G 330 -1.27 -11.01 51.72
N SER H 2 15.30 -12.65 51.84
CA SER H 2 16.73 -12.53 51.63
C SER H 2 17.23 -11.16 52.09
N PHE H 3 16.57 -10.11 51.61
CA PHE H 3 16.92 -8.74 51.98
C PHE H 3 15.69 -7.86 51.84
N LYS H 4 15.75 -6.70 52.49
CA LYS H 4 14.69 -5.70 52.41
C LYS H 4 15.31 -4.32 52.55
N ALA H 5 14.86 -3.40 51.71
CA ALA H 5 15.38 -2.03 51.72
C ALA H 5 14.24 -1.06 51.43
N THR H 6 14.06 -0.08 52.30
CA THR H 6 12.96 0.87 52.21
C THR H 6 13.48 2.26 51.90
N ILE H 7 12.75 2.98 51.06
CA ILE H 7 13.08 4.37 50.70
C ILE H 7 11.88 5.22 51.09
N THR H 8 11.90 5.77 52.30
CA THR H 8 10.81 6.62 52.80
C THR H 8 11.29 8.07 52.84
N GLU H 9 11.24 8.71 51.67
CA GLU H 9 11.61 10.11 51.51
C GLU H 9 11.32 10.49 50.07
N SER H 10 11.23 11.81 49.83
CA SER H 10 10.97 12.32 48.49
C SER H 10 12.25 12.47 47.67
N GLY H 11 13.26 13.13 48.23
CA GLY H 11 14.51 13.30 47.50
C GLY H 11 15.23 11.99 47.24
N LYS H 12 15.25 11.10 48.24
CA LYS H 12 15.87 9.79 48.06
C LYS H 12 15.17 9.00 46.97
N GLN H 13 13.84 9.02 46.97
CA GLN H 13 13.10 8.33 45.91
C GLN H 13 13.39 8.94 44.55
N ASN H 14 13.47 10.27 44.47
CA ASN H 14 13.77 10.92 43.19
C ASN H 14 15.15 10.55 42.68
N ILE H 15 16.17 10.54 43.54
CA ILE H 15 17.51 10.21 43.07
C ILE H 15 17.59 8.73 42.72
N TRP H 16 16.88 7.87 43.45
CA TRP H 16 16.83 6.46 43.11
C TRP H 16 16.20 6.26 41.73
N PHE H 17 15.09 6.95 41.46
CA PHE H 17 14.44 6.83 40.17
C PHE H 17 15.33 7.35 39.05
N ARG H 18 16.03 8.47 39.29
CA ARG H 18 16.91 9.02 38.26
C ARG H 18 18.06 8.07 37.97
N ALA H 19 18.66 7.49 39.02
CA ALA H 19 19.75 6.54 38.81
C ALA H 19 19.27 5.32 38.04
N ILE H 20 18.09 4.79 38.39
CA ILE H 20 17.56 3.63 37.67
C ILE H 20 17.28 3.99 36.22
N TYR H 21 16.72 5.17 35.97
CA TYR H 21 16.44 5.60 34.60
C TYR H 21 17.72 5.71 33.79
N VAL H 22 18.77 6.29 34.38
CA VAL H 22 20.03 6.44 33.65
C VAL H 22 20.67 5.08 33.38
N LEU H 23 20.64 4.19 34.37
CA LEU H 23 21.17 2.83 34.15
C LEU H 23 20.38 2.11 33.07
N SER H 24 19.09 2.38 32.95
CA SER H 24 18.31 1.84 31.85
C SER H 24 18.68 2.47 30.50
N THR H 25 19.02 3.77 30.51
CA THR H 25 19.47 4.45 29.31
C THR H 25 20.92 4.09 28.94
N ILE H 26 21.60 3.33 29.79
CA ILE H 26 22.91 2.80 29.44
C ILE H 26 22.85 1.37 28.91
N GLN H 27 22.04 0.50 29.50
CA GLN H 27 21.87 -0.86 29.01
C GLN H 27 20.42 -1.27 29.28
N ASP H 28 19.95 -2.25 28.49
CA ASP H 28 18.56 -2.68 28.57
C ASP H 28 18.19 -3.29 29.92
N ASP H 29 19.07 -4.09 30.51
CA ASP H 29 18.80 -4.77 31.78
C ASP H 29 19.79 -4.26 32.81
N ILE H 30 19.26 -3.76 33.94
CA ILE H 30 20.11 -3.29 35.04
C ILE H 30 20.49 -4.47 35.91
N LYS H 31 21.78 -4.53 36.28
CA LYS H 31 22.31 -5.58 37.12
C LYS H 31 22.47 -5.04 38.55
N ILE H 32 21.82 -5.69 39.50
CA ILE H 32 21.78 -5.24 40.89
C ILE H 32 22.42 -6.31 41.76
N THR H 33 23.40 -5.92 42.57
CA THR H 33 24.07 -6.82 43.49
C THR H 33 23.75 -6.36 44.91
N VAL H 34 23.17 -7.24 45.71
CA VAL H 34 22.80 -6.92 47.08
C VAL H 34 23.90 -7.38 48.03
N THR H 35 24.32 -6.47 48.92
CA THR H 35 25.38 -6.75 49.88
C THR H 35 24.88 -6.40 51.28
N THR H 36 25.61 -6.87 52.28
CA THR H 36 25.27 -6.63 53.68
C THR H 36 25.56 -5.21 54.13
N ASN H 37 26.26 -4.42 53.30
CA ASN H 37 26.59 -3.04 53.65
C ASN H 37 26.01 -2.01 52.70
N GLU H 38 25.79 -2.34 51.44
CA GLU H 38 25.27 -1.38 50.48
C GLU H 38 24.58 -2.12 49.34
N LEU H 39 23.74 -1.40 48.61
CA LEU H 39 23.06 -1.93 47.44
C LEU H 39 23.72 -1.35 46.20
N ILE H 40 24.27 -2.21 45.36
CA ILE H 40 25.02 -1.80 44.18
C ILE H 40 24.23 -2.19 42.95
N ALA H 41 23.81 -1.18 42.18
CA ALA H 41 23.20 -1.38 40.87
C ALA H 41 24.14 -0.80 39.83
N TRP H 42 24.47 -1.60 38.82
CA TRP H 42 25.45 -1.18 37.82
C TRP H 42 24.98 -1.58 36.43
N SER H 43 25.52 -0.89 35.43
CA SER H 43 25.16 -1.14 34.05
C SER H 43 26.42 -1.00 33.19
N MET H 44 26.49 -1.76 32.11
CA MET H 44 27.62 -1.74 31.20
C MET H 44 27.12 -1.72 29.76
N ASN H 45 27.78 -0.95 28.92
CA ASN H 45 27.37 -0.80 27.54
C ASN H 45 27.64 -2.09 26.75
N GLU H 46 26.98 -2.20 25.59
CA GLU H 46 27.16 -3.36 24.74
C GLU H 46 28.57 -3.45 24.15
N THR H 47 29.29 -2.34 24.08
CA THR H 47 30.65 -2.32 23.55
C THR H 47 31.71 -2.37 24.65
N ASP H 48 31.29 -2.56 25.91
CA ASP H 48 32.20 -2.55 27.05
C ASP H 48 33.03 -1.28 27.10
N THR H 49 32.39 -0.15 26.82
CA THR H 49 33.06 1.15 26.81
C THR H 49 32.55 2.11 27.89
N THR H 50 31.25 2.12 28.17
CA THR H 50 30.69 3.00 29.19
C THR H 50 30.14 2.15 30.31
N LEU H 51 30.65 2.36 31.53
CA LEU H 51 30.23 1.63 32.72
C LEU H 51 29.86 2.62 33.80
N CYS H 52 28.67 2.44 34.38
CA CYS H 52 28.20 3.29 35.48
C CYS H 52 27.69 2.42 36.60
N GLN H 53 28.14 2.71 37.82
CA GLN H 53 27.72 1.97 39.01
C GLN H 53 27.19 2.94 40.05
N VAL H 54 26.02 2.64 40.59
CA VAL H 54 25.43 3.41 41.69
C VAL H 54 25.39 2.51 42.91
N ARG H 55 25.84 3.05 44.04
CA ARG H 55 25.97 2.28 45.29
C ARG H 55 25.15 2.97 46.37
N PHE H 56 23.93 2.50 46.58
CA PHE H 56 23.08 3.01 47.65
C PHE H 56 23.50 2.38 48.97
N GLN H 57 24.07 3.20 49.86
CA GLN H 57 24.61 2.69 51.11
C GLN H 57 23.47 2.28 52.05
N LYS H 58 23.84 1.71 53.20
CA LYS H 58 22.85 1.32 54.19
C LYS H 58 22.13 2.53 54.78
N SER H 59 22.84 3.65 54.93
CA SER H 59 22.21 4.87 55.42
C SER H 59 21.18 5.43 54.47
N PHE H 60 21.22 5.06 53.19
CA PHE H 60 20.22 5.51 52.24
C PHE H 60 18.85 4.91 52.53
N PHE H 61 18.82 3.65 52.97
CA PHE H 61 17.58 2.96 53.25
C PHE H 61 17.27 3.02 54.74
N GLU H 62 16.01 3.30 55.07
CA GLU H 62 15.59 3.36 56.46
C GLU H 62 15.73 2.00 57.14
N GLU H 63 15.32 0.94 56.44
CA GLU H 63 15.39 -0.43 56.95
C GLU H 63 16.06 -1.29 55.88
N TYR H 64 17.39 -1.38 55.92
CA TYR H 64 18.16 -2.18 54.98
C TYR H 64 18.66 -3.43 55.71
N GLU H 65 17.87 -4.50 55.61
CA GLU H 65 18.28 -5.79 56.14
C GLU H 65 18.79 -6.66 54.99
N PHE H 66 19.64 -7.63 55.34
CA PHE H 66 20.20 -8.55 54.34
C PHE H 66 20.59 -9.84 55.05
N LYS H 67 19.86 -10.91 54.76
CA LYS H 67 20.17 -12.24 55.29
C LYS H 67 20.55 -13.14 54.12
N PRO H 68 21.84 -13.38 53.88
CA PRO H 68 22.25 -14.19 52.73
C PRO H 68 22.01 -15.68 52.93
N HIS H 69 21.32 -16.04 54.01
CA HIS H 69 21.00 -17.44 54.30
C HIS H 69 19.80 -17.90 53.46
N GLU H 70 20.00 -17.86 52.15
CA GLU H 70 18.97 -18.21 51.17
C GLU H 70 19.44 -19.35 50.29
N ILE H 71 18.49 -20.17 49.86
CA ILE H 71 18.79 -21.30 48.99
C ILE H 71 18.01 -21.19 47.69
N GLY H 77 23.60 -17.22 41.40
CA GLY H 77 23.16 -17.39 42.77
C GLY H 77 23.99 -16.62 43.77
N VAL H 78 24.21 -17.21 44.94
CA VAL H 78 25.01 -16.56 45.98
C VAL H 78 26.47 -16.60 45.58
N GLN H 79 27.14 -15.45 45.72
CA GLN H 79 28.54 -15.31 45.36
C GLN H 79 29.34 -14.84 46.57
N VAL H 80 30.54 -15.39 46.73
CA VAL H 80 31.42 -15.05 47.85
C VAL H 80 32.76 -14.58 47.29
N ILE H 81 33.32 -13.55 47.91
CA ILE H 81 34.61 -13.01 47.50
C ILE H 81 35.62 -13.19 48.62
N HIS H 89 33.44 -11.28 52.20
CA HIS H 89 32.05 -10.87 52.27
C HIS H 89 31.19 -11.65 51.29
N LYS H 90 29.89 -11.75 51.59
CA LYS H 90 28.94 -12.47 50.76
C LYS H 90 27.93 -11.49 50.18
N LEU H 91 27.75 -11.54 48.86
CA LEU H 91 26.84 -10.65 48.16
C LEU H 91 25.99 -11.46 47.19
N TYR H 92 24.73 -11.07 47.04
CA TYR H 92 23.83 -11.71 46.10
C TYR H 92 23.55 -10.77 44.92
N SER H 93 23.67 -11.30 43.71
CA SER H 93 23.54 -10.51 42.49
C SER H 93 22.42 -11.07 41.64
N PHE H 94 21.73 -10.16 40.94
CA PHE H 94 20.67 -10.54 40.02
C PHE H 94 20.54 -9.47 38.95
N ARG H 95 19.93 -9.85 37.83
CA ARG H 95 19.73 -8.96 36.69
C ARG H 95 18.25 -8.75 36.45
N VAL H 96 17.84 -7.49 36.37
CA VAL H 96 16.44 -7.13 36.15
C VAL H 96 16.37 -6.15 34.98
N ASN H 97 15.25 -6.15 34.29
CA ASN H 97 15.08 -5.29 33.12
C ASN H 97 14.98 -3.83 33.56
N GLY H 98 15.78 -2.98 32.92
CA GLY H 98 15.78 -1.57 33.28
C GLY H 98 14.48 -0.87 32.94
N ARG H 99 13.90 -1.19 31.77
CA ARG H 99 12.66 -0.55 31.36
C ARG H 99 11.49 -0.91 32.25
N HIS H 100 11.56 -2.03 32.97
CA HIS H 100 10.54 -2.42 33.92
C HIS H 100 10.73 -1.79 35.29
N LEU H 101 11.99 -1.61 35.71
CA LEU H 101 12.27 -0.96 36.99
C LEU H 101 12.10 0.55 36.93
N THR H 102 12.33 1.17 35.77
CA THR H 102 12.22 2.62 35.66
C THR H 102 10.77 3.10 35.66
N THR H 103 9.82 2.25 35.32
CA THR H 103 8.40 2.62 35.37
C THR H 103 7.77 2.31 36.72
N ILE H 104 8.54 1.81 37.67
CA ILE H 104 8.06 1.55 39.03
C ILE H 104 8.47 2.68 39.97
N SER H 105 9.73 3.10 39.91
CA SER H 105 10.26 4.09 40.84
C SER H 105 9.84 5.51 40.50
N ARG H 106 9.16 5.73 39.39
CA ARG H 106 8.74 7.08 39.02
C ARG H 106 7.74 7.63 40.02
N LYS H 107 7.82 8.94 40.25
CA LYS H 107 6.90 9.60 41.18
C LYS H 107 5.57 9.87 40.48
N PRO H 108 4.46 9.35 40.97
CA PRO H 108 3.17 9.66 40.37
C PRO H 108 2.82 11.13 40.52
N ASP H 109 2.10 11.65 39.53
CA ASP H 109 1.70 13.05 39.55
C ASP H 109 0.35 13.21 40.25
N GLY H 110 0.29 14.18 41.16
CA GLY H 110 -0.92 14.41 41.93
C GLY H 110 -0.91 13.70 43.27
N ASP H 111 -0.02 12.73 43.42
CA ASP H 111 0.13 11.97 44.65
C ASP H 111 1.61 11.86 45.00
N GLY H 112 1.88 11.29 46.18
CA GLY H 112 3.26 11.14 46.63
C GLY H 112 3.57 9.77 47.17
N ILE H 113 4.82 9.33 47.01
CA ILE H 113 5.24 8.03 47.48
C ILE H 113 5.54 8.12 48.97
N LYS H 114 4.64 7.57 49.80
CA LYS H 114 4.86 7.57 51.24
C LYS H 114 5.94 6.58 51.66
N SER H 115 6.03 5.44 50.97
CA SER H 115 7.03 4.43 51.29
C SER H 115 7.34 3.63 50.04
N PHE H 116 8.62 3.47 49.73
CA PHE H 116 9.08 2.71 48.58
C PHE H 116 10.11 1.71 49.06
N THR H 117 9.69 0.45 49.22
CA THR H 117 10.56 -0.61 49.70
C THR H 117 10.72 -1.70 48.66
N ILE H 118 11.94 -2.23 48.57
CA ILE H 118 12.29 -3.29 47.64
C ILE H 118 12.87 -4.45 48.43
N ALA H 119 12.40 -5.66 48.14
CA ALA H 119 12.78 -6.83 48.91
C ALA H 119 12.65 -8.08 48.05
N VAL H 120 13.23 -9.17 48.53
CA VAL H 120 13.11 -10.47 47.87
C VAL H 120 13.43 -11.54 48.91
N ASN H 121 12.81 -12.72 48.73
CA ASN H 121 13.00 -13.85 49.63
C ASN H 121 12.99 -15.13 48.79
N ASN H 122 14.19 -15.60 48.41
CA ASN H 122 14.34 -16.82 47.64
C ASN H 122 14.33 -18.08 48.51
N THR H 123 13.89 -17.98 49.75
CA THR H 123 13.85 -19.13 50.64
C THR H 123 12.71 -20.06 50.24
N SER H 124 12.62 -21.20 50.95
CA SER H 124 11.58 -22.18 50.67
C SER H 124 10.20 -21.69 51.05
N THR H 125 10.11 -20.62 51.85
CA THR H 125 8.80 -20.10 52.26
C THR H 125 8.01 -19.57 51.07
N CYS H 126 8.68 -18.86 50.17
CA CYS H 126 7.98 -18.27 49.04
C CYS H 126 7.48 -19.34 48.08
N PRO H 127 6.31 -19.15 47.47
CA PRO H 127 5.82 -20.13 46.50
C PRO H 127 6.43 -19.94 45.12
N GLU H 128 5.94 -20.70 44.13
CA GLU H 128 6.45 -20.55 42.76
C GLU H 128 6.10 -19.20 42.16
N SER H 129 5.03 -18.55 42.64
CA SER H 129 4.68 -17.22 42.14
C SER H 129 5.76 -16.21 42.53
N LEU H 130 6.34 -16.36 43.72
CA LEU H 130 7.41 -15.48 44.18
C LEU H 130 8.80 -15.99 43.82
N ALA H 131 8.90 -17.19 43.23
CA ALA H 131 10.21 -17.74 42.88
C ALA H 131 10.85 -16.91 41.77
N ASN H 132 12.06 -16.42 42.04
CA ASN H 132 12.80 -15.58 41.10
C ASN H 132 12.00 -14.35 40.69
N ARG H 133 11.30 -13.75 41.66
CA ARG H 133 10.50 -12.56 41.44
C ARG H 133 10.83 -11.54 42.51
N LEU H 134 11.39 -10.40 42.08
CA LEU H 134 11.68 -9.32 43.00
C LEU H 134 10.39 -8.69 43.52
N ILE H 135 10.42 -8.21 44.76
CA ILE H 135 9.26 -7.60 45.39
C ILE H 135 9.58 -6.13 45.64
N VAL H 136 8.78 -5.24 45.07
CA VAL H 136 8.88 -3.80 45.32
C VAL H 136 7.49 -3.31 45.72
N VAL H 137 7.42 -2.61 46.84
CA VAL H 137 6.16 -2.15 47.41
C VAL H 137 6.17 -0.63 47.45
N ILE H 138 5.13 -0.02 46.89
CA ILE H 138 4.97 1.43 46.87
C ILE H 138 3.69 1.77 47.61
N GLU H 139 3.78 2.68 48.57
CA GLU H 139 2.63 3.13 49.35
C GLU H 139 2.42 4.62 49.12
N MET H 140 1.22 4.98 48.68
CA MET H 140 0.89 6.37 48.43
C MET H 140 0.60 7.10 49.74
N ASP H 141 0.66 8.44 49.66
CA ASP H 141 0.25 9.26 50.80
C ASP H 141 -1.23 9.11 51.11
N SER H 142 -2.03 8.67 50.14
CA SER H 142 -3.44 8.37 50.34
C SER H 142 -3.67 6.93 50.77
N LEU H 143 -2.65 6.28 51.35
CA LEU H 143 -2.69 4.91 51.86
C LEU H 143 -2.90 3.87 50.76
N ILE H 144 -2.67 4.23 49.50
CA ILE H 144 -2.78 3.26 48.41
C ILE H 144 -1.47 2.47 48.32
N VAL H 145 -1.59 1.14 48.38
CA VAL H 145 -0.44 0.25 48.35
C VAL H 145 -0.39 -0.44 47.00
N LYS H 146 0.74 -0.33 46.31
CA LYS H 146 0.95 -0.93 45.00
C LYS H 146 2.04 -1.98 45.09
N GLU H 147 1.75 -3.18 44.59
CA GLU H 147 2.68 -4.31 44.64
C GLU H 147 3.11 -4.67 43.22
N TYR H 148 4.40 -4.92 43.04
CA TYR H 148 4.95 -5.36 41.76
C TYR H 148 5.88 -6.54 41.99
N CYS H 149 5.96 -7.41 40.99
CA CYS H 149 6.83 -8.58 41.03
C CYS H 149 7.66 -8.68 39.76
N PRO H 150 8.62 -7.78 39.56
CA PRO H 150 9.49 -7.88 38.39
C PRO H 150 10.41 -9.11 38.49
N GLN H 151 10.52 -9.84 37.39
CA GLN H 151 11.35 -11.04 37.37
C GLN H 151 12.82 -10.67 37.35
N PHE H 152 13.65 -11.61 37.82
CA PHE H 152 15.09 -11.41 37.82
C PHE H 152 15.78 -12.77 37.62
N GLN H 153 17.05 -12.71 37.24
CA GLN H 153 17.87 -13.91 37.04
C GLN H 153 19.15 -13.75 37.84
N PRO H 154 19.49 -14.69 38.72
CA PRO H 154 20.72 -14.56 39.50
C PRO H 154 21.95 -14.68 38.62
N ILE H 155 22.89 -13.75 38.80
CA ILE H 155 24.13 -13.72 38.04
C ILE H 155 25.29 -13.52 39.01
N LYS H 156 26.48 -13.38 38.46
CA LYS H 156 27.69 -13.13 39.24
C LYS H 156 28.23 -11.73 38.95
N TYR H 157 28.77 -11.09 39.98
CA TYR H 157 29.26 -9.73 39.91
C TYR H 157 30.78 -9.71 39.74
N ASP H 158 31.24 -8.83 38.84
CA ASP H 158 32.67 -8.65 38.61
C ASP H 158 33.07 -7.22 38.89
N PRO H 159 33.82 -6.97 39.96
CA PRO H 159 34.26 -5.60 40.28
C PRO H 159 35.42 -5.18 39.38
N ILE H 160 35.16 -4.22 38.49
CA ILE H 160 36.20 -3.68 37.62
C ILE H 160 37.12 -2.82 38.49
N ILE H 161 38.38 -3.21 38.58
CA ILE H 161 39.35 -2.52 39.45
C ILE H 161 39.97 -1.40 38.61
N ILE H 162 39.29 -0.26 38.59
CA ILE H 162 39.80 0.96 37.96
C ILE H 162 39.91 2.10 38.94
N ASN H 163 38.89 2.26 39.80
CA ASN H 163 38.94 3.32 40.81
C ASN H 163 40.08 3.10 41.80
N LEU H 164 40.30 1.84 42.20
CA LEU H 164 41.39 1.55 43.13
C LEU H 164 42.75 1.79 42.49
N LYS H 165 42.84 1.76 41.17
CA LYS H 165 44.09 1.98 40.45
C LYS H 165 44.26 3.41 39.96
N TYR H 166 43.16 4.10 39.63
CA TYR H 166 43.26 5.46 39.11
C TYR H 166 43.60 6.48 40.19
N LYS H 167 43.41 6.15 41.46
CA LYS H 167 43.71 7.09 42.54
C LYS H 167 45.05 6.76 43.20
N ILE H 227 48.69 10.68 37.32
CA ILE H 227 47.39 10.99 36.74
C ILE H 227 46.87 12.33 37.28
N ASN H 228 46.41 13.19 36.38
CA ASN H 228 45.85 14.48 36.75
C ASN H 228 44.46 14.31 37.36
N TYR H 229 44.08 15.27 38.20
CA TYR H 229 42.79 15.27 38.86
C TYR H 229 42.13 16.63 38.66
N ILE H 230 40.86 16.61 38.26
CA ILE H 230 40.09 17.82 38.01
C ILE H 230 38.80 17.74 38.80
N CYS H 231 38.49 18.78 39.57
CA CYS H 231 37.23 18.90 40.29
C CYS H 231 36.56 20.18 39.84
N CYS H 232 35.34 20.05 39.32
CA CYS H 232 34.59 21.18 38.78
C CYS H 232 33.18 21.19 39.32
N ASN H 233 32.62 22.40 39.43
CA ASN H 233 31.22 22.55 39.81
C ASN H 233 30.32 22.08 38.68
N SER H 234 29.28 21.33 39.04
CA SER H 234 28.45 20.66 38.05
C SER H 234 27.29 21.50 37.52
N THR H 235 27.09 22.72 38.05
CA THR H 235 25.97 23.54 37.61
C THR H 235 26.14 23.98 36.17
N LEU H 236 27.27 24.62 35.85
CA LEU H 236 27.51 25.07 34.49
C LEU H 236 27.65 23.90 33.52
N LEU H 237 28.28 22.81 33.98
CA LEU H 237 28.39 21.62 33.15
C LEU H 237 27.02 21.07 32.80
N LYS H 238 26.13 20.99 33.81
CA LYS H 238 24.78 20.49 33.56
C LYS H 238 24.01 21.41 32.64
N ASN H 239 24.16 22.73 32.81
CA ASN H 239 23.48 23.67 31.93
C ASN H 239 23.94 23.49 30.48
N PHE H 240 25.26 23.39 30.27
CA PHE H 240 25.78 23.19 28.92
C PHE H 240 25.30 21.87 28.34
N LEU H 241 25.22 20.82 29.16
CA LEU H 241 24.80 19.52 28.67
C LEU H 241 23.32 19.52 28.28
N ASP H 242 22.45 20.07 29.13
CA ASP H 242 21.04 20.11 28.78
C ASP H 242 20.77 21.05 27.62
N ASN H 243 21.64 22.04 27.41
CA ASN H 243 21.53 22.84 26.20
C ASN H 243 21.94 22.04 24.96
N CYS H 244 22.87 21.10 25.12
CA CYS H 244 23.28 20.26 24.00
C CYS H 244 22.21 19.20 23.70
N ASN H 245 22.26 18.67 22.47
CA ASN H 245 21.33 17.65 22.01
C ASN H 245 22.11 16.43 21.54
N VAL H 246 21.58 15.24 21.82
CA VAL H 246 22.27 14.00 21.52
C VAL H 246 22.13 13.54 20.08
N ASN H 247 21.45 14.33 19.23
CA ASN H 247 21.29 13.99 17.82
C ASN H 247 22.09 14.91 16.89
N VAL H 248 22.63 16.01 17.39
CA VAL H 248 23.43 16.92 16.59
C VAL H 248 24.90 16.86 16.97
N THR H 249 25.21 16.73 18.26
CA THR H 249 26.58 16.59 18.73
C THR H 249 26.69 15.33 19.57
N ASP H 250 27.69 14.49 19.26
CA ASP H 250 27.89 13.22 19.93
C ASP H 250 29.27 13.10 20.55
N GLU H 251 29.96 14.23 20.75
CA GLU H 251 31.32 14.21 21.28
C GLU H 251 31.46 15.26 22.36
N VAL H 252 32.38 15.02 23.28
CA VAL H 252 32.75 15.98 24.31
C VAL H 252 34.26 16.17 24.25
N LYS H 253 34.70 17.41 24.06
CA LYS H 253 36.12 17.74 23.97
C LYS H 253 36.47 18.60 25.18
N LEU H 254 36.81 17.93 26.29
CA LEU H 254 37.17 18.63 27.51
C LEU H 254 38.65 19.00 27.46
N GLU H 255 38.93 20.29 27.31
CA GLU H 255 40.31 20.79 27.24
C GLU H 255 40.53 21.73 28.40
N ILE H 256 41.51 21.40 29.24
CA ILE H 256 41.86 22.21 30.41
C ILE H 256 43.28 22.72 30.24
N ASN H 257 43.44 24.03 30.39
CA ASN H 257 44.74 24.68 30.31
C ASN H 257 45.02 25.42 31.61
N VAL H 258 46.28 25.83 31.77
CA VAL H 258 46.67 26.60 32.96
C VAL H 258 45.96 27.94 32.98
N HIS H 259 45.55 28.45 31.81
CA HIS H 259 44.87 29.73 31.73
C HIS H 259 43.36 29.60 31.74
N ARG H 260 42.79 28.65 31.00
CA ARG H 260 41.35 28.50 30.90
C ARG H 260 40.99 27.04 30.69
N LEU H 261 39.77 26.69 31.08
CA LEU H 261 39.22 25.36 30.87
C LEU H 261 38.06 25.45 29.88
N SER H 262 38.13 24.65 28.81
CA SER H 262 37.15 24.70 27.74
C SER H 262 36.54 23.33 27.51
N ILE H 263 35.22 23.29 27.32
CA ILE H 263 34.51 22.08 26.95
C ILE H 263 33.72 22.38 25.67
N THR H 264 34.01 21.64 24.60
CA THR H 264 33.37 21.84 23.32
C THR H 264 32.69 20.56 22.89
N ALA H 265 31.40 20.65 22.56
CA ALA H 265 30.64 19.51 22.05
C ALA H 265 30.63 19.58 20.53
N PHE H 266 31.75 19.13 19.94
CA PHE H 266 31.98 19.26 18.51
C PHE H 266 31.43 18.03 17.79
N THR H 267 31.59 17.98 16.47
CA THR H 267 31.17 16.84 15.65
C THR H 267 32.01 16.77 14.39
N LYS H 268 32.79 15.71 14.24
CA LYS H 268 33.65 15.58 13.07
C LYS H 268 32.81 15.40 11.80
N ALA H 269 33.30 16.00 10.71
CA ALA H 269 32.63 15.99 9.43
C ALA H 269 33.17 14.86 8.57
N VAL H 270 32.29 14.24 7.78
CA VAL H 270 32.64 13.15 6.89
C VAL H 270 32.43 13.62 5.45
N TYR H 271 33.46 13.44 4.62
CA TYR H 271 33.42 13.88 3.24
C TYR H 271 33.04 12.71 2.32
N GLY H 272 32.21 13.00 1.33
CA GLY H 272 31.72 11.99 0.43
C GLY H 272 32.72 11.60 -0.64
N LYS H 273 32.21 10.96 -1.69
CA LYS H 273 33.06 10.50 -2.78
C LYS H 273 33.74 11.67 -3.47
N ASN H 274 32.96 12.58 -4.04
CA ASN H 274 33.49 13.76 -4.73
C ASN H 274 33.61 14.94 -3.77
N ASN H 275 34.27 14.73 -2.63
CA ASN H 275 34.47 15.76 -1.61
C ASN H 275 33.15 16.39 -1.19
N ASP H 276 32.13 15.54 -1.00
CA ASP H 276 30.82 16.00 -0.59
C ASP H 276 30.82 16.19 0.93
N LEU H 277 29.64 16.41 1.51
CA LEU H 277 29.48 16.61 2.95
C LEU H 277 28.46 15.60 3.46
N LEU H 278 28.95 14.48 3.97
CA LEU H 278 28.06 13.44 4.51
C LEU H 278 27.63 13.75 5.94
N ARG H 279 28.53 14.32 6.74
CA ARG H 279 28.26 14.61 8.14
C ARG H 279 28.56 16.08 8.41
N ASN H 280 27.67 16.71 9.17
CA ASN H 280 27.83 18.11 9.52
C ASN H 280 28.97 18.29 10.52
N ALA H 281 29.24 19.55 10.89
CA ALA H 281 30.35 19.89 11.77
C ALA H 281 29.90 20.88 12.84
N LEU H 282 28.81 20.55 13.54
CA LEU H 282 28.38 21.36 14.66
C LEU H 282 29.46 21.34 15.76
N SER H 283 29.82 22.52 16.26
CA SER H 283 30.96 22.66 17.16
C SER H 283 30.59 23.54 18.36
N MET H 284 29.48 23.21 19.01
CA MET H 284 29.11 23.91 20.23
C MET H 284 30.25 23.85 21.25
N SER H 285 30.54 25.00 21.86
CA SER H 285 31.70 25.12 22.74
C SER H 285 31.32 25.95 23.96
N ASN H 286 32.13 25.83 25.01
CA ASN H 286 31.90 26.58 26.25
C ASN H 286 33.21 26.64 27.02
N THR H 287 33.66 27.85 27.33
CA THR H 287 34.86 28.08 28.14
C THR H 287 34.50 28.98 29.31
N ILE H 288 35.00 28.65 30.50
CA ILE H 288 34.61 29.40 31.69
C ILE H 288 35.80 30.04 32.38
N SER H 289 36.68 29.22 32.98
CA SER H 289 37.76 29.73 33.80
C SER H 289 38.73 28.64 34.24
N THR H 290 39.69 29.01 35.09
CA THR H 290 40.53 28.04 35.79
C THR H 290 40.42 28.28 37.29
N LEU H 291 40.20 29.54 37.67
CA LEU H 291 40.06 29.87 39.09
C LEU H 291 38.81 29.23 39.69
N ASP H 292 37.72 29.18 38.92
CA ASP H 292 36.47 28.63 39.42
C ASP H 292 36.62 27.14 39.73
N LEU H 293 37.56 26.47 39.08
CA LEU H 293 37.82 25.05 39.33
C LEU H 293 38.15 24.81 40.79
N GLU H 294 37.40 23.91 41.43
CA GLU H 294 37.61 23.60 42.85
C GLU H 294 38.99 23.01 43.06
N HIS H 295 39.39 22.08 42.20
CA HIS H 295 40.71 21.47 42.26
C HIS H 295 41.16 21.14 40.83
N TYR H 296 42.14 21.89 40.33
CA TYR H 296 42.69 21.68 39.00
C TYR H 296 44.13 21.19 39.19
N CYS H 297 44.30 19.88 39.34
CA CYS H 297 45.61 19.28 39.55
C CYS H 297 46.10 18.74 38.22
N LEU H 298 46.81 19.59 37.46
CA LEU H 298 47.30 19.18 36.15
C LEU H 298 48.39 18.13 36.26
N PHE H 299 49.20 18.19 37.32
CA PHE H 299 50.34 17.28 37.51
C PHE H 299 51.29 17.33 36.30
N LYS H 320 45.86 19.11 28.01
CA LYS H 320 44.89 18.02 27.95
C LYS H 320 43.84 18.27 26.89
N SER H 321 43.70 17.33 25.96
CA SER H 321 42.76 17.44 24.85
C SER H 321 41.98 16.14 24.70
N ILE H 322 41.49 15.60 25.82
CA ILE H 322 40.82 14.31 25.80
C ILE H 322 39.43 14.43 25.18
N ILE H 323 39.01 13.39 24.47
CA ILE H 323 37.75 13.36 23.76
C ILE H 323 37.03 12.07 24.09
N PHE H 324 35.74 12.15 24.35
CA PHE H 324 34.93 10.97 24.66
C PHE H 324 33.49 11.24 24.23
N LYS H 325 32.58 10.35 24.60
CA LYS H 325 31.19 10.46 24.20
C LYS H 325 30.46 11.52 25.02
N LEU H 326 29.22 11.80 24.60
CA LEU H 326 28.42 12.86 25.19
C LEU H 326 27.11 12.37 25.81
N LYS H 327 26.45 11.38 25.20
CA LYS H 327 25.10 11.03 25.61
C LYS H 327 25.05 10.50 27.03
N ASP H 328 25.99 9.62 27.37
CA ASP H 328 26.00 9.06 28.73
C ASP H 328 26.50 10.07 29.74
N PHE H 329 27.40 10.98 29.31
CA PHE H 329 27.93 12.00 30.20
C PHE H 329 26.83 12.92 30.71
N LYS H 330 25.92 13.32 29.82
CA LYS H 330 24.83 14.21 30.22
C LYS H 330 23.92 13.53 31.23
N ASN H 331 23.57 12.27 31.00
CA ASN H 331 22.72 11.55 31.93
C ASN H 331 23.40 11.37 33.29
N PHE H 332 24.68 11.02 33.29
CA PHE H 332 25.40 10.85 34.55
C PHE H 332 25.47 12.17 35.32
N ILE H 333 25.65 13.28 34.60
CA ILE H 333 25.65 14.59 35.26
C ILE H 333 24.28 14.89 35.85
N THR H 334 23.22 14.62 35.08
CA THR H 334 21.87 14.92 35.56
C THR H 334 21.42 13.99 36.67
N ILE H 335 22.11 12.88 36.90
CA ILE H 335 21.79 12.01 38.03
C ILE H 335 21.81 12.79 39.34
N GLY H 336 22.85 13.61 39.54
CA GLY H 336 23.09 14.26 40.81
C GLY H 336 22.01 15.21 41.27
N PRO H 337 21.81 16.31 40.55
CA PRO H 337 20.89 17.36 41.03
C PRO H 337 19.44 16.92 41.19
N SER H 338 19.10 15.67 40.87
CA SER H 338 17.74 15.19 41.10
C SER H 338 17.40 15.12 42.58
N TRP H 339 18.40 15.04 43.46
CA TRP H 339 18.21 15.06 44.90
C TRP H 339 18.59 16.44 45.42
N LYS H 340 17.66 17.09 46.11
CA LYS H 340 17.87 18.44 46.64
C LYS H 340 18.52 18.35 48.02
N THR H 341 19.77 17.88 48.01
CA THR H 341 20.54 17.74 49.24
C THR H 341 21.09 19.08 49.71
N ASP H 347 26.61 20.71 44.34
CA ASP H 347 26.66 19.70 43.28
C ASP H 347 27.88 19.89 42.39
N ASN H 348 28.89 19.04 42.60
CA ASN H 348 30.12 19.07 41.83
C ASN H 348 30.42 17.68 41.28
N ILE H 349 31.54 17.56 40.56
CA ILE H 349 31.95 16.29 39.99
C ILE H 349 33.46 16.29 39.80
N SER H 350 34.08 15.12 39.87
CA SER H 350 35.52 14.97 39.76
C SER H 350 35.88 14.23 38.48
N LEU H 351 37.01 14.61 37.89
CA LEU H 351 37.49 14.03 36.63
C LEU H 351 38.80 13.29 36.88
N TRP H 352 38.91 12.09 36.32
CA TRP H 352 40.12 11.28 36.42
C TRP H 352 40.47 10.73 35.04
N PHE H 353 41.65 11.08 34.54
CA PHE H 353 42.16 10.54 33.28
C PHE H 353 43.65 10.83 33.19
N CYS H 354 44.40 9.86 32.67
CA CYS H 354 45.84 9.98 32.55
C CYS H 354 46.32 9.96 31.11
N HIS H 355 45.90 8.97 30.33
CA HIS H 355 46.31 8.79 28.95
C HIS H 355 45.10 8.64 28.06
N PRO H 356 45.23 8.95 26.76
CA PRO H 356 44.09 8.80 25.84
C PRO H 356 43.58 7.37 25.70
N GLY H 357 44.31 6.38 26.19
CA GLY H 357 43.85 5.00 26.11
C GLY H 357 43.14 4.53 27.36
N ASP H 358 43.62 5.00 28.52
CA ASP H 358 42.98 4.65 29.79
C ASP H 358 41.63 5.35 29.89
N PRO H 359 40.54 4.62 30.15
CA PRO H 359 39.23 5.26 30.21
C PRO H 359 39.14 6.32 31.29
N ILE H 360 38.38 7.37 31.00
CA ILE H 360 38.19 8.47 31.95
C ILE H 360 37.23 8.02 33.04
N LEU H 361 37.56 8.36 34.28
CA LEU H 361 36.77 7.96 35.44
C LEU H 361 35.99 9.16 35.98
N MET H 362 34.75 8.92 36.39
CA MET H 362 33.89 9.96 36.94
C MET H 362 33.35 9.48 38.28
N GLN H 363 33.19 10.42 39.22
CA GLN H 363 32.66 10.07 40.54
C GLN H 363 32.13 11.33 41.20
N MET H 364 30.82 11.34 41.48
CA MET H 364 30.18 12.37 42.29
C MET H 364 29.37 11.67 43.37
N GLN H 365 29.45 12.21 44.59
CA GLN H 365 28.92 11.50 45.75
C GLN H 365 27.75 12.27 46.37
N LYS H 366 26.94 11.53 47.11
CA LYS H 366 25.78 12.02 47.83
C LYS H 366 25.87 11.54 49.27
N PRO H 367 25.04 12.07 50.16
CA PRO H 367 25.06 11.57 51.55
C PRO H 367 24.81 10.09 51.68
N GLY H 368 24.04 9.49 50.78
CA GLY H 368 23.78 8.06 50.84
C GLY H 368 23.86 7.35 49.50
N VAL H 369 24.23 8.08 48.45
CA VAL H 369 24.31 7.53 47.11
C VAL H 369 25.72 7.77 46.58
N LYS H 370 26.32 6.72 46.01
CA LYS H 370 27.66 6.79 45.43
C LYS H 370 27.54 6.57 43.93
N LEU H 371 28.04 7.51 43.14
CA LEU H 371 27.93 7.49 41.69
C LEU H 371 29.31 7.37 41.06
N GLU H 372 29.43 6.53 40.04
CA GLU H 372 30.69 6.34 39.34
C GLU H 372 30.41 6.07 37.87
N LEU H 373 31.19 6.69 36.99
CA LEU H 373 31.08 6.50 35.55
C LEU H 373 32.45 6.29 34.94
N VAL H 374 32.56 5.30 34.06
CA VAL H 374 33.79 5.01 33.33
C VAL H 374 33.48 5.03 31.85
N GLU H 375 34.21 5.83 31.08
CA GLU H 375 34.02 5.94 29.64
C GLU H 375 35.36 5.78 28.94
N VAL H 376 35.38 4.97 27.88
CA VAL H 376 36.59 4.75 27.10
C VAL H 376 36.75 5.91 26.11
N THR H 377 37.94 6.51 26.11
CA THR H 377 38.22 7.64 25.24
C THR H 377 38.98 7.20 24.00
N ASP H 378 39.33 8.15 23.15
CA ASP H 378 40.04 7.88 21.91
C ASP H 378 41.54 8.07 22.09
N SER H 379 42.31 7.21 21.42
CA SER H 379 43.76 7.25 21.48
C SER H 379 44.38 7.84 20.20
N ASN H 380 43.69 8.80 19.60
CA ASN H 380 44.18 9.46 18.37
C ASN H 380 44.99 10.68 18.77
N ILE H 381 46.26 10.44 19.06
CA ILE H 381 47.17 11.51 19.45
C ILE H 381 47.50 12.37 18.25
#